data_7ZR7
#
_entry.id   7ZR7
#
_cell.length_a   1.00
_cell.length_b   1.00
_cell.length_c   1.00
_cell.angle_alpha   90.00
_cell.angle_beta   90.00
_cell.angle_gamma   90.00
#
_symmetry.space_group_name_H-M   'P 1'
#
loop_
_entity.id
_entity.type
_entity.pdbx_description
1 polymer 'Spike glycoprotein,Fibritin'
2 polymer 'Omi-42 heavy chain'
3 polymer 'Omi-42 light chain'
4 branched 2-acetamido-2-deoxy-beta-D-glucopyranose-(1-4)-2-acetamido-2-deoxy-beta-D-glucopyranose
5 non-polymer 2-acetamido-2-deoxy-beta-D-glucopyranose
#
loop_
_entity_poly.entity_id
_entity_poly.type
_entity_poly.pdbx_seq_one_letter_code
_entity_poly.pdbx_strand_id
1 'polypeptide(L)'
;MFVFLVLLPLVSSQCVNFTTRTQLPPAYTNSFTRGVYYPDKVFRSSVLHSTQDLFLPFFSNVTWFHAIHVSGTNGTKRFA
NPVLPFNDGVYFASTEKSNIIRGWIFGTTLDSKTQSLLIVNNATNVVIKVCEFQFCNDPFLGVYYHKNNKSWMESEFRVY
SSANNCTFEYVSQPFLMDLEGKQGNFKNLREFVFKNIDGYFKIYSKHTPINLVRGLPQGFSALEPLVDLPIGINITRFQT
LHISYLTPGDSSSGWTAGAAAYYVGYLQPRTFLLKYNENGTITDAVDCALDPLSETKCTLKSFTVEKGIYQTSNFRVQPT
ESIVRFPNITNLCPFGEVFNATRFASVYAWNRKRISNCVADYSVLYNSASFSTFKCYGVSPTKLNDLCFTNVYADSFVIR
GDEVRQIAPGQTGNIADYNYKLPDDFTGCVIAWNSNNLDSKVGGNYNYLYRLFRKSNLKPFERDISTEIYQAGSTPCNGV
KGFNCYFPLQSYGFQPTYGVGYQPYRVVVLSFELLHAPATVCGPKKSTNLVKNKCVNFNFNGLTGTGVLTESNKKFLPFQ
QFGRDIADTTDAVRDPQTLEILDITPCSFGGVSVITPGTNTSNQVAVLYQGVNCTEVPVAIHADQLTPTWRVYSTGSNVF
QTRAGCLIGAEHVNNSYECDIPIGAGICASYQTQTNSPGSASSVASQSIIAYTMSLGVENSVAYSNNSIAIPTNFTISVT
TEILPVSMTKTSVDCTMYICGDSTECSNLLLQYGSFCTQLNRALTGIAVEQDKNTQEVFAQVKQIYKTPPIKDFGGFNFS
QILPDPSKPSKRSFIEDLLFNKVTLADAGFIKQYGDCLGDIAARDLICAQKFNGLTVLPPLLTDEMIAQYTSALLAGTIT
SGWTFGAGAALQIPFAMQMAYRFNGIGVTQNVLYENQKLIANQFNSAIGKIQDSLSSTASALGKLQDVVNQNAQALNTLV
KQLSSNFGAISSVLNDILSRLDPPEAEVQIDRLITGRLQSLQTYVTQQLIRAAEIRASANLAATKMSECVLGQSKRVDFC
GKGYHLMSFPQSAPHGVVFLHVTYVPAQEKNFTTAPAICHDGKAHFPREGVFVSNGTHWFVTQRNFYEPQIITTDNTFVS
GNCDVVIGIVNNTVYDPLQPELDSFKEELDKYFKNHTSPDVDLGDISGINASVVNIQKEIDRLNEVAKNLNESLIDLQEL
GKYEQGSGYIPEAPRDGQAYVRKDGEWVLLSTFLGRSLEVLFQGPGHHHHHHHHGSAWSHPQFEKGGGSGGGSGGSAWSH
PQFEK
;
B,A,C
2 'polypeptide(L)'
;EVQLLETGGGLVQPGRSLRLSCAASGFPFDDYAIHWVRLAPGKGLEWVSSISWDSGSIGYADSVKGRFTISRDNAKNSLY
LQMNSLRAEDTALYYCAKGAFPGYSSGWYYGLDVWGQGATVTVSS
;
H,D,F
3 'polypeptide(L)'
;QSVVTQPPSASGSLGQSVTISCTGTSSDVGGYNYVSWYQQHPGKAPKLMIFEVSKRPSGVPDRFSGSKSGNTASLTVSGL
QAEDEADYYCSSYAGNKGVFGGGTKLTVL
;
L,E,G
#
# COMPACT_ATOMS: atom_id res chain seq x y z
N SER A 13 -38.97 -41.39 -25.12
CA SER A 13 -39.88 -42.01 -26.08
C SER A 13 -39.13 -42.36 -27.37
N GLN A 14 -39.87 -42.88 -28.35
CA GLN A 14 -39.30 -43.27 -29.63
C GLN A 14 -39.51 -42.16 -30.64
N CYS A 15 -38.43 -41.75 -31.31
CA CYS A 15 -38.50 -40.67 -32.27
C CYS A 15 -39.38 -41.06 -33.45
N VAL A 16 -40.10 -40.08 -33.99
CA VAL A 16 -40.89 -40.27 -35.19
C VAL A 16 -40.06 -39.78 -36.38
N ASN A 17 -39.89 -40.65 -37.37
CA ASN A 17 -39.04 -40.36 -38.53
C ASN A 17 -39.89 -39.87 -39.69
N PHE A 18 -39.47 -38.76 -40.29
CA PHE A 18 -40.15 -38.19 -41.45
C PHE A 18 -39.21 -38.33 -42.65
N THR A 19 -39.71 -38.95 -43.72
CA THR A 19 -38.87 -39.17 -44.90
C THR A 19 -38.46 -37.85 -45.53
N THR A 20 -39.38 -36.89 -45.60
CA THR A 20 -39.12 -35.59 -46.22
C THR A 20 -38.95 -34.55 -45.12
N ARG A 21 -37.83 -33.83 -45.17
CA ARG A 21 -37.53 -32.76 -44.21
C ARG A 21 -37.24 -31.48 -44.96
N THR A 22 -37.77 -30.37 -44.46
CA THR A 22 -37.59 -29.08 -45.10
C THR A 22 -37.66 -27.99 -44.04
N GLN A 23 -37.16 -26.81 -44.39
CA GLN A 23 -37.19 -25.67 -43.49
C GLN A 23 -37.35 -24.40 -44.32
N LEU A 24 -38.20 -23.49 -43.84
CA LEU A 24 -38.46 -22.26 -44.56
C LEU A 24 -37.24 -21.35 -44.50
N PRO A 25 -37.01 -20.54 -45.55
CA PRO A 25 -35.86 -19.63 -45.51
C PRO A 25 -36.02 -18.59 -44.41
N PRO A 26 -34.91 -18.11 -43.85
CA PRO A 26 -35.01 -17.07 -42.82
C PRO A 26 -35.39 -15.72 -43.41
N ALA A 27 -35.93 -14.86 -42.55
CA ALA A 27 -36.24 -13.49 -42.93
C ALA A 27 -35.70 -12.56 -41.87
N TYR A 28 -35.69 -11.25 -42.17
CA TYR A 28 -35.11 -10.26 -41.28
C TYR A 28 -36.09 -9.13 -41.04
N THR A 29 -35.95 -8.49 -39.88
CA THR A 29 -36.84 -7.41 -39.48
C THR A 29 -36.07 -6.44 -38.59
N ASN A 30 -36.65 -5.24 -38.40
CA ASN A 30 -36.09 -4.22 -37.53
C ASN A 30 -36.71 -4.39 -36.14
N SER A 31 -35.85 -4.57 -35.13
CA SER A 31 -36.32 -4.92 -33.80
C SER A 31 -37.09 -3.79 -33.12
N PHE A 32 -37.00 -2.56 -33.61
CA PHE A 32 -37.62 -1.40 -33.00
C PHE A 32 -37.01 -1.21 -31.61
N THR A 33 -37.79 -1.12 -30.54
CA THR A 33 -37.30 -0.77 -29.22
C THR A 33 -37.76 -1.78 -28.18
N ARG A 34 -37.58 -3.07 -28.49
CA ARG A 34 -37.96 -4.15 -27.60
C ARG A 34 -36.73 -4.91 -27.13
N GLY A 35 -36.94 -5.77 -26.14
CA GLY A 35 -35.86 -6.55 -25.54
C GLY A 35 -35.35 -6.01 -24.22
N VAL A 36 -35.99 -5.00 -23.66
CA VAL A 36 -35.55 -4.43 -22.38
C VAL A 36 -36.18 -5.23 -21.25
N TYR A 37 -35.36 -5.57 -20.25
CA TYR A 37 -35.81 -6.37 -19.12
C TYR A 37 -35.22 -5.80 -17.84
N TYR A 38 -35.83 -6.15 -16.72
CA TYR A 38 -35.38 -5.67 -15.42
C TYR A 38 -34.03 -6.31 -15.10
N PRO A 39 -32.91 -5.58 -15.19
CA PRO A 39 -31.61 -6.23 -14.96
C PRO A 39 -31.46 -6.83 -13.58
N ASP A 40 -32.04 -6.19 -12.56
CA ASP A 40 -31.89 -6.64 -11.18
C ASP A 40 -33.23 -6.55 -10.48
N LYS A 41 -33.32 -7.25 -9.35
CA LYS A 41 -34.56 -7.33 -8.58
C LYS A 41 -34.75 -6.14 -7.64
N VAL A 42 -34.07 -5.03 -7.89
CA VAL A 42 -34.23 -3.84 -7.06
C VAL A 42 -35.50 -3.10 -7.48
N PHE A 43 -36.08 -2.36 -6.54
CA PHE A 43 -37.23 -1.52 -6.80
C PHE A 43 -36.78 -0.07 -6.81
N ARG A 44 -36.94 0.60 -7.94
CA ARG A 44 -36.53 1.98 -8.10
C ARG A 44 -37.72 2.80 -8.58
N SER A 45 -37.94 3.95 -7.95
CA SER A 45 -39.13 4.75 -8.17
C SER A 45 -38.77 6.08 -8.80
N SER A 46 -39.40 6.39 -9.93
CA SER A 46 -39.26 7.68 -10.60
C SER A 46 -37.80 8.11 -10.65
N VAL A 47 -36.99 7.29 -11.30
CA VAL A 47 -35.56 7.53 -11.37
C VAL A 47 -35.01 6.93 -12.65
N LEU A 48 -33.95 7.54 -13.16
CA LEU A 48 -33.23 7.05 -14.32
C LEU A 48 -31.97 6.33 -13.86
N HIS A 49 -31.86 5.05 -14.21
CA HIS A 49 -30.76 4.21 -13.79
C HIS A 49 -29.95 3.82 -15.02
N SER A 50 -28.65 4.05 -14.96
CA SER A 50 -27.75 3.73 -16.07
C SER A 50 -27.06 2.40 -15.75
N THR A 51 -27.51 1.34 -16.41
CA THR A 51 -27.03 -0.01 -16.13
C THR A 51 -26.33 -0.57 -17.36
N GLN A 52 -25.20 -1.24 -17.12
CA GLN A 52 -24.43 -1.88 -18.17
C GLN A 52 -24.66 -3.39 -18.08
N ASP A 53 -25.27 -3.96 -19.10
CA ASP A 53 -25.59 -5.38 -19.09
C ASP A 53 -25.91 -5.83 -20.51
N LEU A 54 -26.24 -7.11 -20.65
CA LEU A 54 -26.53 -7.69 -21.95
C LEU A 54 -27.96 -7.34 -22.34
N PHE A 55 -28.10 -6.47 -23.33
CA PHE A 55 -29.41 -6.05 -23.82
C PHE A 55 -29.47 -6.21 -25.33
N LEU A 56 -30.68 -6.35 -25.84
CA LEU A 56 -30.88 -6.38 -27.29
C LEU A 56 -30.78 -4.95 -27.82
N PRO A 57 -29.74 -4.62 -28.58
CA PRO A 57 -29.60 -3.23 -29.04
C PRO A 57 -30.82 -2.80 -29.83
N PHE A 58 -31.25 -1.56 -29.61
CA PHE A 58 -32.42 -1.05 -30.30
C PHE A 58 -32.21 -1.07 -31.81
N PHE A 59 -33.28 -1.37 -32.55
CA PHE A 59 -33.24 -1.39 -34.00
C PHE A 59 -32.20 -2.38 -34.51
N SER A 60 -32.08 -3.51 -33.84
CA SER A 60 -31.19 -4.56 -34.29
C SER A 60 -31.85 -5.39 -35.38
N ASN A 61 -31.03 -6.12 -36.12
CA ASN A 61 -31.51 -6.98 -37.19
C ASN A 61 -32.00 -8.29 -36.57
N VAL A 62 -33.31 -8.44 -36.44
CA VAL A 62 -33.93 -9.58 -35.78
C VAL A 62 -34.32 -10.59 -36.85
N THR A 63 -33.78 -11.81 -36.73
CA THR A 63 -34.03 -12.86 -37.70
C THR A 63 -35.28 -13.62 -37.30
N TRP A 64 -36.26 -13.68 -38.19
CA TRP A 64 -37.54 -14.29 -37.86
C TRP A 64 -37.92 -15.34 -38.90
N PHE A 65 -38.76 -16.27 -38.45
CA PHE A 65 -39.23 -17.39 -39.25
C PHE A 65 -40.69 -17.65 -38.90
N HIS A 66 -41.28 -18.61 -39.62
CA HIS A 66 -42.61 -19.12 -39.34
C HIS A 66 -42.51 -20.54 -38.78
N ALA A 67 -43.59 -20.97 -38.10
CA ALA A 67 -43.66 -22.30 -37.51
C ALA A 67 -44.99 -22.93 -37.90
N ILE A 68 -44.93 -23.94 -38.77
CA ILE A 68 -46.13 -24.62 -39.24
C ILE A 68 -46.55 -25.66 -38.21
N HIS A 69 -47.82 -25.62 -37.81
CA HIS A 69 -48.36 -26.54 -36.82
C HIS A 69 -49.37 -27.52 -37.40
N VAL A 70 -49.68 -27.42 -38.69
CA VAL A 70 -50.67 -28.28 -39.32
C VAL A 70 -50.15 -28.66 -40.71
N SER A 71 -50.42 -29.90 -41.12
CA SER A 71 -50.02 -30.42 -42.41
C SER A 71 -51.25 -30.66 -43.26
N GLY A 72 -51.27 -30.11 -44.47
CA GLY A 72 -52.38 -30.25 -45.37
C GLY A 72 -52.14 -29.61 -46.72
N GLY A 75 -49.52 -33.11 -48.39
CA GLY A 75 -49.45 -32.74 -46.99
C GLY A 75 -48.63 -33.72 -46.18
N THR A 76 -47.57 -34.25 -46.78
CA THR A 76 -46.68 -35.22 -46.13
C THR A 76 -45.26 -34.66 -46.06
N LYS A 77 -45.13 -33.35 -45.87
CA LYS A 77 -43.85 -32.67 -45.77
C LYS A 77 -43.64 -32.19 -44.34
N ARG A 78 -42.52 -32.58 -43.74
CA ARG A 78 -42.21 -32.21 -42.37
C ARG A 78 -41.33 -30.96 -42.40
N PHE A 79 -41.89 -29.84 -41.94
CA PHE A 79 -41.15 -28.59 -41.83
C PHE A 79 -40.56 -28.48 -40.44
N ALA A 80 -39.25 -28.71 -40.32
CA ALA A 80 -38.57 -28.75 -39.04
C ALA A 80 -37.90 -27.42 -38.74
N ASN A 81 -38.03 -26.98 -37.49
CA ASN A 81 -37.41 -25.73 -37.09
C ASN A 81 -35.89 -25.88 -37.08
N PRO A 82 -35.15 -24.80 -37.34
CA PRO A 82 -33.69 -24.90 -37.42
C PRO A 82 -33.00 -24.62 -36.10
N VAL A 83 -31.82 -25.21 -35.96
CA VAL A 83 -30.95 -24.93 -34.83
C VAL A 83 -30.34 -23.55 -35.02
N LEU A 84 -30.24 -22.79 -33.94
CA LEU A 84 -29.78 -21.41 -34.01
C LEU A 84 -28.66 -21.15 -33.01
N PRO A 85 -27.75 -20.23 -33.30
CA PRO A 85 -26.72 -19.87 -32.31
C PRO A 85 -27.32 -19.21 -31.08
N PHE A 86 -26.56 -19.29 -29.98
CA PHE A 86 -26.98 -18.71 -28.71
C PHE A 86 -26.15 -17.51 -28.29
N ASN A 87 -24.83 -17.57 -28.45
CA ASN A 87 -23.93 -16.45 -28.11
C ASN A 87 -24.14 -16.12 -26.64
N ASP A 88 -24.43 -14.87 -26.28
CA ASP A 88 -24.54 -14.46 -24.89
C ASP A 88 -25.96 -14.51 -24.36
N GLY A 89 -26.90 -15.01 -25.15
CA GLY A 89 -28.31 -15.00 -24.77
C GLY A 89 -29.15 -14.52 -25.93
N VAL A 90 -30.46 -14.73 -25.88
CA VAL A 90 -31.32 -14.42 -27.01
C VAL A 90 -32.65 -13.85 -26.52
N TYR A 91 -33.16 -12.87 -27.26
CA TYR A 91 -34.52 -12.38 -27.12
C TYR A 91 -35.37 -13.09 -28.16
N PHE A 92 -36.24 -13.98 -27.70
CA PHE A 92 -37.09 -14.80 -28.56
C PHE A 92 -38.53 -14.36 -28.38
N ALA A 93 -39.13 -13.80 -29.42
CA ALA A 93 -40.52 -13.38 -29.39
C ALA A 93 -41.33 -14.29 -30.29
N SER A 94 -42.62 -14.45 -29.97
CA SER A 94 -43.51 -15.27 -30.77
C SER A 94 -44.88 -14.61 -30.83
N THR A 95 -45.41 -14.49 -32.04
CA THR A 95 -46.76 -13.98 -32.27
C THR A 95 -47.63 -15.12 -32.78
N GLU A 96 -48.77 -15.33 -32.12
CA GLU A 96 -49.66 -16.41 -32.51
C GLU A 96 -50.99 -16.25 -31.78
N LYS A 97 -52.01 -16.97 -32.26
CA LYS A 97 -53.31 -16.99 -31.59
C LYS A 97 -53.35 -18.07 -30.51
N SER A 98 -53.12 -19.32 -30.90
CA SER A 98 -52.99 -20.41 -29.94
C SER A 98 -51.52 -20.62 -29.58
N ASN A 99 -51.30 -21.29 -28.46
CA ASN A 99 -49.94 -21.49 -27.97
C ASN A 99 -49.22 -22.54 -28.82
N ILE A 100 -48.88 -22.17 -30.06
CA ILE A 100 -48.22 -23.10 -30.95
C ILE A 100 -46.82 -23.42 -30.45
N ILE A 101 -46.05 -22.39 -30.10
CA ILE A 101 -44.70 -22.60 -29.59
C ILE A 101 -44.80 -23.15 -28.18
N ARG A 102 -44.01 -24.20 -27.89
CA ARG A 102 -44.11 -24.89 -26.62
C ARG A 102 -42.80 -24.99 -25.84
N GLY A 103 -41.66 -25.11 -26.51
CA GLY A 103 -40.46 -25.37 -25.76
C GLY A 103 -39.20 -25.06 -26.54
N TRP A 104 -38.07 -25.18 -25.83
CA TRP A 104 -36.75 -24.90 -26.38
C TRP A 104 -35.80 -25.99 -25.91
N ILE A 105 -34.69 -26.14 -26.63
CA ILE A 105 -33.64 -27.08 -26.27
C ILE A 105 -32.31 -26.33 -26.39
N PHE A 106 -31.47 -26.46 -25.37
CA PHE A 106 -30.21 -25.74 -25.29
C PHE A 106 -29.07 -26.73 -25.03
N GLY A 107 -27.89 -26.36 -25.52
CA GLY A 107 -26.71 -27.17 -25.28
C GLY A 107 -25.57 -26.74 -26.19
N THR A 108 -24.57 -27.61 -26.27
CA THR A 108 -23.43 -27.42 -27.16
C THR A 108 -23.44 -28.41 -28.32
N THR A 109 -23.57 -29.70 -28.02
CA THR A 109 -23.67 -30.73 -29.05
C THR A 109 -25.08 -31.25 -29.24
N LEU A 110 -25.98 -30.99 -28.30
CA LEU A 110 -27.37 -31.44 -28.38
C LEU A 110 -27.43 -32.96 -28.56
N ASP A 111 -26.55 -33.67 -27.86
CA ASP A 111 -26.49 -35.12 -27.91
C ASP A 111 -26.19 -35.65 -26.53
N SER A 112 -26.12 -36.98 -26.41
CA SER A 112 -25.80 -37.61 -25.13
C SER A 112 -24.36 -37.37 -24.70
N LYS A 113 -23.49 -36.89 -25.60
CA LYS A 113 -22.10 -36.68 -25.25
C LYS A 113 -21.95 -35.59 -24.19
N THR A 114 -22.75 -34.52 -24.27
CA THR A 114 -22.64 -33.40 -23.36
C THR A 114 -24.00 -33.13 -22.72
N GLN A 115 -23.97 -32.50 -21.55
CA GLN A 115 -25.19 -32.15 -20.85
C GLN A 115 -26.00 -31.15 -21.67
N SER A 116 -27.30 -31.37 -21.74
CA SER A 116 -28.20 -30.53 -22.51
C SER A 116 -29.45 -30.22 -21.69
N LEU A 117 -30.00 -29.04 -21.91
CA LEU A 117 -31.20 -28.59 -21.21
C LEU A 117 -32.40 -28.60 -22.15
N LEU A 118 -33.56 -28.91 -21.58
CA LEU A 118 -34.81 -28.95 -22.34
C LEU A 118 -35.88 -28.26 -21.51
N ILE A 119 -36.51 -27.24 -22.09
CA ILE A 119 -37.61 -26.52 -21.45
C ILE A 119 -38.84 -26.72 -22.30
N VAL A 120 -39.99 -26.90 -21.66
CA VAL A 120 -41.24 -27.05 -22.38
C VAL A 120 -42.39 -26.64 -21.47
N ASN A 121 -43.47 -26.18 -22.08
CA ASN A 121 -44.70 -25.82 -21.37
C ASN A 121 -45.82 -26.63 -22.01
N ASN A 122 -46.01 -27.86 -21.53
CA ASN A 122 -47.03 -28.74 -22.09
C ASN A 122 -48.41 -28.33 -21.56
N ALA A 123 -49.42 -29.11 -21.94
CA ALA A 123 -50.77 -28.82 -21.46
C ALA A 123 -50.86 -28.90 -19.95
N THR A 124 -50.10 -29.80 -19.33
CA THR A 124 -50.19 -30.01 -17.88
C THR A 124 -49.39 -28.96 -17.12
N ASN A 125 -48.07 -28.93 -17.31
CA ASN A 125 -47.21 -28.08 -16.52
C ASN A 125 -45.94 -27.78 -17.30
N VAL A 126 -45.06 -26.98 -16.70
CA VAL A 126 -43.79 -26.62 -17.30
C VAL A 126 -42.73 -27.61 -16.82
N VAL A 127 -41.96 -28.15 -17.76
CA VAL A 127 -40.93 -29.13 -17.48
C VAL A 127 -39.59 -28.56 -17.92
N ILE A 128 -38.62 -28.55 -16.99
CA ILE A 128 -37.26 -28.11 -17.26
C ILE A 128 -36.34 -29.23 -16.80
N LYS A 129 -35.62 -29.84 -17.74
CA LYS A 129 -34.78 -30.99 -17.44
C LYS A 129 -33.40 -30.80 -18.04
N VAL A 130 -32.37 -30.92 -17.20
CA VAL A 130 -30.99 -30.87 -17.63
C VAL A 130 -30.43 -32.28 -17.52
N CYS A 131 -30.21 -32.92 -18.69
CA CYS A 131 -29.74 -34.29 -18.74
C CYS A 131 -28.95 -34.47 -20.03
N GLU A 132 -28.30 -35.64 -20.15
CA GLU A 132 -27.58 -36.00 -21.36
C GLU A 132 -28.56 -36.54 -22.39
N PHE A 133 -29.43 -35.63 -22.84
CA PHE A 133 -30.48 -36.01 -23.77
C PHE A 133 -29.91 -36.37 -25.14
N GLN A 134 -30.65 -37.21 -25.86
CA GLN A 134 -30.37 -37.54 -27.26
C GLN A 134 -31.58 -37.05 -28.05
N PHE A 135 -31.55 -35.78 -28.45
CA PHE A 135 -32.71 -35.17 -29.09
C PHE A 135 -33.01 -35.85 -30.43
N CYS A 136 -34.30 -35.96 -30.73
CA CYS A 136 -34.72 -36.51 -32.01
C CYS A 136 -34.39 -35.53 -33.14
N ASN A 137 -34.26 -36.09 -34.34
CA ASN A 137 -33.97 -35.25 -35.50
C ASN A 137 -35.10 -34.24 -35.73
N ASP A 138 -36.34 -34.68 -35.61
CA ASP A 138 -37.53 -33.83 -35.78
C ASP A 138 -38.40 -33.98 -34.55
N PRO A 139 -38.11 -33.25 -33.47
CA PRO A 139 -38.96 -33.33 -32.28
C PRO A 139 -40.41 -33.07 -32.61
N PHE A 140 -41.29 -33.90 -32.06
CA PHE A 140 -42.70 -33.89 -32.43
C PHE A 140 -43.57 -33.80 -31.18
N LEU A 141 -44.50 -32.85 -31.18
CA LEU A 141 -45.54 -32.73 -30.17
C LEU A 141 -46.87 -32.73 -30.90
N GLY A 142 -47.65 -33.78 -30.71
CA GLY A 142 -48.88 -33.98 -31.46
C GLY A 142 -50.11 -34.05 -30.59
N VAL A 143 -51.16 -33.34 -31.00
CA VAL A 143 -52.43 -33.31 -30.29
C VAL A 143 -53.54 -33.68 -31.27
N TYR A 144 -54.63 -34.20 -30.72
CA TYR A 144 -55.79 -34.59 -31.51
C TYR A 144 -57.04 -34.00 -30.88
N TYR A 145 -58.02 -33.70 -31.74
CA TYR A 145 -59.27 -33.11 -31.28
C TYR A 145 -60.21 -34.22 -30.80
N HIS A 146 -60.60 -34.15 -29.54
CA HIS A 146 -61.52 -35.13 -28.96
C HIS A 146 -62.95 -34.66 -29.29
N LYS A 147 -63.53 -35.25 -30.33
CA LYS A 147 -64.85 -34.81 -30.79
C LYS A 147 -65.90 -35.01 -29.70
N ASN A 148 -65.84 -36.15 -28.99
CA ASN A 148 -66.80 -36.38 -27.93
C ASN A 148 -66.68 -35.34 -26.82
N ASN A 149 -65.46 -35.01 -26.44
CA ASN A 149 -65.22 -33.99 -25.42
C ASN A 149 -65.13 -32.58 -25.99
N LYS A 150 -65.11 -32.43 -27.32
CA LYS A 150 -65.03 -31.13 -27.96
C LYS A 150 -63.85 -30.32 -27.43
N SER A 151 -62.71 -30.99 -27.25
CA SER A 151 -61.52 -30.35 -26.74
C SER A 151 -60.29 -31.09 -27.25
N TRP A 152 -59.26 -30.32 -27.62
CA TRP A 152 -57.99 -30.91 -28.04
C TRP A 152 -57.27 -31.51 -26.85
N MET A 153 -56.57 -32.62 -27.08
CA MET A 153 -55.82 -33.30 -26.03
C MET A 153 -54.51 -33.80 -26.63
N GLU A 154 -53.39 -33.38 -26.03
CA GLU A 154 -52.09 -33.80 -26.50
C GLU A 154 -51.91 -35.29 -26.24
N SER A 155 -51.40 -36.01 -27.25
CA SER A 155 -51.24 -37.46 -27.14
C SER A 155 -49.94 -37.98 -27.74
N GLU A 156 -49.06 -37.11 -28.23
CA GLU A 156 -47.79 -37.56 -28.80
C GLU A 156 -46.68 -36.64 -28.34
N PHE A 157 -45.62 -37.23 -27.77
CA PHE A 157 -44.45 -36.48 -27.32
C PHE A 157 -43.22 -37.31 -27.67
N ARG A 158 -42.56 -36.98 -28.79
CA ARG A 158 -41.38 -37.70 -29.27
C ARG A 158 -40.31 -36.65 -29.56
N VAL A 159 -39.56 -36.28 -28.54
CA VAL A 159 -38.58 -35.20 -28.61
C VAL A 159 -37.16 -35.74 -28.53
N TYR A 160 -36.89 -36.59 -27.54
CA TYR A 160 -35.56 -37.14 -27.31
C TYR A 160 -35.64 -38.65 -27.27
N SER A 161 -34.68 -39.32 -27.92
CA SER A 161 -34.63 -40.77 -27.92
C SER A 161 -34.22 -41.31 -26.55
N SER A 162 -33.35 -40.61 -25.84
CA SER A 162 -32.85 -41.09 -24.56
C SER A 162 -32.53 -39.90 -23.66
N ALA A 163 -32.48 -40.17 -22.36
CA ALA A 163 -32.14 -39.15 -21.38
C ALA A 163 -31.47 -39.86 -20.20
N ASN A 164 -30.17 -39.65 -20.03
CA ASN A 164 -29.39 -40.34 -19.01
C ASN A 164 -28.55 -39.34 -18.24
N ASN A 165 -28.17 -39.72 -17.02
CA ASN A 165 -27.34 -38.89 -16.16
C ASN A 165 -27.95 -37.50 -15.98
N CYS A 166 -29.24 -37.48 -15.65
CA CYS A 166 -29.93 -36.21 -15.43
C CYS A 166 -29.24 -35.42 -14.33
N THR A 167 -29.01 -34.14 -14.61
CA THR A 167 -28.38 -33.24 -13.64
C THR A 167 -29.35 -32.29 -12.96
N PHE A 168 -30.49 -32.00 -13.57
CA PHE A 168 -31.47 -31.14 -12.91
C PHE A 168 -32.87 -31.46 -13.42
N GLU A 169 -33.85 -31.27 -12.56
CA GLU A 169 -35.25 -31.45 -12.93
C GLU A 169 -36.10 -30.44 -12.18
N TYR A 170 -37.12 -29.92 -12.86
CA TYR A 170 -38.07 -28.99 -12.27
C TYR A 170 -39.39 -29.10 -13.01
N VAL A 171 -40.47 -29.31 -12.27
CA VAL A 171 -41.81 -29.40 -12.83
C VAL A 171 -42.69 -28.38 -12.11
N SER A 172 -43.29 -27.48 -12.87
CA SER A 172 -44.23 -26.53 -12.29
C SER A 172 -45.55 -27.23 -11.98
N GLN A 173 -46.41 -26.53 -11.25
CA GLN A 173 -47.67 -27.12 -10.83
C GLN A 173 -48.56 -27.42 -12.04
N PRO A 174 -49.36 -28.48 -11.99
CA PRO A 174 -50.24 -28.79 -13.12
C PRO A 174 -51.21 -27.66 -13.40
N PHE A 175 -51.49 -27.47 -14.70
CA PHE A 175 -52.50 -26.53 -15.14
C PHE A 175 -53.06 -27.03 -16.47
N LEU A 176 -54.05 -26.30 -16.98
CA LEU A 176 -54.70 -26.63 -18.25
C LEU A 176 -54.44 -25.50 -19.23
N MET A 177 -53.74 -25.82 -20.32
CA MET A 177 -53.44 -24.83 -21.36
C MET A 177 -54.53 -24.85 -22.42
N ASP A 178 -54.97 -23.66 -22.82
CA ASP A 178 -55.99 -23.53 -23.85
C ASP A 178 -55.41 -23.94 -25.20
N LEU A 179 -56.14 -24.78 -25.92
CA LEU A 179 -55.70 -25.26 -27.22
C LEU A 179 -56.62 -24.77 -28.34
N PHE A 186 -57.05 -10.52 -32.83
CA PHE A 186 -56.60 -10.66 -31.45
C PHE A 186 -55.54 -11.77 -31.34
N LYS A 187 -54.28 -11.39 -31.42
CA LYS A 187 -53.17 -12.32 -31.27
C LYS A 187 -52.45 -12.05 -29.95
N ASN A 188 -51.59 -12.98 -29.57
CA ASN A 188 -50.77 -12.88 -28.38
C ASN A 188 -49.31 -12.81 -28.80
N LEU A 189 -48.58 -11.86 -28.21
CA LEU A 189 -47.14 -11.75 -28.36
C LEU A 189 -46.49 -12.16 -27.04
N ARG A 190 -45.67 -13.21 -27.09
CA ARG A 190 -44.94 -13.69 -25.94
C ARG A 190 -43.46 -13.46 -26.19
N GLU A 191 -42.87 -12.56 -25.41
CA GLU A 191 -41.46 -12.23 -25.51
C GLU A 191 -40.71 -12.92 -24.38
N PHE A 192 -39.53 -13.44 -24.69
CA PHE A 192 -38.70 -14.12 -23.71
C PHE A 192 -37.26 -13.67 -23.88
N VAL A 193 -36.52 -13.68 -22.78
CA VAL A 193 -35.09 -13.42 -22.79
C VAL A 193 -34.42 -14.58 -22.06
N PHE A 194 -33.49 -15.24 -22.74
CA PHE A 194 -32.73 -16.35 -22.18
C PHE A 194 -31.28 -15.92 -22.08
N LYS A 195 -30.76 -15.86 -20.85
CA LYS A 195 -29.41 -15.38 -20.61
C LYS A 195 -28.69 -16.33 -19.67
N ASN A 196 -27.58 -16.90 -20.13
CA ASN A 196 -26.79 -17.84 -19.33
C ASN A 196 -25.52 -17.13 -18.87
N ILE A 197 -25.49 -16.74 -17.60
CA ILE A 197 -24.37 -15.99 -17.03
C ILE A 197 -24.04 -16.57 -15.66
N ASP A 198 -22.74 -16.79 -15.41
CA ASP A 198 -22.26 -17.24 -14.11
C ASP A 198 -22.96 -18.52 -13.67
N GLY A 199 -23.12 -19.46 -14.61
CA GLY A 199 -23.76 -20.71 -14.29
C GLY A 199 -25.24 -20.62 -13.99
N TYR A 200 -25.84 -19.45 -14.18
CA TYR A 200 -27.26 -19.24 -13.95
C TYR A 200 -27.95 -18.96 -15.28
N PHE A 201 -28.98 -19.75 -15.58
CA PHE A 201 -29.82 -19.54 -16.74
C PHE A 201 -31.03 -18.74 -16.30
N LYS A 202 -31.10 -17.48 -16.73
CA LYS A 202 -32.17 -16.58 -16.34
C LYS A 202 -33.14 -16.45 -17.50
N ILE A 203 -34.41 -16.70 -17.22
CA ILE A 203 -35.50 -16.58 -18.19
C ILE A 203 -36.38 -15.44 -17.73
N TYR A 204 -36.46 -14.41 -18.57
CA TYR A 204 -37.43 -13.33 -18.41
C TYR A 204 -38.53 -13.52 -19.44
N SER A 205 -39.74 -13.08 -19.12
CA SER A 205 -40.87 -13.26 -20.02
C SER A 205 -41.83 -12.08 -19.91
N LYS A 206 -42.61 -11.91 -20.97
CA LYS A 206 -43.63 -10.86 -21.03
C LYS A 206 -44.70 -11.31 -22.01
N HIS A 207 -45.96 -11.11 -21.64
CA HIS A 207 -47.09 -11.54 -22.45
C HIS A 207 -47.99 -10.34 -22.71
N THR A 208 -48.29 -10.09 -23.98
CA THR A 208 -49.09 -8.93 -24.34
C THR A 208 -50.12 -9.32 -25.39
N PRO A 209 -51.29 -8.66 -25.40
CA PRO A 209 -52.24 -8.82 -26.50
C PRO A 209 -51.90 -7.86 -27.63
N ILE A 210 -51.53 -8.43 -28.78
CA ILE A 210 -51.15 -7.67 -29.96
C ILE A 210 -52.20 -7.90 -31.03
N ASN A 211 -52.76 -6.80 -31.57
CA ASN A 211 -53.75 -6.88 -32.62
C ASN A 211 -53.14 -6.85 -34.02
N LEU A 212 -51.84 -6.59 -34.13
CA LEU A 212 -51.20 -6.60 -35.44
C LEU A 212 -51.27 -8.00 -36.05
N VAL A 213 -51.48 -8.05 -37.36
CA VAL A 213 -51.64 -9.33 -38.05
C VAL A 213 -50.29 -9.92 -38.45
N ARG A 214 -49.29 -9.09 -38.73
CA ARG A 214 -48.00 -9.58 -39.18
C ARG A 214 -46.92 -8.57 -38.81
N GLY A 215 -45.72 -9.08 -38.55
CA GLY A 215 -44.59 -8.24 -38.23
C GLY A 215 -44.39 -8.08 -36.73
N LEU A 216 -43.17 -7.73 -36.37
CA LEU A 216 -42.84 -7.51 -34.96
C LEU A 216 -43.36 -6.15 -34.52
N PRO A 217 -44.11 -6.07 -33.42
CA PRO A 217 -44.74 -4.79 -33.07
C PRO A 217 -43.72 -3.75 -32.68
N GLN A 218 -44.09 -2.49 -32.90
CA GLN A 218 -43.26 -1.35 -32.54
C GLN A 218 -43.79 -0.74 -31.25
N GLY A 219 -42.97 -0.75 -30.22
CA GLY A 219 -43.38 -0.29 -28.91
C GLY A 219 -42.44 -0.80 -27.85
N PHE A 220 -42.72 -0.39 -26.62
CA PHE A 220 -41.87 -0.74 -25.48
C PHE A 220 -42.62 -1.64 -24.52
N SER A 221 -41.90 -2.60 -23.93
CA SER A 221 -42.46 -3.49 -22.93
C SER A 221 -41.31 -4.14 -22.18
N ALA A 222 -41.32 -4.03 -20.85
CA ALA A 222 -40.25 -4.57 -20.02
C ALA A 222 -40.55 -6.02 -19.67
N LEU A 223 -39.52 -6.86 -19.76
CA LEU A 223 -39.66 -8.30 -19.54
C LEU A 223 -39.30 -8.60 -18.08
N GLU A 224 -40.31 -8.93 -17.28
CA GLU A 224 -40.07 -9.24 -15.88
C GLU A 224 -39.34 -10.57 -15.75
N PRO A 225 -38.55 -10.75 -14.70
CA PRO A 225 -37.93 -12.06 -14.48
C PRO A 225 -38.98 -13.14 -14.31
N LEU A 226 -38.74 -14.30 -14.93
CA LEU A 226 -39.62 -15.45 -14.78
C LEU A 226 -39.01 -16.51 -13.89
N VAL A 227 -37.75 -16.87 -14.12
CA VAL A 227 -37.06 -17.79 -13.22
C VAL A 227 -35.57 -17.83 -13.50
N ASP A 228 -34.77 -17.95 -12.44
CA ASP A 228 -33.33 -18.13 -12.54
C ASP A 228 -32.98 -19.53 -12.04
N LEU A 229 -32.26 -20.29 -12.87
CA LEU A 229 -31.97 -21.69 -12.58
C LEU A 229 -30.47 -21.91 -12.52
N PRO A 230 -29.95 -22.54 -11.46
CA PRO A 230 -28.51 -22.82 -11.39
C PRO A 230 -28.12 -24.12 -12.11
N ILE A 231 -28.40 -24.18 -13.41
CA ILE A 231 -28.09 -25.37 -14.18
C ILE A 231 -26.57 -25.53 -14.32
N GLY A 232 -25.85 -24.44 -14.51
CA GLY A 232 -24.41 -24.49 -14.59
C GLY A 232 -23.88 -25.28 -15.76
N ILE A 233 -24.43 -25.06 -16.95
CA ILE A 233 -24.01 -25.75 -18.16
C ILE A 233 -23.64 -24.72 -19.22
N ASN A 234 -22.80 -25.14 -20.16
CA ASN A 234 -22.41 -24.29 -21.27
C ASN A 234 -23.40 -24.46 -22.42
N ILE A 235 -23.80 -23.35 -23.02
CA ILE A 235 -24.78 -23.34 -24.10
C ILE A 235 -24.19 -22.57 -25.27
N THR A 236 -24.31 -23.13 -26.48
CA THR A 236 -23.87 -22.47 -27.70
C THR A 236 -24.90 -22.52 -28.82
N ARG A 237 -25.97 -23.29 -28.69
CA ARG A 237 -27.01 -23.36 -29.70
C ARG A 237 -28.33 -23.71 -29.04
N PHE A 238 -29.43 -23.48 -29.75
CA PHE A 238 -30.73 -23.87 -29.27
C PHE A 238 -31.70 -23.95 -30.44
N GLN A 239 -32.81 -24.63 -30.20
CA GLN A 239 -33.84 -24.82 -31.23
C GLN A 239 -35.22 -24.71 -30.58
N THR A 240 -36.19 -24.25 -31.37
CA THR A 240 -37.54 -24.08 -30.89
C THR A 240 -38.37 -25.33 -31.15
N LEU A 241 -39.41 -25.51 -30.34
CA LEU A 241 -40.32 -26.65 -30.45
C LEU A 241 -41.73 -26.15 -30.64
N HIS A 242 -42.44 -26.73 -31.61
CA HIS A 242 -43.81 -26.35 -31.94
C HIS A 242 -44.75 -27.53 -31.72
N ILE A 243 -46.04 -27.23 -31.63
CA ILE A 243 -47.08 -28.21 -31.43
C ILE A 243 -47.64 -28.61 -32.79
N SER A 244 -48.01 -29.88 -32.94
CA SER A 244 -48.58 -30.41 -34.17
C SER A 244 -50.03 -30.76 -33.93
N TYR A 245 -50.91 -30.23 -34.77
CA TYR A 245 -52.35 -30.48 -34.69
C TYR A 245 -52.70 -31.61 -35.66
N LEU A 246 -52.96 -32.79 -35.11
CA LEU A 246 -53.37 -33.92 -35.93
C LEU A 246 -54.83 -33.74 -36.36
N THR A 247 -55.08 -33.86 -37.66
CA THR A 247 -56.41 -33.69 -38.22
C THR A 247 -56.72 -34.85 -39.15
N PRO A 248 -58.01 -35.22 -39.26
CA PRO A 248 -58.35 -36.32 -40.18
C PRO A 248 -58.00 -36.03 -41.62
N GLY A 249 -58.10 -34.77 -42.04
CA GLY A 249 -57.80 -34.40 -43.42
C GLY A 249 -58.90 -34.81 -44.38
N ALA A 257 -53.56 -22.54 -41.50
CA ALA A 257 -52.82 -21.60 -42.36
C ALA A 257 -52.20 -20.50 -41.52
N GLY A 258 -52.86 -20.15 -40.42
CA GLY A 258 -52.36 -19.10 -39.54
C GLY A 258 -51.21 -19.56 -38.68
N ALA A 259 -50.08 -19.86 -39.32
CA ALA A 259 -48.91 -20.34 -38.59
C ALA A 259 -48.32 -19.26 -37.70
N ALA A 260 -47.83 -19.67 -36.54
CA ALA A 260 -47.16 -18.73 -35.63
C ALA A 260 -45.89 -18.19 -36.26
N ALA A 261 -45.51 -17.00 -35.84
CA ALA A 261 -44.30 -16.34 -36.36
C ALA A 261 -43.39 -16.00 -35.20
N TYR A 262 -42.15 -16.50 -35.23
CA TYR A 262 -41.23 -16.30 -34.12
C TYR A 262 -39.96 -15.60 -34.59
N TYR A 263 -39.54 -14.62 -33.81
CA TYR A 263 -38.41 -13.76 -34.09
C TYR A 263 -37.32 -13.99 -33.05
N VAL A 264 -36.07 -13.85 -33.46
CA VAL A 264 -34.91 -14.09 -32.61
C VAL A 264 -33.94 -12.93 -32.78
N GLY A 265 -33.52 -12.35 -31.65
CA GLY A 265 -32.46 -11.37 -31.65
C GLY A 265 -31.40 -11.76 -30.64
N TYR A 266 -30.20 -11.25 -30.85
CA TYR A 266 -29.05 -11.60 -30.03
C TYR A 266 -28.65 -10.41 -29.16
N LEU A 267 -28.47 -10.67 -27.86
CA LEU A 267 -28.09 -9.63 -26.92
C LEU A 267 -26.62 -9.26 -27.09
N GLN A 268 -26.31 -8.02 -26.71
CA GLN A 268 -24.94 -7.51 -26.74
C GLN A 268 -24.68 -6.75 -25.45
N PRO A 269 -23.43 -6.65 -25.02
CA PRO A 269 -23.13 -5.81 -23.86
C PRO A 269 -23.34 -4.33 -24.16
N ARG A 270 -24.36 -3.74 -23.54
CA ARG A 270 -24.74 -2.37 -23.82
C ARG A 270 -25.00 -1.63 -22.52
N THR A 271 -24.87 -0.32 -22.58
CA THR A 271 -25.28 0.57 -21.50
C THR A 271 -26.67 1.11 -21.82
N PHE A 272 -27.57 1.03 -20.85
CA PHE A 272 -28.95 1.43 -21.04
C PHE A 272 -29.39 2.36 -19.91
N LEU A 273 -30.10 3.41 -20.26
CA LEU A 273 -30.72 4.30 -19.30
C LEU A 273 -32.18 3.91 -19.18
N LEU A 274 -32.56 3.34 -18.04
CA LEU A 274 -33.90 2.85 -17.80
C LEU A 274 -34.64 3.82 -16.89
N LYS A 275 -35.87 4.13 -17.23
CA LYS A 275 -36.66 5.17 -16.57
C LYS A 275 -37.75 4.50 -15.73
N TYR A 276 -37.42 4.16 -14.49
CA TYR A 276 -38.39 3.56 -13.59
C TYR A 276 -39.40 4.61 -13.16
N ASN A 277 -40.68 4.29 -13.28
CA ASN A 277 -41.74 5.22 -12.92
C ASN A 277 -42.05 5.07 -11.42
N GLU A 278 -43.14 5.70 -10.97
CA GLU A 278 -43.45 5.72 -9.54
C GLU A 278 -43.65 4.31 -9.00
N ASN A 279 -44.39 3.48 -9.74
CA ASN A 279 -44.71 2.14 -9.28
C ASN A 279 -43.55 1.17 -9.42
N GLY A 280 -42.45 1.58 -10.05
CA GLY A 280 -41.33 0.71 -10.29
C GLY A 280 -41.28 0.12 -11.68
N THR A 281 -42.18 0.51 -12.57
CA THR A 281 -42.20 -0.02 -13.92
C THR A 281 -41.22 0.74 -14.80
N ILE A 282 -40.52 0.01 -15.67
CA ILE A 282 -39.60 0.61 -16.62
C ILE A 282 -40.43 1.20 -17.75
N THR A 283 -40.71 2.50 -17.67
CA THR A 283 -41.56 3.13 -18.68
C THR A 283 -40.87 3.22 -20.03
N ASP A 284 -39.58 3.56 -20.04
CA ASP A 284 -38.87 3.78 -21.29
C ASP A 284 -37.39 3.47 -21.09
N ALA A 285 -36.69 3.27 -22.19
CA ALA A 285 -35.26 2.99 -22.17
C ALA A 285 -34.56 3.77 -23.26
N VAL A 286 -33.31 4.12 -23.00
CA VAL A 286 -32.45 4.83 -23.95
C VAL A 286 -31.18 4.01 -24.13
N ASP A 287 -30.83 3.76 -25.40
CA ASP A 287 -29.65 2.96 -25.75
C ASP A 287 -28.50 3.91 -26.05
N CYS A 288 -27.48 3.91 -25.19
CA CYS A 288 -26.46 4.95 -25.25
C CYS A 288 -25.73 4.95 -26.58
N ALA A 289 -25.37 3.77 -27.09
CA ALA A 289 -24.51 3.69 -28.27
C ALA A 289 -25.28 3.80 -29.58
N LEU A 290 -26.61 3.94 -29.53
CA LEU A 290 -27.39 3.94 -30.76
C LEU A 290 -27.02 5.12 -31.65
N ASP A 291 -26.91 6.30 -31.08
CA ASP A 291 -26.74 7.51 -31.87
C ASP A 291 -26.23 8.61 -30.95
N PRO A 292 -25.73 9.72 -31.51
CA PRO A 292 -25.24 10.81 -30.65
C PRO A 292 -26.28 11.33 -29.68
N LEU A 293 -27.54 11.42 -30.08
CA LEU A 293 -28.56 11.91 -29.17
C LEU A 293 -28.69 11.00 -27.96
N SER A 294 -28.68 9.69 -28.17
CA SER A 294 -28.77 8.76 -27.07
C SER A 294 -27.52 8.83 -26.19
N GLU A 295 -26.35 9.04 -26.81
CA GLU A 295 -25.14 9.23 -26.01
C GLU A 295 -25.28 10.43 -25.09
N THR A 296 -25.80 11.55 -25.61
CA THR A 296 -26.04 12.71 -24.77
C THR A 296 -27.03 12.39 -23.66
N LYS A 297 -28.11 11.70 -24.00
CA LYS A 297 -29.10 11.37 -22.98
C LYS A 297 -28.49 10.55 -21.86
N CYS A 298 -27.63 9.60 -22.21
CA CYS A 298 -26.98 8.79 -21.17
C CYS A 298 -26.00 9.62 -20.35
N THR A 299 -25.22 10.48 -21.01
CA THR A 299 -24.25 11.28 -20.28
C THR A 299 -24.95 12.21 -19.29
N LEU A 300 -26.05 12.83 -19.70
CA LEU A 300 -26.78 13.73 -18.84
C LEU A 300 -27.62 13.03 -17.78
N LYS A 301 -27.76 11.70 -17.86
CA LYS A 301 -28.66 10.96 -16.97
C LYS A 301 -30.06 11.55 -17.03
N SER A 302 -30.51 11.88 -18.23
CA SER A 302 -31.80 12.52 -18.41
C SER A 302 -32.41 12.05 -19.73
N PHE A 303 -33.73 12.18 -19.83
CA PHE A 303 -34.45 11.83 -21.04
C PHE A 303 -34.69 13.19 -21.90
N THR A 304 -34.80 14.40 -21.28
CA THR A 304 -35.01 15.77 -21.94
C THR A 304 -33.67 16.53 -21.99
N VAL A 305 -33.21 16.81 -23.21
CA VAL A 305 -31.94 17.49 -23.42
C VAL A 305 -32.25 18.90 -23.85
N GLU A 306 -31.77 19.87 -23.07
CA GLU A 306 -32.01 21.28 -23.38
C GLU A 306 -31.01 21.77 -24.42
N LYS A 307 -31.38 22.86 -25.09
CA LYS A 307 -30.54 23.40 -26.16
C LYS A 307 -29.14 23.70 -25.64
N GLY A 308 -28.13 23.23 -26.35
CA GLY A 308 -26.76 23.50 -25.97
C GLY A 308 -25.82 22.58 -26.70
N ILE A 309 -24.56 22.61 -26.25
CA ILE A 309 -23.52 21.70 -26.72
C ILE A 309 -23.02 20.92 -25.51
N TYR A 310 -23.09 19.60 -25.60
CA TYR A 310 -22.79 18.71 -24.48
C TYR A 310 -21.63 17.81 -24.85
N GLN A 311 -20.47 18.03 -24.23
CA GLN A 311 -19.35 17.12 -24.40
C GLN A 311 -19.79 15.73 -23.97
N THR A 312 -19.90 14.80 -24.91
CA THR A 312 -20.37 13.46 -24.63
C THR A 312 -19.24 12.45 -24.54
N SER A 313 -18.43 12.32 -25.59
CA SER A 313 -17.50 11.20 -25.69
C SER A 313 -16.11 11.71 -26.02
N ASN A 314 -15.19 10.76 -26.22
CA ASN A 314 -13.85 11.06 -26.69
C ASN A 314 -13.57 10.18 -27.89
N PHE A 315 -13.28 10.80 -29.03
CA PHE A 315 -13.07 10.11 -30.29
C PHE A 315 -11.57 9.87 -30.49
N ARG A 316 -11.23 8.64 -30.87
CA ARG A 316 -9.86 8.25 -31.12
C ARG A 316 -9.74 7.51 -32.46
N VAL A 317 -8.51 7.18 -32.84
CA VAL A 317 -8.27 6.47 -34.10
C VAL A 317 -7.25 5.35 -33.89
N GLN A 318 -7.75 4.19 -33.46
CA GLN A 318 -6.89 3.04 -33.18
C GLN A 318 -6.07 2.65 -34.40
N PRO A 319 -4.79 2.29 -34.19
CA PRO A 319 -3.89 1.89 -35.27
C PRO A 319 -4.42 0.70 -36.04
N THR A 320 -4.41 0.80 -37.36
CA THR A 320 -4.89 -0.27 -38.22
C THR A 320 -3.91 -1.44 -38.28
N GLU A 321 -2.61 -1.18 -38.23
CA GLU A 321 -1.61 -2.21 -38.40
C GLU A 321 -0.36 -1.84 -37.61
N SER A 322 0.54 -2.82 -37.49
CA SER A 322 1.81 -2.64 -36.79
C SER A 322 2.95 -2.70 -37.80
N ILE A 323 3.95 -1.84 -37.58
CA ILE A 323 5.10 -1.73 -38.48
C ILE A 323 6.37 -1.94 -37.65
N VAL A 324 7.25 -2.80 -38.14
CA VAL A 324 8.51 -3.10 -37.48
C VAL A 324 9.64 -2.78 -38.46
N ARG A 325 10.60 -1.98 -38.02
CA ARG A 325 11.76 -1.62 -38.82
C ARG A 325 13.01 -1.81 -37.98
N PHE A 326 13.93 -2.62 -38.46
CA PHE A 326 15.17 -2.94 -37.79
C PHE A 326 16.32 -2.82 -38.77
N PRO A 327 17.55 -2.63 -38.27
CA PRO A 327 18.70 -2.61 -39.18
C PRO A 327 18.88 -3.94 -39.88
N ASN A 328 18.61 -3.99 -41.17
CA ASN A 328 18.71 -5.24 -41.92
C ASN A 328 20.10 -5.86 -41.84
N ILE A 329 21.08 -5.10 -41.37
CA ILE A 329 22.46 -5.56 -41.33
C ILE A 329 23.09 -5.42 -39.94
N THR A 330 23.71 -6.50 -39.47
CA THR A 330 24.34 -6.51 -38.16
C THR A 330 25.64 -7.30 -38.19
N ASN A 331 25.53 -8.63 -38.28
CA ASN A 331 26.69 -9.50 -38.32
C ASN A 331 26.34 -10.85 -38.93
N LEU A 332 27.31 -11.77 -38.94
CA LEU A 332 27.09 -13.10 -39.50
C LEU A 332 27.86 -14.19 -38.76
N CYS A 333 27.16 -15.25 -38.38
CA CYS A 333 27.76 -16.38 -37.68
C CYS A 333 28.26 -17.39 -38.72
N PRO A 334 29.51 -17.88 -38.56
CA PRO A 334 30.06 -18.81 -39.58
C PRO A 334 29.66 -20.26 -39.35
N PHE A 335 28.39 -20.58 -39.61
CA PHE A 335 27.95 -21.96 -39.58
C PHE A 335 28.40 -22.74 -40.80
N GLY A 336 28.55 -22.08 -41.94
CA GLY A 336 29.04 -22.77 -43.14
C GLY A 336 30.45 -23.31 -42.97
N GLU A 337 31.30 -22.57 -42.26
CA GLU A 337 32.65 -23.06 -42.01
C GLU A 337 32.66 -24.39 -41.28
N VAL A 338 31.62 -24.68 -40.51
CA VAL A 338 31.53 -25.95 -39.79
C VAL A 338 30.80 -27.00 -40.63
N PHE A 339 29.59 -26.69 -41.10
CA PHE A 339 28.81 -27.66 -41.85
C PHE A 339 29.46 -27.99 -43.19
N ASN A 340 30.00 -26.99 -43.88
CA ASN A 340 30.57 -27.17 -45.21
C ASN A 340 32.06 -27.44 -45.17
N ALA A 341 32.64 -27.71 -44.00
CA ALA A 341 34.04 -28.07 -43.94
C ALA A 341 34.30 -29.33 -44.74
N THR A 342 35.34 -29.29 -45.57
CA THR A 342 35.62 -30.43 -46.45
C THR A 342 36.06 -31.65 -45.66
N ARG A 343 36.70 -31.46 -44.50
CA ARG A 343 37.18 -32.56 -43.68
C ARG A 343 36.74 -32.35 -42.24
N PHE A 344 36.28 -33.43 -41.61
CA PHE A 344 35.81 -33.42 -40.24
C PHE A 344 36.84 -34.10 -39.34
N ALA A 345 36.78 -33.76 -38.05
CA ALA A 345 37.70 -34.31 -37.07
C ALA A 345 37.15 -35.61 -36.49
N SER A 346 38.05 -36.40 -35.93
CA SER A 346 37.66 -37.65 -35.29
C SER A 346 36.80 -37.38 -34.07
N VAL A 347 35.96 -38.35 -33.73
CA VAL A 347 35.05 -38.18 -32.60
C VAL A 347 35.83 -37.97 -31.31
N TYR A 348 36.93 -38.71 -31.12
CA TYR A 348 37.73 -38.51 -29.93
C TYR A 348 38.40 -37.14 -29.94
N ALA A 349 38.64 -36.58 -31.11
CA ALA A 349 39.22 -35.24 -31.24
C ALA A 349 38.20 -34.31 -31.88
N TRP A 350 36.94 -34.42 -31.45
CA TRP A 350 35.87 -33.62 -32.04
C TRP A 350 36.22 -32.13 -31.99
N ASN A 351 36.05 -31.46 -33.13
CA ASN A 351 36.35 -30.05 -33.21
C ASN A 351 35.23 -29.23 -32.57
N ARG A 352 35.61 -28.08 -32.00
CA ARG A 352 34.65 -27.14 -31.43
C ARG A 352 34.94 -25.75 -31.98
N LYS A 353 33.90 -25.05 -32.37
CA LYS A 353 33.99 -23.66 -32.80
C LYS A 353 33.11 -22.80 -31.91
N ARG A 354 33.69 -21.73 -31.38
CA ARG A 354 32.96 -20.77 -30.56
C ARG A 354 32.42 -19.66 -31.46
N ILE A 355 31.12 -19.40 -31.36
CA ILE A 355 30.44 -18.40 -32.16
C ILE A 355 29.91 -17.33 -31.20
N SER A 356 30.31 -16.08 -31.44
CA SER A 356 29.91 -14.97 -30.60
C SER A 356 29.95 -13.69 -31.42
N ASN A 357 29.12 -12.72 -31.02
CA ASN A 357 29.07 -11.40 -31.65
C ASN A 357 28.75 -11.54 -33.14
N CYS A 358 27.57 -12.09 -33.40
CA CYS A 358 27.12 -12.31 -34.77
C CYS A 358 25.63 -12.64 -34.75
N VAL A 359 25.02 -12.54 -35.92
CA VAL A 359 23.61 -12.91 -36.11
C VAL A 359 23.57 -14.28 -36.74
N ALA A 360 23.00 -15.24 -36.02
CA ALA A 360 22.90 -16.62 -36.47
C ALA A 360 21.72 -16.75 -37.42
N ASP A 361 21.91 -17.50 -38.50
CA ASP A 361 20.87 -17.73 -39.51
C ASP A 361 20.46 -19.20 -39.41
N TYR A 362 19.49 -19.47 -38.52
CA TYR A 362 19.03 -20.83 -38.32
C TYR A 362 18.10 -21.30 -39.43
N SER A 363 17.23 -20.42 -39.94
CA SER A 363 16.27 -20.82 -40.95
C SER A 363 16.97 -21.30 -42.21
N VAL A 364 17.88 -20.48 -42.75
CA VAL A 364 18.65 -20.90 -43.93
C VAL A 364 19.56 -22.06 -43.59
N LEU A 365 20.10 -22.10 -42.37
CA LEU A 365 21.01 -23.16 -41.98
C LEU A 365 20.34 -24.53 -42.04
N TYR A 366 19.09 -24.62 -41.56
CA TYR A 366 18.40 -25.90 -41.47
C TYR A 366 17.74 -26.32 -42.78
N ASN A 367 17.71 -25.45 -43.79
CA ASN A 367 17.12 -25.77 -45.08
C ASN A 367 18.16 -25.82 -46.19
N SER A 368 19.45 -25.87 -45.83
CA SER A 368 20.51 -25.90 -46.83
C SER A 368 20.73 -27.31 -47.36
N ALA A 369 21.08 -28.24 -46.47
CA ALA A 369 21.35 -29.61 -46.85
C ALA A 369 20.26 -30.54 -46.35
N SER A 370 20.37 -31.82 -46.74
CA SER A 370 19.46 -32.87 -46.31
C SER A 370 20.09 -33.59 -45.13
N PHE A 371 19.44 -33.52 -43.97
CA PHE A 371 19.94 -34.11 -42.74
C PHE A 371 19.18 -35.38 -42.42
N SER A 372 19.91 -36.47 -42.19
CA SER A 372 19.30 -37.74 -41.82
C SER A 372 18.89 -37.80 -40.36
N THR A 373 19.35 -36.87 -39.53
CA THR A 373 18.97 -36.83 -38.13
C THR A 373 18.98 -35.37 -37.68
N PHE A 374 17.91 -34.95 -37.00
CA PHE A 374 17.78 -33.56 -36.55
C PHE A 374 16.91 -33.59 -35.29
N LYS A 375 17.54 -33.53 -34.12
CA LYS A 375 16.84 -33.61 -32.85
C LYS A 375 17.32 -32.51 -31.92
N CYS A 376 16.37 -31.72 -31.39
CA CYS A 376 16.68 -30.63 -30.48
C CYS A 376 16.09 -30.94 -29.12
N TYR A 377 16.79 -30.50 -28.07
CA TYR A 377 16.40 -30.73 -26.70
C TYR A 377 16.47 -29.41 -25.95
N GLY A 378 15.39 -29.07 -25.24
CA GLY A 378 15.33 -27.84 -24.49
C GLY A 378 15.08 -26.59 -25.30
N VAL A 379 14.89 -26.73 -26.62
CA VAL A 379 14.63 -25.58 -27.47
C VAL A 379 14.15 -26.11 -28.82
N SER A 380 13.20 -25.39 -29.42
CA SER A 380 12.70 -25.81 -30.72
C SER A 380 13.53 -25.20 -31.84
N PRO A 381 13.67 -25.87 -32.99
CA PRO A 381 14.47 -25.30 -34.08
C PRO A 381 13.97 -23.95 -34.55
N THR A 382 12.65 -23.74 -34.57
CA THR A 382 12.08 -22.51 -35.11
C THR A 382 12.13 -21.36 -34.12
N LYS A 383 12.27 -21.62 -32.82
CA LYS A 383 12.32 -20.57 -31.82
C LYS A 383 13.69 -19.94 -31.69
N LEU A 384 14.74 -20.58 -32.21
CA LEU A 384 16.08 -20.02 -32.11
C LEU A 384 16.18 -18.67 -32.81
N ASN A 385 15.31 -18.42 -33.79
CA ASN A 385 15.31 -17.13 -34.47
C ASN A 385 14.97 -15.98 -33.54
N ASP A 386 14.29 -16.26 -32.42
CA ASP A 386 13.89 -15.22 -31.49
C ASP A 386 14.75 -15.18 -30.23
N LEU A 387 15.65 -16.14 -30.05
CA LEU A 387 16.43 -16.24 -28.83
C LEU A 387 17.82 -15.64 -29.02
N CYS A 388 18.33 -15.05 -27.94
CA CYS A 388 19.70 -14.56 -27.87
C CYS A 388 20.46 -15.34 -26.82
N PHE A 389 21.75 -15.56 -27.06
CA PHE A 389 22.58 -16.34 -26.17
C PHE A 389 23.94 -15.68 -26.00
N THR A 390 24.57 -15.92 -24.85
CA THR A 390 25.90 -15.39 -24.61
C THR A 390 26.90 -15.93 -25.63
N ASN A 391 26.86 -17.23 -25.89
CA ASN A 391 27.76 -17.85 -26.85
C ASN A 391 27.06 -19.05 -27.48
N VAL A 392 27.60 -19.50 -28.61
CA VAL A 392 27.16 -20.73 -29.25
C VAL A 392 28.38 -21.60 -29.50
N TYR A 393 28.20 -22.91 -29.38
CA TYR A 393 29.28 -23.86 -29.62
C TYR A 393 28.84 -24.84 -30.69
N ALA A 394 29.65 -24.96 -31.74
CA ALA A 394 29.41 -25.89 -32.83
C ALA A 394 30.46 -26.99 -32.72
N ASP A 395 30.04 -28.18 -32.29
CA ASP A 395 30.92 -29.32 -32.15
C ASP A 395 30.72 -30.25 -33.34
N SER A 396 31.79 -30.47 -34.10
CA SER A 396 31.72 -31.23 -35.34
C SER A 396 32.63 -32.44 -35.24
N PHE A 397 32.14 -33.58 -35.74
CA PHE A 397 32.93 -34.80 -35.76
C PHE A 397 32.26 -35.79 -36.71
N VAL A 398 32.83 -37.00 -36.78
CA VAL A 398 32.33 -38.08 -37.62
C VAL A 398 32.28 -39.35 -36.79
N ILE A 399 31.20 -40.11 -36.94
CA ILE A 399 30.99 -41.35 -36.20
C ILE A 399 30.36 -42.38 -37.13
N ARG A 400 30.08 -43.56 -36.56
CA ARG A 400 29.30 -44.56 -37.26
C ARG A 400 27.82 -44.18 -37.26
N GLY A 401 27.08 -44.75 -38.22
CA GLY A 401 25.65 -44.52 -38.25
C GLY A 401 24.96 -45.07 -37.02
N ASP A 402 25.28 -46.32 -36.65
CA ASP A 402 24.68 -46.93 -35.47
C ASP A 402 25.04 -46.21 -34.19
N GLU A 403 26.12 -45.44 -34.18
CA GLU A 403 26.52 -44.65 -33.03
C GLU A 403 25.84 -43.29 -32.98
N VAL A 404 25.11 -42.91 -34.04
CA VAL A 404 24.43 -41.62 -34.04
C VAL A 404 23.44 -41.53 -32.89
N ARG A 405 22.82 -42.66 -32.53
CA ARG A 405 21.88 -42.67 -31.41
C ARG A 405 22.54 -42.30 -30.09
N GLN A 406 23.86 -42.49 -29.96
CA GLN A 406 24.56 -42.15 -28.73
C GLN A 406 24.72 -40.66 -28.52
N ILE A 407 24.49 -39.85 -29.55
CA ILE A 407 24.61 -38.40 -29.43
C ILE A 407 23.27 -37.84 -29.01
N ALA A 408 23.00 -37.83 -27.70
CA ALA A 408 21.75 -37.30 -27.16
C ALA A 408 21.85 -37.31 -25.65
N PRO A 409 21.00 -36.55 -24.96
CA PRO A 409 21.06 -36.52 -23.50
C PRO A 409 20.80 -37.90 -22.90
N GLY A 410 21.50 -38.21 -21.82
CA GLY A 410 21.27 -39.44 -21.10
C GLY A 410 21.62 -40.70 -21.84
N GLN A 411 22.53 -40.62 -22.82
CA GLN A 411 22.94 -41.78 -23.61
C GLN A 411 24.26 -42.34 -23.08
N THR A 412 24.46 -43.63 -23.32
CA THR A 412 25.67 -44.32 -22.89
C THR A 412 26.16 -45.19 -24.03
N GLY A 413 27.45 -45.51 -23.97
CA GLY A 413 28.11 -46.28 -25.01
C GLY A 413 29.54 -45.84 -25.22
N ASN A 414 30.23 -46.46 -26.18
CA ASN A 414 31.62 -46.10 -26.40
C ASN A 414 31.78 -44.63 -26.78
N ILE A 415 30.97 -44.16 -27.74
CA ILE A 415 31.05 -42.76 -28.16
C ILE A 415 30.60 -41.83 -27.02
N ALA A 416 29.48 -42.18 -26.38
CA ALA A 416 28.98 -41.34 -25.29
C ALA A 416 29.93 -41.31 -24.10
N ASP A 417 30.57 -42.44 -23.79
CA ASP A 417 31.36 -42.53 -22.57
C ASP A 417 32.79 -42.04 -22.76
N TYR A 418 33.43 -42.38 -23.88
CA TYR A 418 34.86 -42.18 -24.03
C TYR A 418 35.24 -41.22 -25.14
N ASN A 419 34.30 -40.78 -25.98
CA ASN A 419 34.65 -39.91 -27.10
C ASN A 419 33.97 -38.54 -26.98
N TYR A 420 32.66 -38.52 -26.80
CA TYR A 420 31.90 -37.27 -26.75
C TYR A 420 30.66 -37.50 -25.90
N LYS A 421 30.50 -36.70 -24.85
CA LYS A 421 29.41 -36.87 -23.90
C LYS A 421 28.58 -35.59 -23.84
N LEU A 422 27.26 -35.74 -23.86
CA LEU A 422 26.36 -34.61 -23.70
C LEU A 422 25.73 -34.62 -22.31
N PRO A 423 25.45 -33.46 -21.72
CA PRO A 423 24.80 -33.44 -20.41
C PRO A 423 23.36 -33.89 -20.49
N ASP A 424 22.86 -34.41 -19.36
CA ASP A 424 21.48 -34.87 -19.31
C ASP A 424 20.50 -33.73 -19.55
N ASP A 425 20.87 -32.52 -19.13
CA ASP A 425 20.05 -31.32 -19.34
C ASP A 425 20.55 -30.51 -20.52
N PHE A 426 21.06 -31.18 -21.55
CA PHE A 426 21.60 -30.49 -22.72
C PHE A 426 20.53 -29.64 -23.38
N THR A 427 20.87 -28.38 -23.65
CA THR A 427 19.98 -27.44 -24.32
C THR A 427 20.61 -27.09 -25.66
N GLY A 428 20.14 -27.71 -26.72
CA GLY A 428 20.69 -27.49 -28.04
C GLY A 428 20.21 -28.56 -29.00
N CYS A 429 20.81 -28.53 -30.20
CA CYS A 429 20.37 -29.38 -31.29
C CYS A 429 21.50 -30.29 -31.75
N VAL A 430 21.13 -31.47 -32.25
CA VAL A 430 22.07 -32.42 -32.85
C VAL A 430 21.60 -32.68 -34.26
N ILE A 431 22.50 -32.48 -35.22
CA ILE A 431 22.22 -32.73 -36.64
C ILE A 431 23.27 -33.71 -37.14
N ALA A 432 22.83 -34.70 -37.92
CA ALA A 432 23.74 -35.70 -38.46
C ALA A 432 23.30 -36.06 -39.87
N TRP A 433 24.29 -36.26 -40.74
CA TRP A 433 24.01 -36.63 -42.12
C TRP A 433 25.08 -37.60 -42.61
N ASN A 434 24.65 -38.54 -43.43
CA ASN A 434 25.57 -39.52 -43.98
C ASN A 434 26.64 -38.83 -44.82
N SER A 435 27.89 -39.26 -44.64
CA SER A 435 29.02 -38.72 -45.38
C SER A 435 29.78 -39.83 -46.10
N ASN A 436 29.06 -40.84 -46.58
CA ASN A 436 29.72 -41.96 -47.25
C ASN A 436 30.46 -41.49 -48.49
N ASN A 437 29.85 -40.61 -49.28
CA ASN A 437 30.49 -40.09 -50.48
C ASN A 437 31.66 -39.18 -50.17
N LEU A 438 31.84 -38.77 -48.91
CA LEU A 438 32.90 -37.85 -48.52
C LEU A 438 33.97 -38.49 -47.65
N ASP A 439 33.59 -39.34 -46.70
CA ASP A 439 34.51 -39.91 -45.73
C ASP A 439 34.76 -41.39 -45.95
N SER A 440 34.49 -41.91 -47.14
CA SER A 440 34.70 -43.32 -47.46
C SER A 440 35.65 -43.44 -48.64
N LYS A 441 36.55 -44.42 -48.55
CA LYS A 441 37.52 -44.70 -49.61
C LYS A 441 37.36 -46.14 -50.07
N VAL A 442 37.79 -46.38 -51.31
CA VAL A 442 37.70 -47.73 -51.86
C VAL A 442 38.51 -48.70 -51.02
N GLY A 443 39.74 -48.31 -50.67
CA GLY A 443 40.59 -49.11 -49.81
C GLY A 443 40.32 -48.96 -48.33
N GLY A 444 39.37 -48.11 -47.95
CA GLY A 444 39.07 -47.89 -46.55
C GLY A 444 39.67 -46.60 -46.03
N ASN A 445 38.87 -45.78 -45.36
CA ASN A 445 39.32 -44.51 -44.80
C ASN A 445 39.55 -44.73 -43.31
N TYR A 446 40.81 -44.90 -42.94
CA TYR A 446 41.20 -45.16 -41.55
C TYR A 446 41.63 -43.91 -40.81
N ASN A 447 41.51 -42.73 -41.45
CA ASN A 447 41.92 -41.50 -40.78
C ASN A 447 41.04 -41.20 -39.56
N TYR A 448 39.75 -41.49 -39.64
CA TYR A 448 38.85 -41.24 -38.53
C TYR A 448 39.02 -42.33 -37.48
N LEU A 449 39.21 -41.90 -36.23
CA LEU A 449 39.46 -42.80 -35.12
C LEU A 449 38.49 -42.51 -33.98
N TYR A 450 38.39 -43.45 -33.04
CA TYR A 450 37.55 -43.29 -31.87
C TYR A 450 38.22 -43.98 -30.69
N ARG A 451 37.97 -43.44 -29.50
CA ARG A 451 38.56 -44.00 -28.29
C ARG A 451 37.80 -45.26 -27.87
N LEU A 452 38.53 -46.33 -27.63
CA LEU A 452 37.96 -47.63 -27.27
C LEU A 452 38.12 -47.96 -25.80
N PHE A 453 39.29 -47.73 -25.22
CA PHE A 453 39.57 -48.06 -23.83
C PHE A 453 39.77 -46.78 -23.03
N ARG A 454 39.16 -46.73 -21.84
CA ARG A 454 39.33 -45.59 -20.95
C ARG A 454 38.91 -46.00 -19.55
N LYS A 455 39.66 -45.54 -18.55
CA LYS A 455 39.38 -45.94 -17.17
C LYS A 455 38.03 -45.42 -16.69
N SER A 456 37.67 -44.19 -17.05
CA SER A 456 36.44 -43.58 -16.59
C SER A 456 35.77 -42.86 -17.76
N ASN A 457 34.46 -42.66 -17.64
CA ASN A 457 33.69 -42.01 -18.67
C ASN A 457 34.00 -40.51 -18.72
N LEU A 458 33.80 -39.92 -19.89
CA LEU A 458 34.04 -38.50 -20.06
C LEU A 458 32.93 -37.67 -19.42
N LYS A 459 33.32 -36.50 -18.92
CA LYS A 459 32.35 -35.51 -18.48
C LYS A 459 31.76 -34.80 -19.69
N PRO A 460 30.59 -34.16 -19.54
CA PRO A 460 29.97 -33.51 -20.70
C PRO A 460 30.89 -32.49 -21.35
N PHE A 461 30.92 -32.50 -22.67
CA PHE A 461 31.72 -31.57 -23.47
C PHE A 461 33.20 -31.69 -23.16
N GLU A 462 33.66 -32.87 -22.74
CA GLU A 462 35.06 -33.11 -22.47
C GLU A 462 35.72 -33.79 -23.66
N ARG A 463 36.91 -33.30 -24.03
CA ARG A 463 37.68 -33.84 -25.15
C ARG A 463 38.94 -34.49 -24.61
N ASP A 464 39.17 -35.74 -25.00
CA ASP A 464 40.35 -36.50 -24.60
C ASP A 464 41.10 -36.90 -25.86
N ILE A 465 42.34 -36.44 -25.99
CA ILE A 465 43.18 -36.75 -27.14
C ILE A 465 44.39 -37.58 -26.73
N SER A 466 44.36 -38.18 -25.54
CA SER A 466 45.49 -38.96 -25.06
C SER A 466 45.64 -40.24 -25.89
N THR A 467 46.89 -40.58 -26.21
CA THR A 467 47.22 -41.81 -26.92
C THR A 467 48.04 -42.75 -26.05
N GLU A 468 48.02 -42.57 -24.74
CA GLU A 468 48.79 -43.42 -23.85
C GLU A 468 48.30 -44.86 -23.91
N ILE A 469 49.23 -45.80 -23.80
CA ILE A 469 48.86 -47.21 -23.81
C ILE A 469 47.96 -47.50 -22.62
N TYR A 470 46.85 -48.17 -22.88
CA TYR A 470 45.87 -48.45 -21.83
C TYR A 470 46.31 -49.69 -21.05
N GLN A 471 46.38 -49.57 -19.73
CA GLN A 471 46.80 -50.66 -18.85
C GLN A 471 45.56 -51.46 -18.45
N ALA A 472 45.41 -52.63 -19.06
CA ALA A 472 44.30 -53.53 -18.77
C ALA A 472 44.64 -54.57 -17.71
N GLY A 473 45.86 -54.56 -17.18
CA GLY A 473 46.25 -55.53 -16.18
C GLY A 473 47.00 -54.91 -15.02
N SER A 474 47.54 -55.75 -14.13
CA SER A 474 48.27 -55.24 -12.98
C SER A 474 49.63 -54.70 -13.37
N THR A 475 50.33 -55.38 -14.28
CA THR A 475 51.68 -54.97 -14.65
C THR A 475 51.63 -53.66 -15.43
N PRO A 476 52.57 -52.74 -15.19
CA PRO A 476 52.60 -51.50 -15.98
C PRO A 476 53.01 -51.77 -17.42
N CYS A 477 52.54 -50.89 -18.31
CA CYS A 477 52.84 -51.02 -19.73
C CYS A 477 54.10 -50.25 -20.13
N ASN A 478 54.35 -49.10 -19.49
CA ASN A 478 55.53 -48.30 -19.79
C ASN A 478 55.59 -47.91 -21.26
N GLY A 479 54.43 -47.60 -21.84
CA GLY A 479 54.37 -47.18 -23.22
C GLY A 479 54.64 -48.27 -24.24
N VAL A 480 54.51 -49.53 -23.84
CA VAL A 480 54.72 -50.66 -24.74
C VAL A 480 53.39 -51.40 -24.84
N LYS A 481 52.85 -51.49 -26.06
CA LYS A 481 51.58 -52.17 -26.26
C LYS A 481 51.82 -53.65 -26.47
N GLY A 482 51.02 -54.47 -25.78
CA GLY A 482 51.13 -55.91 -25.83
C GLY A 482 49.95 -56.58 -25.17
N PHE A 483 50.21 -57.64 -24.40
CA PHE A 483 49.14 -58.27 -23.64
C PHE A 483 48.73 -57.37 -22.49
N ASN A 484 47.42 -57.15 -22.35
CA ASN A 484 46.86 -56.25 -21.35
C ASN A 484 47.39 -54.82 -21.50
N CYS A 485 47.90 -54.48 -22.68
CA CYS A 485 48.40 -53.14 -22.97
C CYS A 485 47.97 -52.80 -24.40
N TYR A 486 46.88 -52.04 -24.53
CA TYR A 486 46.23 -51.79 -25.80
C TYR A 486 46.31 -50.32 -26.16
N PHE A 487 46.46 -50.05 -27.45
CA PHE A 487 46.40 -48.67 -27.93
C PHE A 487 44.97 -48.15 -27.76
N PRO A 488 44.78 -46.97 -27.16
CA PRO A 488 43.42 -46.55 -26.77
C PRO A 488 42.51 -46.25 -27.95
N LEU A 489 43.04 -46.03 -29.15
CA LEU A 489 42.24 -45.60 -30.28
C LEU A 489 42.07 -46.73 -31.29
N GLN A 490 40.91 -46.76 -31.94
CA GLN A 490 40.59 -47.72 -32.98
C GLN A 490 40.07 -46.98 -34.21
N SER A 491 40.40 -47.53 -35.37
CA SER A 491 40.06 -46.90 -36.65
C SER A 491 38.74 -47.44 -37.19
N TYR A 492 38.00 -46.57 -37.88
CA TYR A 492 36.74 -46.95 -38.49
C TYR A 492 36.95 -47.68 -39.81
N GLY A 493 37.83 -47.16 -40.66
CA GLY A 493 38.06 -47.74 -41.97
C GLY A 493 36.81 -47.76 -42.82
N PHE A 494 36.25 -46.58 -43.10
CA PHE A 494 35.01 -46.49 -43.85
C PHE A 494 35.22 -46.87 -45.31
N GLN A 495 34.30 -47.66 -45.85
CA GLN A 495 34.27 -47.99 -47.26
C GLN A 495 32.90 -47.67 -47.85
N PRO A 496 32.82 -47.32 -49.13
CA PRO A 496 31.53 -46.92 -49.72
C PRO A 496 30.50 -48.03 -49.78
N THR A 497 30.90 -49.30 -49.69
CA THR A 497 29.99 -50.43 -49.85
C THR A 497 29.51 -50.99 -48.52
N TYR A 498 29.86 -50.36 -47.40
CA TYR A 498 29.39 -50.81 -46.11
C TYR A 498 27.89 -50.50 -45.95
N GLY A 499 27.28 -51.16 -44.97
CA GLY A 499 25.91 -50.86 -44.63
C GLY A 499 25.79 -49.52 -43.94
N VAL A 500 24.56 -48.98 -43.96
CA VAL A 500 24.34 -47.64 -43.43
C VAL A 500 24.78 -47.55 -41.98
N GLY A 501 24.67 -48.65 -41.23
CA GLY A 501 25.14 -48.66 -39.85
C GLY A 501 26.64 -48.48 -39.73
N TYR A 502 27.41 -48.99 -40.69
CA TYR A 502 28.86 -48.87 -40.68
C TYR A 502 29.37 -47.74 -41.56
N GLN A 503 28.46 -46.98 -42.21
CA GLN A 503 28.90 -45.87 -43.05
C GLN A 503 29.20 -44.65 -42.20
N PRO A 504 30.08 -43.77 -42.66
CA PRO A 504 30.40 -42.56 -41.87
C PRO A 504 29.23 -41.60 -41.83
N TYR A 505 29.10 -40.91 -40.70
CA TYR A 505 28.08 -39.89 -40.51
C TYR A 505 28.73 -38.67 -39.87
N ARG A 506 28.55 -37.51 -40.50
CA ARG A 506 29.04 -36.25 -39.97
C ARG A 506 27.99 -35.67 -39.03
N VAL A 507 28.43 -35.31 -37.82
CA VAL A 507 27.55 -34.84 -36.77
C VAL A 507 28.00 -33.46 -36.32
N VAL A 508 27.05 -32.54 -36.25
CA VAL A 508 27.25 -31.19 -35.72
C VAL A 508 26.27 -30.99 -34.58
N VAL A 509 26.79 -30.60 -33.42
CA VAL A 509 25.98 -30.33 -32.23
C VAL A 509 26.09 -28.85 -31.94
N LEU A 510 24.94 -28.17 -31.91
CA LEU A 510 24.86 -26.75 -31.58
C LEU A 510 24.39 -26.63 -30.14
N SER A 511 25.28 -26.11 -29.28
CA SER A 511 24.97 -25.83 -27.89
C SER A 511 24.89 -24.32 -27.69
N PHE A 512 24.02 -23.90 -26.77
CA PHE A 512 23.75 -22.49 -26.54
C PHE A 512 24.13 -22.15 -25.10
N GLU A 513 25.24 -21.44 -24.93
CA GLU A 513 25.72 -21.02 -23.61
C GLU A 513 25.04 -19.72 -23.24
N LEU A 514 24.18 -19.76 -22.23
CA LEU A 514 23.43 -18.60 -21.75
C LEU A 514 23.88 -18.32 -20.32
N LEU A 515 24.75 -17.33 -20.17
CA LEU A 515 25.30 -16.93 -18.87
C LEU A 515 24.64 -15.64 -18.40
N HIS A 516 25.01 -15.23 -17.19
CA HIS A 516 24.56 -13.96 -16.62
C HIS A 516 25.45 -12.81 -17.12
N ALA A 517 25.57 -12.73 -18.44
CA ALA A 517 26.34 -11.70 -19.11
C ALA A 517 25.59 -11.24 -20.34
N PRO A 518 25.85 -10.03 -20.82
CA PRO A 518 25.16 -9.56 -22.02
C PRO A 518 25.36 -10.52 -23.19
N ALA A 519 24.27 -10.78 -23.91
CA ALA A 519 24.31 -11.74 -25.01
C ALA A 519 25.05 -11.17 -26.21
N THR A 520 25.59 -12.06 -27.04
CA THR A 520 26.33 -11.66 -28.22
C THR A 520 25.82 -12.32 -29.50
N VAL A 521 24.96 -13.34 -29.40
CA VAL A 521 24.43 -14.05 -30.56
C VAL A 521 22.92 -14.02 -30.48
N CYS A 522 22.28 -13.68 -31.60
CA CYS A 522 20.82 -13.66 -31.69
C CYS A 522 20.35 -14.30 -32.99
N GLY A 523 19.08 -14.06 -33.34
CA GLY A 523 18.51 -14.63 -34.56
C GLY A 523 18.17 -13.58 -35.60
N PRO A 524 17.60 -14.02 -36.73
CA PRO A 524 17.20 -13.16 -37.83
C PRO A 524 16.18 -12.10 -37.40
N LYS A 525 16.26 -10.92 -38.01
CA LYS A 525 15.33 -9.84 -37.71
C LYS A 525 14.18 -9.80 -38.72
N LYS A 526 13.08 -9.19 -38.32
CA LYS A 526 11.91 -9.07 -39.18
C LYS A 526 11.45 -7.61 -39.30
N SER A 527 11.62 -7.05 -40.49
CA SER A 527 11.25 -5.66 -40.76
C SER A 527 10.18 -5.64 -41.84
N THR A 528 9.04 -5.06 -41.52
CA THR A 528 7.94 -4.93 -42.47
C THR A 528 8.11 -3.66 -43.29
N ASN A 529 7.30 -3.54 -44.34
CA ASN A 529 7.32 -2.35 -45.18
C ASN A 529 6.85 -1.14 -44.38
N LEU A 530 7.46 0.01 -44.68
CA LEU A 530 7.14 1.23 -43.96
C LEU A 530 5.79 1.78 -44.41
N VAL A 531 5.04 2.33 -43.46
CA VAL A 531 3.72 2.92 -43.71
C VAL A 531 3.74 4.33 -43.17
N LYS A 532 3.19 5.27 -43.95
CA LYS A 532 3.21 6.69 -43.60
C LYS A 532 1.81 7.26 -43.70
N ASN A 533 1.60 8.36 -42.96
CA ASN A 533 0.32 9.07 -42.97
C ASN A 533 -0.83 8.16 -42.55
N LYS A 534 -0.62 7.39 -41.48
CA LYS A 534 -1.66 6.54 -40.93
C LYS A 534 -1.23 6.08 -39.55
N CYS A 535 -2.15 6.16 -38.60
CA CYS A 535 -1.86 5.75 -37.22
C CYS A 535 -1.54 4.26 -37.20
N VAL A 536 -0.28 3.94 -36.90
CA VAL A 536 0.18 2.56 -36.88
C VAL A 536 0.96 2.32 -35.59
N ASN A 537 1.10 1.05 -35.24
CA ASN A 537 1.90 0.63 -34.09
C ASN A 537 3.31 0.33 -34.59
N PHE A 538 4.19 1.31 -34.45
CA PHE A 538 5.53 1.24 -35.00
C PHE A 538 6.52 0.70 -33.97
N ASN A 539 7.61 0.12 -34.49
CA ASN A 539 8.70 -0.36 -33.65
C ASN A 539 10.00 -0.15 -34.42
N PHE A 540 10.88 0.68 -33.87
CA PHE A 540 12.17 0.98 -34.48
C PHE A 540 13.28 0.56 -33.53
N ASN A 541 14.00 -0.51 -33.88
CA ASN A 541 15.16 -0.97 -33.11
C ASN A 541 14.80 -1.17 -31.64
N GLY A 542 13.64 -1.77 -31.39
CA GLY A 542 13.19 -2.05 -30.05
C GLY A 542 12.42 -0.92 -29.40
N LEU A 543 12.49 0.29 -29.95
CA LEU A 543 11.69 1.41 -29.47
C LEU A 543 10.28 1.25 -30.02
N THR A 544 9.35 0.84 -29.16
CA THR A 544 7.96 0.65 -29.56
C THR A 544 7.16 1.93 -29.32
N GLY A 545 6.12 2.10 -30.13
CA GLY A 545 5.25 3.25 -29.96
C GLY A 545 4.09 3.13 -30.92
N THR A 546 3.15 4.07 -30.77
CA THR A 546 1.98 4.14 -31.63
C THR A 546 1.82 5.58 -32.10
N GLY A 547 1.69 5.77 -33.40
CA GLY A 547 1.60 7.12 -33.93
C GLY A 547 1.53 7.12 -35.44
N VAL A 548 1.55 8.32 -35.99
CA VAL A 548 1.54 8.54 -37.42
C VAL A 548 2.95 8.91 -37.85
N LEU A 549 3.52 8.12 -38.76
CA LEU A 549 4.86 8.36 -39.27
C LEU A 549 4.75 9.15 -40.57
N THR A 550 5.45 10.29 -40.63
CA THR A 550 5.39 11.17 -41.78
C THR A 550 6.80 11.58 -42.19
N GLU A 551 6.93 11.97 -43.46
CA GLU A 551 8.21 12.47 -43.93
C GLU A 551 8.57 13.77 -43.21
N SER A 552 9.83 13.89 -42.81
CA SER A 552 10.28 14.97 -41.95
C SER A 552 11.35 15.80 -42.65
N ASN A 553 11.41 17.09 -42.29
CA ASN A 553 12.44 17.99 -42.76
C ASN A 553 13.55 18.20 -41.73
N LYS A 554 13.48 17.52 -40.59
CA LYS A 554 14.48 17.72 -39.55
C LYS A 554 15.85 17.25 -40.01
N LYS A 555 16.89 17.98 -39.60
CA LYS A 555 18.26 17.68 -39.99
C LYS A 555 18.96 16.90 -38.88
N PHE A 556 18.63 15.62 -38.81
CA PHE A 556 19.26 14.73 -37.83
C PHE A 556 20.75 14.65 -38.09
N LEU A 557 21.53 14.57 -37.01
CA LEU A 557 22.96 14.35 -37.15
C LEU A 557 23.23 12.88 -37.49
N PRO A 558 24.37 12.58 -38.12
CA PRO A 558 24.60 11.20 -38.57
C PRO A 558 24.53 10.16 -37.46
N PHE A 559 24.99 10.50 -36.26
CA PHE A 559 25.07 9.55 -35.16
C PHE A 559 23.78 9.42 -34.37
N GLN A 560 22.82 10.31 -34.58
CA GLN A 560 21.60 10.34 -33.77
C GLN A 560 20.53 9.45 -34.37
N GLN A 561 19.84 8.70 -33.51
CA GLN A 561 18.83 7.75 -33.93
C GLN A 561 17.41 8.14 -33.57
N PHE A 562 17.23 9.03 -32.59
CA PHE A 562 15.91 9.41 -32.13
C PHE A 562 15.85 10.91 -31.92
N GLY A 563 14.62 11.43 -31.83
CA GLY A 563 14.41 12.82 -31.54
C GLY A 563 13.33 13.01 -30.50
N ARG A 564 13.67 13.66 -29.39
CA ARG A 564 12.73 13.89 -28.29
C ARG A 564 12.41 15.38 -28.20
N ASP A 565 11.57 15.71 -27.21
CA ASP A 565 11.09 17.07 -27.02
C ASP A 565 11.05 17.35 -25.52
N ILE A 566 10.38 18.42 -25.14
CA ILE A 566 10.29 18.78 -23.72
C ILE A 566 9.68 17.63 -22.92
N ALA A 567 8.64 17.00 -23.48
CA ALA A 567 8.03 15.85 -22.82
C ALA A 567 8.95 14.63 -22.80
N ASP A 568 10.06 14.67 -23.53
CA ASP A 568 10.96 13.53 -23.67
C ASP A 568 10.33 12.37 -24.42
N THR A 569 9.18 12.61 -25.05
CA THR A 569 8.52 11.60 -25.86
C THR A 569 9.14 11.59 -27.26
N THR A 570 9.13 10.42 -27.88
CA THR A 570 9.74 10.27 -29.19
C THR A 570 8.99 11.11 -30.21
N ASP A 571 9.61 12.22 -30.64
CA ASP A 571 9.01 13.09 -31.64
C ASP A 571 9.50 12.79 -33.04
N ALA A 572 10.65 12.15 -33.19
CA ALA A 572 11.18 11.79 -34.49
C ALA A 572 11.97 10.51 -34.37
N VAL A 573 12.16 9.82 -35.49
CA VAL A 573 12.91 8.58 -35.54
C VAL A 573 13.67 8.51 -36.86
N ARG A 574 14.60 7.57 -36.94
CA ARG A 574 15.38 7.32 -38.14
C ARG A 574 15.14 5.89 -38.58
N ASP A 575 14.76 5.70 -39.83
CA ASP A 575 14.53 4.35 -40.33
C ASP A 575 15.84 3.59 -40.35
N PRO A 576 15.96 2.48 -39.61
CA PRO A 576 17.26 1.80 -39.54
C PRO A 576 17.78 1.31 -40.88
N GLN A 577 16.91 0.87 -41.78
CA GLN A 577 17.36 0.35 -43.06
C GLN A 577 17.75 1.48 -44.00
N THR A 578 16.79 2.33 -44.35
CA THR A 578 17.05 3.51 -45.16
C THR A 578 17.18 4.71 -44.24
N LEU A 579 18.33 5.38 -44.29
CA LEU A 579 18.61 6.47 -43.37
C LEU A 579 17.82 7.72 -43.73
N GLU A 580 16.51 7.69 -43.47
CA GLU A 580 15.64 8.84 -43.67
C GLU A 580 14.87 9.11 -42.38
N ILE A 581 14.67 10.37 -42.09
CA ILE A 581 14.07 10.79 -40.82
C ILE A 581 12.56 10.83 -40.97
N LEU A 582 11.86 10.41 -39.92
CA LEU A 582 10.40 10.38 -39.90
C LEU A 582 9.89 11.08 -38.65
N ASP A 583 8.96 12.01 -38.84
CA ASP A 583 8.28 12.65 -37.72
C ASP A 583 7.14 11.78 -37.22
N ILE A 584 7.05 11.67 -35.90
CA ILE A 584 6.00 10.91 -35.24
C ILE A 584 4.97 11.88 -34.68
N THR A 585 3.72 11.71 -35.09
CA THR A 585 2.63 12.51 -34.57
C THR A 585 1.70 11.65 -33.74
N PRO A 586 1.18 12.15 -32.62
CA PRO A 586 0.28 11.32 -31.81
C PRO A 586 -0.94 10.90 -32.61
N CYS A 587 -1.40 9.67 -32.37
CA CYS A 587 -2.57 9.17 -33.07
C CYS A 587 -3.78 10.08 -32.75
N SER A 588 -4.32 10.71 -33.79
CA SER A 588 -5.45 11.66 -33.69
C SER A 588 -6.57 11.34 -32.69
N PHE A 589 -7.01 12.37 -31.98
CA PHE A 589 -8.08 12.24 -30.97
C PHE A 589 -8.64 13.58 -30.52
N GLY A 590 -9.78 13.53 -29.84
CA GLY A 590 -10.36 14.73 -29.31
C GLY A 590 -11.77 14.55 -28.78
N GLY A 591 -12.26 15.53 -28.03
CA GLY A 591 -13.60 15.42 -27.50
C GLY A 591 -14.65 15.38 -28.59
N VAL A 592 -15.77 14.75 -28.29
CA VAL A 592 -16.91 14.68 -29.18
C VAL A 592 -18.08 15.27 -28.41
N SER A 593 -18.56 16.41 -28.89
CA SER A 593 -19.71 17.12 -28.32
C SER A 593 -20.87 17.04 -29.29
N VAL A 594 -22.05 17.42 -28.81
CA VAL A 594 -23.29 17.28 -29.57
C VAL A 594 -24.05 18.60 -29.49
N ILE A 595 -24.07 19.34 -30.58
CA ILE A 595 -24.88 20.55 -30.69
C ILE A 595 -26.31 20.10 -30.94
N THR A 596 -27.18 20.29 -29.95
CA THR A 596 -28.56 19.84 -30.04
C THR A 596 -29.49 20.96 -29.63
N PRO A 597 -30.43 21.38 -30.48
CA PRO A 597 -31.55 22.17 -29.98
C PRO A 597 -32.42 21.33 -29.08
N GLY A 598 -33.06 21.97 -28.11
CA GLY A 598 -33.84 21.25 -27.12
C GLY A 598 -34.64 20.11 -27.71
N THR A 599 -34.54 18.93 -27.11
CA THR A 599 -35.31 17.79 -27.62
C THR A 599 -36.78 18.13 -27.73
N ASN A 600 -37.28 18.95 -26.80
CA ASN A 600 -38.64 19.45 -26.92
C ASN A 600 -38.85 20.19 -28.24
N THR A 601 -37.78 20.77 -28.80
CA THR A 601 -37.86 21.47 -30.07
C THR A 601 -37.63 20.53 -31.26
N SER A 602 -36.60 19.68 -31.18
CA SER A 602 -36.28 18.79 -32.28
C SER A 602 -35.28 17.75 -31.79
N ASN A 603 -35.28 16.59 -32.44
CA ASN A 603 -34.36 15.51 -32.13
C ASN A 603 -33.13 15.51 -33.03
N GLN A 604 -33.09 16.34 -34.06
CA GLN A 604 -31.95 16.41 -34.95
C GLN A 604 -30.79 17.10 -34.23
N VAL A 605 -29.59 16.52 -34.35
CA VAL A 605 -28.41 17.04 -33.67
C VAL A 605 -27.24 17.03 -34.63
N ALA A 606 -26.26 17.87 -34.33
CA ALA A 606 -24.98 17.88 -35.01
C ALA A 606 -23.90 17.43 -34.04
N VAL A 607 -22.82 16.88 -34.58
CA VAL A 607 -21.74 16.32 -33.78
C VAL A 607 -20.46 17.08 -34.09
N LEU A 608 -19.79 17.57 -33.05
CA LEU A 608 -18.54 18.31 -33.18
C LEU A 608 -17.41 17.43 -32.66
N TYR A 609 -16.42 17.20 -33.50
CA TYR A 609 -15.18 16.56 -33.09
C TYR A 609 -14.15 17.67 -32.92
N GLN A 610 -13.75 17.92 -31.67
CA GLN A 610 -13.00 19.12 -31.34
C GLN A 610 -11.54 18.96 -31.74
N GLY A 611 -11.06 19.87 -32.59
CA GLY A 611 -9.66 19.92 -32.91
C GLY A 611 -9.16 18.80 -33.79
N VAL A 612 -10.03 18.16 -34.56
CA VAL A 612 -9.63 17.11 -35.48
C VAL A 612 -9.98 17.55 -36.89
N ASN A 613 -9.03 17.36 -37.81
CA ASN A 613 -9.28 17.67 -39.22
C ASN A 613 -10.42 16.82 -39.75
N CYS A 614 -11.11 17.34 -40.76
CA CYS A 614 -12.22 16.58 -41.34
C CYS A 614 -11.71 15.54 -42.33
N THR A 615 -10.74 14.73 -41.89
CA THR A 615 -10.23 13.66 -42.73
C THR A 615 -10.14 12.35 -41.94
N GLU A 616 -9.98 12.46 -40.62
CA GLU A 616 -9.85 11.30 -39.76
C GLU A 616 -11.20 10.77 -39.26
N VAL A 617 -12.28 11.48 -39.53
CA VAL A 617 -13.61 11.05 -39.09
C VAL A 617 -14.09 9.95 -40.02
N PRO A 618 -14.84 8.97 -39.54
CA PRO A 618 -15.35 7.94 -40.47
C PRO A 618 -16.17 8.51 -41.63
N VAL A 619 -17.18 9.32 -41.32
CA VAL A 619 -18.02 9.92 -42.35
C VAL A 619 -19.00 10.89 -41.71
N ASN A 638 -22.42 17.96 -45.70
CA ASN A 638 -22.79 18.16 -44.31
C ASN A 638 -21.59 18.00 -43.39
N VAL A 639 -20.44 18.49 -43.83
CA VAL A 639 -19.22 18.48 -43.04
C VAL A 639 -18.57 19.85 -43.13
N PHE A 640 -18.29 20.46 -41.98
CA PHE A 640 -17.75 21.81 -41.89
C PHE A 640 -16.47 21.74 -41.09
N GLN A 641 -15.41 22.37 -41.61
CA GLN A 641 -14.10 22.36 -40.97
C GLN A 641 -13.82 23.75 -40.41
N THR A 642 -14.09 23.92 -39.12
CA THR A 642 -13.79 25.17 -38.42
C THR A 642 -12.59 24.96 -37.50
N ARG A 643 -12.03 26.08 -37.03
CA ARG A 643 -10.87 25.98 -36.15
C ARG A 643 -11.21 25.21 -34.88
N ALA A 644 -12.47 25.25 -34.45
CA ALA A 644 -12.86 24.46 -33.29
C ALA A 644 -12.77 22.97 -33.56
N GLY A 645 -13.06 22.56 -34.79
CA GLY A 645 -12.97 21.16 -35.16
C GLY A 645 -13.85 20.87 -36.36
N CYS A 646 -14.24 19.61 -36.47
CA CYS A 646 -15.07 19.15 -37.57
C CYS A 646 -16.51 19.02 -37.08
N LEU A 647 -17.41 19.77 -37.70
CA LEU A 647 -18.83 19.81 -37.33
C LEU A 647 -19.61 19.08 -38.41
N ILE A 648 -20.32 18.03 -38.02
CA ILE A 648 -21.03 17.15 -38.94
C ILE A 648 -22.51 17.22 -38.61
N GLY A 649 -23.32 17.56 -39.60
CA GLY A 649 -24.73 17.77 -39.39
C GLY A 649 -25.14 19.22 -39.29
N ALA A 650 -24.24 20.16 -39.57
CA ALA A 650 -24.53 21.58 -39.55
C ALA A 650 -24.32 22.15 -40.94
N GLU A 651 -25.31 22.90 -41.42
CA GLU A 651 -25.25 23.51 -42.74
C GLU A 651 -24.63 24.89 -42.62
N HIS A 652 -23.42 25.05 -43.15
CA HIS A 652 -22.73 26.33 -43.07
C HIS A 652 -23.55 27.41 -43.76
N VAL A 653 -23.70 28.55 -43.08
CA VAL A 653 -24.49 29.67 -43.57
C VAL A 653 -23.62 30.90 -43.59
N ASN A 654 -23.63 31.62 -44.71
CA ASN A 654 -22.88 32.87 -44.80
C ASN A 654 -23.51 33.97 -43.96
N ASN A 655 -24.84 33.98 -43.86
CA ASN A 655 -25.50 34.98 -43.03
C ASN A 655 -25.07 34.83 -41.58
N SER A 656 -24.95 35.97 -40.90
CA SER A 656 -24.48 36.01 -39.52
C SER A 656 -25.62 36.48 -38.61
N TYR A 657 -25.91 35.69 -37.59
CA TYR A 657 -26.90 36.03 -36.57
C TYR A 657 -26.21 36.04 -35.21
N GLU A 658 -26.98 36.35 -34.18
CA GLU A 658 -26.45 36.32 -32.82
C GLU A 658 -26.09 34.89 -32.44
N CYS A 659 -25.16 34.76 -31.50
CA CYS A 659 -24.72 33.44 -31.07
C CYS A 659 -25.84 32.74 -30.29
N ASP A 660 -26.08 31.48 -30.63
CA ASP A 660 -27.12 30.68 -29.98
C ASP A 660 -26.53 29.53 -29.19
N ILE A 661 -25.72 28.68 -29.82
CA ILE A 661 -25.07 27.56 -29.14
C ILE A 661 -23.58 27.66 -29.45
N PRO A 662 -22.78 28.31 -28.62
CA PRO A 662 -21.40 28.61 -29.02
C PRO A 662 -20.55 27.37 -29.20
N ILE A 663 -20.20 27.07 -30.45
CA ILE A 663 -19.27 25.98 -30.73
C ILE A 663 -17.85 26.39 -30.40
N GLY A 664 -17.44 27.56 -30.86
CA GLY A 664 -16.12 28.09 -30.57
C GLY A 664 -15.44 28.65 -31.82
N ALA A 665 -14.34 29.34 -31.58
CA ALA A 665 -13.58 30.00 -32.64
C ALA A 665 -14.44 31.02 -33.38
N GLY A 666 -15.42 31.60 -32.69
CA GLY A 666 -16.33 32.53 -33.32
C GLY A 666 -17.48 31.87 -34.06
N ILE A 667 -17.58 30.55 -34.03
CA ILE A 667 -18.65 29.82 -34.71
C ILE A 667 -19.71 29.44 -33.68
N CYS A 668 -20.96 29.79 -33.99
CA CYS A 668 -22.11 29.40 -33.17
C CYS A 668 -23.15 28.75 -34.06
N ALA A 669 -23.84 27.75 -33.51
CA ALA A 669 -24.79 26.94 -34.26
C ALA A 669 -26.18 27.13 -33.67
N SER A 670 -27.17 27.36 -34.55
CA SER A 670 -28.55 27.56 -34.15
C SER A 670 -29.46 26.72 -35.02
N TYR A 671 -30.57 26.29 -34.44
CA TYR A 671 -31.57 25.51 -35.17
C TYR A 671 -32.57 26.48 -35.80
N GLN A 672 -32.58 26.52 -37.13
CA GLN A 672 -33.42 27.47 -37.85
C GLN A 672 -33.76 26.92 -39.21
N THR A 673 -34.71 27.56 -39.88
CA THR A 673 -35.12 27.17 -41.22
C THR A 673 -33.95 27.26 -42.19
N SER A 686 -38.21 20.95 -42.37
CA SER A 686 -37.33 21.73 -43.23
C SER A 686 -36.22 22.38 -42.40
N GLN A 687 -36.54 22.72 -41.15
CA GLN A 687 -35.57 23.36 -40.28
C GLN A 687 -34.38 22.44 -40.02
N SER A 688 -33.20 23.04 -39.95
CA SER A 688 -31.97 22.29 -39.72
C SER A 688 -31.06 23.11 -38.83
N ILE A 689 -29.94 22.53 -38.44
CA ILE A 689 -28.95 23.19 -37.60
C ILE A 689 -27.93 23.87 -38.51
N ILE A 690 -27.80 25.18 -38.37
CA ILE A 690 -26.92 25.99 -39.21
C ILE A 690 -25.84 26.58 -38.31
N ALA A 691 -24.59 26.40 -38.70
CA ALA A 691 -23.46 27.00 -38.01
C ALA A 691 -22.97 28.21 -38.77
N TYR A 692 -22.66 29.28 -38.05
CA TYR A 692 -22.29 30.54 -38.69
C TYR A 692 -21.31 31.29 -37.80
N THR A 693 -20.54 32.16 -38.42
CA THR A 693 -19.68 33.09 -37.69
C THR A 693 -20.57 34.04 -36.91
N MET A 694 -20.56 33.92 -35.58
CA MET A 694 -21.53 34.63 -34.76
C MET A 694 -21.37 36.13 -34.94
N SER A 695 -22.50 36.83 -34.93
CA SER A 695 -22.52 38.27 -35.11
C SER A 695 -22.40 38.97 -33.75
N LEU A 696 -21.60 40.04 -33.72
CA LEU A 696 -21.40 40.80 -32.50
C LEU A 696 -22.41 41.94 -32.39
N GLY A 697 -23.69 41.63 -32.50
CA GLY A 697 -24.70 42.66 -32.46
C GLY A 697 -24.79 43.43 -33.76
N VAL A 698 -25.65 44.45 -33.75
CA VAL A 698 -25.90 45.29 -34.91
C VAL A 698 -24.94 46.48 -34.94
N GLU A 699 -24.46 46.80 -36.14
CA GLU A 699 -23.53 47.92 -36.31
C GLU A 699 -24.27 49.26 -36.31
N ASN A 700 -23.71 50.25 -35.62
CA ASN A 700 -24.31 51.57 -35.55
C ASN A 700 -23.26 52.68 -35.60
N SER A 701 -23.46 53.63 -36.51
CA SER A 701 -22.53 54.75 -36.66
C SER A 701 -23.10 56.01 -36.02
N VAL A 702 -22.46 56.46 -34.94
CA VAL A 702 -22.92 57.67 -34.26
C VAL A 702 -22.68 58.87 -35.16
N ALA A 703 -23.72 59.66 -35.39
CA ALA A 703 -23.62 60.80 -36.28
C ALA A 703 -22.84 61.92 -35.60
N TYR A 704 -21.55 61.70 -35.37
CA TYR A 704 -20.74 62.63 -34.60
C TYR A 704 -20.28 63.80 -35.47
N SER A 705 -20.31 64.99 -34.89
CA SER A 705 -19.76 66.18 -35.51
C SER A 705 -19.42 67.16 -34.41
N ASN A 706 -18.51 68.09 -34.73
CA ASN A 706 -18.00 68.98 -33.69
C ASN A 706 -19.04 69.95 -33.16
N ASN A 707 -20.20 70.06 -33.80
CA ASN A 707 -21.22 71.02 -33.38
C ASN A 707 -22.59 70.38 -33.38
N SER A 708 -22.69 69.15 -32.87
CA SER A 708 -23.97 68.45 -32.80
C SER A 708 -24.05 67.66 -31.52
N ILE A 709 -25.12 67.87 -30.76
CA ILE A 709 -25.37 67.15 -29.52
C ILE A 709 -26.77 66.57 -29.58
N ALA A 710 -26.92 65.32 -29.20
CA ALA A 710 -28.22 64.67 -29.12
C ALA A 710 -28.66 64.64 -27.68
N ILE A 711 -29.78 65.28 -27.37
CA ILE A 711 -30.28 65.33 -26.00
C ILE A 711 -31.56 64.50 -25.94
N PRO A 712 -31.78 63.71 -24.88
CA PRO A 712 -32.99 62.91 -24.80
C PRO A 712 -34.17 63.75 -24.33
N THR A 713 -35.29 63.63 -25.04
CA THR A 713 -36.50 64.38 -24.73
C THR A 713 -37.46 63.61 -23.84
N ASN A 714 -37.12 62.39 -23.45
CA ASN A 714 -38.03 61.53 -22.71
C ASN A 714 -37.21 60.51 -21.96
N PHE A 715 -37.87 59.77 -21.07
CA PHE A 715 -37.18 58.78 -20.26
C PHE A 715 -38.08 57.57 -20.06
N THR A 716 -37.51 56.53 -19.50
CA THR A 716 -38.24 55.34 -19.10
C THR A 716 -37.62 54.81 -17.81
N ILE A 717 -38.48 54.42 -16.88
CA ILE A 717 -38.05 53.88 -15.60
C ILE A 717 -38.03 52.36 -15.74
N SER A 718 -36.83 51.80 -15.89
CA SER A 718 -36.66 50.38 -16.15
C SER A 718 -36.31 49.68 -14.84
N VAL A 719 -37.10 48.68 -14.48
CA VAL A 719 -36.85 47.87 -13.29
C VAL A 719 -36.25 46.57 -13.76
N THR A 720 -34.93 46.45 -13.65
CA THR A 720 -34.24 45.22 -13.98
C THR A 720 -34.04 44.37 -12.72
N THR A 721 -33.52 43.17 -12.91
CA THR A 721 -33.32 42.23 -11.83
C THR A 721 -31.86 41.78 -11.81
N GLU A 722 -31.33 41.58 -10.59
CA GLU A 722 -29.96 41.14 -10.41
C GLU A 722 -29.96 40.09 -9.31
N ILE A 723 -29.65 38.85 -9.66
CA ILE A 723 -29.77 37.71 -8.76
C ILE A 723 -28.37 37.28 -8.35
N LEU A 724 -28.09 37.31 -7.05
CA LEU A 724 -26.76 37.02 -6.53
C LEU A 724 -26.84 35.89 -5.51
N PRO A 725 -26.09 34.81 -5.68
CA PRO A 725 -25.93 33.85 -4.58
C PRO A 725 -25.33 34.54 -3.37
N VAL A 726 -25.84 34.19 -2.19
CA VAL A 726 -25.39 34.76 -0.93
C VAL A 726 -24.81 33.70 -0.01
N SER A 727 -25.45 32.53 0.06
CA SER A 727 -24.99 31.44 0.90
C SER A 727 -25.29 30.14 0.18
N MET A 728 -24.63 29.08 0.65
CA MET A 728 -24.82 27.74 0.10
C MET A 728 -25.19 26.80 1.25
N THR A 729 -25.52 25.56 0.89
CA THR A 729 -25.92 24.59 1.89
C THR A 729 -24.81 24.38 2.90
N LYS A 730 -25.17 24.33 4.17
CA LYS A 730 -24.22 24.09 5.25
C LYS A 730 -24.15 22.58 5.47
N THR A 731 -23.15 21.94 4.88
CA THR A 731 -23.01 20.50 4.94
C THR A 731 -21.84 20.14 5.85
N SER A 732 -22.09 19.23 6.78
CA SER A 732 -21.05 18.62 7.59
C SER A 732 -21.01 17.13 7.26
N VAL A 733 -19.81 16.54 7.35
CA VAL A 733 -19.61 15.14 7.02
C VAL A 733 -18.93 14.47 8.19
N ASP A 734 -19.56 13.42 8.72
CA ASP A 734 -18.99 12.64 9.81
C ASP A 734 -17.89 11.75 9.21
N CYS A 735 -16.67 12.27 9.22
CA CYS A 735 -15.56 11.60 8.55
C CYS A 735 -15.45 10.15 8.97
N THR A 736 -15.49 9.88 10.27
CA THR A 736 -15.37 8.51 10.75
C THR A 736 -16.50 7.65 10.20
N MET A 737 -17.75 8.11 10.33
CA MET A 737 -18.88 7.31 9.88
C MET A 737 -18.86 7.11 8.37
N TYR A 738 -18.50 8.15 7.62
CA TYR A 738 -18.47 8.03 6.17
C TYR A 738 -17.41 7.03 5.73
N ILE A 739 -16.19 7.19 6.22
CA ILE A 739 -15.10 6.33 5.77
C ILE A 739 -15.27 4.91 6.30
N CYS A 740 -15.72 4.77 7.54
CA CYS A 740 -15.72 3.51 8.27
C CYS A 740 -17.06 3.25 8.92
N GLY A 741 -18.14 3.37 8.14
CA GLY A 741 -19.47 3.27 8.71
C GLY A 741 -19.69 2.01 9.52
N ASP A 742 -19.81 2.17 10.84
CA ASP A 742 -20.14 1.07 11.75
C ASP A 742 -19.17 -0.11 11.58
N SER A 743 -17.87 0.18 11.58
CA SER A 743 -16.84 -0.85 11.50
C SER A 743 -15.73 -0.51 12.49
N THR A 744 -15.52 -1.39 13.47
CA THR A 744 -14.49 -1.14 14.47
C THR A 744 -13.09 -1.31 13.90
N GLU A 745 -12.88 -2.38 13.12
CA GLU A 745 -11.56 -2.59 12.53
C GLU A 745 -11.21 -1.46 11.57
N CYS A 746 -12.18 -1.02 10.79
CA CYS A 746 -11.94 0.11 9.88
C CYS A 746 -11.59 1.36 10.67
N SER A 747 -12.27 1.61 11.79
CA SER A 747 -11.96 2.77 12.62
C SER A 747 -10.54 2.69 13.18
N ASN A 748 -10.14 1.50 13.65
CA ASN A 748 -8.79 1.34 14.17
C ASN A 748 -7.76 1.58 13.08
N LEU A 749 -8.02 1.07 11.86
CA LEU A 749 -7.11 1.34 10.75
C LEU A 749 -7.05 2.83 10.44
N LEU A 750 -8.20 3.50 10.45
CA LEU A 750 -8.24 4.92 10.10
C LEU A 750 -7.53 5.77 11.15
N LEU A 751 -7.52 5.32 12.41
CA LEU A 751 -6.83 6.09 13.44
C LEU A 751 -5.38 6.36 13.07
N GLN A 752 -4.76 5.47 12.30
CA GLN A 752 -3.35 5.61 11.97
C GLN A 752 -3.08 6.83 11.09
N TYR A 753 -4.10 7.35 10.41
CA TYR A 753 -3.91 8.48 9.49
C TYR A 753 -3.91 9.83 10.21
N GLY A 754 -3.73 9.83 11.52
CA GLY A 754 -3.55 11.09 12.22
C GLY A 754 -4.84 11.89 12.28
N SER A 755 -4.71 13.20 12.08
CA SER A 755 -5.79 14.15 12.31
C SER A 755 -6.50 14.56 11.03
N PHE A 756 -6.62 13.65 10.06
CA PHE A 756 -7.31 13.99 8.82
C PHE A 756 -8.77 14.34 9.10
N CYS A 757 -9.48 13.47 9.84
CA CYS A 757 -10.90 13.69 10.05
C CYS A 757 -11.15 15.02 10.77
N THR A 758 -10.33 15.32 11.78
CA THR A 758 -10.54 16.55 12.54
C THR A 758 -10.36 17.78 11.66
N GLN A 759 -9.36 17.76 10.77
CA GLN A 759 -9.15 18.92 9.91
C GLN A 759 -10.24 19.04 8.87
N LEU A 760 -10.73 17.92 8.34
CA LEU A 760 -11.86 17.98 7.41
C LEU A 760 -13.08 18.58 8.10
N ASN A 761 -13.36 18.14 9.32
CA ASN A 761 -14.50 18.69 10.05
C ASN A 761 -14.30 20.16 10.33
N ARG A 762 -13.07 20.57 10.67
CA ARG A 762 -12.82 21.98 10.91
C ARG A 762 -13.05 22.80 9.66
N ALA A 763 -12.61 22.31 8.50
CA ALA A 763 -12.82 23.03 7.26
C ALA A 763 -14.31 23.18 6.95
N LEU A 764 -15.06 22.09 7.08
CA LEU A 764 -16.50 22.15 6.79
C LEU A 764 -17.21 23.09 7.77
N THR A 765 -16.85 23.03 9.05
CA THR A 765 -17.46 23.93 10.03
C THR A 765 -17.13 25.38 9.73
N GLY A 766 -15.89 25.64 9.31
CA GLY A 766 -15.53 26.99 8.90
C GLY A 766 -16.37 27.47 7.72
N ILE A 767 -16.59 26.57 6.75
CA ILE A 767 -17.43 26.94 5.62
C ILE A 767 -18.85 27.27 6.09
N ALA A 768 -19.39 26.47 7.00
CA ALA A 768 -20.75 26.71 7.47
C ALA A 768 -20.85 28.05 8.19
N VAL A 769 -19.90 28.33 9.10
CA VAL A 769 -19.91 29.61 9.80
C VAL A 769 -19.75 30.75 8.80
N GLU A 770 -18.95 30.53 7.76
CA GLU A 770 -18.80 31.54 6.72
C GLU A 770 -20.13 31.82 6.03
N GLN A 771 -20.91 30.76 5.75
CA GLN A 771 -22.21 30.98 5.11
C GLN A 771 -23.14 31.77 6.02
N ASP A 772 -23.14 31.44 7.31
CA ASP A 772 -23.95 32.21 8.25
C ASP A 772 -23.54 33.68 8.24
N LYS A 773 -22.23 33.94 8.27
CA LYS A 773 -21.75 35.31 8.27
C LYS A 773 -22.09 36.02 6.95
N ASN A 774 -22.06 35.28 5.84
CA ASN A 774 -22.42 35.86 4.56
C ASN A 774 -23.87 36.34 4.57
N THR A 775 -24.78 35.49 5.04
CA THR A 775 -26.17 35.89 5.11
C THR A 775 -26.34 37.08 6.05
N GLN A 776 -25.66 37.05 7.19
CA GLN A 776 -25.73 38.17 8.13
C GLN A 776 -25.30 39.47 7.46
N GLU A 777 -24.15 39.45 6.79
CA GLU A 777 -23.64 40.66 6.14
C GLU A 777 -24.60 41.15 5.08
N VAL A 778 -25.11 40.25 4.24
CA VAL A 778 -25.93 40.67 3.12
C VAL A 778 -27.25 41.27 3.60
N PHE A 779 -27.90 40.61 4.56
CA PHE A 779 -29.23 41.03 4.98
C PHE A 779 -29.23 41.83 6.27
N ALA A 780 -28.52 41.36 7.30
CA ALA A 780 -28.56 42.03 8.59
C ALA A 780 -27.75 43.31 8.56
N GLN A 781 -28.23 44.29 7.78
CA GLN A 781 -27.63 45.61 7.73
C GLN A 781 -28.54 46.70 8.26
N VAL A 782 -29.80 46.38 8.54
CA VAL A 782 -30.76 47.35 9.06
C VAL A 782 -30.81 47.18 10.57
N LYS A 783 -30.48 48.24 11.30
CA LYS A 783 -30.37 48.13 12.75
C LYS A 783 -31.70 47.76 13.39
N GLN A 784 -32.79 48.39 12.94
CA GLN A 784 -34.12 48.13 13.47
C GLN A 784 -34.93 47.35 12.45
N ILE A 785 -36.20 47.13 12.75
CA ILE A 785 -37.13 46.44 11.84
C ILE A 785 -38.24 47.43 11.55
N TYR A 786 -38.09 48.20 10.48
CA TYR A 786 -39.12 49.14 10.08
C TYR A 786 -40.25 48.41 9.37
N LYS A 787 -41.48 48.84 9.63
CA LYS A 787 -42.63 48.29 8.94
C LYS A 787 -43.42 49.44 8.32
N THR A 788 -43.76 49.29 7.05
CA THR A 788 -44.45 50.35 6.33
C THR A 788 -45.83 50.59 6.94
N PRO A 789 -46.31 51.83 6.95
CA PRO A 789 -47.63 52.10 7.51
C PRO A 789 -48.72 51.46 6.68
N PRO A 790 -49.90 51.22 7.26
CA PRO A 790 -50.99 50.63 6.47
C PRO A 790 -51.39 51.48 5.27
N ILE A 791 -51.24 52.79 5.37
CA ILE A 791 -51.65 53.69 4.29
C ILE A 791 -50.57 53.68 3.21
N LYS A 792 -50.94 53.29 2.01
CA LYS A 792 -50.01 53.23 0.88
C LYS A 792 -50.17 54.49 0.00
N ASP A 793 -49.87 55.64 0.61
CA ASP A 793 -49.92 56.92 -0.09
C ASP A 793 -48.50 57.29 -0.52
N PHE A 794 -48.03 56.61 -1.57
CA PHE A 794 -46.67 56.77 -2.06
C PHE A 794 -46.61 57.56 -3.36
N GLY A 795 -47.48 58.55 -3.50
CA GLY A 795 -47.44 59.41 -4.68
C GLY A 795 -47.77 58.72 -5.97
N GLY A 796 -48.36 57.53 -5.92
CA GLY A 796 -48.73 56.78 -7.10
C GLY A 796 -47.92 55.52 -7.32
N PHE A 797 -46.75 55.41 -6.71
CA PHE A 797 -45.96 54.19 -6.82
C PHE A 797 -46.63 53.07 -6.04
N ASN A 798 -46.72 51.90 -6.67
CA ASN A 798 -47.48 50.77 -6.15
C ASN A 798 -46.51 49.67 -5.74
N PHE A 799 -46.29 49.51 -4.44
CA PHE A 799 -45.36 48.52 -3.92
C PHE A 799 -46.04 47.27 -3.38
N SER A 800 -47.34 47.12 -3.64
CA SER A 800 -48.05 45.97 -3.08
C SER A 800 -47.43 44.65 -3.50
N GLN A 801 -46.74 44.61 -4.63
CA GLN A 801 -46.17 43.38 -5.16
C GLN A 801 -44.77 43.09 -4.65
N ILE A 802 -44.17 43.99 -3.88
CA ILE A 802 -42.89 43.71 -3.24
C ILE A 802 -42.98 43.79 -1.72
N LEU A 803 -43.93 44.51 -1.15
CA LEU A 803 -44.11 44.53 0.28
C LEU A 803 -44.65 43.19 0.77
N PRO A 804 -44.43 42.86 2.04
CA PRO A 804 -44.90 41.57 2.53
C PRO A 804 -46.42 41.45 2.45
N ASP A 805 -46.88 40.22 2.25
CA ASP A 805 -48.31 39.94 2.15
C ASP A 805 -48.82 39.42 3.48
N PRO A 806 -49.67 40.17 4.20
CA PRO A 806 -50.20 39.64 5.46
C PRO A 806 -50.96 38.34 5.30
N SER A 807 -51.63 38.14 4.16
CA SER A 807 -52.39 36.91 3.96
C SER A 807 -51.49 35.69 4.03
N LYS A 808 -50.32 35.75 3.40
CA LYS A 808 -49.38 34.65 3.47
C LYS A 808 -48.95 34.44 4.92
N PRO A 809 -48.92 33.20 5.41
CA PRO A 809 -48.47 33.01 6.81
C PRO A 809 -47.09 33.54 7.06
N SER A 810 -46.19 33.41 6.09
CA SER A 810 -44.86 34.01 6.19
C SER A 810 -44.92 35.48 5.77
N LYS A 811 -43.97 36.26 6.29
CA LYS A 811 -43.87 37.66 5.93
C LYS A 811 -43.15 37.81 4.60
N ARG A 812 -43.61 37.08 3.59
CA ARG A 812 -42.94 36.97 2.30
C ARG A 812 -43.78 37.64 1.23
N SER A 813 -43.17 38.53 0.46
CA SER A 813 -43.90 39.25 -0.57
C SER A 813 -44.28 38.33 -1.71
N PHE A 814 -45.03 38.87 -2.67
CA PHE A 814 -45.48 38.09 -3.80
C PHE A 814 -44.31 37.64 -4.66
N ILE A 815 -43.41 38.57 -5.00
CA ILE A 815 -42.28 38.23 -5.85
C ILE A 815 -41.35 37.27 -5.13
N GLU A 816 -41.17 37.44 -3.82
CA GLU A 816 -40.40 36.46 -3.06
C GLU A 816 -41.06 35.11 -3.11
N ASP A 817 -42.40 35.07 -3.08
CA ASP A 817 -43.10 33.80 -3.19
C ASP A 817 -42.84 33.14 -4.53
N LEU A 818 -42.87 33.92 -5.62
CA LEU A 818 -42.57 33.37 -6.93
C LEU A 818 -41.14 32.83 -6.97
N LEU A 819 -40.19 33.59 -6.45
CA LEU A 819 -38.80 33.15 -6.47
C LEU A 819 -38.62 31.87 -5.68
N PHE A 820 -39.26 31.75 -4.52
CA PHE A 820 -39.16 30.54 -3.73
C PHE A 820 -39.81 29.36 -4.45
N ASN A 821 -40.94 29.58 -5.09
CA ASN A 821 -41.60 28.49 -5.83
C ASN A 821 -40.73 28.02 -6.99
N LYS A 822 -40.09 28.94 -7.70
CA LYS A 822 -39.32 28.57 -8.88
C LYS A 822 -38.09 27.74 -8.51
N VAL A 823 -37.19 28.32 -7.72
CA VAL A 823 -35.96 27.62 -7.36
C VAL A 823 -36.30 26.41 -6.50
N THR A 824 -35.76 25.26 -6.87
CA THR A 824 -36.03 24.02 -6.15
C THR A 824 -34.86 23.61 -5.27
N PHE A 852 -27.07 10.87 4.46
CA PHE A 852 -27.42 9.69 5.25
C PHE A 852 -26.28 8.68 5.28
N ASN A 853 -25.07 9.15 5.02
CA ASN A 853 -23.84 8.39 5.18
C ASN A 853 -22.84 9.18 6.01
N GLY A 854 -23.33 9.81 7.07
CA GLY A 854 -22.58 10.82 7.77
C GLY A 854 -22.68 12.20 7.18
N LEU A 855 -23.50 12.37 6.14
CA LEU A 855 -23.67 13.65 5.46
C LEU A 855 -24.90 14.35 6.05
N THR A 856 -24.67 15.34 6.90
CA THR A 856 -25.75 16.09 7.53
C THR A 856 -25.77 17.51 6.98
N VAL A 857 -26.97 18.07 6.87
CA VAL A 857 -27.18 19.42 6.35
C VAL A 857 -27.62 20.29 7.50
N LEU A 858 -26.71 21.12 8.00
CA LEU A 858 -27.04 22.00 9.11
C LEU A 858 -28.02 23.07 8.65
N PRO A 859 -29.14 23.27 9.33
CA PRO A 859 -30.07 24.33 8.93
C PRO A 859 -29.43 25.68 9.08
N PRO A 860 -29.75 26.63 8.20
CA PRO A 860 -29.16 27.97 8.32
C PRO A 860 -29.62 28.65 9.60
N LEU A 861 -28.74 29.49 10.14
CA LEU A 861 -29.06 30.18 11.39
C LEU A 861 -30.30 31.05 11.23
N LEU A 862 -30.39 31.77 10.11
CA LEU A 862 -31.53 32.65 9.83
C LEU A 862 -32.57 31.88 9.03
N THR A 863 -33.75 31.70 9.63
CA THR A 863 -34.85 31.07 8.93
C THR A 863 -35.30 31.96 7.76
N ASP A 864 -35.89 31.32 6.76
CA ASP A 864 -36.42 32.08 5.63
C ASP A 864 -37.41 33.14 6.11
N GLU A 865 -38.11 32.90 7.21
CA GLU A 865 -38.97 33.92 7.77
C GLU A 865 -38.16 35.13 8.24
N MET A 866 -37.01 34.87 8.87
CA MET A 866 -36.17 35.98 9.34
C MET A 866 -35.55 36.74 8.17
N ILE A 867 -35.14 36.03 7.13
CA ILE A 867 -34.60 36.71 5.95
C ILE A 867 -35.69 37.56 5.31
N ALA A 868 -36.91 37.03 5.25
CA ALA A 868 -38.02 37.83 4.73
C ALA A 868 -38.27 39.05 5.60
N GLN A 869 -38.15 38.89 6.91
CA GLN A 869 -38.31 40.04 7.81
C GLN A 869 -37.24 41.09 7.54
N TYR A 870 -35.99 40.65 7.33
CA TYR A 870 -34.92 41.60 7.05
C TYR A 870 -35.17 42.33 5.75
N THR A 871 -35.56 41.61 4.69
CA THR A 871 -35.82 42.26 3.42
C THR A 871 -37.01 43.20 3.53
N SER A 872 -38.04 42.83 4.28
CA SER A 872 -39.18 43.70 4.45
C SER A 872 -38.81 44.96 5.22
N ALA A 873 -37.96 44.82 6.25
CA ALA A 873 -37.48 45.98 6.97
C ALA A 873 -36.70 46.91 6.06
N LEU A 874 -35.82 46.34 5.24
CA LEU A 874 -35.06 47.16 4.30
C LEU A 874 -35.98 47.87 3.32
N LEU A 875 -37.00 47.15 2.82
CA LEU A 875 -37.92 47.75 1.86
C LEU A 875 -38.71 48.88 2.49
N ALA A 876 -39.26 48.65 3.68
CA ALA A 876 -40.04 49.69 4.35
C ALA A 876 -39.17 50.89 4.69
N GLY A 877 -37.95 50.66 5.16
CA GLY A 877 -37.05 51.76 5.44
C GLY A 877 -36.72 52.57 4.20
N THR A 878 -36.40 51.88 3.11
CA THR A 878 -36.09 52.59 1.87
C THR A 878 -37.28 53.40 1.39
N ILE A 879 -38.48 52.82 1.48
CA ILE A 879 -39.66 53.47 0.95
C ILE A 879 -40.04 54.68 1.79
N THR A 880 -40.00 54.55 3.11
CA THR A 880 -40.52 55.58 4.00
C THR A 880 -39.46 56.55 4.51
N SER A 881 -38.17 56.29 4.27
CA SER A 881 -37.12 57.14 4.78
C SER A 881 -35.99 57.40 3.79
N GLY A 882 -36.02 56.82 2.60
CA GLY A 882 -34.96 57.06 1.65
C GLY A 882 -33.66 56.40 2.08
N TRP A 883 -32.55 57.04 1.73
CA TRP A 883 -31.24 56.54 2.11
C TRP A 883 -30.83 56.96 3.51
N THR A 884 -31.66 57.73 4.21
CA THR A 884 -31.28 58.24 5.52
C THR A 884 -31.08 57.09 6.51
N PHE A 885 -31.94 56.09 6.48
CA PHE A 885 -31.87 55.03 7.47
C PHE A 885 -30.56 54.27 7.41
N GLY A 886 -29.88 54.29 6.25
CA GLY A 886 -28.59 53.65 6.17
C GLY A 886 -27.52 54.36 6.98
N ALA A 887 -27.59 55.69 7.01
CA ALA A 887 -26.58 56.47 7.72
C ALA A 887 -26.87 56.52 9.21
N GLY A 888 -28.02 57.08 9.59
CA GLY A 888 -28.37 57.21 11.00
C GLY A 888 -29.82 56.84 11.27
N ALA A 889 -30.50 57.68 12.03
CA ALA A 889 -31.90 57.43 12.33
C ALA A 889 -32.73 57.56 11.06
N ALA A 890 -33.77 56.72 10.96
CA ALA A 890 -34.63 56.74 9.78
C ALA A 890 -35.51 57.99 9.82
N LEU A 891 -35.34 58.85 8.83
CA LEU A 891 -36.04 60.13 8.77
C LEU A 891 -37.14 60.02 7.72
N GLN A 892 -38.40 60.06 8.15
CA GLN A 892 -39.50 59.93 7.21
C GLN A 892 -39.43 61.04 6.18
N ILE A 893 -39.90 60.73 4.97
CA ILE A 893 -39.92 61.70 3.88
C ILE A 893 -40.90 61.17 2.83
N PRO A 894 -41.77 61.99 2.26
CA PRO A 894 -42.71 61.49 1.25
C PRO A 894 -41.95 60.85 0.10
N PHE A 895 -42.48 59.73 -0.39
CA PHE A 895 -41.77 59.00 -1.44
C PHE A 895 -41.57 59.86 -2.68
N ALA A 896 -42.52 60.74 -2.99
CA ALA A 896 -42.34 61.62 -4.14
C ALA A 896 -41.11 62.51 -3.97
N MET A 897 -40.92 63.06 -2.77
CA MET A 897 -39.73 63.86 -2.52
C MET A 897 -38.47 63.02 -2.52
N GLN A 898 -38.56 61.78 -2.07
CA GLN A 898 -37.41 60.89 -2.16
C GLN A 898 -37.01 60.66 -3.61
N MET A 899 -37.98 60.44 -4.49
CA MET A 899 -37.65 60.27 -5.90
C MET A 899 -37.17 61.57 -6.52
N ALA A 900 -37.65 62.71 -6.03
CA ALA A 900 -37.09 63.98 -6.48
C ALA A 900 -35.61 64.08 -6.12
N TYR A 901 -35.25 63.67 -4.91
CA TYR A 901 -33.84 63.66 -4.53
C TYR A 901 -33.04 62.70 -5.40
N ARG A 902 -33.60 61.52 -5.66
CA ARG A 902 -32.89 60.52 -6.44
C ARG A 902 -32.75 60.95 -7.90
N PHE A 903 -33.67 61.78 -8.39
CA PHE A 903 -33.50 62.40 -9.70
C PHE A 903 -32.42 63.45 -9.66
N ASN A 904 -32.39 64.27 -8.60
CA ASN A 904 -31.29 65.21 -8.43
C ASN A 904 -29.96 64.49 -8.45
N GLY A 905 -29.94 63.26 -7.93
CA GLY A 905 -28.69 62.52 -7.87
C GLY A 905 -28.09 62.26 -9.24
N ILE A 906 -28.93 61.95 -10.22
CA ILE A 906 -28.44 61.52 -11.53
C ILE A 906 -28.38 62.70 -12.49
N GLY A 907 -28.38 63.91 -11.96
CA GLY A 907 -28.22 65.09 -12.78
C GLY A 907 -29.47 65.57 -13.47
N VAL A 908 -30.64 65.06 -13.11
CA VAL A 908 -31.91 65.49 -13.68
C VAL A 908 -32.57 66.41 -12.67
N THR A 909 -32.92 67.62 -13.10
CA THR A 909 -33.52 68.59 -12.20
C THR A 909 -34.80 68.01 -11.62
N GLN A 910 -35.04 68.29 -10.34
CA GLN A 910 -36.08 67.57 -9.61
C GLN A 910 -37.46 67.81 -10.19
N ASN A 911 -37.71 69.00 -10.76
CA ASN A 911 -39.03 69.26 -11.30
C ASN A 911 -39.43 68.24 -12.35
N VAL A 912 -38.46 67.77 -13.14
CA VAL A 912 -38.74 66.72 -14.12
C VAL A 912 -39.57 65.61 -13.49
N LEU A 913 -39.24 65.23 -12.26
CA LEU A 913 -40.00 64.20 -11.56
C LEU A 913 -41.43 64.68 -11.32
N TYR A 914 -41.58 65.79 -10.59
CA TYR A 914 -42.91 66.20 -10.16
C TYR A 914 -43.85 66.37 -11.35
N GLU A 915 -43.41 67.13 -12.34
CA GLU A 915 -44.27 67.44 -13.48
C GLU A 915 -44.61 66.20 -14.31
N ASN A 916 -43.91 65.08 -14.09
CA ASN A 916 -44.20 63.84 -14.78
C ASN A 916 -44.53 62.73 -13.80
N GLN A 917 -44.79 63.09 -12.54
CA GLN A 917 -44.86 62.09 -11.48
C GLN A 917 -45.80 60.96 -11.86
N LYS A 918 -47.05 61.28 -12.21
CA LYS A 918 -48.01 60.25 -12.56
C LYS A 918 -47.43 59.31 -13.60
N LEU A 919 -46.95 59.88 -14.71
CA LEU A 919 -46.36 59.04 -15.76
C LEU A 919 -45.31 58.12 -15.17
N ILE A 920 -44.35 58.69 -14.43
CA ILE A 920 -43.29 57.86 -13.86
C ILE A 920 -43.90 56.74 -13.04
N ALA A 921 -44.85 57.08 -12.17
CA ALA A 921 -45.48 56.05 -11.34
C ALA A 921 -46.00 54.93 -12.22
N ASN A 922 -46.80 55.27 -13.25
CA ASN A 922 -47.32 54.24 -14.11
C ASN A 922 -46.19 53.38 -14.65
N GLN A 923 -45.17 54.02 -15.24
CA GLN A 923 -44.07 53.24 -15.77
C GLN A 923 -43.51 52.31 -14.70
N PHE A 924 -43.21 52.85 -13.53
CA PHE A 924 -42.67 51.99 -12.48
C PHE A 924 -43.59 50.81 -12.23
N ASN A 925 -44.88 51.08 -12.00
CA ASN A 925 -45.81 49.99 -11.78
C ASN A 925 -45.75 49.00 -12.94
N SER A 926 -45.86 49.49 -14.18
CA SER A 926 -45.79 48.59 -15.31
C SER A 926 -44.50 47.79 -15.27
N ALA A 927 -43.37 48.46 -15.05
CA ALA A 927 -42.11 47.74 -14.96
C ALA A 927 -42.22 46.63 -13.92
N ILE A 928 -42.67 46.98 -12.70
CA ILE A 928 -42.81 45.96 -11.67
C ILE A 928 -43.69 44.83 -12.18
N GLY A 929 -44.83 45.18 -12.77
CA GLY A 929 -45.71 44.15 -13.30
C GLY A 929 -44.96 43.23 -14.25
N LYS A 930 -44.25 43.81 -15.22
CA LYS A 930 -43.54 42.98 -16.17
C LYS A 930 -42.57 42.04 -15.46
N ILE A 931 -41.86 42.54 -14.44
CA ILE A 931 -40.97 41.67 -13.68
C ILE A 931 -41.69 40.38 -13.31
N GLN A 932 -42.85 40.51 -12.66
CA GLN A 932 -43.58 39.34 -12.22
C GLN A 932 -43.79 38.38 -13.39
N ASP A 933 -44.32 38.90 -14.50
CA ASP A 933 -44.57 38.03 -15.64
C ASP A 933 -43.31 37.29 -16.04
N SER A 934 -42.20 38.02 -16.16
CA SER A 934 -40.95 37.34 -16.51
C SER A 934 -40.67 36.23 -15.51
N LEU A 935 -40.68 36.55 -14.22
CA LEU A 935 -40.44 35.53 -13.21
C LEU A 935 -41.48 34.43 -13.31
N SER A 936 -42.74 34.81 -13.59
CA SER A 936 -43.79 33.81 -13.73
C SER A 936 -43.55 32.94 -14.96
N SER A 937 -43.02 33.53 -16.05
CA SER A 937 -42.97 32.82 -17.31
C SER A 937 -41.68 32.03 -17.46
N THR A 938 -40.54 32.71 -17.43
CA THR A 938 -39.24 32.09 -17.70
C THR A 938 -38.48 31.91 -16.40
N ALA A 939 -38.00 30.69 -16.17
CA ALA A 939 -37.21 30.36 -14.99
C ALA A 939 -35.71 30.38 -15.25
N SER A 940 -35.30 30.69 -16.48
CA SER A 940 -33.87 30.73 -16.79
C SER A 940 -33.17 31.87 -16.04
N ALA A 941 -33.92 32.90 -15.64
CA ALA A 941 -33.31 34.02 -14.94
C ALA A 941 -32.71 33.58 -13.61
N LEU A 942 -33.43 32.76 -12.86
CA LEU A 942 -32.98 32.32 -11.55
C LEU A 942 -31.83 31.33 -11.59
N GLY A 943 -31.27 31.05 -12.77
CA GLY A 943 -30.26 30.02 -12.87
C GLY A 943 -29.14 30.21 -11.87
N LYS A 944 -28.68 31.44 -11.69
CA LYS A 944 -27.56 31.69 -10.78
C LYS A 944 -27.79 31.02 -9.45
N LEU A 945 -29.01 31.11 -8.92
CA LEU A 945 -29.32 30.39 -7.68
C LEU A 945 -29.47 28.89 -7.97
N GLN A 946 -30.35 28.54 -8.90
CA GLN A 946 -30.60 27.13 -9.17
C GLN A 946 -29.30 26.40 -9.44
N ASP A 947 -28.51 26.92 -10.38
CA ASP A 947 -27.18 26.35 -10.65
C ASP A 947 -26.46 26.03 -9.37
N VAL A 948 -26.28 27.02 -8.50
CA VAL A 948 -25.58 26.80 -7.23
C VAL A 948 -26.12 25.55 -6.56
N VAL A 949 -27.43 25.52 -6.32
CA VAL A 949 -28.05 24.37 -5.66
C VAL A 949 -27.55 23.10 -6.31
N ASN A 950 -27.77 22.97 -7.62
CA ASN A 950 -27.41 21.74 -8.31
C ASN A 950 -25.98 21.38 -8.00
N GLN A 951 -25.06 22.33 -8.18
CA GLN A 951 -23.65 22.04 -7.91
C GLN A 951 -23.51 21.35 -6.57
N ASN A 952 -23.95 22.01 -5.50
CA ASN A 952 -23.82 21.42 -4.18
C ASN A 952 -24.42 20.03 -4.16
N ALA A 953 -25.67 19.92 -4.60
CA ALA A 953 -26.33 18.63 -4.61
C ALA A 953 -25.49 17.63 -5.38
N GLN A 954 -25.07 18.00 -6.58
CA GLN A 954 -24.26 17.10 -7.39
C GLN A 954 -23.09 16.56 -6.57
N ALA A 955 -22.35 17.47 -5.93
CA ALA A 955 -21.19 17.04 -5.15
C ALA A 955 -21.60 15.95 -4.17
N LEU A 956 -22.63 16.23 -3.37
CA LEU A 956 -23.04 15.24 -2.38
C LEU A 956 -23.31 13.90 -3.05
N ASN A 957 -24.08 13.91 -4.13
CA ASN A 957 -24.35 12.65 -4.83
C ASN A 957 -23.05 11.96 -5.17
N THR A 958 -22.14 12.68 -5.83
CA THR A 958 -20.85 12.08 -6.16
C THR A 958 -20.21 11.49 -4.93
N LEU A 959 -20.14 12.27 -3.85
CA LEU A 959 -19.54 11.77 -2.62
C LEU A 959 -20.19 10.45 -2.21
N VAL A 960 -21.52 10.42 -2.18
CA VAL A 960 -22.22 9.21 -1.78
C VAL A 960 -21.90 8.07 -2.74
N LYS A 961 -21.86 8.37 -4.04
CA LYS A 961 -21.55 7.33 -5.01
C LYS A 961 -20.15 6.78 -4.79
N GLN A 962 -19.24 7.59 -4.25
CA GLN A 962 -17.90 7.10 -3.98
C GLN A 962 -17.89 6.02 -2.92
N LEU A 963 -18.98 5.84 -2.17
CA LEU A 963 -19.06 4.73 -1.23
C LEU A 963 -19.29 3.40 -1.94
N SER A 964 -19.63 3.41 -3.23
CA SER A 964 -19.91 2.20 -3.98
C SER A 964 -18.80 1.87 -4.96
N SER A 965 -17.57 2.29 -4.68
CA SER A 965 -16.42 2.04 -5.56
C SER A 965 -15.44 1.11 -4.88
N ASN A 966 -14.78 0.27 -5.68
CA ASN A 966 -13.84 -0.70 -5.14
C ASN A 966 -12.52 -0.06 -4.75
N PHE A 967 -12.03 0.90 -5.54
CA PHE A 967 -10.72 1.51 -5.35
C PHE A 967 -9.60 0.48 -5.39
N GLY A 968 -9.87 -0.70 -5.96
CA GLY A 968 -8.92 -1.79 -5.96
C GLY A 968 -9.21 -2.87 -4.94
N ALA A 969 -10.12 -2.62 -4.00
CA ALA A 969 -10.49 -3.63 -3.02
C ALA A 969 -11.36 -4.70 -3.67
N ILE A 970 -11.42 -5.86 -3.01
CA ILE A 970 -12.20 -6.97 -3.54
C ILE A 970 -13.67 -6.59 -3.63
N SER A 971 -14.16 -5.83 -2.67
CA SER A 971 -15.55 -5.41 -2.64
C SER A 971 -15.63 -3.97 -2.15
N SER A 972 -16.79 -3.36 -2.38
CA SER A 972 -17.04 -1.99 -1.97
C SER A 972 -17.74 -1.90 -0.63
N VAL A 973 -17.96 -3.02 0.06
CA VAL A 973 -18.67 -3.04 1.33
C VAL A 973 -17.71 -3.56 2.39
N LEU A 974 -17.54 -2.78 3.47
CA LEU A 974 -16.65 -3.19 4.54
C LEU A 974 -17.16 -4.45 5.22
N ASN A 975 -18.47 -4.54 5.45
CA ASN A 975 -19.02 -5.70 6.15
C ASN A 975 -18.77 -6.98 5.38
N ASP A 976 -18.91 -6.95 4.06
CA ASP A 976 -18.65 -8.15 3.26
C ASP A 976 -17.20 -8.60 3.41
N ILE A 977 -16.25 -7.65 3.33
CA ILE A 977 -14.84 -8.01 3.47
C ILE A 977 -14.57 -8.59 4.85
N LEU A 978 -15.13 -7.97 5.89
CA LEU A 978 -14.91 -8.47 7.24
C LEU A 978 -15.46 -9.88 7.40
N SER A 979 -16.66 -10.13 6.86
CA SER A 979 -17.30 -11.43 7.00
C SER A 979 -16.65 -12.51 6.14
N ARG A 980 -16.01 -12.14 5.03
CA ARG A 980 -15.44 -13.13 4.13
C ARG A 980 -13.95 -13.34 4.30
N LEU A 981 -13.26 -12.47 5.03
CA LEU A 981 -11.83 -12.58 5.23
C LEU A 981 -11.47 -12.34 6.69
N ASP A 982 -10.39 -12.97 7.13
CA ASP A 982 -9.88 -12.75 8.46
C ASP A 982 -9.21 -11.38 8.54
N PRO A 983 -9.06 -10.82 9.75
CA PRO A 983 -8.51 -9.47 9.88
C PRO A 983 -7.16 -9.34 9.20
N PRO A 984 -6.25 -10.32 9.38
CA PRO A 984 -4.95 -10.19 8.71
C PRO A 984 -5.07 -10.05 7.20
N GLU A 985 -6.02 -10.74 6.58
CA GLU A 985 -6.23 -10.61 5.15
C GLU A 985 -7.10 -9.41 4.83
N ALA A 986 -8.14 -9.17 5.63
CA ALA A 986 -9.08 -8.09 5.32
C ALA A 986 -8.40 -6.74 5.36
N GLU A 987 -7.54 -6.51 6.34
CA GLU A 987 -6.93 -5.18 6.50
C GLU A 987 -6.24 -4.71 5.23
N VAL A 988 -5.70 -5.65 4.44
CA VAL A 988 -4.99 -5.25 3.23
C VAL A 988 -5.91 -4.50 2.28
N GLN A 989 -7.11 -5.04 2.06
CA GLN A 989 -8.07 -4.38 1.17
C GLN A 989 -8.74 -3.20 1.87
N ILE A 990 -8.98 -3.31 3.17
CA ILE A 990 -9.59 -2.21 3.91
C ILE A 990 -8.70 -0.99 3.85
N ASP A 991 -7.38 -1.18 3.76
CA ASP A 991 -6.48 -0.04 3.62
C ASP A 991 -6.77 0.70 2.32
N ARG A 992 -6.93 -0.04 1.22
CA ARG A 992 -7.25 0.60 -0.06
C ARG A 992 -8.59 1.30 0.01
N LEU A 993 -9.59 0.67 0.61
CA LEU A 993 -10.90 1.30 0.72
C LEU A 993 -10.83 2.58 1.54
N ILE A 994 -10.11 2.55 2.67
CA ILE A 994 -10.00 3.72 3.53
C ILE A 994 -9.27 4.83 2.80
N THR A 995 -8.16 4.51 2.12
CA THR A 995 -7.43 5.53 1.39
C THR A 995 -8.30 6.15 0.30
N GLY A 996 -9.03 5.32 -0.44
CA GLY A 996 -9.88 5.86 -1.48
C GLY A 996 -10.97 6.76 -0.95
N ARG A 997 -11.64 6.33 0.12
CA ARG A 997 -12.72 7.14 0.67
C ARG A 997 -12.18 8.42 1.30
N LEU A 998 -11.02 8.35 1.94
CA LEU A 998 -10.41 9.55 2.50
C LEU A 998 -10.01 10.52 1.39
N GLN A 999 -9.47 10.00 0.29
CA GLN A 999 -9.11 10.85 -0.84
C GLN A 999 -10.35 11.50 -1.43
N SER A 1000 -11.44 10.74 -1.54
CA SER A 1000 -12.69 11.31 -2.03
C SER A 1000 -13.18 12.41 -1.10
N LEU A 1001 -13.10 12.18 0.21
CA LEU A 1001 -13.51 13.21 1.17
C LEU A 1001 -12.65 14.46 1.02
N GLN A 1002 -11.34 14.29 0.85
CA GLN A 1002 -10.46 15.44 0.68
C GLN A 1002 -10.79 16.20 -0.59
N THR A 1003 -11.06 15.48 -1.68
CA THR A 1003 -11.46 16.16 -2.91
C THR A 1003 -12.74 16.94 -2.72
N TYR A 1004 -13.73 16.32 -2.05
CA TYR A 1004 -14.99 17.02 -1.79
C TYR A 1004 -14.76 18.27 -0.96
N VAL A 1005 -13.93 18.16 0.09
CA VAL A 1005 -13.72 19.31 0.97
C VAL A 1005 -12.97 20.41 0.25
N THR A 1006 -12.00 20.05 -0.58
CA THR A 1006 -11.25 21.06 -1.34
C THR A 1006 -12.17 21.80 -2.30
N GLN A 1007 -12.96 21.06 -3.08
CA GLN A 1007 -13.87 21.73 -4.01
C GLN A 1007 -14.94 22.52 -3.27
N GLN A 1008 -15.36 22.04 -2.09
CA GLN A 1008 -16.31 22.81 -1.30
C GLN A 1008 -15.69 24.11 -0.79
N LEU A 1009 -14.41 24.07 -0.40
CA LEU A 1009 -13.74 25.30 0.00
C LEU A 1009 -13.64 26.28 -1.16
N ILE A 1010 -13.31 25.78 -2.35
CA ILE A 1010 -13.22 26.66 -3.51
C ILE A 1010 -14.59 27.27 -3.82
N ARG A 1011 -15.64 26.45 -3.83
CA ARG A 1011 -16.98 26.95 -4.12
C ARG A 1011 -17.46 27.91 -3.03
N ALA A 1012 -17.08 27.66 -1.78
CA ALA A 1012 -17.43 28.57 -0.70
C ALA A 1012 -16.69 29.89 -0.83
N ALA A 1013 -15.46 29.88 -1.32
CA ALA A 1013 -14.76 31.12 -1.62
C ALA A 1013 -15.49 31.89 -2.73
N GLU A 1014 -15.94 31.18 -3.75
CA GLU A 1014 -16.71 31.82 -4.82
C GLU A 1014 -18.00 32.44 -4.27
N ILE A 1015 -18.70 31.69 -3.42
CA ILE A 1015 -19.95 32.20 -2.85
C ILE A 1015 -19.67 33.34 -1.88
N ARG A 1016 -18.51 33.33 -1.21
CA ARG A 1016 -18.17 34.44 -0.34
C ARG A 1016 -17.89 35.70 -1.14
N ALA A 1017 -17.23 35.55 -2.29
CA ALA A 1017 -17.05 36.70 -3.17
C ALA A 1017 -18.39 37.24 -3.64
N SER A 1018 -19.31 36.35 -4.02
CA SER A 1018 -20.62 36.80 -4.45
C SER A 1018 -21.42 37.41 -3.31
N ALA A 1019 -21.23 36.92 -2.08
CA ALA A 1019 -21.94 37.46 -0.94
C ALA A 1019 -21.39 38.83 -0.54
N ASN A 1020 -20.07 39.02 -0.67
CA ASN A 1020 -19.50 40.34 -0.47
C ASN A 1020 -20.04 41.32 -1.52
N LEU A 1021 -20.16 40.86 -2.76
CA LEU A 1021 -20.75 41.72 -3.79
C LEU A 1021 -22.20 42.05 -3.45
N ALA A 1022 -22.96 41.07 -2.97
CA ALA A 1022 -24.35 41.31 -2.61
C ALA A 1022 -24.45 42.29 -1.43
N ALA A 1023 -23.57 42.17 -0.44
CA ALA A 1023 -23.57 43.11 0.66
C ALA A 1023 -23.19 44.51 0.19
N THR A 1024 -22.26 44.60 -0.76
CA THR A 1024 -21.90 45.90 -1.32
C THR A 1024 -23.08 46.53 -2.05
N LYS A 1025 -23.82 45.74 -2.83
CA LYS A 1025 -24.98 46.28 -3.52
C LYS A 1025 -26.10 46.64 -2.55
N MET A 1026 -26.26 45.88 -1.48
CA MET A 1026 -27.24 46.23 -0.47
C MET A 1026 -26.86 47.56 0.20
N SER A 1027 -25.59 47.74 0.50
CA SER A 1027 -25.15 48.98 1.14
C SER A 1027 -25.28 50.16 0.20
N GLU A 1028 -24.90 49.99 -1.06
CA GLU A 1028 -24.76 51.11 -1.99
C GLU A 1028 -25.95 51.29 -2.92
N CYS A 1029 -26.54 50.20 -3.39
CA CYS A 1029 -27.72 50.33 -4.25
C CYS A 1029 -28.98 50.51 -3.43
N VAL A 1030 -29.15 49.75 -2.35
CA VAL A 1030 -30.38 49.78 -1.56
C VAL A 1030 -30.32 50.89 -0.53
N LEU A 1031 -29.34 50.82 0.38
CA LEU A 1031 -29.22 51.82 1.44
C LEU A 1031 -28.80 53.18 0.93
N GLY A 1032 -28.60 53.35 -0.38
CA GLY A 1032 -28.24 54.62 -0.93
C GLY A 1032 -28.47 54.62 -2.42
N GLN A 1033 -27.91 55.62 -3.09
CA GLN A 1033 -27.98 55.72 -4.54
C GLN A 1033 -26.57 55.68 -5.09
N SER A 1034 -26.28 54.67 -5.90
CA SER A 1034 -24.93 54.43 -6.39
C SER A 1034 -24.67 55.25 -7.64
N LYS A 1035 -23.70 56.16 -7.57
CA LYS A 1035 -23.25 56.88 -8.74
C LYS A 1035 -22.38 56.05 -9.65
N ARG A 1036 -21.97 54.87 -9.21
CA ARG A 1036 -21.15 53.98 -10.03
C ARG A 1036 -21.94 53.46 -11.21
N VAL A 1037 -21.29 53.37 -12.36
CA VAL A 1037 -21.96 52.99 -13.59
C VAL A 1037 -22.10 51.48 -13.67
N ASP A 1038 -23.28 51.02 -14.04
CA ASP A 1038 -23.60 49.61 -14.26
C ASP A 1038 -23.38 48.75 -13.01
N PHE A 1039 -23.15 49.36 -11.86
CA PHE A 1039 -23.06 48.58 -10.63
C PHE A 1039 -24.43 48.13 -10.17
N CYS A 1040 -25.44 48.99 -10.30
CA CYS A 1040 -26.78 48.69 -9.88
C CYS A 1040 -27.72 48.71 -11.09
N GLY A 1041 -27.30 48.07 -12.17
CA GLY A 1041 -28.14 47.94 -13.35
C GLY A 1041 -27.80 48.96 -14.43
N LYS A 1042 -28.14 48.61 -15.66
CA LYS A 1042 -27.87 49.50 -16.79
C LYS A 1042 -28.79 50.72 -16.74
N GLY A 1043 -28.24 51.87 -17.07
CA GLY A 1043 -28.94 53.13 -16.94
C GLY A 1043 -28.65 53.79 -15.61
N TYR A 1044 -29.02 55.05 -15.51
CA TYR A 1044 -28.80 55.79 -14.28
C TYR A 1044 -29.61 55.16 -13.16
N HIS A 1045 -28.97 54.96 -12.01
CA HIS A 1045 -29.58 54.23 -10.91
C HIS A 1045 -30.44 55.18 -10.08
N LEU A 1046 -31.72 54.85 -9.94
CA LEU A 1046 -32.60 55.58 -9.04
C LEU A 1046 -32.68 54.91 -7.67
N MET A 1047 -33.03 53.63 -7.64
CA MET A 1047 -33.13 52.92 -6.36
C MET A 1047 -33.05 51.42 -6.62
N SER A 1048 -33.08 50.66 -5.53
CA SER A 1048 -33.08 49.21 -5.62
C SER A 1048 -33.87 48.65 -4.47
N PHE A 1049 -34.46 47.49 -4.69
CA PHE A 1049 -35.28 46.82 -3.68
C PHE A 1049 -34.78 45.40 -3.49
N PRO A 1050 -34.49 44.98 -2.26
CA PRO A 1050 -34.05 43.60 -2.04
C PRO A 1050 -35.22 42.63 -1.96
N GLN A 1051 -34.94 41.39 -2.33
CA GLN A 1051 -35.92 40.32 -2.25
C GLN A 1051 -35.18 39.03 -1.97
N SER A 1052 -35.53 38.37 -0.87
CA SER A 1052 -34.87 37.11 -0.56
C SER A 1052 -35.12 36.10 -1.66
N ALA A 1053 -34.32 35.04 -1.65
CA ALA A 1053 -34.53 33.89 -2.53
C ALA A 1053 -33.76 32.72 -1.95
N PRO A 1054 -34.12 31.49 -2.31
CA PRO A 1054 -33.45 30.35 -1.69
C PRO A 1054 -31.94 30.43 -1.83
N HIS A 1055 -31.26 30.64 -0.70
CA HIS A 1055 -29.80 30.73 -0.70
C HIS A 1055 -29.29 31.82 -1.63
N GLY A 1056 -29.96 32.96 -1.63
CA GLY A 1056 -29.52 34.07 -2.46
C GLY A 1056 -30.41 35.27 -2.27
N VAL A 1057 -30.04 36.35 -2.96
CA VAL A 1057 -30.78 37.60 -2.90
C VAL A 1057 -31.03 38.07 -4.33
N VAL A 1058 -32.04 38.94 -4.49
CA VAL A 1058 -32.43 39.45 -5.78
C VAL A 1058 -32.73 40.93 -5.63
N PHE A 1059 -32.00 41.77 -6.36
CA PHE A 1059 -32.18 43.21 -6.32
C PHE A 1059 -33.00 43.63 -7.53
N LEU A 1060 -34.12 44.31 -7.28
CA LEU A 1060 -34.87 44.98 -8.33
C LEU A 1060 -34.31 46.38 -8.47
N HIS A 1061 -33.55 46.61 -9.52
CA HIS A 1061 -32.89 47.88 -9.75
C HIS A 1061 -33.80 48.77 -10.59
N VAL A 1062 -34.34 49.81 -9.98
CA VAL A 1062 -35.09 50.84 -10.69
C VAL A 1062 -34.08 51.86 -11.18
N THR A 1063 -33.93 51.95 -12.51
CA THR A 1063 -32.99 52.84 -13.17
C THR A 1063 -33.73 53.75 -14.11
N TYR A 1064 -33.09 54.86 -14.46
CA TYR A 1064 -33.64 55.88 -15.34
C TYR A 1064 -32.89 55.82 -16.67
N VAL A 1065 -33.60 55.55 -17.75
CA VAL A 1065 -32.97 55.38 -19.06
C VAL A 1065 -33.55 56.41 -20.02
N PRO A 1066 -32.76 57.36 -20.52
CA PRO A 1066 -33.29 58.28 -21.52
C PRO A 1066 -33.71 57.53 -22.79
N ALA A 1067 -34.79 57.99 -23.41
CA ALA A 1067 -35.42 57.24 -24.48
C ALA A 1067 -35.36 57.94 -25.84
N GLN A 1068 -35.88 59.16 -25.94
CA GLN A 1068 -36.12 59.80 -27.23
C GLN A 1068 -35.07 60.90 -27.43
N GLU A 1069 -34.14 60.65 -28.36
CA GLU A 1069 -33.02 61.56 -28.61
C GLU A 1069 -33.39 62.51 -29.74
N LYS A 1070 -33.07 63.79 -29.56
CA LYS A 1070 -33.23 64.79 -30.59
C LYS A 1070 -31.89 65.46 -30.87
N ASN A 1071 -31.60 65.63 -32.16
CA ASN A 1071 -30.41 66.36 -32.56
C ASN A 1071 -30.54 67.85 -32.21
N PHE A 1072 -29.40 68.47 -31.94
CA PHE A 1072 -29.34 69.92 -31.75
C PHE A 1072 -27.95 70.39 -32.15
N THR A 1073 -27.86 71.67 -32.49
CA THR A 1073 -26.59 72.32 -32.70
C THR A 1073 -26.12 72.88 -31.36
N THR A 1074 -24.88 72.56 -30.99
CA THR A 1074 -24.36 72.92 -29.68
C THR A 1074 -23.10 73.76 -29.84
N ALA A 1075 -22.91 74.68 -28.90
CA ALA A 1075 -21.74 75.52 -28.88
C ALA A 1075 -21.14 75.53 -27.48
N PRO A 1076 -19.81 75.44 -27.35
CA PRO A 1076 -19.22 75.41 -26.01
C PRO A 1076 -19.53 76.64 -25.19
N ALA A 1077 -19.61 77.81 -25.79
CA ALA A 1077 -19.81 79.05 -25.05
C ALA A 1077 -20.64 80.00 -25.91
N ILE A 1078 -20.79 81.23 -25.43
CA ILE A 1078 -21.58 82.24 -26.12
C ILE A 1078 -20.97 83.61 -25.84
N CYS A 1079 -20.98 84.47 -26.85
CA CYS A 1079 -20.44 85.82 -26.74
C CYS A 1079 -21.57 86.82 -26.79
N HIS A 1080 -21.66 87.67 -25.77
CA HIS A 1080 -22.65 88.73 -25.72
C HIS A 1080 -22.03 90.12 -25.80
N ASP A 1081 -21.06 90.41 -24.93
CA ASP A 1081 -20.35 91.68 -24.93
C ASP A 1081 -18.86 91.43 -25.02
N GLY A 1082 -18.46 90.46 -25.84
CA GLY A 1082 -17.08 90.06 -25.94
C GLY A 1082 -16.63 89.08 -24.88
N LYS A 1083 -17.44 88.84 -23.85
CA LYS A 1083 -17.12 87.91 -22.79
C LYS A 1083 -17.77 86.56 -23.11
N ALA A 1084 -16.97 85.50 -23.08
CA ALA A 1084 -17.49 84.17 -23.34
C ALA A 1084 -18.33 83.71 -22.15
N HIS A 1085 -19.54 83.27 -22.44
CA HIS A 1085 -20.45 82.74 -21.42
C HIS A 1085 -20.50 81.23 -21.49
N PHE A 1086 -20.25 80.57 -20.38
CA PHE A 1086 -20.39 79.14 -20.29
C PHE A 1086 -21.54 78.78 -19.37
N PRO A 1087 -22.23 77.67 -19.61
CA PRO A 1087 -23.42 77.36 -18.80
C PRO A 1087 -23.02 76.87 -17.42
N ARG A 1088 -23.65 77.43 -16.38
CA ARG A 1088 -23.39 76.96 -15.03
C ARG A 1088 -23.69 75.47 -14.93
N GLU A 1089 -24.94 75.08 -15.16
CA GLU A 1089 -25.36 73.69 -15.14
C GLU A 1089 -26.23 73.46 -16.36
N GLY A 1090 -25.69 72.77 -17.36
CA GLY A 1090 -26.42 72.49 -18.58
C GLY A 1090 -25.52 72.64 -19.77
N VAL A 1091 -26.14 72.77 -20.93
CA VAL A 1091 -25.43 72.84 -22.20
C VAL A 1091 -26.20 73.76 -23.14
N PHE A 1092 -25.47 74.50 -23.96
CA PHE A 1092 -26.08 75.34 -24.97
C PHE A 1092 -26.48 74.49 -26.17
N VAL A 1093 -27.74 74.59 -26.58
CA VAL A 1093 -28.26 73.88 -27.73
C VAL A 1093 -29.08 74.85 -28.56
N SER A 1094 -29.34 74.46 -29.80
CA SER A 1094 -30.08 75.30 -30.72
C SER A 1094 -31.01 74.44 -31.56
N ASN A 1095 -32.26 74.89 -31.69
CA ASN A 1095 -33.22 74.25 -32.58
C ASN A 1095 -33.15 74.80 -34.00
N GLY A 1096 -32.10 75.57 -34.32
CA GLY A 1096 -31.91 76.11 -35.64
C GLY A 1096 -31.73 77.60 -35.66
N THR A 1097 -32.47 78.31 -34.82
CA THR A 1097 -32.43 79.77 -34.83
C THR A 1097 -32.19 80.38 -33.45
N HIS A 1098 -32.71 79.78 -32.39
CA HIS A 1098 -32.59 80.30 -31.05
C HIS A 1098 -31.75 79.38 -30.19
N TRP A 1099 -31.05 79.96 -29.22
CA TRP A 1099 -30.14 79.23 -28.35
C TRP A 1099 -30.75 79.10 -26.96
N PHE A 1100 -30.72 77.88 -26.42
CA PHE A 1100 -31.25 77.59 -25.10
C PHE A 1100 -30.18 76.87 -24.29
N VAL A 1101 -30.33 76.92 -22.97
CA VAL A 1101 -29.40 76.27 -22.04
C VAL A 1101 -30.18 75.19 -21.30
N THR A 1102 -30.01 73.95 -21.72
CA THR A 1102 -30.80 72.83 -21.22
C THR A 1102 -29.92 71.87 -20.45
N GLN A 1103 -30.44 71.32 -19.37
CA GLN A 1103 -29.74 70.27 -18.64
C GLN A 1103 -29.42 69.12 -19.59
N ARG A 1104 -28.37 68.37 -19.26
CA ARG A 1104 -27.81 67.42 -20.21
C ARG A 1104 -28.64 66.15 -20.34
N ASN A 1105 -29.25 65.68 -19.26
CA ASN A 1105 -29.93 64.39 -19.26
C ASN A 1105 -31.41 64.46 -19.62
N PHE A 1106 -31.93 65.64 -19.94
CA PHE A 1106 -33.34 65.77 -20.26
C PHE A 1106 -33.54 67.09 -20.98
N TYR A 1107 -34.09 67.04 -22.19
CA TYR A 1107 -34.23 68.24 -23.00
C TYR A 1107 -35.30 69.14 -22.40
N GLU A 1108 -34.88 70.15 -21.65
CA GLU A 1108 -35.77 71.18 -21.11
C GLU A 1108 -35.16 72.53 -21.44
N PRO A 1109 -35.35 73.02 -22.66
CA PRO A 1109 -34.70 74.27 -23.05
C PRO A 1109 -35.17 75.44 -22.20
N GLN A 1110 -34.24 76.34 -21.93
CA GLN A 1110 -34.52 77.56 -21.18
C GLN A 1110 -33.80 78.72 -21.84
N ILE A 1111 -34.38 79.92 -21.69
CA ILE A 1111 -33.72 81.11 -22.21
C ILE A 1111 -32.34 81.22 -21.57
N ILE A 1112 -31.40 81.79 -22.32
CA ILE A 1112 -30.03 81.92 -21.86
C ILE A 1112 -29.92 83.27 -21.15
N THR A 1113 -29.88 83.24 -19.83
CA THR A 1113 -29.77 84.44 -19.01
C THR A 1113 -28.52 84.36 -18.14
N THR A 1114 -28.12 85.50 -17.59
CA THR A 1114 -26.92 85.54 -16.77
C THR A 1114 -27.01 84.61 -15.58
N ASP A 1115 -28.23 84.28 -15.12
CA ASP A 1115 -28.37 83.29 -14.07
C ASP A 1115 -27.87 81.93 -14.53
N ASN A 1116 -28.18 81.55 -15.77
CA ASN A 1116 -27.80 80.25 -16.29
C ASN A 1116 -26.33 80.16 -16.68
N THR A 1117 -25.68 81.29 -16.95
CA THR A 1117 -24.33 81.29 -17.50
C THR A 1117 -23.40 82.14 -16.66
N PHE A 1118 -22.12 81.79 -16.69
CA PHE A 1118 -21.07 82.56 -16.04
C PHE A 1118 -19.98 82.86 -17.05
N VAL A 1119 -19.36 84.01 -16.91
CA VAL A 1119 -18.36 84.48 -17.87
C VAL A 1119 -16.98 84.10 -17.39
N SER A 1120 -16.08 83.83 -18.34
CA SER A 1120 -14.68 83.59 -18.01
C SER A 1120 -13.85 83.88 -19.26
N GLY A 1121 -13.12 84.99 -19.24
CA GLY A 1121 -12.29 85.36 -20.36
C GLY A 1121 -13.08 85.97 -21.49
N ASN A 1122 -12.36 86.31 -22.55
CA ASN A 1122 -12.96 86.88 -23.75
C ASN A 1122 -13.21 85.77 -24.77
N CYS A 1123 -13.63 86.14 -25.98
CA CYS A 1123 -14.06 85.20 -26.98
C CYS A 1123 -13.00 84.94 -28.05
N ASP A 1124 -11.77 85.36 -27.83
CA ASP A 1124 -10.69 85.12 -28.79
C ASP A 1124 -9.94 83.82 -28.53
N VAL A 1125 -10.34 83.05 -27.51
CA VAL A 1125 -9.62 81.85 -27.11
C VAL A 1125 -10.40 80.59 -27.42
N VAL A 1126 -11.72 80.59 -27.17
CA VAL A 1126 -12.50 79.38 -27.30
C VAL A 1126 -12.64 79.00 -28.77
N ILE A 1127 -12.81 77.70 -29.02
CA ILE A 1127 -13.02 77.17 -30.36
C ILE A 1127 -14.45 76.65 -30.43
N GLY A 1128 -15.19 77.07 -31.45
CA GLY A 1128 -16.59 76.74 -31.58
C GLY A 1128 -17.53 77.71 -30.90
N ILE A 1129 -17.00 78.72 -30.22
CA ILE A 1129 -17.86 79.71 -29.57
C ILE A 1129 -18.67 80.44 -30.62
N VAL A 1130 -19.82 80.99 -30.21
CA VAL A 1130 -20.77 81.61 -31.12
C VAL A 1130 -21.23 82.94 -30.52
N ASN A 1131 -21.99 83.67 -31.32
CA ASN A 1131 -22.60 84.92 -30.91
C ASN A 1131 -24.08 84.69 -30.59
N ASN A 1132 -24.56 85.35 -29.54
CA ASN A 1132 -25.97 85.29 -29.20
C ASN A 1132 -26.25 86.26 -28.06
N THR A 1133 -27.49 86.73 -28.00
CA THR A 1133 -27.90 87.60 -26.91
C THR A 1133 -28.05 86.78 -25.63
N VAL A 1134 -27.51 87.31 -24.54
CA VAL A 1134 -27.65 86.70 -23.23
C VAL A 1134 -28.56 87.61 -22.42
N TYR A 1135 -29.83 87.22 -22.31
CA TYR A 1135 -30.84 88.03 -21.65
C TYR A 1135 -30.42 88.33 -20.21
N ASP A 1136 -30.63 89.57 -19.80
CA ASP A 1136 -30.30 90.00 -18.44
C ASP A 1136 -31.58 90.30 -17.67
N PRO A 1137 -31.90 89.54 -16.62
CA PRO A 1137 -33.16 89.80 -15.90
C PRO A 1137 -33.25 91.20 -15.32
N LEU A 1138 -32.13 91.78 -14.90
CA LEU A 1138 -32.15 93.06 -14.20
C LEU A 1138 -32.43 94.22 -15.12
N GLN A 1139 -32.17 94.08 -16.42
CA GLN A 1139 -32.36 95.20 -17.34
C GLN A 1139 -33.80 95.67 -17.41
N PRO A 1140 -34.79 94.80 -17.68
CA PRO A 1140 -36.18 95.29 -17.69
C PRO A 1140 -36.62 95.86 -16.35
N GLU A 1141 -36.17 95.27 -15.24
CA GLU A 1141 -36.55 95.80 -13.94
C GLU A 1141 -36.02 97.21 -13.74
N LEU A 1142 -34.77 97.45 -14.15
CA LEU A 1142 -34.23 98.80 -14.07
C LEU A 1142 -34.93 99.74 -15.04
N ASP A 1143 -35.39 99.21 -16.18
CA ASP A 1143 -36.09 100.06 -17.14
C ASP A 1143 -37.36 100.64 -16.54
N SER A 1144 -38.12 99.84 -15.81
CA SER A 1144 -39.36 100.29 -15.18
C SER A 1144 -39.10 100.74 -13.75
N SER B 13 8.60 -17.70 57.62
CA SER B 13 8.43 -17.97 59.04
C SER B 13 7.24 -18.89 59.29
N GLN B 14 6.85 -19.02 60.55
CA GLN B 14 5.72 -19.86 60.94
C GLN B 14 4.50 -18.98 61.16
N CYS B 15 3.39 -19.35 60.52
CA CYS B 15 2.17 -18.56 60.63
C CYS B 15 1.61 -18.63 62.05
N VAL B 16 0.99 -17.54 62.46
CA VAL B 16 0.31 -17.45 63.74
C VAL B 16 -1.18 -17.62 63.48
N ASN B 17 -1.80 -18.59 64.18
CA ASN B 17 -3.19 -18.94 63.95
C ASN B 17 -4.09 -18.22 64.94
N PHE B 18 -5.18 -17.64 64.42
CA PHE B 18 -6.18 -16.97 65.23
C PHE B 18 -7.48 -17.75 65.13
N THR B 19 -8.01 -18.16 66.29
CA THR B 19 -9.23 -18.96 66.29
C THR B 19 -10.40 -18.18 65.72
N THR B 20 -10.52 -16.90 66.09
CA THR B 20 -11.62 -16.05 65.65
C THR B 20 -11.11 -15.09 64.58
N ARG B 21 -11.77 -15.09 63.42
CA ARG B 21 -11.43 -14.20 62.31
C ARG B 21 -12.67 -13.40 61.91
N THR B 22 -12.47 -12.12 61.62
CA THR B 22 -13.58 -11.24 61.26
C THR B 22 -13.04 -10.13 60.37
N GLN B 23 -13.96 -9.49 59.63
CA GLN B 23 -13.62 -8.38 58.77
C GLN B 23 -14.74 -7.36 58.81
N LEU B 24 -14.37 -6.08 58.95
CA LEU B 24 -15.36 -5.03 59.07
C LEU B 24 -16.09 -4.83 57.74
N PRO B 25 -17.34 -4.38 57.76
CA PRO B 25 -18.06 -4.17 56.52
C PRO B 25 -17.41 -3.08 55.69
N PRO B 26 -17.50 -3.18 54.37
CA PRO B 26 -16.93 -2.12 53.51
C PRO B 26 -17.75 -0.85 53.59
N ALA B 27 -17.11 0.25 53.24
CA ALA B 27 -17.77 1.55 53.16
C ALA B 27 -17.46 2.18 51.80
N TYR B 28 -18.30 3.14 51.41
CA TYR B 28 -18.18 3.78 50.10
C TYR B 28 -18.07 5.29 50.25
N THR B 29 -17.29 5.91 49.38
CA THR B 29 -17.13 7.36 49.36
C THR B 29 -16.88 7.79 47.92
N ASN B 30 -16.64 9.08 47.72
CA ASN B 30 -16.41 9.66 46.41
C ASN B 30 -14.93 10.00 46.23
N SER B 31 -14.38 9.66 45.07
CA SER B 31 -12.98 9.93 44.77
C SER B 31 -12.69 11.41 44.55
N PHE B 32 -13.72 12.23 44.32
CA PHE B 32 -13.54 13.64 44.05
C PHE B 32 -12.66 13.85 42.81
N THR B 33 -11.46 14.38 42.99
CA THR B 33 -10.59 14.70 41.86
C THR B 33 -9.16 14.31 42.14
N ARG B 34 -8.97 13.13 42.72
CA ARG B 34 -7.64 12.61 43.01
C ARG B 34 -7.29 11.47 42.05
N GLY B 35 -6.14 10.86 42.26
CA GLY B 35 -5.68 9.77 41.43
C GLY B 35 -4.94 10.19 40.18
N VAL B 36 -4.63 11.47 40.03
CA VAL B 36 -3.88 11.95 38.87
C VAL B 36 -2.39 11.75 39.13
N TYR B 37 -1.69 11.21 38.13
CA TYR B 37 -0.25 10.97 38.24
C TYR B 37 0.39 11.21 36.89
N TYR B 38 1.70 11.43 36.91
CA TYR B 38 2.43 11.70 35.68
C TYR B 38 2.47 10.44 34.83
N PRO B 39 1.94 10.46 33.60
CA PRO B 39 1.93 9.22 32.81
C PRO B 39 3.32 8.75 32.42
N ASP B 40 4.20 9.68 32.04
CA ASP B 40 5.56 9.33 31.65
C ASP B 40 6.57 10.19 32.40
N LYS B 41 7.84 10.12 32.01
CA LYS B 41 8.91 10.88 32.63
C LYS B 41 9.40 12.02 31.75
N VAL B 42 8.51 12.54 30.89
CA VAL B 42 8.86 13.64 29.99
C VAL B 42 8.46 14.95 30.65
N PHE B 43 9.45 15.83 30.82
CA PHE B 43 9.17 17.14 31.41
C PHE B 43 8.36 17.99 30.45
N ARG B 44 7.59 18.92 31.02
CA ARG B 44 6.80 19.86 30.25
C ARG B 44 6.60 21.11 31.09
N SER B 45 6.16 22.19 30.44
CA SER B 45 5.97 23.46 31.13
C SER B 45 4.87 24.25 30.49
N SER B 46 4.01 24.85 31.32
CA SER B 46 2.95 25.77 30.88
C SER B 46 2.27 25.27 29.62
N VAL B 47 1.81 24.02 29.67
CA VAL B 47 1.22 23.37 28.50
C VAL B 47 0.09 22.47 28.96
N LEU B 48 -0.97 22.41 28.14
CA LEU B 48 -2.08 21.50 28.35
C LEU B 48 -1.91 20.32 27.41
N HIS B 49 -1.70 19.13 27.99
CA HIS B 49 -1.37 17.95 27.22
C HIS B 49 -2.42 16.86 27.47
N SER B 50 -2.87 16.23 26.39
CA SER B 50 -3.85 15.16 26.45
C SER B 50 -3.15 13.81 26.43
N THR B 51 -3.51 12.93 27.37
CA THR B 51 -2.90 11.62 27.49
C THR B 51 -3.98 10.59 27.73
N GLN B 52 -3.92 9.48 26.99
CA GLN B 52 -4.86 8.37 27.14
C GLN B 52 -4.14 7.22 27.81
N ASP B 53 -4.52 6.91 29.05
CA ASP B 53 -3.89 5.84 29.80
C ASP B 53 -4.84 5.43 30.92
N LEU B 54 -4.38 4.53 31.79
CA LEU B 54 -5.17 4.09 32.93
C LEU B 54 -5.09 5.15 34.02
N PHE B 55 -6.22 5.78 34.31
CA PHE B 55 -6.32 6.81 35.33
C PHE B 55 -7.53 6.56 36.21
N LEU B 56 -7.58 7.25 37.34
CA LEU B 56 -8.71 7.16 38.25
C LEU B 56 -9.77 8.16 37.82
N PRO B 57 -10.88 7.73 37.23
CA PRO B 57 -11.91 8.70 36.83
C PRO B 57 -12.37 9.52 38.03
N PHE B 58 -12.53 10.82 37.82
CA PHE B 58 -12.90 11.69 38.91
C PHE B 58 -14.31 11.38 39.38
N PHE B 59 -14.53 11.53 40.70
CA PHE B 59 -15.83 11.32 41.30
C PHE B 59 -16.30 9.87 41.15
N SER B 60 -15.36 8.93 41.17
CA SER B 60 -15.68 7.52 41.12
C SER B 60 -15.95 6.98 42.52
N ASN B 61 -16.71 5.89 42.57
CA ASN B 61 -16.96 5.23 43.84
C ASN B 61 -15.66 4.65 44.38
N VAL B 62 -15.39 4.90 45.66
CA VAL B 62 -14.17 4.45 46.32
C VAL B 62 -14.57 3.55 47.47
N THR B 63 -14.04 2.33 47.50
CA THR B 63 -14.35 1.36 48.54
C THR B 63 -13.27 1.44 49.60
N TRP B 64 -13.66 1.76 50.84
CA TRP B 64 -12.70 2.03 51.89
C TRP B 64 -13.09 1.29 53.15
N PHE B 65 -12.07 1.01 53.98
CA PHE B 65 -12.21 0.27 55.21
C PHE B 65 -11.26 0.85 56.25
N HIS B 66 -11.27 0.24 57.44
CA HIS B 66 -10.41 0.63 58.53
C HIS B 66 -9.48 -0.53 58.89
N ALA B 67 -8.27 -0.19 59.32
CA ALA B 67 -7.25 -1.17 59.69
C ALA B 67 -7.00 -1.06 61.19
N ILE B 68 -7.38 -2.09 61.94
CA ILE B 68 -7.19 -2.11 63.38
C ILE B 68 -5.79 -2.61 63.68
N HIS B 69 -5.00 -1.79 64.40
CA HIS B 69 -3.63 -2.13 64.75
C HIS B 69 -3.47 -2.48 66.22
N VAL B 70 -4.55 -2.54 66.98
CA VAL B 70 -4.48 -2.83 68.41
C VAL B 70 -5.73 -3.61 68.80
N SER B 71 -5.57 -4.55 69.72
CA SER B 71 -6.66 -5.38 70.22
C SER B 71 -6.90 -5.06 71.68
N GLY B 72 -8.16 -4.77 72.02
CA GLY B 72 -8.52 -4.44 73.38
C GLY B 72 -10.02 -4.28 73.56
N GLY B 75 -11.07 -8.77 73.73
CA GLY B 75 -9.99 -8.27 72.90
C GLY B 75 -9.19 -9.40 72.27
N THR B 76 -9.85 -10.53 72.00
CA THR B 76 -9.21 -11.69 71.40
C THR B 76 -9.79 -11.98 70.02
N LYS B 77 -10.16 -10.94 69.29
CA LYS B 77 -10.72 -11.06 67.95
C LYS B 77 -9.72 -10.55 66.92
N ARG B 78 -9.44 -11.37 65.92
CA ARG B 78 -8.49 -11.02 64.87
C ARG B 78 -9.28 -10.45 63.69
N PHE B 79 -9.14 -9.15 63.47
CA PHE B 79 -9.79 -8.48 62.34
C PHE B 79 -8.85 -8.54 61.16
N ALA B 80 -9.10 -9.46 60.24
CA ALA B 80 -8.22 -9.71 59.10
C ALA B 80 -8.68 -8.87 57.91
N ASN B 81 -7.71 -8.31 57.19
CA ASN B 81 -8.02 -7.53 56.01
C ASN B 81 -8.54 -8.43 54.90
N PRO B 82 -9.35 -7.89 53.99
CA PRO B 82 -9.90 -8.71 52.90
C PRO B 82 -9.00 -8.72 51.68
N VAL B 83 -9.18 -9.75 50.88
CA VAL B 83 -8.48 -9.88 49.60
C VAL B 83 -9.30 -9.15 48.54
N LEU B 84 -8.71 -8.14 47.92
CA LEU B 84 -9.41 -7.31 46.95
C LEU B 84 -8.89 -7.58 45.54
N PRO B 85 -9.76 -7.55 44.53
CA PRO B 85 -9.28 -7.71 43.15
C PRO B 85 -8.38 -6.56 42.73
N PHE B 86 -7.56 -6.83 41.72
CA PHE B 86 -6.60 -5.86 41.20
C PHE B 86 -7.06 -5.19 39.92
N ASN B 87 -7.76 -5.92 39.05
CA ASN B 87 -8.24 -5.39 37.77
C ASN B 87 -7.03 -4.89 36.99
N ASP B 88 -7.08 -3.70 36.40
CA ASP B 88 -5.98 -3.16 35.61
C ASP B 88 -5.05 -2.26 36.41
N GLY B 89 -5.28 -2.13 37.71
CA GLY B 89 -4.50 -1.24 38.56
C GLY B 89 -5.36 -0.72 39.67
N VAL B 90 -4.71 -0.31 40.76
CA VAL B 90 -5.41 0.09 41.98
C VAL B 90 -4.80 1.38 42.50
N TYR B 91 -5.67 2.32 42.89
CA TYR B 91 -5.27 3.54 43.59
C TYR B 91 -5.61 3.34 45.06
N PHE B 92 -4.57 3.22 45.89
CA PHE B 92 -4.70 2.93 47.31
C PHE B 92 -4.25 4.13 48.11
N ALA B 93 -5.12 4.63 48.98
CA ALA B 93 -4.79 5.74 49.85
C ALA B 93 -4.87 5.28 51.31
N SER B 94 -3.99 5.81 52.14
CA SER B 94 -3.97 5.50 53.56
C SER B 94 -3.92 6.80 54.35
N THR B 95 -4.89 6.99 55.24
CA THR B 95 -4.92 8.12 56.16
C THR B 95 -4.64 7.59 57.56
N GLU B 96 -3.54 8.06 58.15
CA GLU B 96 -3.11 7.51 59.43
C GLU B 96 -2.21 8.50 60.14
N LYS B 97 -2.03 8.30 61.44
CA LYS B 97 -1.06 9.08 62.21
C LYS B 97 0.31 8.43 62.19
N SER B 98 0.40 7.18 62.62
CA SER B 98 1.60 6.37 62.50
C SER B 98 1.47 5.44 61.31
N ASN B 99 2.61 4.95 60.84
CA ASN B 99 2.66 4.12 59.64
C ASN B 99 2.09 2.74 59.97
N ILE B 100 0.77 2.65 59.92
CA ILE B 100 0.09 1.38 60.19
C ILE B 100 0.15 0.47 58.98
N ILE B 101 -0.23 0.97 57.81
CA ILE B 101 -0.15 0.18 56.59
C ILE B 101 1.31 0.09 56.15
N ARG B 102 1.79 -1.13 55.99
CA ARG B 102 3.21 -1.36 55.70
C ARG B 102 3.47 -2.00 54.35
N GLY B 103 2.51 -2.69 53.75
CA GLY B 103 2.79 -3.36 52.50
C GLY B 103 1.56 -4.05 51.95
N TRP B 104 1.78 -4.77 50.85
CA TRP B 104 0.70 -5.43 50.12
C TRP B 104 1.23 -6.72 49.52
N ILE B 105 0.29 -7.59 49.15
CA ILE B 105 0.59 -8.83 48.45
C ILE B 105 -0.27 -8.88 47.19
N PHE B 106 0.34 -9.27 46.08
CA PHE B 106 -0.31 -9.28 44.78
C PHE B 106 -0.16 -10.65 44.12
N GLY B 107 -1.17 -11.02 43.36
CA GLY B 107 -1.15 -12.28 42.65
C GLY B 107 -2.55 -12.66 42.21
N THR B 108 -2.67 -13.90 41.75
CA THR B 108 -3.95 -14.48 41.34
C THR B 108 -4.45 -15.53 42.31
N THR B 109 -3.64 -16.55 42.60
CA THR B 109 -4.00 -17.57 43.57
C THR B 109 -3.47 -17.27 44.96
N LEU B 110 -2.45 -16.43 45.09
CA LEU B 110 -1.88 -16.06 46.38
C LEU B 110 -1.44 -17.31 47.15
N ASP B 111 -0.83 -18.25 46.43
CA ASP B 111 -0.32 -19.49 47.01
C ASP B 111 0.96 -19.88 46.30
N SER B 112 1.51 -21.03 46.68
CA SER B 112 2.74 -21.53 46.08
C SER B 112 2.53 -22.02 44.65
N LYS B 113 1.28 -22.23 44.22
CA LYS B 113 1.05 -22.72 42.87
C LYS B 113 1.52 -21.73 41.81
N THR B 114 1.29 -20.43 42.04
CA THR B 114 1.63 -19.40 41.07
C THR B 114 2.52 -18.36 41.73
N GLN B 115 3.32 -17.68 40.92
CA GLN B 115 4.19 -16.63 41.43
C GLN B 115 3.38 -15.50 42.05
N SER B 116 3.82 -15.03 43.20
CA SER B 116 3.15 -13.97 43.93
C SER B 116 4.16 -12.91 44.37
N LEU B 117 3.74 -11.66 44.33
CA LEU B 117 4.56 -10.53 44.71
C LEU B 117 4.21 -10.07 46.12
N LEU B 118 5.22 -9.61 46.85
CA LEU B 118 5.04 -9.10 48.20
C LEU B 118 5.89 -7.85 48.36
N ILE B 119 5.25 -6.73 48.68
CA ILE B 119 5.93 -5.47 48.95
C ILE B 119 5.72 -5.14 50.41
N VAL B 120 6.78 -4.71 51.09
CA VAL B 120 6.68 -4.33 52.50
C VAL B 120 7.71 -3.24 52.78
N ASN B 121 7.41 -2.41 53.77
CA ASN B 121 8.31 -1.36 54.24
C ASN B 121 8.43 -1.55 55.75
N ASN B 122 9.35 -2.41 56.17
CA ASN B 122 9.55 -2.68 57.59
C ASN B 122 10.34 -1.55 58.24
N ALA B 123 10.62 -1.70 59.53
CA ALA B 123 11.36 -0.67 60.24
C ALA B 123 12.75 -0.46 59.65
N THR B 124 13.32 -1.50 59.03
CA THR B 124 14.67 -1.38 58.47
C THR B 124 14.65 -0.75 57.08
N ASN B 125 13.98 -1.40 56.13
CA ASN B 125 14.01 -0.96 54.74
C ASN B 125 12.79 -1.50 54.01
N VAL B 126 12.74 -1.26 52.71
CA VAL B 126 11.67 -1.72 51.84
C VAL B 126 12.12 -3.00 51.16
N VAL B 127 11.34 -4.07 51.31
CA VAL B 127 11.63 -5.36 50.73
C VAL B 127 10.52 -5.70 49.74
N ILE B 128 10.92 -6.01 48.51
CA ILE B 128 9.99 -6.39 47.44
C ILE B 128 10.47 -7.72 46.87
N LYS B 129 9.66 -8.76 47.03
CA LYS B 129 10.04 -10.10 46.63
C LYS B 129 8.93 -10.76 45.84
N VAL B 130 9.28 -11.31 44.68
CA VAL B 130 8.38 -12.09 43.86
C VAL B 130 8.82 -13.54 43.96
N CYS B 131 8.00 -14.37 44.59
CA CYS B 131 8.32 -15.76 44.85
C CYS B 131 7.01 -16.54 44.90
N GLU B 132 7.13 -17.87 44.90
CA GLU B 132 5.98 -18.76 45.07
C GLU B 132 5.63 -18.82 46.56
N PHE B 133 5.24 -17.66 47.09
CA PHE B 133 4.94 -17.56 48.52
C PHE B 133 3.72 -18.39 48.87
N GLN B 134 3.70 -18.86 50.11
CA GLN B 134 2.52 -19.49 50.71
C GLN B 134 2.05 -18.57 51.82
N PHE B 135 1.22 -17.60 51.46
CA PHE B 135 0.81 -16.57 52.42
C PHE B 135 0.03 -17.18 53.56
N CYS B 136 0.23 -16.62 54.75
CA CYS B 136 -0.51 -17.06 55.92
C CYS B 136 -1.97 -16.63 55.83
N ASN B 137 -2.82 -17.33 56.58
CA ASN B 137 -4.24 -16.97 56.61
C ASN B 137 -4.44 -15.55 57.13
N ASP B 138 -3.70 -15.19 58.19
CA ASP B 138 -3.77 -13.86 58.79
C ASP B 138 -2.36 -13.32 58.92
N PRO B 139 -1.80 -12.76 57.85
CA PRO B 139 -0.45 -12.19 57.94
C PRO B 139 -0.36 -11.20 59.09
N PHE B 140 0.71 -11.34 59.89
CA PHE B 140 0.84 -10.60 61.14
C PHE B 140 2.17 -9.87 61.19
N LEU B 141 2.12 -8.59 61.52
CA LEU B 141 3.31 -7.79 61.80
C LEU B 141 3.13 -7.17 63.18
N GLY B 142 3.99 -7.58 64.12
CA GLY B 142 3.83 -7.20 65.50
C GLY B 142 5.02 -6.48 66.08
N VAL B 143 4.76 -5.35 66.75
CA VAL B 143 5.78 -4.55 67.39
C VAL B 143 5.43 -4.44 68.87
N TYR B 144 6.46 -4.26 69.70
CA TYR B 144 6.30 -4.11 71.13
C TYR B 144 7.04 -2.87 71.60
N TYR B 145 6.51 -2.23 72.64
CA TYR B 145 7.11 -1.01 73.17
C TYR B 145 8.25 -1.37 74.11
N HIS B 146 9.45 -0.87 73.81
CA HIS B 146 10.62 -1.10 74.65
C HIS B 146 10.64 -0.02 75.72
N LYS B 147 10.16 -0.36 76.92
CA LYS B 147 10.05 0.63 77.99
C LYS B 147 11.42 1.19 78.36
N ASN B 148 12.43 0.32 78.44
CA ASN B 148 13.77 0.78 78.78
C ASN B 148 14.29 1.76 77.72
N ASN B 149 14.08 1.45 76.44
CA ASN B 149 14.51 2.31 75.36
C ASN B 149 13.45 3.34 74.97
N LYS B 150 12.24 3.25 75.53
CA LYS B 150 11.17 4.20 75.23
C LYS B 150 10.94 4.32 73.72
N SER B 151 10.96 3.18 73.03
CA SER B 151 10.76 3.16 71.59
C SER B 151 10.19 1.81 71.18
N TRP B 152 9.22 1.83 70.28
CA TRP B 152 8.67 0.59 69.74
C TRP B 152 9.70 -0.09 68.85
N MET B 153 9.70 -1.42 68.86
CA MET B 153 10.61 -2.21 68.04
C MET B 153 9.86 -3.41 67.50
N GLU B 154 9.88 -3.57 66.18
CA GLU B 154 9.20 -4.69 65.56
C GLU B 154 9.88 -6.01 65.94
N SER B 155 9.07 -7.01 66.31
CA SER B 155 9.60 -8.29 66.73
C SER B 155 8.83 -9.49 66.23
N GLU B 156 7.79 -9.30 65.41
CA GLU B 156 7.01 -10.40 64.87
C GLU B 156 6.72 -10.14 63.40
N PHE B 157 7.02 -11.12 62.55
CA PHE B 157 6.74 -11.05 61.12
C PHE B 157 6.36 -12.45 60.65
N ARG B 158 5.05 -12.70 60.52
CA ARG B 158 4.53 -14.00 60.11
C ARG B 158 3.54 -13.76 58.98
N VAL B 159 4.05 -13.69 57.75
CA VAL B 159 3.27 -13.38 56.57
C VAL B 159 3.09 -14.60 55.67
N TYR B 160 4.18 -15.27 55.33
CA TYR B 160 4.16 -16.43 54.45
C TYR B 160 4.79 -17.63 55.16
N SER B 161 4.14 -18.79 55.02
CA SER B 161 4.69 -20.01 55.60
C SER B 161 5.93 -20.49 54.84
N SER B 162 5.97 -20.28 53.53
CA SER B 162 7.09 -20.72 52.72
C SER B 162 7.26 -19.80 51.54
N ALA B 163 8.46 -19.81 50.97
CA ALA B 163 8.77 -19.02 49.78
C ALA B 163 9.80 -19.80 48.97
N ASN B 164 9.38 -20.30 47.82
CA ASN B 164 10.23 -21.15 47.00
C ASN B 164 10.29 -20.61 45.57
N ASN B 165 11.42 -20.88 44.91
CA ASN B 165 11.64 -20.48 43.52
C ASN B 165 11.37 -18.98 43.34
N CYS B 166 12.10 -18.19 44.12
CA CYS B 166 11.97 -16.74 44.04
C CYS B 166 12.36 -16.25 42.66
N THR B 167 11.55 -15.35 42.11
CA THR B 167 11.81 -14.77 40.80
C THR B 167 12.34 -13.35 40.86
N PHE B 168 12.13 -12.64 41.97
CA PHE B 168 12.66 -11.29 42.09
C PHE B 168 12.89 -10.96 43.56
N GLU B 169 13.91 -10.15 43.82
CA GLU B 169 14.19 -9.66 45.17
C GLU B 169 14.87 -8.31 45.08
N TYR B 170 14.40 -7.34 45.87
CA TYR B 170 15.00 -6.02 45.93
C TYR B 170 14.77 -5.44 47.30
N VAL B 171 15.84 -5.04 47.97
CA VAL B 171 15.78 -4.45 49.31
C VAL B 171 16.36 -3.04 49.24
N SER B 172 15.59 -2.06 49.69
CA SER B 172 16.06 -0.69 49.73
C SER B 172 17.05 -0.50 50.88
N GLN B 173 17.69 0.67 50.90
CA GLN B 173 18.70 0.94 51.90
C GLN B 173 18.07 0.99 53.29
N PRO B 174 18.80 0.55 54.32
CA PRO B 174 18.24 0.60 55.68
C PRO B 174 17.92 2.03 56.11
N PHE B 175 16.83 2.16 56.85
CA PHE B 175 16.44 3.43 57.46
C PHE B 175 15.64 3.12 58.72
N LEU B 176 15.31 4.17 59.47
CA LEU B 176 14.55 4.05 60.71
C LEU B 176 13.20 4.72 60.52
N MET B 177 12.13 3.95 60.70
CA MET B 177 10.77 4.47 60.60
C MET B 177 10.26 4.87 61.98
N ASP B 178 9.61 6.02 62.04
CA ASP B 178 9.09 6.53 63.31
C ASP B 178 7.89 5.70 63.74
N LEU B 179 8.00 5.04 64.88
CA LEU B 179 6.92 4.21 65.41
C LEU B 179 6.23 4.91 66.58
N PHE B 186 -3.42 16.40 62.96
CA PHE B 186 -2.34 16.28 61.98
C PHE B 186 -2.16 14.82 61.57
N LYS B 187 -2.80 14.44 60.47
CA LYS B 187 -2.67 13.09 59.92
C LYS B 187 -1.83 13.13 58.65
N ASN B 188 -1.45 11.95 58.19
CA ASN B 188 -0.69 11.77 56.97
C ASN B 188 -1.52 10.99 55.97
N LEU B 189 -1.56 11.48 54.74
CA LEU B 189 -2.21 10.81 53.62
C LEU B 189 -1.13 10.32 52.67
N ARG B 190 -1.02 9.00 52.53
CA ARG B 190 -0.08 8.37 51.60
C ARG B 190 -0.89 7.74 50.48
N GLU B 191 -0.74 8.28 49.28
CA GLU B 191 -1.43 7.77 48.10
C GLU B 191 -0.45 6.99 47.24
N PHE B 192 -0.93 5.89 46.68
CA PHE B 192 -0.12 5.04 45.83
C PHE B 192 -0.96 4.58 44.65
N VAL B 193 -0.31 4.40 43.51
CA VAL B 193 -0.95 3.87 42.31
C VAL B 193 -0.12 2.69 41.84
N PHE B 194 -0.77 1.53 41.71
CA PHE B 194 -0.12 0.31 41.27
C PHE B 194 -0.72 -0.08 39.93
N LYS B 195 0.13 -0.21 38.91
CA LYS B 195 -0.32 -0.50 37.56
C LYS B 195 0.54 -1.60 36.96
N ASN B 196 -0.08 -2.72 36.60
CA ASN B 196 0.62 -3.86 35.99
C ASN B 196 0.33 -3.84 34.50
N ILE B 197 1.30 -3.38 33.72
CA ILE B 197 1.15 -3.28 32.26
C ILE B 197 2.44 -3.79 31.61
N ASP B 198 2.28 -4.66 30.61
CA ASP B 198 3.41 -5.16 29.83
C ASP B 198 4.45 -5.82 30.72
N GLY B 199 3.99 -6.58 31.71
CA GLY B 199 4.90 -7.23 32.63
C GLY B 199 5.65 -6.30 33.56
N TYR B 200 5.29 -5.02 33.57
CA TYR B 200 5.91 -4.02 34.42
C TYR B 200 4.92 -3.62 35.50
N PHE B 201 5.33 -3.76 36.76
CA PHE B 201 4.57 -3.30 37.91
C PHE B 201 5.11 -1.92 38.26
N LYS B 202 4.34 -0.89 37.92
CA LYS B 202 4.72 0.48 38.18
C LYS B 202 4.04 0.96 39.45
N ILE B 203 4.83 1.55 40.35
CA ILE B 203 4.34 2.09 41.61
C ILE B 203 4.63 3.59 41.59
N TYR B 204 3.58 4.38 41.73
CA TYR B 204 3.68 5.82 41.87
C TYR B 204 3.23 6.19 43.28
N SER B 205 3.87 7.18 43.89
CA SER B 205 3.63 7.47 45.30
C SER B 205 3.51 8.98 45.52
N LYS B 206 2.78 9.34 46.58
CA LYS B 206 2.69 10.72 47.03
C LYS B 206 2.39 10.71 48.52
N HIS B 207 2.97 11.67 49.23
CA HIS B 207 2.81 11.79 50.67
C HIS B 207 2.46 13.22 51.01
N THR B 208 1.40 13.42 51.79
CA THR B 208 0.95 14.76 52.14
C THR B 208 0.51 14.81 53.59
N PRO B 209 0.65 15.98 54.24
CA PRO B 209 0.01 16.17 55.55
C PRO B 209 -1.43 16.65 55.41
N ILE B 210 -2.38 15.87 55.92
CA ILE B 210 -3.80 16.18 55.81
C ILE B 210 -4.36 16.37 57.22
N ASN B 211 -5.09 17.46 57.42
CA ASN B 211 -5.68 17.79 58.71
C ASN B 211 -7.07 17.23 58.89
N LEU B 212 -7.66 16.63 57.87
CA LEU B 212 -8.99 16.05 57.99
C LEU B 212 -8.94 14.85 58.94
N VAL B 213 -10.08 14.60 59.60
CA VAL B 213 -10.15 13.57 60.62
C VAL B 213 -10.70 12.27 60.03
N ARG B 214 -11.65 12.39 59.10
CA ARG B 214 -12.28 11.22 58.53
C ARG B 214 -12.70 11.52 57.09
N GLY B 215 -12.72 10.49 56.27
CA GLY B 215 -13.12 10.63 54.87
C GLY B 215 -11.94 10.93 53.96
N LEU B 216 -12.09 10.54 52.71
CA LEU B 216 -11.05 10.79 51.71
C LEU B 216 -11.00 12.28 51.41
N PRO B 217 -9.87 12.95 51.60
CA PRO B 217 -9.86 14.41 51.42
C PRO B 217 -10.12 14.81 49.99
N GLN B 218 -10.74 15.98 49.83
CA GLN B 218 -11.05 16.54 48.52
C GLN B 218 -9.97 17.55 48.15
N GLY B 219 -9.26 17.28 47.06
CA GLY B 219 -8.18 18.14 46.64
C GLY B 219 -7.47 17.52 45.46
N PHE B 220 -6.42 18.21 45.01
CA PHE B 220 -5.64 17.78 43.85
C PHE B 220 -4.18 17.70 44.23
N SER B 221 -3.52 16.62 43.80
CA SER B 221 -2.08 16.46 44.00
C SER B 221 -1.61 15.35 43.08
N ALA B 222 -0.65 15.67 42.21
CA ALA B 222 -0.12 14.68 41.29
C ALA B 222 0.78 13.70 42.03
N LEU B 223 0.77 12.44 41.58
CA LEU B 223 1.56 11.38 42.19
C LEU B 223 2.81 11.15 41.34
N GLU B 224 3.98 11.37 41.94
CA GLU B 224 5.23 11.13 41.24
C GLU B 224 5.51 9.64 41.14
N PRO B 225 6.12 9.18 40.05
CA PRO B 225 6.49 7.77 39.97
C PRO B 225 7.49 7.40 41.07
N LEU B 226 7.35 6.19 41.59
CA LEU B 226 8.24 5.68 42.63
C LEU B 226 9.23 4.66 42.07
N VAL B 227 8.75 3.62 41.40
CA VAL B 227 9.64 2.61 40.84
C VAL B 227 8.86 1.70 39.92
N ASP B 228 9.54 1.20 38.88
CA ASP B 228 8.98 0.21 37.98
C ASP B 228 9.76 -1.10 38.13
N LEU B 229 9.04 -2.21 38.27
CA LEU B 229 9.65 -3.51 38.46
C LEU B 229 9.24 -4.44 37.33
N PRO B 230 10.17 -4.99 36.54
CA PRO B 230 9.78 -5.95 35.48
C PRO B 230 9.53 -7.35 36.03
N ILE B 231 8.54 -7.46 36.92
CA ILE B 231 8.26 -8.75 37.53
C ILE B 231 7.70 -9.73 36.48
N GLY B 232 6.88 -9.24 35.57
CA GLY B 232 6.35 -10.07 34.51
C GLY B 232 5.49 -11.21 34.99
N ILE B 233 4.56 -10.93 35.90
CA ILE B 233 3.65 -11.92 36.43
C ILE B 233 2.21 -11.44 36.21
N ASN B 234 1.27 -12.34 36.52
CA ASN B 234 -0.16 -12.03 36.40
C ASN B 234 -0.71 -11.72 37.78
N ILE B 235 -1.43 -10.60 37.88
CA ILE B 235 -2.01 -10.14 39.14
C ILE B 235 -3.49 -9.88 38.93
N THR B 236 -4.31 -10.45 39.81
CA THR B 236 -5.76 -10.19 39.80
C THR B 236 -6.33 -9.86 41.16
N ARG B 237 -5.64 -10.17 42.26
CA ARG B 237 -6.11 -9.85 43.60
C ARG B 237 -4.94 -9.35 44.43
N PHE B 238 -5.26 -8.57 45.47
CA PHE B 238 -4.25 -8.10 46.39
C PHE B 238 -4.89 -7.86 47.75
N GLN B 239 -4.05 -7.86 48.78
CA GLN B 239 -4.49 -7.65 50.15
C GLN B 239 -3.53 -6.71 50.86
N THR B 240 -4.07 -5.95 51.81
CA THR B 240 -3.29 -4.97 52.53
C THR B 240 -2.63 -5.60 53.76
N LEU B 241 -1.50 -5.03 54.17
CA LEU B 241 -0.75 -5.49 55.32
C LEU B 241 -0.63 -4.35 56.33
N HIS B 242 -1.01 -4.62 57.57
CA HIS B 242 -1.00 -3.64 58.64
C HIS B 242 -0.07 -4.09 59.76
N ILE B 243 0.23 -3.15 60.65
CA ILE B 243 1.11 -3.39 61.79
C ILE B 243 0.25 -3.61 63.03
N SER B 244 0.70 -4.50 63.91
CA SER B 244 0.01 -4.81 65.15
C SER B 244 0.85 -4.32 66.33
N TYR B 245 0.22 -3.55 67.21
CA TYR B 245 0.88 -3.01 68.40
C TYR B 245 0.58 -3.93 69.58
N LEU B 246 1.56 -4.74 69.95
CA LEU B 246 1.41 -5.59 71.11
C LEU B 246 1.48 -4.76 72.39
N THR B 247 0.50 -4.94 73.26
CA THR B 247 0.42 -4.18 74.51
C THR B 247 0.17 -5.11 75.67
N PRO B 248 0.65 -4.77 76.87
CA PRO B 248 0.40 -5.64 78.02
C PRO B 248 -1.07 -5.82 78.34
N GLY B 249 -1.89 -4.79 78.12
CA GLY B 249 -3.31 -4.85 78.40
C GLY B 249 -3.61 -4.74 79.88
N ALA B 257 -7.70 3.43 69.70
CA ALA B 257 -9.01 3.62 69.11
C ALA B 257 -8.90 4.34 67.77
N GLY B 258 -7.88 5.19 67.64
CA GLY B 258 -7.67 5.93 66.42
C GLY B 258 -7.06 5.08 65.33
N ALA B 259 -7.78 4.04 64.91
CA ALA B 259 -7.28 3.14 63.88
C ALA B 259 -7.17 3.86 62.54
N ALA B 260 -6.13 3.52 61.78
CA ALA B 260 -5.93 4.11 60.48
C ALA B 260 -7.03 3.66 59.52
N ALA B 261 -7.25 4.47 58.48
CA ALA B 261 -8.23 4.15 57.45
C ALA B 261 -7.54 4.07 56.10
N TYR B 262 -8.13 3.32 55.17
CA TYR B 262 -7.59 3.28 53.83
C TYR B 262 -8.72 3.14 52.83
N TYR B 263 -8.46 3.62 51.62
CA TYR B 263 -9.42 3.66 50.53
C TYR B 263 -8.80 3.03 49.30
N VAL B 264 -9.64 2.42 48.45
CA VAL B 264 -9.19 1.75 47.24
C VAL B 264 -10.13 2.12 46.11
N GLY B 265 -9.55 2.44 44.96
CA GLY B 265 -10.31 2.64 43.75
C GLY B 265 -9.64 1.92 42.59
N TYR B 266 -10.43 1.69 41.55
CA TYR B 266 -9.96 0.97 40.36
C TYR B 266 -9.80 1.94 39.21
N LEU B 267 -8.62 1.92 38.59
CA LEU B 267 -8.36 2.77 37.45
C LEU B 267 -9.04 2.21 36.20
N GLN B 268 -9.22 3.08 35.21
CA GLN B 268 -9.88 2.73 33.97
C GLN B 268 -9.15 3.41 32.82
N PRO B 269 -9.27 2.87 31.59
CA PRO B 269 -8.69 3.56 30.43
C PRO B 269 -9.43 4.86 30.12
N ARG B 270 -8.76 5.99 30.30
CA ARG B 270 -9.38 7.30 30.18
C ARG B 270 -8.41 8.25 29.51
N THR B 271 -8.97 9.33 28.98
CA THR B 271 -8.21 10.43 28.40
C THR B 271 -8.27 11.62 29.36
N PHE B 272 -7.12 12.18 29.69
CA PHE B 272 -6.99 13.26 30.64
C PHE B 272 -6.25 14.42 30.01
N LEU B 273 -6.69 15.64 30.33
CA LEU B 273 -6.00 16.86 29.92
C LEU B 273 -5.28 17.41 31.15
N LEU B 274 -3.96 17.29 31.16
CA LEU B 274 -3.15 17.71 32.30
C LEU B 274 -2.50 19.05 32.00
N LYS B 275 -2.45 19.91 33.01
CA LYS B 275 -1.97 21.28 32.87
C LYS B 275 -0.63 21.41 33.60
N TYR B 276 0.47 21.32 32.85
CA TYR B 276 1.79 21.53 33.43
C TYR B 276 2.06 23.02 33.56
N ASN B 277 2.42 23.44 34.77
CA ASN B 277 2.69 24.85 35.04
C ASN B 277 4.15 25.16 34.69
N GLU B 278 4.61 26.35 35.10
CA GLU B 278 5.96 26.79 34.73
C GLU B 278 7.01 25.81 35.24
N ASN B 279 6.89 25.39 36.50
CA ASN B 279 7.84 24.45 37.08
C ASN B 279 7.65 23.04 36.57
N GLY B 280 6.60 22.78 35.80
CA GLY B 280 6.31 21.46 35.29
C GLY B 280 5.44 20.62 36.19
N THR B 281 5.15 21.06 37.41
CA THR B 281 4.25 20.33 38.28
C THR B 281 2.83 20.41 37.72
N ILE B 282 2.16 19.26 37.66
CA ILE B 282 0.80 19.23 37.13
C ILE B 282 -0.10 19.97 38.12
N THR B 283 -0.53 21.18 37.74
CA THR B 283 -1.37 21.98 38.61
C THR B 283 -2.81 21.48 38.64
N ASP B 284 -3.30 20.97 37.52
CA ASP B 284 -4.69 20.52 37.46
C ASP B 284 -4.83 19.51 36.33
N ALA B 285 -5.94 18.78 36.37
CA ALA B 285 -6.27 17.81 35.34
C ALA B 285 -7.77 17.84 35.09
N VAL B 286 -8.15 17.49 33.86
CA VAL B 286 -9.55 17.44 33.44
C VAL B 286 -9.82 16.06 32.85
N ASP B 287 -10.86 15.40 33.35
CA ASP B 287 -11.24 14.08 32.86
C ASP B 287 -12.24 14.28 31.71
N CYS B 288 -11.80 13.95 30.49
CA CYS B 288 -12.60 14.26 29.31
C CYS B 288 -13.95 13.59 29.36
N ALA B 289 -13.99 12.30 29.68
CA ALA B 289 -15.23 11.53 29.64
C ALA B 289 -16.06 11.65 30.91
N LEU B 290 -15.77 12.64 31.76
CA LEU B 290 -16.55 12.81 32.99
C LEU B 290 -17.93 13.40 32.69
N ASP B 291 -17.99 14.41 31.83
CA ASP B 291 -19.22 15.14 31.57
C ASP B 291 -19.03 15.94 30.27
N PRO B 292 -20.13 16.41 29.67
CA PRO B 292 -19.99 17.15 28.41
C PRO B 292 -19.08 18.36 28.52
N LEU B 293 -19.11 19.07 29.64
CA LEU B 293 -18.24 20.22 29.80
C LEU B 293 -16.77 19.83 29.70
N SER B 294 -16.39 18.73 30.35
CA SER B 294 -15.01 18.27 30.26
C SER B 294 -14.68 17.80 28.85
N GLU B 295 -15.66 17.22 28.15
CA GLU B 295 -15.42 16.85 26.76
C GLU B 295 -15.13 18.07 25.91
N THR B 296 -15.87 19.17 26.13
CA THR B 296 -15.55 20.41 25.44
C THR B 296 -14.16 20.89 25.80
N LYS B 297 -13.81 20.87 27.09
CA LYS B 297 -12.51 21.34 27.52
C LYS B 297 -11.39 20.57 26.83
N CYS B 298 -11.55 19.25 26.73
CA CYS B 298 -10.54 18.45 26.04
C CYS B 298 -10.55 18.70 24.54
N THR B 299 -11.72 19.00 23.97
CA THR B 299 -11.79 19.30 22.55
C THR B 299 -10.95 20.52 22.20
N LEU B 300 -11.03 21.56 23.02
CA LEU B 300 -10.31 22.80 22.79
C LEU B 300 -8.91 22.82 23.40
N LYS B 301 -8.54 21.77 24.14
CA LYS B 301 -7.25 21.75 24.84
C LYS B 301 -7.13 22.97 25.75
N SER B 302 -8.24 23.34 26.40
CA SER B 302 -8.29 24.52 27.23
C SER B 302 -9.05 24.22 28.52
N PHE B 303 -8.66 24.90 29.58
CA PHE B 303 -9.32 24.81 30.88
C PHE B 303 -10.36 25.93 30.98
N THR B 304 -10.13 27.01 30.23
CA THR B 304 -11.04 28.17 30.22
C THR B 304 -11.84 28.20 28.91
N VAL B 305 -13.16 28.23 29.03
CA VAL B 305 -14.00 28.18 27.83
C VAL B 305 -14.83 29.46 27.77
N GLU B 306 -14.74 30.15 26.65
CA GLU B 306 -15.47 31.39 26.46
C GLU B 306 -16.91 31.09 26.05
N LYS B 307 -17.75 32.13 26.06
CA LYS B 307 -19.13 31.97 25.65
C LYS B 307 -19.20 31.53 24.19
N GLY B 308 -20.11 30.61 23.91
CA GLY B 308 -20.31 30.13 22.55
C GLY B 308 -20.80 28.70 22.56
N ILE B 309 -20.94 28.16 21.36
CA ILE B 309 -21.37 26.78 21.14
C ILE B 309 -20.23 26.05 20.45
N TYR B 310 -19.78 24.96 21.05
CA TYR B 310 -18.63 24.20 20.58
C TYR B 310 -19.07 22.79 20.22
N GLN B 311 -18.81 22.39 18.97
CA GLN B 311 -19.09 21.02 18.55
C GLN B 311 -18.12 20.11 19.28
N THR B 312 -18.61 19.43 20.32
CA THR B 312 -17.74 18.59 21.14
C THR B 312 -17.60 17.20 20.57
N SER B 313 -18.71 16.49 20.40
CA SER B 313 -18.65 15.06 20.11
C SER B 313 -19.65 14.73 19.00
N ASN B 314 -19.84 13.44 18.76
CA ASN B 314 -20.87 12.95 17.85
C ASN B 314 -21.67 11.89 18.58
N PHE B 315 -22.98 12.08 18.62
CA PHE B 315 -23.89 11.12 19.24
C PHE B 315 -24.36 10.14 18.19
N ARG B 316 -24.11 8.85 18.43
CA ARG B 316 -24.55 7.77 17.56
C ARG B 316 -25.28 6.74 18.42
N VAL B 317 -26.53 6.46 18.08
CA VAL B 317 -27.31 5.46 18.79
C VAL B 317 -26.93 4.02 18.15
N GLN B 318 -26.52 2.97 18.92
CA GLN B 318 -26.09 1.58 18.41
C GLN B 318 -27.15 0.42 18.43
N PRO B 319 -27.14 -0.59 17.55
CA PRO B 319 -28.29 -1.49 17.44
C PRO B 319 -28.56 -2.24 18.73
N THR B 320 -29.83 -2.36 19.09
CA THR B 320 -30.20 -3.05 20.32
C THR B 320 -30.08 -4.56 20.17
N GLU B 321 -30.42 -5.09 18.99
CA GLU B 321 -30.43 -6.53 18.76
C GLU B 321 -30.26 -6.79 17.28
N SER B 322 -30.16 -8.07 16.93
CA SER B 322 -29.98 -8.51 15.56
C SER B 322 -31.25 -9.22 15.08
N ILE B 323 -31.64 -8.93 13.84
CA ILE B 323 -32.80 -9.53 13.21
C ILE B 323 -32.34 -10.29 11.97
N VAL B 324 -32.73 -11.55 11.87
CA VAL B 324 -32.39 -12.40 10.74
C VAL B 324 -33.68 -13.00 10.20
N ARG B 325 -33.96 -12.78 8.92
CA ARG B 325 -35.15 -13.32 8.27
C ARG B 325 -34.77 -13.88 6.91
N PHE B 326 -35.26 -15.08 6.62
CA PHE B 326 -35.04 -15.76 5.36
C PHE B 326 -36.35 -16.36 4.88
N PRO B 327 -36.48 -16.65 3.59
CA PRO B 327 -37.64 -17.40 3.12
C PRO B 327 -37.71 -18.76 3.80
N ASN B 328 -38.65 -18.91 4.73
CA ASN B 328 -38.76 -20.14 5.49
C ASN B 328 -38.87 -21.41 4.62
N ILE B 329 -38.25 -22.49 5.11
CA ILE B 329 -38.40 -23.84 4.56
C ILE B 329 -38.39 -23.94 3.03
N THR B 330 -37.21 -23.77 2.44
CA THR B 330 -37.04 -23.84 1.00
C THR B 330 -37.49 -25.17 0.41
N ASN B 331 -36.76 -26.23 0.71
CA ASN B 331 -37.08 -27.56 0.21
C ASN B 331 -37.29 -28.57 1.33
N LEU B 332 -37.32 -29.85 0.98
CA LEU B 332 -37.52 -30.92 1.96
C LEU B 332 -36.81 -32.22 1.57
N CYS B 333 -36.06 -32.77 2.51
CA CYS B 333 -35.33 -34.01 2.30
C CYS B 333 -36.18 -35.19 2.78
N PRO B 334 -36.24 -36.29 1.99
CA PRO B 334 -37.08 -37.44 2.39
C PRO B 334 -36.35 -38.41 3.34
N PHE B 335 -36.13 -37.95 4.58
CA PHE B 335 -35.57 -38.81 5.60
C PHE B 335 -36.57 -39.82 6.13
N GLY B 336 -37.87 -39.46 6.16
CA GLY B 336 -38.87 -40.38 6.65
C GLY B 336 -38.96 -41.65 5.82
N GLU B 337 -38.75 -41.55 4.51
CA GLU B 337 -38.80 -42.73 3.65
C GLU B 337 -37.77 -43.77 4.08
N VAL B 338 -36.68 -43.35 4.73
CA VAL B 338 -35.65 -44.28 5.19
C VAL B 338 -35.97 -44.80 6.59
N PHE B 339 -36.20 -43.89 7.54
CA PHE B 339 -36.44 -44.30 8.92
C PHE B 339 -37.77 -45.03 9.08
N ASN B 340 -38.83 -44.50 8.48
CA ASN B 340 -40.17 -45.03 8.65
C ASN B 340 -40.50 -46.12 7.62
N ALA B 341 -39.50 -46.63 6.89
CA ALA B 341 -39.75 -47.72 5.97
C ALA B 341 -40.25 -48.94 6.74
N THR B 342 -41.35 -49.53 6.24
CA THR B 342 -41.94 -50.66 6.93
C THR B 342 -41.01 -51.86 6.95
N ARG B 343 -40.17 -52.02 5.93
CA ARG B 343 -39.25 -53.15 5.83
C ARG B 343 -37.85 -52.63 5.53
N PHE B 344 -36.87 -53.20 6.22
CA PHE B 344 -35.47 -52.85 6.06
C PHE B 344 -34.73 -53.96 5.31
N ALA B 345 -33.61 -53.58 4.70
CA ALA B 345 -32.80 -54.51 3.94
C ALA B 345 -31.79 -55.21 4.85
N SER B 346 -31.31 -56.36 4.37
CA SER B 346 -30.30 -57.11 5.11
C SER B 346 -29.00 -56.32 5.17
N VAL B 347 -28.21 -56.59 6.22
CA VAL B 347 -26.97 -55.85 6.41
C VAL B 347 -26.03 -56.09 5.24
N TYR B 348 -25.97 -57.33 4.73
CA TYR B 348 -25.13 -57.61 3.57
C TYR B 348 -25.65 -56.89 2.33
N ALA B 349 -26.96 -56.63 2.28
CA ALA B 349 -27.55 -55.89 1.17
C ALA B 349 -28.12 -54.57 1.68
N TRP B 350 -27.36 -53.89 2.54
CA TRP B 350 -27.81 -52.65 3.14
C TRP B 350 -28.24 -51.66 2.05
N ASN B 351 -29.42 -51.08 2.24
CA ASN B 351 -29.94 -50.11 1.28
C ASN B 351 -29.24 -48.78 1.46
N ARG B 352 -29.12 -48.04 0.36
CA ARG B 352 -28.57 -46.69 0.37
C ARG B 352 -29.51 -45.75 -0.38
N LYS B 353 -29.76 -44.58 0.19
CA LYS B 353 -30.54 -43.54 -0.45
C LYS B 353 -29.68 -42.29 -0.56
N ARG B 354 -29.63 -41.72 -1.77
CA ARG B 354 -28.88 -40.49 -2.01
C ARG B 354 -29.84 -39.30 -1.91
N ILE B 355 -29.51 -38.36 -1.03
CA ILE B 355 -30.32 -37.18 -0.78
C ILE B 355 -29.54 -35.97 -1.27
N SER B 356 -30.18 -35.18 -2.14
CA SER B 356 -29.55 -33.98 -2.68
C SER B 356 -30.65 -33.01 -3.12
N ASN B 357 -30.31 -31.73 -3.12
CA ASN B 357 -31.21 -30.66 -3.57
C ASN B 357 -32.48 -30.63 -2.72
N CYS B 358 -32.26 -30.43 -1.42
CA CYS B 358 -33.37 -30.38 -0.46
C CYS B 358 -32.86 -29.79 0.84
N VAL B 359 -33.81 -29.34 1.67
CA VAL B 359 -33.50 -28.80 2.98
C VAL B 359 -33.67 -29.91 4.01
N ALA B 360 -32.59 -30.24 4.72
CA ALA B 360 -32.55 -31.34 5.66
C ALA B 360 -32.86 -30.82 7.06
N ASP B 361 -34.03 -31.18 7.59
CA ASP B 361 -34.49 -30.76 8.91
C ASP B 361 -34.05 -31.82 9.92
N TYR B 362 -32.87 -31.62 10.50
CA TYR B 362 -32.32 -32.59 11.44
C TYR B 362 -32.98 -32.51 12.81
N SER B 363 -33.43 -31.32 13.22
CA SER B 363 -34.00 -31.17 14.55
C SER B 363 -35.24 -32.03 14.72
N VAL B 364 -36.18 -31.93 13.77
CA VAL B 364 -37.37 -32.78 13.83
C VAL B 364 -36.99 -34.24 13.64
N LEU B 365 -35.98 -34.52 12.81
CA LEU B 365 -35.58 -35.89 12.55
C LEU B 365 -35.10 -36.59 13.83
N TYR B 366 -34.34 -35.88 14.66
CA TYR B 366 -33.73 -36.48 15.83
C TYR B 366 -34.66 -36.51 17.04
N ASN B 367 -35.82 -35.86 16.98
CA ASN B 367 -36.79 -35.87 18.06
C ASN B 367 -38.07 -36.60 17.69
N SER B 368 -38.04 -37.40 16.62
CA SER B 368 -39.23 -38.11 16.17
C SER B 368 -39.44 -39.39 16.98
N ALA B 369 -38.48 -40.30 16.93
CA ALA B 369 -38.59 -41.58 17.62
C ALA B 369 -37.57 -41.68 18.75
N SER B 370 -37.68 -42.77 19.51
CA SER B 370 -36.76 -43.07 20.60
C SER B 370 -35.65 -43.96 20.05
N PHE B 371 -34.42 -43.46 20.06
CA PHE B 371 -33.27 -44.17 19.51
C PHE B 371 -32.44 -44.75 20.64
N SER B 372 -32.18 -46.06 20.56
CA SER B 372 -31.35 -46.73 21.55
C SER B 372 -29.87 -46.47 21.35
N THR B 373 -29.47 -45.93 20.20
CA THR B 373 -28.07 -45.61 19.94
C THR B 373 -28.04 -44.41 19.00
N PHE B 374 -27.23 -43.40 19.35
CA PHE B 374 -27.13 -42.18 18.55
C PHE B 374 -25.73 -41.64 18.76
N LYS B 375 -24.83 -41.90 17.82
CA LYS B 375 -23.44 -41.48 17.94
C LYS B 375 -22.98 -40.84 16.64
N CYS B 376 -22.43 -39.63 16.76
CA CYS B 376 -21.93 -38.87 15.62
C CYS B 376 -20.42 -38.71 15.74
N TYR B 377 -19.75 -38.67 14.59
CA TYR B 377 -18.31 -38.56 14.52
C TYR B 377 -17.96 -37.50 13.48
N GLY B 378 -17.08 -36.57 13.86
CA GLY B 378 -16.67 -35.52 12.98
C GLY B 378 -17.67 -34.39 12.81
N VAL B 379 -18.80 -34.45 13.52
CA VAL B 379 -19.83 -33.42 13.41
C VAL B 379 -20.81 -33.61 14.55
N SER B 380 -21.30 -32.50 15.10
CA SER B 380 -22.27 -32.60 16.19
C SER B 380 -23.69 -32.66 15.62
N PRO B 381 -24.63 -33.33 16.30
CA PRO B 381 -26.00 -33.40 15.76
C PRO B 381 -26.65 -32.03 15.60
N THR B 382 -26.37 -31.09 16.51
CA THR B 382 -27.02 -29.79 16.49
C THR B 382 -26.42 -28.82 15.48
N LYS B 383 -25.20 -29.08 15.01
CA LYS B 383 -24.55 -28.20 14.05
C LYS B 383 -24.96 -28.48 12.60
N LEU B 384 -25.61 -29.62 12.34
CA LEU B 384 -25.96 -29.98 10.97
C LEU B 384 -26.92 -28.97 10.37
N ASN B 385 -27.77 -28.35 11.18
CA ASN B 385 -28.69 -27.34 10.66
C ASN B 385 -27.94 -26.14 10.08
N ASP B 386 -26.68 -25.95 10.45
CA ASP B 386 -25.88 -24.84 9.95
C ASP B 386 -24.97 -25.22 8.80
N LEU B 387 -24.85 -26.51 8.50
CA LEU B 387 -23.90 -26.99 7.50
C LEU B 387 -24.59 -27.33 6.19
N CYS B 388 -23.89 -27.11 5.09
CA CYS B 388 -24.32 -27.52 3.77
C CYS B 388 -23.36 -28.56 3.23
N PHE B 389 -23.88 -29.49 2.42
CA PHE B 389 -23.09 -30.57 1.88
C PHE B 389 -23.49 -30.82 0.44
N THR B 390 -22.54 -31.35 -0.34
CA THR B 390 -22.82 -31.68 -1.74
C THR B 390 -23.91 -32.75 -1.82
N ASN B 391 -23.82 -33.79 -0.99
CA ASN B 391 -24.80 -34.86 -1.00
C ASN B 391 -24.88 -35.47 0.39
N VAL B 392 -25.93 -36.25 0.62
CA VAL B 392 -26.09 -37.02 1.84
C VAL B 392 -26.42 -38.46 1.46
N TYR B 393 -25.94 -39.40 2.25
CA TYR B 393 -26.21 -40.82 2.04
C TYR B 393 -26.84 -41.39 3.30
N ALA B 394 -28.00 -42.03 3.13
CA ALA B 394 -28.71 -42.69 4.23
C ALA B 394 -28.62 -44.19 3.98
N ASP B 395 -27.81 -44.88 4.77
CA ASP B 395 -27.63 -46.32 4.65
C ASP B 395 -28.46 -47.00 5.74
N SER B 396 -29.41 -47.84 5.32
CA SER B 396 -30.34 -48.47 6.23
C SER B 396 -30.18 -49.97 6.16
N PHE B 397 -30.23 -50.62 7.32
CA PHE B 397 -30.15 -52.08 7.39
C PHE B 397 -30.61 -52.53 8.78
N VAL B 398 -30.53 -53.83 9.00
CA VAL B 398 -30.90 -54.45 10.27
C VAL B 398 -29.79 -55.41 10.69
N ILE B 399 -29.45 -55.39 11.97
CA ILE B 399 -28.40 -56.24 12.52
C ILE B 399 -28.82 -56.75 13.89
N ARG B 400 -27.93 -57.51 14.53
CA ARG B 400 -28.14 -57.89 15.92
C ARG B 400 -27.83 -56.72 16.85
N GLY B 401 -28.39 -56.78 18.05
CA GLY B 401 -28.08 -55.76 19.04
C GLY B 401 -26.61 -55.75 19.41
N ASP B 402 -26.05 -56.92 19.70
CA ASP B 402 -24.64 -57.02 20.04
C ASP B 402 -23.73 -56.59 18.89
N GLU B 403 -24.22 -56.60 17.66
CA GLU B 403 -23.46 -56.14 16.50
C GLU B 403 -23.56 -54.64 16.29
N VAL B 404 -24.44 -53.96 17.02
CA VAL B 404 -24.58 -52.51 16.84
C VAL B 404 -23.26 -51.81 17.15
N ARG B 405 -22.48 -52.34 18.09
CA ARG B 405 -21.19 -51.74 18.41
C ARG B 405 -20.23 -51.76 17.23
N GLN B 406 -20.40 -52.72 16.30
CA GLN B 406 -19.51 -52.81 15.16
C GLN B 406 -19.72 -51.69 14.14
N ILE B 407 -20.82 -50.94 14.25
CA ILE B 407 -21.10 -49.85 13.33
C ILE B 407 -20.48 -48.57 13.89
N ALA B 408 -19.19 -48.36 13.61
CA ALA B 408 -18.49 -47.17 14.07
C ALA B 408 -17.11 -47.16 13.45
N PRO B 409 -16.43 -46.01 13.43
CA PRO B 409 -15.09 -45.96 12.84
C PRO B 409 -14.13 -46.87 13.57
N GLY B 410 -13.22 -47.48 12.82
CA GLY B 410 -12.18 -48.30 13.41
C GLY B 410 -12.66 -49.57 14.05
N GLN B 411 -13.83 -50.07 13.66
CA GLN B 411 -14.40 -51.29 14.22
C GLN B 411 -14.12 -52.48 13.32
N THR B 412 -14.07 -53.66 13.92
CA THR B 412 -13.82 -54.89 13.21
C THR B 412 -14.80 -55.96 13.70
N GLY B 413 -15.04 -56.95 12.84
CA GLY B 413 -15.98 -58.01 13.15
C GLY B 413 -16.68 -58.50 11.90
N ASN B 414 -17.59 -59.46 12.04
CA ASN B 414 -18.27 -59.99 10.87
C ASN B 414 -19.06 -58.91 10.13
N ILE B 415 -19.84 -58.11 10.85
CA ILE B 415 -20.60 -57.04 10.20
C ILE B 415 -19.68 -55.98 9.64
N ALA B 416 -18.67 -55.56 10.42
CA ALA B 416 -17.75 -54.53 9.96
C ALA B 416 -16.92 -55.00 8.78
N ASP B 417 -16.50 -56.27 8.78
CA ASP B 417 -15.54 -56.74 7.78
C ASP B 417 -16.21 -57.23 6.51
N TYR B 418 -17.37 -57.90 6.63
CA TYR B 418 -17.95 -58.61 5.50
C TYR B 418 -19.32 -58.10 5.08
N ASN B 419 -19.96 -57.24 5.87
CA ASN B 419 -21.31 -56.78 5.53
C ASN B 419 -21.35 -55.28 5.28
N TYR B 420 -20.83 -54.49 6.22
CA TYR B 420 -20.91 -53.04 6.12
C TYR B 420 -19.74 -52.44 6.87
N LYS B 421 -18.91 -51.66 6.17
CA LYS B 421 -17.68 -51.12 6.73
C LYS B 421 -17.72 -49.60 6.66
N LEU B 422 -17.32 -48.95 7.75
CA LEU B 422 -17.21 -47.49 7.80
C LEU B 422 -15.75 -47.07 7.78
N PRO B 423 -15.42 -45.92 7.18
CA PRO B 423 -14.03 -45.46 7.19
C PRO B 423 -13.61 -45.00 8.57
N ASP B 424 -12.30 -45.07 8.82
CA ASP B 424 -11.76 -44.61 10.10
C ASP B 424 -12.01 -43.12 10.31
N ASP B 425 -12.05 -42.35 9.23
CA ASP B 425 -12.31 -40.90 9.29
C ASP B 425 -13.75 -40.58 8.92
N PHE B 426 -14.68 -41.47 9.27
CA PHE B 426 -16.08 -41.26 8.92
C PHE B 426 -16.59 -39.97 9.54
N THR B 427 -17.28 -39.17 8.73
CA THR B 427 -17.89 -37.91 9.16
C THR B 427 -19.40 -38.05 8.98
N GLY B 428 -20.10 -38.34 10.07
CA GLY B 428 -21.52 -38.54 10.01
C GLY B 428 -22.02 -39.18 11.28
N CYS B 429 -23.29 -39.59 11.24
CA CYS B 429 -23.97 -40.10 12.42
C CYS B 429 -24.47 -41.51 12.20
N VAL B 430 -24.59 -42.26 13.29
CA VAL B 430 -25.16 -43.60 13.29
C VAL B 430 -26.28 -43.62 14.33
N ILE B 431 -27.46 -44.05 13.91
CA ILE B 431 -28.63 -44.18 14.77
C ILE B 431 -29.12 -45.61 14.68
N ALA B 432 -29.45 -46.20 15.83
CA ALA B 432 -29.95 -47.56 15.87
C ALA B 432 -31.05 -47.67 16.91
N TRP B 433 -32.08 -48.44 16.56
CA TRP B 433 -33.20 -48.63 17.47
C TRP B 433 -33.70 -50.07 17.36
N ASN B 434 -34.11 -50.63 18.50
CA ASN B 434 -34.62 -51.99 18.51
C ASN B 434 -35.87 -52.10 17.63
N SER B 435 -35.91 -53.16 16.82
CA SER B 435 -37.04 -53.43 15.94
C SER B 435 -37.64 -54.79 16.23
N ASN B 436 -37.63 -55.21 17.50
CA ASN B 436 -38.15 -56.53 17.85
C ASN B 436 -39.63 -56.64 17.50
N ASN B 437 -40.41 -55.59 17.79
CA ASN B 437 -41.83 -55.59 17.46
C ASN B 437 -42.08 -55.54 15.97
N LEU B 438 -41.06 -55.25 15.16
CA LEU B 438 -41.20 -55.12 13.71
C LEU B 438 -40.52 -56.23 12.94
N ASP B 439 -39.31 -56.62 13.34
CA ASP B 439 -38.49 -57.57 12.58
C ASP B 439 -38.41 -58.94 13.25
N SER B 440 -39.34 -59.27 14.15
CA SER B 440 -39.36 -60.54 14.84
C SER B 440 -40.69 -61.25 14.61
N LYS B 441 -40.62 -62.56 14.44
CA LYS B 441 -41.79 -63.39 14.24
C LYS B 441 -41.83 -64.50 15.29
N VAL B 442 -43.03 -65.02 15.55
CA VAL B 442 -43.19 -66.09 16.52
C VAL B 442 -42.37 -67.30 16.11
N GLY B 443 -42.48 -67.68 14.83
CA GLY B 443 -41.70 -68.78 14.31
C GLY B 443 -40.30 -68.44 13.89
N GLY B 444 -39.89 -67.18 14.03
CA GLY B 444 -38.57 -66.75 13.65
C GLY B 444 -38.55 -66.05 12.30
N ASN B 445 -37.95 -64.85 12.26
CA ASN B 445 -37.86 -64.06 11.04
C ASN B 445 -36.48 -64.32 10.42
N TYR B 446 -36.44 -65.18 9.41
CA TYR B 446 -35.19 -65.55 8.74
C TYR B 446 -34.94 -64.74 7.48
N ASN B 447 -35.79 -63.75 7.18
CA ASN B 447 -35.60 -62.95 5.98
C ASN B 447 -34.30 -62.15 6.05
N TYR B 448 -33.95 -61.63 7.22
CA TYR B 448 -32.72 -60.86 7.37
C TYR B 448 -31.52 -61.78 7.41
N LEU B 449 -30.53 -61.49 6.57
CA LEU B 449 -29.34 -62.32 6.43
C LEU B 449 -28.10 -61.46 6.60
N TYR B 450 -26.97 -62.11 6.82
CA TYR B 450 -25.69 -61.44 6.95
C TYR B 450 -24.59 -62.33 6.38
N ARG B 451 -23.56 -61.69 5.83
CA ARG B 451 -22.46 -62.42 5.24
C ARG B 451 -21.56 -62.98 6.35
N LEU B 452 -21.25 -64.27 6.28
CA LEU B 452 -20.45 -64.95 7.28
C LEU B 452 -19.04 -65.24 6.80
N PHE B 453 -18.90 -65.72 5.56
CA PHE B 453 -17.60 -66.07 5.02
C PHE B 453 -17.23 -65.13 3.88
N ARG B 454 -15.96 -64.67 3.88
CA ARG B 454 -15.46 -63.81 2.83
C ARG B 454 -13.93 -63.84 2.86
N LYS B 455 -13.34 -63.87 1.68
CA LYS B 455 -11.87 -63.97 1.59
C LYS B 455 -11.19 -62.73 2.17
N SER B 456 -11.74 -61.54 1.92
CA SER B 456 -11.13 -60.30 2.37
C SER B 456 -12.20 -59.38 2.92
N ASN B 457 -11.77 -58.44 3.76
CA ASN B 457 -12.70 -57.50 4.39
C ASN B 457 -13.20 -56.48 3.37
N LEU B 458 -14.38 -55.94 3.65
CA LEU B 458 -14.98 -54.94 2.77
C LEU B 458 -14.29 -53.59 2.93
N LYS B 459 -14.21 -52.86 1.83
CA LYS B 459 -13.79 -51.47 1.87
C LYS B 459 -14.95 -50.60 2.37
N PRO B 460 -14.66 -49.39 2.86
CA PRO B 460 -15.72 -48.55 3.42
C PRO B 460 -16.83 -48.32 2.39
N PHE B 461 -18.08 -48.41 2.87
CA PHE B 461 -19.26 -48.17 2.05
C PHE B 461 -19.34 -49.12 0.86
N GLU B 462 -18.77 -50.31 0.98
CA GLU B 462 -18.84 -51.31 -0.07
C GLU B 462 -19.95 -52.30 0.24
N ARG B 463 -20.74 -52.63 -0.78
CA ARG B 463 -21.84 -53.57 -0.67
C ARG B 463 -21.53 -54.82 -1.48
N ASP B 464 -21.62 -55.97 -0.83
CA ASP B 464 -21.37 -57.27 -1.47
C ASP B 464 -22.63 -58.11 -1.35
N ILE B 465 -23.21 -58.47 -2.50
CA ILE B 465 -24.42 -59.26 -2.55
C ILE B 465 -24.16 -60.63 -3.18
N SER B 466 -22.89 -61.02 -3.28
CA SER B 466 -22.57 -62.30 -3.90
C SER B 466 -23.05 -63.46 -3.04
N THR B 467 -23.63 -64.47 -3.69
CA THR B 467 -24.07 -65.69 -3.02
C THR B 467 -23.25 -66.89 -3.46
N GLU B 468 -22.06 -66.67 -4.03
CA GLU B 468 -21.24 -67.76 -4.50
C GLU B 468 -20.79 -68.63 -3.33
N ILE B 469 -20.71 -69.94 -3.58
CA ILE B 469 -20.27 -70.86 -2.54
C ILE B 469 -18.84 -70.51 -2.14
N TYR B 470 -18.62 -70.37 -0.84
CA TYR B 470 -17.31 -69.99 -0.34
C TYR B 470 -16.40 -71.21 -0.29
N GLN B 471 -15.22 -71.07 -0.88
CA GLN B 471 -14.24 -72.17 -0.96
C GLN B 471 -13.34 -72.06 0.28
N ALA B 472 -13.57 -72.96 1.25
CA ALA B 472 -12.79 -73.01 2.46
C ALA B 472 -11.62 -73.99 2.39
N GLY B 473 -11.47 -74.69 1.26
CA GLY B 473 -10.40 -75.65 1.13
C GLY B 473 -9.68 -75.54 -0.21
N SER B 474 -8.79 -76.50 -0.49
CA SER B 474 -8.04 -76.45 -1.74
C SER B 474 -8.90 -76.84 -2.93
N THR B 475 -9.78 -77.83 -2.77
CA THR B 475 -10.59 -78.28 -3.89
C THR B 475 -11.63 -77.22 -4.27
N PRO B 476 -11.88 -77.03 -5.56
CA PRO B 476 -12.93 -76.09 -5.96
C PRO B 476 -14.31 -76.60 -5.60
N CYS B 477 -15.24 -75.67 -5.38
CA CYS B 477 -16.60 -76.01 -5.02
C CYS B 477 -17.51 -76.16 -6.24
N ASN B 478 -17.28 -75.35 -7.27
CA ASN B 478 -18.08 -75.41 -8.50
C ASN B 478 -19.56 -75.21 -8.20
N GLY B 479 -19.86 -74.32 -7.27
CA GLY B 479 -21.24 -74.02 -6.96
C GLY B 479 -21.98 -75.10 -6.21
N VAL B 480 -21.27 -76.03 -5.58
CA VAL B 480 -21.87 -77.11 -4.80
C VAL B 480 -21.42 -76.93 -3.36
N LYS B 481 -22.38 -76.75 -2.46
CA LYS B 481 -22.07 -76.57 -1.05
C LYS B 481 -21.94 -77.92 -0.36
N GLY B 482 -20.87 -78.08 0.41
CA GLY B 482 -20.59 -79.32 1.11
C GLY B 482 -19.48 -79.12 2.13
N PHE B 483 -18.57 -80.09 2.22
CA PHE B 483 -17.42 -79.94 3.09
C PHE B 483 -16.46 -78.91 2.52
N ASN B 484 -16.04 -77.96 3.34
CA ASN B 484 -15.18 -76.86 2.92
C ASN B 484 -15.81 -76.03 1.81
N CYS B 485 -17.13 -76.10 1.67
CA CYS B 485 -17.87 -75.33 0.67
C CYS B 485 -19.17 -74.87 1.34
N TYR B 486 -19.19 -73.62 1.81
CA TYR B 486 -20.26 -73.11 2.63
C TYR B 486 -20.98 -71.97 1.93
N PHE B 487 -22.29 -71.90 2.14
CA PHE B 487 -23.06 -70.78 1.64
C PHE B 487 -22.66 -69.51 2.38
N PRO B 488 -22.33 -68.42 1.68
CA PRO B 488 -21.71 -67.27 2.35
C PRO B 488 -22.64 -66.53 3.31
N LEU B 489 -23.95 -66.74 3.24
CA LEU B 489 -24.89 -65.98 4.05
C LEU B 489 -25.47 -66.85 5.16
N GLN B 490 -25.79 -66.20 6.28
CA GLN B 490 -26.42 -66.83 7.42
C GLN B 490 -27.61 -66.00 7.88
N SER B 491 -28.66 -66.68 8.31
CA SER B 491 -29.91 -66.05 8.70
C SER B 491 -29.92 -65.75 10.20
N TYR B 492 -30.57 -64.64 10.55
CA TYR B 492 -30.71 -64.24 11.96
C TYR B 492 -31.81 -65.00 12.66
N GLY B 493 -32.96 -65.17 12.01
CA GLY B 493 -34.09 -65.85 12.64
C GLY B 493 -34.55 -65.17 13.90
N PHE B 494 -34.91 -63.89 13.81
CA PHE B 494 -35.29 -63.11 14.99
C PHE B 494 -36.61 -63.62 15.56
N GLN B 495 -36.67 -63.72 16.88
CA GLN B 495 -37.89 -64.05 17.60
C GLN B 495 -38.15 -63.01 18.68
N PRO B 496 -39.41 -62.74 19.02
CA PRO B 496 -39.70 -61.69 20.00
C PRO B 496 -39.19 -61.98 21.40
N THR B 497 -38.91 -63.24 21.75
CA THR B 497 -38.52 -63.62 23.10
C THR B 497 -37.01 -63.73 23.27
N TYR B 498 -36.23 -63.37 22.26
CA TYR B 498 -34.78 -63.40 22.38
C TYR B 498 -34.31 -62.27 23.30
N GLY B 499 -33.06 -62.41 23.75
CA GLY B 499 -32.45 -61.35 24.52
C GLY B 499 -32.12 -60.14 23.65
N VAL B 500 -31.94 -59.00 24.31
CA VAL B 500 -31.74 -57.75 23.58
C VAL B 500 -30.53 -57.87 22.64
N GLY B 501 -29.52 -58.66 23.04
CA GLY B 501 -28.38 -58.87 22.17
C GLY B 501 -28.71 -59.61 20.89
N TYR B 502 -29.68 -60.53 20.95
CA TYR B 502 -30.10 -61.29 19.77
C TYR B 502 -31.33 -60.70 19.10
N GLN B 503 -31.88 -59.59 19.63
CA GLN B 503 -33.05 -58.99 19.01
C GLN B 503 -32.65 -58.14 17.81
N PRO B 504 -33.54 -57.96 16.85
CA PRO B 504 -33.20 -57.13 15.68
C PRO B 504 -33.08 -55.67 16.05
N TYR B 505 -32.17 -54.98 15.36
CA TYR B 505 -31.97 -53.55 15.52
C TYR B 505 -31.85 -52.91 14.15
N ARG B 506 -32.70 -51.93 13.89
CA ARG B 506 -32.66 -51.17 12.65
C ARG B 506 -31.65 -50.04 12.81
N VAL B 507 -30.73 -49.94 11.84
CA VAL B 507 -29.63 -48.99 11.88
C VAL B 507 -29.69 -48.12 10.63
N VAL B 508 -29.62 -46.81 10.83
CA VAL B 508 -29.51 -45.82 9.77
C VAL B 508 -28.24 -45.03 9.99
N VAL B 509 -27.40 -44.98 8.96
CA VAL B 509 -26.14 -44.24 9.00
C VAL B 509 -26.25 -43.09 8.01
N LEU B 510 -26.07 -41.87 8.52
CA LEU B 510 -26.10 -40.66 7.71
C LEU B 510 -24.67 -40.21 7.46
N SER B 511 -24.26 -40.23 6.19
CA SER B 511 -22.95 -39.76 5.76
C SER B 511 -23.12 -38.49 4.93
N PHE B 512 -22.16 -37.59 5.06
CA PHE B 512 -22.22 -36.28 4.41
C PHE B 512 -21.09 -36.16 3.41
N GLU B 513 -21.42 -36.21 2.13
CA GLU B 513 -20.45 -36.08 1.05
C GLU B 513 -20.25 -34.61 0.74
N LEU B 514 -19.07 -34.10 1.05
CA LEU B 514 -18.71 -32.69 0.83
C LEU B 514 -17.60 -32.63 -0.20
N LEU B 515 -17.95 -32.27 -1.43
CA LEU B 515 -17.01 -32.20 -2.55
C LEU B 515 -16.78 -30.74 -2.93
N HIS B 516 -15.88 -30.55 -3.89
CA HIS B 516 -15.61 -29.23 -4.45
C HIS B 516 -16.62 -28.90 -5.56
N ALA B 517 -17.89 -28.97 -5.18
CA ALA B 517 -19.02 -28.70 -6.05
C ALA B 517 -20.05 -27.92 -5.27
N PRO B 518 -20.93 -27.17 -5.95
CA PRO B 518 -21.95 -26.41 -5.24
C PRO B 518 -22.79 -27.30 -4.36
N ALA B 519 -23.03 -26.86 -3.13
CA ALA B 519 -23.80 -27.65 -2.18
C ALA B 519 -25.27 -27.69 -2.59
N THR B 520 -25.91 -28.84 -2.36
CA THR B 520 -27.31 -29.02 -2.69
C THR B 520 -28.19 -29.28 -1.46
N VAL B 521 -27.60 -29.57 -0.30
CA VAL B 521 -28.35 -29.85 0.91
C VAL B 521 -27.88 -28.89 1.99
N CYS B 522 -28.84 -28.25 2.65
CA CYS B 522 -28.54 -27.33 3.75
C CYS B 522 -29.55 -27.49 4.88
N GLY B 523 -29.44 -26.63 5.89
CA GLY B 523 -30.34 -26.67 7.03
C GLY B 523 -31.27 -25.47 7.05
N PRO B 524 -32.40 -25.60 7.77
CA PRO B 524 -33.39 -24.52 7.86
C PRO B 524 -32.80 -23.27 8.52
N LYS B 525 -32.68 -22.20 7.75
CA LYS B 525 -32.14 -20.95 8.26
C LYS B 525 -32.89 -20.50 9.51
N LYS B 526 -32.14 -20.09 10.53
CA LYS B 526 -32.74 -19.64 11.78
C LYS B 526 -33.27 -18.21 11.65
N SER B 527 -34.53 -18.09 11.24
CA SER B 527 -35.17 -16.80 11.07
C SER B 527 -35.81 -16.37 12.39
N THR B 528 -35.46 -15.19 12.87
CA THR B 528 -35.97 -14.69 14.13
C THR B 528 -37.18 -13.80 13.88
N ASN B 529 -37.74 -13.27 14.96
CA ASN B 529 -38.92 -12.42 14.87
C ASN B 529 -38.55 -11.07 14.26
N LEU B 530 -39.56 -10.38 13.74
CA LEU B 530 -39.38 -9.07 13.13
C LEU B 530 -39.56 -7.99 14.19
N VAL B 531 -38.71 -6.97 14.15
CA VAL B 531 -38.75 -5.85 15.09
C VAL B 531 -38.82 -4.56 14.29
N LYS B 532 -39.76 -3.70 14.65
CA LYS B 532 -40.00 -2.45 13.94
C LYS B 532 -39.82 -1.26 14.88
N ASN B 533 -39.51 -0.11 14.30
CA ASN B 533 -39.37 1.14 15.03
C ASN B 533 -38.32 1.03 16.14
N LYS B 534 -37.21 0.36 15.82
CA LYS B 534 -36.10 0.26 16.76
C LYS B 534 -34.83 -0.04 15.99
N CYS B 535 -33.74 0.62 16.36
CA CYS B 535 -32.47 0.45 15.67
C CYS B 535 -31.98 -0.98 15.87
N VAL B 536 -32.01 -1.77 14.80
CA VAL B 536 -31.63 -3.18 14.86
C VAL B 536 -30.64 -3.48 13.74
N ASN B 537 -29.85 -4.51 13.96
CA ASN B 537 -28.90 -5.02 12.96
C ASN B 537 -29.60 -6.14 12.19
N PHE B 538 -30.09 -5.82 11.00
CA PHE B 538 -30.94 -6.72 10.24
C PHE B 538 -30.15 -7.44 9.15
N ASN B 539 -30.69 -8.58 8.73
CA ASN B 539 -30.11 -9.37 7.65
C ASN B 539 -31.25 -10.08 6.94
N PHE B 540 -31.62 -9.57 5.77
CA PHE B 540 -32.72 -10.11 4.99
C PHE B 540 -32.16 -10.84 3.78
N ASN B 541 -32.29 -12.17 3.78
CA ASN B 541 -31.88 -12.99 2.64
C ASN B 541 -30.41 -12.74 2.29
N GLY B 542 -29.58 -12.63 3.32
CA GLY B 542 -28.16 -12.40 3.13
C GLY B 542 -27.77 -10.94 2.97
N LEU B 543 -28.73 -10.05 2.75
CA LEU B 543 -28.45 -8.63 2.68
C LEU B 543 -28.38 -8.07 4.10
N THR B 544 -27.18 -7.73 4.55
CA THR B 544 -26.97 -7.25 5.89
C THR B 544 -27.07 -5.72 5.94
N GLY B 545 -27.38 -5.21 7.12
CA GLY B 545 -27.42 -3.78 7.32
C GLY B 545 -27.83 -3.46 8.74
N THR B 546 -27.83 -2.17 9.05
CA THR B 546 -28.25 -1.67 10.35
C THR B 546 -29.20 -0.52 10.15
N GLY B 547 -30.32 -0.54 10.87
CA GLY B 547 -31.29 0.54 10.73
C GLY B 547 -32.57 0.21 11.45
N VAL B 548 -33.55 1.10 11.24
CA VAL B 548 -34.87 0.99 11.82
C VAL B 548 -35.84 0.58 10.72
N LEU B 549 -36.61 -0.48 10.97
CA LEU B 549 -37.59 -0.99 10.02
C LEU B 549 -38.96 -0.43 10.37
N THR B 550 -39.63 0.14 9.38
CA THR B 550 -40.95 0.74 9.58
C THR B 550 -41.89 0.25 8.49
N GLU B 551 -43.18 0.15 8.83
CA GLU B 551 -44.18 -0.22 7.85
C GLU B 551 -44.21 0.81 6.74
N SER B 552 -44.24 0.34 5.50
CA SER B 552 -44.09 1.19 4.33
C SER B 552 -45.34 1.14 3.45
N ASN B 553 -45.55 2.22 2.71
CA ASN B 553 -46.63 2.30 1.75
C ASN B 553 -46.15 2.13 0.31
N LYS B 554 -44.87 1.83 0.10
CA LYS B 554 -44.36 1.64 -1.25
C LYS B 554 -45.03 0.43 -1.91
N LYS B 555 -45.31 0.57 -3.20
CA LYS B 555 -46.00 -0.48 -3.96
C LYS B 555 -44.95 -1.30 -4.73
N PHE B 556 -44.26 -2.17 -3.99
CA PHE B 556 -43.33 -3.08 -4.61
C PHE B 556 -44.04 -3.99 -5.60
N LEU B 557 -43.37 -4.28 -6.72
CA LEU B 557 -43.88 -5.27 -7.64
C LEU B 557 -43.67 -6.68 -7.08
N PRO B 558 -44.43 -7.66 -7.55
CA PRO B 558 -44.36 -8.99 -6.93
C PRO B 558 -42.95 -9.57 -6.90
N PHE B 559 -42.15 -9.34 -7.93
CA PHE B 559 -40.83 -9.96 -8.03
C PHE B 559 -39.72 -9.11 -7.43
N GLN B 560 -39.97 -7.83 -7.17
CA GLN B 560 -38.94 -6.94 -6.65
C GLN B 560 -38.81 -7.12 -5.15
N GLN B 561 -37.57 -7.19 -4.66
CA GLN B 561 -37.29 -7.45 -3.25
C GLN B 561 -36.84 -6.19 -2.51
N PHE B 562 -35.78 -5.54 -2.98
CA PHE B 562 -35.22 -4.38 -2.31
C PHE B 562 -35.66 -3.10 -3.00
N GLY B 563 -35.52 -1.99 -2.27
CA GLY B 563 -35.76 -0.68 -2.83
C GLY B 563 -34.56 0.23 -2.69
N ARG B 564 -33.93 0.57 -3.79
CA ARG B 564 -32.75 1.42 -3.77
C ARG B 564 -33.11 2.84 -4.19
N ASP B 565 -32.13 3.74 -4.09
CA ASP B 565 -32.34 5.15 -4.39
C ASP B 565 -31.09 5.66 -5.12
N ILE B 566 -31.02 6.98 -5.31
CA ILE B 566 -29.85 7.57 -5.97
C ILE B 566 -28.58 7.21 -5.21
N ALA B 567 -28.68 7.09 -3.89
CA ALA B 567 -27.54 6.67 -3.08
C ALA B 567 -27.15 5.22 -3.35
N ASP B 568 -27.98 4.46 -4.06
CA ASP B 568 -27.72 3.04 -4.30
C ASP B 568 -27.60 2.27 -2.98
N THR B 569 -28.34 2.71 -1.98
CA THR B 569 -28.41 2.04 -0.68
C THR B 569 -29.83 1.51 -0.48
N THR B 570 -29.93 0.36 0.15
CA THR B 570 -31.22 -0.31 0.31
C THR B 570 -32.13 0.57 1.17
N ASP B 571 -33.11 1.19 0.53
CA ASP B 571 -34.07 2.01 1.26
C ASP B 571 -35.21 1.18 1.81
N ALA B 572 -35.66 0.17 1.06
CA ALA B 572 -36.75 -0.69 1.50
C ALA B 572 -36.42 -2.13 1.17
N VAL B 573 -37.08 -3.05 1.89
CA VAL B 573 -36.93 -4.47 1.68
C VAL B 573 -38.29 -5.14 1.72
N ARG B 574 -38.34 -6.37 1.22
CA ARG B 574 -39.52 -7.21 1.32
C ARG B 574 -39.20 -8.32 2.30
N ASP B 575 -39.98 -8.43 3.37
CA ASP B 575 -39.76 -9.47 4.36
C ASP B 575 -39.96 -10.83 3.69
N PRO B 576 -38.94 -11.68 3.62
CA PRO B 576 -39.06 -12.91 2.82
C PRO B 576 -40.18 -13.83 3.28
N GLN B 577 -40.46 -13.91 4.58
CA GLN B 577 -41.50 -14.81 5.05
C GLN B 577 -42.89 -14.22 4.85
N THR B 578 -43.16 -13.09 5.49
CA THR B 578 -44.40 -12.37 5.28
C THR B 578 -44.18 -11.34 4.19
N LEU B 579 -44.91 -11.46 3.08
CA LEU B 579 -44.66 -10.61 1.93
C LEU B 579 -45.15 -9.20 2.19
N GLU B 580 -44.37 -8.44 2.96
CA GLU B 580 -44.67 -7.05 3.28
C GLU B 580 -43.43 -6.21 3.04
N ILE B 581 -43.65 -4.92 2.81
CA ILE B 581 -42.58 -3.98 2.49
C ILE B 581 -42.24 -3.17 3.71
N LEU B 582 -40.94 -3.12 4.04
CA LEU B 582 -40.45 -2.39 5.20
C LEU B 582 -39.44 -1.35 4.75
N ASP B 583 -39.66 -0.10 5.16
CA ASP B 583 -38.69 0.96 4.93
C ASP B 583 -37.56 0.85 5.94
N ILE B 584 -36.34 1.02 5.46
CA ILE B 584 -35.13 0.98 6.27
C ILE B 584 -34.61 2.40 6.42
N THR B 585 -34.50 2.86 7.66
CA THR B 585 -33.97 4.18 7.94
C THR B 585 -32.66 4.04 8.70
N PRO B 586 -31.60 4.76 8.32
CA PRO B 586 -30.35 4.63 9.07
C PRO B 586 -30.56 5.01 10.53
N CYS B 587 -29.87 4.34 11.45
CA CYS B 587 -30.01 4.69 12.87
C CYS B 587 -29.53 6.14 13.13
N SER B 588 -30.38 6.95 13.77
CA SER B 588 -30.11 8.37 14.06
C SER B 588 -28.74 8.69 14.70
N PHE B 589 -28.22 9.88 14.38
CA PHE B 589 -26.92 10.35 14.84
C PHE B 589 -26.79 11.82 14.48
N GLY B 590 -25.86 12.49 15.15
CA GLY B 590 -25.62 13.89 14.85
C GLY B 590 -24.62 14.48 15.80
N GLY B 591 -24.17 15.69 15.45
CA GLY B 591 -23.22 16.38 16.28
C GLY B 591 -23.77 16.65 17.67
N VAL B 592 -22.85 16.75 18.63
CA VAL B 592 -23.18 17.05 20.02
C VAL B 592 -22.38 18.29 20.38
N SER B 593 -23.07 19.42 20.48
CA SER B 593 -22.48 20.71 20.81
C SER B 593 -22.86 21.09 22.23
N VAL B 594 -22.12 22.03 22.79
CA VAL B 594 -22.32 22.47 24.17
C VAL B 594 -22.47 23.98 24.17
N ILE B 595 -23.69 24.46 24.44
CA ILE B 595 -23.93 25.88 24.65
C ILE B 595 -23.49 26.21 26.07
N THR B 596 -22.44 27.01 26.19
CA THR B 596 -21.85 27.32 27.49
C THR B 596 -21.61 28.82 27.59
N PRO B 597 -22.11 29.48 28.63
CA PRO B 597 -21.57 30.81 28.98
C PRO B 597 -20.14 30.65 29.49
N GLY B 598 -19.37 31.72 29.33
CA GLY B 598 -17.96 31.67 29.68
C GLY B 598 -17.71 31.02 31.02
N THR B 599 -16.77 30.08 31.07
CA THR B 599 -16.46 29.40 32.33
C THR B 599 -16.13 30.42 33.41
N ASN B 600 -15.52 31.54 33.03
CA ASN B 600 -15.31 32.63 33.99
C ASN B 600 -16.63 33.09 34.59
N THR B 601 -17.74 32.93 33.86
CA THR B 601 -19.05 33.33 34.36
C THR B 601 -19.74 32.20 35.11
N SER B 602 -19.87 31.03 34.49
CA SER B 602 -20.52 29.90 35.13
C SER B 602 -20.07 28.62 34.45
N ASN B 603 -20.23 27.51 35.18
CA ASN B 603 -19.92 26.18 34.65
C ASN B 603 -21.16 25.43 34.20
N GLN B 604 -22.34 26.06 34.26
CA GLN B 604 -23.56 25.43 33.80
C GLN B 604 -23.63 25.48 32.29
N VAL B 605 -23.93 24.35 31.66
CA VAL B 605 -23.95 24.23 30.22
C VAL B 605 -25.23 23.52 29.79
N ALA B 606 -25.58 23.72 28.52
CA ALA B 606 -26.64 22.97 27.86
C ALA B 606 -26.04 22.20 26.71
N VAL B 607 -26.67 21.09 26.36
CA VAL B 607 -26.16 20.20 25.32
C VAL B 607 -27.17 20.16 24.19
N LEU B 608 -26.70 20.47 22.99
CA LEU B 608 -27.52 20.43 21.78
C LEU B 608 -27.10 19.22 20.97
N TYR B 609 -28.00 18.23 20.87
CA TYR B 609 -27.81 17.11 19.95
C TYR B 609 -28.45 17.53 18.63
N GLN B 610 -27.61 17.92 17.68
CA GLN B 610 -28.10 18.48 16.43
C GLN B 610 -28.71 17.39 15.56
N GLY B 611 -29.92 17.66 15.05
CA GLY B 611 -30.54 16.76 14.09
C GLY B 611 -30.99 15.43 14.64
N VAL B 612 -31.23 15.34 15.94
CA VAL B 612 -31.73 14.12 16.56
C VAL B 612 -33.04 14.45 17.27
N ASN B 613 -34.05 13.60 17.07
CA ASN B 613 -35.30 13.76 17.78
C ASN B 613 -35.08 13.53 19.29
N CYS B 614 -35.95 14.12 20.10
CA CYS B 614 -35.83 13.96 21.54
C CYS B 614 -36.45 12.64 21.97
N THR B 615 -36.06 11.54 21.33
CA THR B 615 -36.53 10.22 21.71
C THR B 615 -35.36 9.25 21.78
N GLU B 616 -34.32 9.50 21.00
CA GLU B 616 -33.12 8.66 20.99
C GLU B 616 -32.05 9.16 21.95
N VAL B 617 -32.27 10.27 22.62
CA VAL B 617 -31.32 10.79 23.60
C VAL B 617 -31.60 10.10 24.94
N PRO B 618 -30.61 9.43 25.53
CA PRO B 618 -30.88 8.76 26.83
C PRO B 618 -31.34 9.72 27.92
N VAL B 619 -30.96 10.99 27.85
CA VAL B 619 -31.33 12.00 28.84
C VAL B 619 -31.24 11.43 30.26
N SER B 637 -32.84 17.84 32.69
CA SER B 637 -34.26 17.75 32.97
C SER B 637 -35.08 18.37 31.84
N ASN B 638 -34.89 19.67 31.63
CA ASN B 638 -35.60 20.36 30.56
C ASN B 638 -35.18 19.81 29.21
N VAL B 639 -36.14 19.73 28.29
CA VAL B 639 -35.92 19.22 26.95
C VAL B 639 -36.68 20.10 25.96
N PHE B 640 -36.02 20.44 24.85
CA PHE B 640 -36.60 21.27 23.81
C PHE B 640 -36.34 20.59 22.47
N GLN B 641 -37.39 20.38 21.68
CA GLN B 641 -37.24 19.76 20.36
C GLN B 641 -37.20 20.87 19.31
N THR B 642 -36.06 21.56 19.26
CA THR B 642 -35.90 22.63 18.29
C THR B 642 -35.63 22.04 16.91
N ARG B 643 -35.90 22.84 15.88
CA ARG B 643 -35.62 22.37 14.52
C ARG B 643 -34.15 22.06 14.32
N ALA B 644 -33.27 22.65 15.13
CA ALA B 644 -31.85 22.34 15.04
C ALA B 644 -31.48 21.04 15.74
N GLY B 645 -32.33 20.54 16.63
CA GLY B 645 -32.06 19.30 17.31
C GLY B 645 -32.69 19.30 18.70
N CYS B 646 -32.24 18.36 19.52
CA CYS B 646 -32.74 18.23 20.88
C CYS B 646 -31.82 19.00 21.83
N LEU B 647 -32.37 20.00 22.50
CA LEU B 647 -31.62 20.83 23.43
C LEU B 647 -31.96 20.41 24.85
N ILE B 648 -30.94 20.11 25.65
CA ILE B 648 -31.11 19.61 27.01
C ILE B 648 -30.37 20.55 27.94
N GLY B 649 -30.98 20.85 29.09
CA GLY B 649 -30.42 21.80 30.03
C GLY B 649 -30.75 23.25 29.74
N ALA B 650 -31.59 23.51 28.74
CA ALA B 650 -31.98 24.87 28.38
C ALA B 650 -33.46 25.06 28.70
N GLU B 651 -33.78 26.20 29.30
CA GLU B 651 -35.14 26.52 29.71
C GLU B 651 -35.80 27.35 28.60
N HIS B 652 -36.76 26.76 27.91
CA HIS B 652 -37.46 27.47 26.85
C HIS B 652 -38.18 28.69 27.41
N VAL B 653 -38.01 29.83 26.75
CA VAL B 653 -38.60 31.10 27.17
C VAL B 653 -39.40 31.68 26.01
N ASN B 654 -40.62 32.13 26.30
CA ASN B 654 -41.43 32.75 25.26
C ASN B 654 -40.90 34.12 24.88
N ASN B 655 -40.41 34.88 25.86
CA ASN B 655 -39.86 36.21 25.56
C ASN B 655 -38.67 36.08 24.63
N SER B 656 -38.57 37.01 23.68
CA SER B 656 -37.50 37.01 22.69
C SER B 656 -36.55 38.16 22.97
N TYR B 657 -35.25 37.86 22.97
CA TYR B 657 -34.20 38.85 23.19
C TYR B 657 -33.31 38.89 21.95
N GLU B 658 -32.23 39.66 22.05
CA GLU B 658 -31.22 39.64 21.00
C GLU B 658 -30.42 38.35 21.09
N CYS B 659 -30.06 37.81 19.94
CA CYS B 659 -29.31 36.56 19.91
C CYS B 659 -27.98 36.73 20.62
N ASP B 660 -27.66 35.79 21.51
CA ASP B 660 -26.42 35.81 22.26
C ASP B 660 -25.50 34.64 21.91
N ILE B 661 -26.01 33.41 22.01
CA ILE B 661 -25.30 32.22 21.55
C ILE B 661 -26.14 31.57 20.47
N PRO B 662 -25.81 31.78 19.20
CA PRO B 662 -26.68 31.28 18.13
C PRO B 662 -26.70 29.76 18.03
N ILE B 663 -27.81 29.16 18.42
CA ILE B 663 -27.96 27.72 18.26
C ILE B 663 -28.29 27.37 16.82
N GLY B 664 -29.39 27.90 16.29
CA GLY B 664 -29.74 27.65 14.91
C GLY B 664 -31.24 27.59 14.69
N ALA B 665 -31.66 27.65 13.43
CA ALA B 665 -33.08 27.60 13.09
C ALA B 665 -33.86 28.69 13.79
N GLY B 666 -33.24 29.84 14.02
CA GLY B 666 -33.89 30.94 14.68
C GLY B 666 -33.89 30.88 16.20
N ILE B 667 -33.25 29.87 16.78
CA ILE B 667 -33.20 29.71 18.24
C ILE B 667 -31.81 30.12 18.70
N CYS B 668 -31.75 30.97 19.73
CA CYS B 668 -30.51 31.36 20.36
C CYS B 668 -30.65 31.18 21.86
N ALA B 669 -29.55 30.80 22.50
CA ALA B 669 -29.53 30.54 23.93
C ALA B 669 -28.64 31.55 24.63
N SER B 670 -29.02 31.90 25.86
CA SER B 670 -28.28 32.89 26.63
C SER B 670 -28.37 32.56 28.11
N TYR B 671 -27.36 32.99 28.86
CA TYR B 671 -27.31 32.77 30.31
C TYR B 671 -27.88 34.01 30.99
N GLN B 672 -29.03 33.85 31.64
CA GLN B 672 -29.71 34.97 32.26
C GLN B 672 -30.60 34.48 33.40
N THR B 673 -31.03 35.42 34.24
CA THR B 673 -31.91 35.13 35.36
C THR B 673 -33.21 34.49 34.86
N SER B 686 -29.63 31.67 40.68
CA SER B 686 -30.97 31.62 40.09
C SER B 686 -30.89 31.65 38.57
N GLN B 687 -29.77 32.16 38.04
CA GLN B 687 -29.61 32.26 36.60
C GLN B 687 -29.52 30.88 35.97
N SER B 688 -29.93 30.81 34.70
CA SER B 688 -29.92 29.56 33.95
C SER B 688 -29.79 29.88 32.47
N ILE B 689 -29.69 28.84 31.66
CA ILE B 689 -29.56 28.96 30.22
C ILE B 689 -30.95 28.87 29.59
N ILE B 690 -31.35 29.92 28.90
CA ILE B 690 -32.67 30.03 28.30
C ILE B 690 -32.51 30.04 26.79
N ALA B 691 -33.29 29.19 26.12
CA ALA B 691 -33.32 29.13 24.66
C ALA B 691 -34.59 29.82 24.17
N TYR B 692 -34.43 30.80 23.29
CA TYR B 692 -35.53 31.63 22.84
C TYR B 692 -35.40 31.89 21.35
N THR B 693 -36.54 32.12 20.70
CA THR B 693 -36.54 32.54 19.30
C THR B 693 -36.07 33.98 19.24
N MET B 694 -34.88 34.19 18.69
CA MET B 694 -34.26 35.52 18.71
C MET B 694 -35.13 36.53 18.00
N SER B 695 -35.17 37.75 18.54
CA SER B 695 -35.89 38.85 17.94
C SER B 695 -34.94 39.67 17.08
N LEU B 696 -35.39 40.02 15.88
CA LEU B 696 -34.55 40.72 14.92
C LEU B 696 -34.60 42.23 15.14
N GLY B 697 -34.36 42.67 16.36
CA GLY B 697 -34.47 44.07 16.69
C GLY B 697 -35.86 44.46 17.16
N VAL B 698 -35.99 45.72 17.53
CA VAL B 698 -37.24 46.27 18.01
C VAL B 698 -38.08 46.85 16.89
N GLU B 699 -39.39 46.61 16.93
CA GLU B 699 -40.30 47.11 15.92
C GLU B 699 -40.40 48.63 15.96
N ASN B 700 -39.91 49.29 14.92
CA ASN B 700 -39.92 50.74 14.84
C ASN B 700 -40.71 51.22 13.63
N SER B 701 -41.96 51.62 13.85
CA SER B 701 -42.82 52.09 12.77
C SER B 701 -42.51 53.55 12.42
N VAL B 702 -41.96 53.76 11.23
CA VAL B 702 -41.62 55.10 10.77
C VAL B 702 -42.87 55.96 10.63
N ALA B 703 -42.84 57.14 11.24
CA ALA B 703 -43.98 58.04 11.20
C ALA B 703 -44.12 58.65 9.82
N TYR B 704 -44.43 57.82 8.83
CA TYR B 704 -44.45 58.24 7.44
C TYR B 704 -45.80 58.83 7.07
N SER B 705 -45.77 59.93 6.32
CA SER B 705 -46.95 60.51 5.72
C SER B 705 -46.50 61.31 4.51
N ASN B 706 -47.46 61.65 3.65
CA ASN B 706 -47.11 62.31 2.40
C ASN B 706 -46.68 63.75 2.57
N ASN B 707 -46.79 64.31 3.78
CA ASN B 707 -46.37 65.69 4.01
C ASN B 707 -45.63 65.84 5.34
N SER B 708 -44.89 64.83 5.76
CA SER B 708 -44.13 64.88 7.00
C SER B 708 -42.68 64.49 6.71
N ILE B 709 -41.76 65.40 7.01
CA ILE B 709 -40.33 65.17 6.79
C ILE B 709 -39.61 65.40 8.11
N ALA B 710 -38.73 64.48 8.48
CA ALA B 710 -37.91 64.62 9.67
C ALA B 710 -36.52 65.10 9.26
N ILE B 711 -36.10 66.22 9.81
CA ILE B 711 -34.76 66.75 9.51
C ILE B 711 -33.93 66.73 10.79
N PRO B 712 -32.67 66.29 10.75
CA PRO B 712 -31.83 66.37 11.95
C PRO B 712 -31.49 67.82 12.27
N THR B 713 -31.39 68.11 13.57
CA THR B 713 -31.01 69.43 14.04
C THR B 713 -29.61 69.46 14.62
N ASN B 714 -29.02 68.30 14.89
CA ASN B 714 -27.70 68.20 15.50
C ASN B 714 -26.98 67.08 14.78
N PHE B 715 -25.84 66.66 15.32
CA PHE B 715 -25.08 65.58 14.72
C PHE B 715 -24.09 65.04 15.73
N THR B 716 -23.35 64.02 15.32
CA THR B 716 -22.25 63.50 16.11
C THR B 716 -21.17 63.02 15.16
N ILE B 717 -19.92 63.10 15.61
CA ILE B 717 -18.80 62.67 14.80
C ILE B 717 -18.32 61.34 15.36
N SER B 718 -18.82 60.25 14.80
CA SER B 718 -18.54 58.92 15.31
C SER B 718 -17.27 58.38 14.66
N VAL B 719 -16.33 57.95 15.49
CA VAL B 719 -15.08 57.34 15.03
C VAL B 719 -15.24 55.85 15.22
N THR B 720 -15.67 55.16 14.16
CA THR B 720 -15.75 53.71 14.19
C THR B 720 -14.38 53.14 13.83
N THR B 721 -14.25 51.83 13.95
CA THR B 721 -13.01 51.14 13.62
C THR B 721 -13.31 49.92 12.77
N GLU B 722 -12.50 49.71 11.73
CA GLU B 722 -12.60 48.53 10.89
C GLU B 722 -11.22 47.90 10.79
N ILE B 723 -11.13 46.62 11.15
CA ILE B 723 -9.86 45.89 11.15
C ILE B 723 -9.88 44.92 9.97
N LEU B 724 -8.85 45.00 9.13
CA LEU B 724 -8.77 44.18 7.92
C LEU B 724 -7.45 43.42 7.91
N PRO B 725 -7.47 42.10 7.87
CA PRO B 725 -6.23 41.36 7.61
C PRO B 725 -5.67 41.72 6.25
N VAL B 726 -4.35 41.80 6.16
CA VAL B 726 -3.64 42.20 4.95
C VAL B 726 -2.68 41.11 4.48
N SER B 727 -1.88 40.57 5.39
CA SER B 727 -0.92 39.54 5.05
C SER B 727 -0.96 38.45 6.10
N MET B 728 -0.57 37.25 5.70
CA MET B 728 -0.46 36.11 6.60
C MET B 728 1.01 35.75 6.76
N THR B 729 1.27 34.77 7.62
CA THR B 729 2.63 34.34 7.88
C THR B 729 3.24 33.74 6.63
N LYS B 730 4.45 34.19 6.28
CA LYS B 730 5.19 33.64 5.14
C LYS B 730 5.95 32.42 5.63
N THR B 731 5.46 31.23 5.27
CA THR B 731 6.08 29.99 5.69
C THR B 731 6.54 29.22 4.45
N SER B 732 7.78 28.76 4.47
CA SER B 732 8.30 27.86 3.46
C SER B 732 8.59 26.51 4.09
N VAL B 733 8.07 25.45 3.49
CA VAL B 733 8.22 24.09 4.00
C VAL B 733 9.20 23.37 3.11
N ASP B 734 10.32 22.94 3.69
CA ASP B 734 11.33 22.20 2.95
C ASP B 734 10.81 20.79 2.70
N CYS B 735 10.10 20.61 1.58
CA CYS B 735 9.40 19.36 1.33
C CYS B 735 10.33 18.16 1.48
N THR B 736 11.52 18.23 0.88
CA THR B 736 12.45 17.12 0.99
C THR B 736 12.77 16.83 2.44
N MET B 737 13.13 17.86 3.21
CA MET B 737 13.47 17.65 4.62
C MET B 737 12.25 17.20 5.41
N TYR B 738 11.09 17.80 5.18
CA TYR B 738 9.90 17.44 5.95
C TYR B 738 9.54 15.98 5.75
N ILE B 739 9.38 15.56 4.50
CA ILE B 739 8.93 14.20 4.23
C ILE B 739 10.01 13.19 4.59
N CYS B 740 11.26 13.51 4.30
CA CYS B 740 12.38 12.58 4.39
C CYS B 740 13.53 13.18 5.19
N GLY B 741 13.21 13.70 6.37
CA GLY B 741 14.21 14.37 7.18
C GLY B 741 15.47 13.55 7.42
N ASP B 742 16.58 13.98 6.82
CA ASP B 742 17.90 13.41 7.10
C ASP B 742 17.96 11.92 6.80
N SER B 743 17.33 11.47 5.71
CA SER B 743 17.38 10.08 5.29
C SER B 743 17.71 10.02 3.81
N THR B 744 18.78 9.32 3.46
CA THR B 744 19.15 9.18 2.06
C THR B 744 18.19 8.24 1.33
N GLU B 745 17.88 7.10 1.95
CA GLU B 745 16.97 6.14 1.31
C GLU B 745 15.60 6.76 1.10
N CYS B 746 15.10 7.49 2.09
CA CYS B 746 13.80 8.13 1.95
C CYS B 746 13.81 9.15 0.81
N SER B 747 14.88 9.93 0.70
CA SER B 747 14.97 10.91 -0.38
C SER B 747 15.02 10.21 -1.74
N ASN B 748 15.77 9.11 -1.83
CA ASN B 748 15.83 8.38 -3.09
C ASN B 748 14.45 7.85 -3.46
N LEU B 749 13.70 7.31 -2.49
CA LEU B 749 12.35 6.86 -2.76
C LEU B 749 11.47 8.02 -3.19
N LEU B 750 11.61 9.18 -2.54
CA LEU B 750 10.81 10.34 -2.88
C LEU B 750 11.09 10.81 -4.30
N LEU B 751 12.32 10.60 -4.78
CA LEU B 751 12.64 10.98 -6.16
C LEU B 751 11.70 10.30 -7.15
N GLN B 752 11.17 9.13 -6.80
CA GLN B 752 10.27 8.43 -7.70
C GLN B 752 8.98 9.19 -7.93
N TYR B 753 8.59 10.05 -6.99
CA TYR B 753 7.31 10.75 -7.06
C TYR B 753 7.34 11.99 -7.95
N GLY B 754 8.36 12.11 -8.81
CA GLY B 754 8.38 13.19 -9.77
C GLY B 754 8.88 14.51 -9.22
N SER B 755 8.03 15.53 -9.28
CA SER B 755 8.41 16.89 -8.91
C SER B 755 7.39 17.49 -7.96
N PHE B 756 6.86 16.67 -7.04
CA PHE B 756 5.89 17.18 -6.08
C PHE B 756 6.52 18.23 -5.18
N CYS B 757 7.73 17.96 -4.68
CA CYS B 757 8.36 18.91 -3.77
C CYS B 757 8.60 20.25 -4.45
N THR B 758 9.09 20.24 -5.69
CA THR B 758 9.38 21.49 -6.37
C THR B 758 8.11 22.31 -6.57
N GLN B 759 7.02 21.66 -6.96
CA GLN B 759 5.79 22.42 -7.20
C GLN B 759 5.18 22.92 -5.90
N LEU B 760 5.26 22.14 -4.82
CA LEU B 760 4.77 22.63 -3.53
C LEU B 760 5.59 23.82 -3.07
N ASN B 761 6.91 23.75 -3.21
CA ASN B 761 7.76 24.89 -2.84
C ASN B 761 7.44 26.09 -3.70
N ARG B 762 7.19 25.87 -4.99
CA ARG B 762 6.82 26.99 -5.86
C ARG B 762 5.53 27.63 -5.41
N ALA B 763 4.55 26.80 -5.02
CA ALA B 763 3.28 27.34 -4.54
C ALA B 763 3.49 28.20 -3.29
N LEU B 764 4.24 27.69 -2.33
CA LEU B 764 4.46 28.45 -1.10
C LEU B 764 5.28 29.70 -1.36
N THR B 765 6.23 29.64 -2.30
CA THR B 765 6.98 30.84 -2.66
C THR B 765 6.08 31.88 -3.29
N GLY B 766 5.15 31.46 -4.15
CA GLY B 766 4.17 32.38 -4.68
C GLY B 766 3.32 33.00 -3.60
N ILE B 767 2.94 32.19 -2.61
CA ILE B 767 2.16 32.71 -1.47
C ILE B 767 2.95 33.79 -0.76
N ALA B 768 4.24 33.53 -0.50
CA ALA B 768 5.06 34.49 0.26
C ALA B 768 5.23 35.79 -0.52
N VAL B 769 5.58 35.69 -1.80
CA VAL B 769 5.70 36.89 -2.62
C VAL B 769 4.38 37.64 -2.66
N GLU B 770 3.27 36.90 -2.66
CA GLU B 770 1.97 37.54 -2.66
C GLU B 770 1.71 38.28 -1.35
N GLN B 771 2.18 37.74 -0.23
CA GLN B 771 2.05 38.46 1.04
C GLN B 771 2.83 39.77 0.99
N ASP B 772 4.06 39.72 0.48
CA ASP B 772 4.83 40.95 0.33
C ASP B 772 4.10 41.94 -0.56
N LYS B 773 3.52 41.45 -1.66
CA LYS B 773 2.77 42.31 -2.56
C LYS B 773 1.55 42.92 -1.87
N ASN B 774 0.85 42.13 -1.05
CA ASN B 774 -0.32 42.64 -0.35
C ASN B 774 0.06 43.78 0.58
N THR B 775 1.12 43.57 1.38
CA THR B 775 1.55 44.65 2.28
C THR B 775 1.96 45.88 1.49
N GLN B 776 2.72 45.69 0.41
CA GLN B 776 3.15 46.82 -0.40
C GLN B 776 1.96 47.59 -0.94
N GLU B 777 0.99 46.87 -1.51
CA GLU B 777 -0.18 47.54 -2.08
C GLU B 777 -0.97 48.29 -1.02
N VAL B 778 -1.17 47.68 0.14
CA VAL B 778 -2.03 48.29 1.15
C VAL B 778 -1.38 49.55 1.70
N PHE B 779 -0.08 49.51 2.00
CA PHE B 779 0.55 50.60 2.73
C PHE B 779 1.37 51.54 1.85
N ALA B 780 2.04 51.03 0.82
CA ALA B 780 2.87 51.89 -0.02
C ALA B 780 2.02 52.61 -1.07
N GLN B 781 1.00 53.33 -0.62
CA GLN B 781 0.14 54.11 -1.50
C GLN B 781 0.57 55.57 -1.57
N VAL B 782 1.66 55.94 -0.91
CA VAL B 782 2.14 57.32 -0.86
C VAL B 782 3.56 57.34 -1.40
N LYS B 783 3.79 58.17 -2.42
CA LYS B 783 5.11 58.22 -3.04
C LYS B 783 6.17 58.69 -2.04
N GLN B 784 5.87 59.74 -1.29
CA GLN B 784 6.80 60.33 -0.35
C GLN B 784 6.41 59.98 1.09
N ILE B 785 7.29 60.32 2.01
CA ILE B 785 7.05 60.09 3.44
C ILE B 785 6.90 61.43 4.12
N TYR B 786 5.67 61.91 4.22
CA TYR B 786 5.42 63.18 4.89
C TYR B 786 5.58 63.02 6.40
N LYS B 787 5.95 64.11 7.06
CA LYS B 787 5.99 64.16 8.52
C LYS B 787 5.25 65.41 8.98
N THR B 788 4.33 65.23 9.93
CA THR B 788 3.53 66.33 10.41
C THR B 788 4.42 67.38 11.08
N PRO B 789 4.07 68.66 10.97
CA PRO B 789 4.90 69.71 11.57
C PRO B 789 4.83 69.65 13.10
N PRO B 790 5.82 70.23 13.78
CA PRO B 790 5.81 70.18 15.25
C PRO B 790 4.60 70.85 15.87
N ILE B 791 4.09 71.92 15.26
CA ILE B 791 2.98 72.69 15.85
C ILE B 791 1.68 71.97 15.53
N LYS B 792 1.02 71.45 16.56
CA LYS B 792 -0.22 70.68 16.38
C LYS B 792 -1.44 71.57 16.51
N ASP B 793 -1.48 72.60 15.66
CA ASP B 793 -2.59 73.54 15.64
C ASP B 793 -3.59 73.16 14.54
N PHE B 794 -4.19 71.98 14.71
CA PHE B 794 -5.16 71.45 13.76
C PHE B 794 -6.58 71.89 14.05
N GLY B 795 -6.75 72.96 14.82
CA GLY B 795 -8.08 73.49 15.07
C GLY B 795 -8.91 72.64 16.00
N GLY B 796 -8.43 72.44 17.23
CA GLY B 796 -9.13 71.69 18.24
C GLY B 796 -8.98 70.19 18.10
N PHE B 797 -8.93 69.67 16.89
CA PHE B 797 -8.74 68.24 16.69
C PHE B 797 -7.40 67.82 17.28
N ASN B 798 -7.41 66.70 17.99
CA ASN B 798 -6.25 66.22 18.73
C ASN B 798 -5.89 64.83 18.22
N PHE B 799 -4.82 64.75 17.43
CA PHE B 799 -4.35 63.49 16.86
C PHE B 799 -3.16 62.92 17.61
N SER B 800 -2.88 63.43 18.82
CA SER B 800 -1.73 62.94 19.57
C SER B 800 -1.83 61.45 19.84
N GLN B 801 -3.04 60.91 19.86
CA GLN B 801 -3.26 59.50 20.16
C GLN B 801 -3.20 58.61 18.93
N ILE B 802 -3.11 59.19 17.73
CA ILE B 802 -2.91 58.41 16.52
C ILE B 802 -1.61 58.78 15.80
N LEU B 803 -1.08 59.98 16.00
CA LEU B 803 0.21 60.33 15.44
C LEU B 803 1.32 59.56 16.16
N PRO B 804 2.45 59.33 15.50
CA PRO B 804 3.50 58.51 16.11
C PRO B 804 4.06 59.16 17.38
N ASP B 805 4.52 58.30 18.29
CA ASP B 805 5.07 58.75 19.56
C ASP B 805 6.59 58.82 19.46
N PRO B 806 7.20 60.00 19.54
CA PRO B 806 8.67 60.05 19.50
C PRO B 806 9.34 59.27 20.61
N SER B 807 8.72 59.19 21.80
CA SER B 807 9.33 58.49 22.91
C SER B 807 9.57 57.02 22.58
N LYS B 808 8.60 56.37 21.96
CA LYS B 808 8.76 54.99 21.57
C LYS B 808 9.92 54.86 20.60
N PRO B 809 10.84 53.90 20.81
CA PRO B 809 11.95 53.76 19.83
C PRO B 809 11.44 53.51 18.43
N SER B 810 10.38 52.75 18.28
CA SER B 810 9.71 52.61 17.00
C SER B 810 8.75 53.76 16.78
N LYS B 811 8.76 54.31 15.57
CA LYS B 811 7.90 55.44 15.25
C LYS B 811 6.46 54.98 15.16
N ARG B 812 5.90 54.54 16.29
CA ARG B 812 4.60 53.91 16.36
C ARG B 812 3.72 54.65 17.35
N SER B 813 2.50 54.96 16.93
CA SER B 813 1.59 55.77 17.74
C SER B 813 1.05 54.97 18.91
N PHE B 814 0.27 55.65 19.75
CA PHE B 814 -0.26 55.02 20.95
C PHE B 814 -1.24 53.91 20.60
N ILE B 815 -2.20 54.21 19.72
CA ILE B 815 -3.19 53.20 19.34
C ILE B 815 -2.51 52.02 18.65
N GLU B 816 -1.50 52.30 17.83
CA GLU B 816 -0.75 51.20 17.21
C GLU B 816 -0.07 50.35 18.27
N ASP B 817 0.46 50.98 19.31
CA ASP B 817 1.07 50.21 20.40
C ASP B 817 0.03 49.33 21.08
N LEU B 818 -1.16 49.87 21.33
CA LEU B 818 -2.22 49.05 21.91
C LEU B 818 -2.53 47.85 21.02
N LEU B 819 -2.69 48.10 19.72
CA LEU B 819 -3.05 47.03 18.80
C LEU B 819 -1.97 45.95 18.76
N PHE B 820 -0.70 46.36 18.76
CA PHE B 820 0.37 45.37 18.75
C PHE B 820 0.42 44.61 20.06
N ASN B 821 0.15 45.27 21.18
CA ASN B 821 0.15 44.57 22.46
C ASN B 821 -0.98 43.55 22.54
N LYS B 822 -2.15 43.88 21.99
CA LYS B 822 -3.30 42.99 22.12
C LYS B 822 -3.11 41.70 21.33
N VAL B 823 -2.94 41.83 20.01
CA VAL B 823 -2.79 40.65 19.17
C VAL B 823 -1.50 39.92 19.53
N THR B 824 -1.59 38.61 19.71
CA THR B 824 -0.43 37.80 20.08
C THR B 824 0.10 37.02 18.89
N PHE B 852 11.59 23.85 12.26
CA PHE B 852 12.44 22.83 12.88
C PHE B 852 12.36 21.52 12.10
N ASN B 853 11.19 21.25 11.53
CA ASN B 853 10.96 20.06 10.70
C ASN B 853 10.89 20.43 9.23
N GLY B 854 11.71 21.39 8.82
CA GLY B 854 11.64 21.95 7.49
C GLY B 854 10.68 23.10 7.34
N LEU B 855 10.08 23.55 8.44
CA LEU B 855 9.14 24.69 8.44
C LEU B 855 9.91 25.94 8.83
N THR B 856 10.11 26.83 7.88
CA THR B 856 10.80 28.10 8.12
C THR B 856 9.82 29.24 7.94
N VAL B 857 9.93 30.26 8.79
CA VAL B 857 9.08 31.43 8.73
C VAL B 857 9.92 32.59 8.22
N LEU B 858 9.62 33.04 7.01
CA LEU B 858 10.39 34.12 6.41
C LEU B 858 9.92 35.46 6.96
N PRO B 859 10.83 36.37 7.31
CA PRO B 859 10.40 37.67 7.81
C PRO B 859 9.80 38.50 6.69
N PRO B 860 8.89 39.42 6.99
CA PRO B 860 8.28 40.24 5.95
C PRO B 860 9.28 41.21 5.35
N LEU B 861 9.00 41.61 4.10
CA LEU B 861 9.87 42.57 3.42
C LEU B 861 9.85 43.92 4.11
N LEU B 862 8.69 44.38 4.55
CA LEU B 862 8.55 45.63 5.27
C LEU B 862 8.47 45.33 6.77
N THR B 863 9.41 45.87 7.53
CA THR B 863 9.37 45.69 8.98
C THR B 863 8.23 46.50 9.58
N ASP B 864 7.83 46.11 10.79
CA ASP B 864 6.77 46.84 11.48
C ASP B 864 7.15 48.31 11.65
N GLU B 865 8.44 48.61 11.80
CA GLU B 865 8.87 50.00 11.83
C GLU B 865 8.57 50.69 10.50
N MET B 866 8.84 50.01 9.39
CA MET B 866 8.56 50.61 8.09
C MET B 866 7.06 50.76 7.86
N ILE B 867 6.27 49.79 8.30
CA ILE B 867 4.82 49.91 8.17
C ILE B 867 4.30 51.08 9.00
N ALA B 868 4.87 51.25 10.20
CA ALA B 868 4.51 52.40 11.03
C ALA B 868 4.89 53.70 10.33
N GLN B 869 6.05 53.74 9.69
CA GLN B 869 6.44 54.93 8.95
C GLN B 869 5.47 55.21 7.81
N TYR B 870 5.05 54.16 7.11
CA TYR B 870 4.10 54.35 6.01
C TYR B 870 2.77 54.91 6.52
N THR B 871 2.25 54.34 7.62
CA THR B 871 0.99 54.84 8.15
C THR B 871 1.14 56.26 8.70
N SER B 872 2.29 56.58 9.28
CA SER B 872 2.53 57.94 9.76
C SER B 872 2.59 58.92 8.59
N ALA B 873 3.20 58.51 7.48
CA ALA B 873 3.21 59.35 6.29
C ALA B 873 1.79 59.56 5.78
N LEU B 874 1.00 58.50 5.74
CA LEU B 874 -0.39 58.63 5.31
C LEU B 874 -1.16 59.58 6.21
N LEU B 875 -0.98 59.47 7.52
CA LEU B 875 -1.68 60.35 8.44
C LEU B 875 -1.23 61.79 8.28
N ALA B 876 0.08 62.02 8.16
CA ALA B 876 0.57 63.38 8.00
C ALA B 876 0.06 64.00 6.72
N GLY B 877 0.08 63.25 5.62
CA GLY B 877 -0.46 63.77 4.38
C GLY B 877 -1.95 64.06 4.49
N THR B 878 -2.71 63.14 5.09
CA THR B 878 -4.14 63.36 5.23
C THR B 878 -4.43 64.60 6.07
N ILE B 879 -3.69 64.78 7.16
CA ILE B 879 -3.96 65.89 8.06
C ILE B 879 -3.58 67.21 7.41
N THR B 880 -2.40 67.28 6.80
CA THR B 880 -1.87 68.55 6.35
C THR B 880 -2.29 68.92 4.93
N SER B 881 -2.77 67.96 4.13
CA SER B 881 -3.10 68.22 2.74
C SER B 881 -4.45 67.69 2.30
N GLY B 882 -5.06 66.78 3.05
CA GLY B 882 -6.38 66.28 2.68
C GLY B 882 -6.26 65.13 1.70
N TRP B 883 -7.04 65.17 0.64
CA TRP B 883 -6.98 64.18 -0.41
C TRP B 883 -6.08 64.59 -1.57
N THR B 884 -5.53 65.80 -1.54
CA THR B 884 -4.69 66.25 -2.65
C THR B 884 -3.43 65.40 -2.76
N PHE B 885 -2.85 64.99 -1.63
CA PHE B 885 -1.65 64.18 -1.68
C PHE B 885 -1.91 62.83 -2.34
N GLY B 886 -3.17 62.40 -2.44
CA GLY B 886 -3.48 61.17 -3.13
C GLY B 886 -3.49 61.31 -4.64
N ALA B 887 -3.73 62.52 -5.14
CA ALA B 887 -3.73 62.75 -6.58
C ALA B 887 -2.32 62.99 -7.10
N GLY B 888 -1.69 64.07 -6.66
CA GLY B 888 -0.35 64.41 -7.11
C GLY B 888 0.52 64.92 -5.99
N ALA B 889 1.15 66.08 -6.20
CA ALA B 889 1.95 66.69 -5.15
C ALA B 889 1.07 67.15 -4.00
N ALA B 890 1.47 66.81 -2.78
CA ALA B 890 0.67 67.14 -1.61
C ALA B 890 0.55 68.65 -1.45
N LEU B 891 -0.67 69.15 -1.47
CA LEU B 891 -0.95 70.57 -1.32
C LEU B 891 -1.43 70.81 0.11
N GLN B 892 -0.74 71.68 0.84
CA GLN B 892 -1.14 71.94 2.21
C GLN B 892 -2.46 72.69 2.25
N ILE B 893 -3.13 72.58 3.40
CA ILE B 893 -4.37 73.31 3.64
C ILE B 893 -4.72 73.18 5.11
N PRO B 894 -5.21 74.24 5.77
CA PRO B 894 -5.54 74.12 7.19
C PRO B 894 -6.57 73.03 7.41
N PHE B 895 -6.43 72.31 8.52
CA PHE B 895 -7.33 71.19 8.77
C PHE B 895 -8.78 71.65 8.88
N ALA B 896 -9.01 72.85 9.38
CA ALA B 896 -10.37 73.37 9.46
C ALA B 896 -11.00 73.48 8.08
N MET B 897 -10.25 74.02 7.12
CA MET B 897 -10.77 74.11 5.76
C MET B 897 -10.93 72.74 5.13
N GLN B 898 -10.05 71.80 5.47
CA GLN B 898 -10.21 70.43 4.98
C GLN B 898 -11.52 69.83 5.47
N MET B 899 -11.82 69.98 6.76
CA MET B 899 -13.08 69.46 7.28
C MET B 899 -14.26 70.21 6.70
N ALA B 900 -14.11 71.50 6.41
CA ALA B 900 -15.18 72.21 5.72
C ALA B 900 -15.44 71.60 4.35
N TYR B 901 -14.38 71.27 3.62
CA TYR B 901 -14.56 70.63 2.32
C TYR B 901 -15.22 69.27 2.46
N ARG B 902 -14.85 68.51 3.48
CA ARG B 902 -15.45 67.19 3.68
C ARG B 902 -16.92 67.30 4.04
N PHE B 903 -17.29 68.28 4.86
CA PHE B 903 -18.70 68.54 5.13
C PHE B 903 -19.44 68.92 3.86
N ASN B 904 -18.85 69.79 3.03
CA ASN B 904 -19.43 70.04 1.72
C ASN B 904 -19.60 68.75 0.95
N GLY B 905 -18.65 67.83 1.09
CA GLY B 905 -18.72 66.57 0.34
C GLY B 905 -19.89 65.70 0.76
N ILE B 906 -20.16 65.62 2.07
CA ILE B 906 -21.28 64.80 2.52
C ILE B 906 -22.63 65.48 2.35
N GLY B 907 -22.66 66.69 1.82
CA GLY B 907 -23.90 67.39 1.58
C GLY B 907 -24.30 68.39 2.63
N VAL B 908 -23.48 68.57 3.67
CA VAL B 908 -23.75 69.54 4.72
C VAL B 908 -22.97 70.81 4.40
N THR B 909 -23.66 71.95 4.41
CA THR B 909 -23.01 73.21 4.11
C THR B 909 -21.76 73.37 4.98
N GLN B 910 -20.79 74.13 4.47
CA GLN B 910 -19.50 74.19 5.13
C GLN B 910 -19.56 75.06 6.39
N ASN B 911 -20.38 76.11 6.40
CA ASN B 911 -20.44 76.95 7.58
C ASN B 911 -20.85 76.15 8.82
N VAL B 912 -21.68 75.12 8.64
CA VAL B 912 -22.06 74.28 9.77
C VAL B 912 -20.83 73.81 10.51
N LEU B 913 -19.75 73.47 9.78
CA LEU B 913 -18.52 73.09 10.44
C LEU B 913 -17.95 74.23 11.26
N TYR B 914 -17.74 75.39 10.63
CA TYR B 914 -17.08 76.50 11.33
C TYR B 914 -17.87 76.90 12.57
N GLU B 915 -19.17 77.16 12.40
CA GLU B 915 -19.99 77.59 13.53
C GLU B 915 -20.06 76.53 14.61
N ASN B 916 -19.72 75.28 14.31
CA ASN B 916 -19.71 74.21 15.29
C ASN B 916 -18.30 73.65 15.49
N GLN B 917 -17.30 74.32 14.91
CA GLN B 917 -15.95 73.76 14.92
C GLN B 917 -15.56 73.28 16.30
N LYS B 918 -15.56 74.17 17.29
CA LYS B 918 -15.16 73.77 18.64
C LYS B 918 -15.94 72.54 19.08
N LEU B 919 -17.26 72.58 18.99
CA LEU B 919 -18.05 71.43 19.38
C LEU B 919 -17.56 70.19 18.65
N ILE B 920 -17.46 70.27 17.33
CA ILE B 920 -17.02 69.10 16.57
C ILE B 920 -15.69 68.61 17.11
N ALA B 921 -14.75 69.54 17.32
CA ALA B 921 -13.44 69.13 17.82
C ALA B 921 -13.60 68.30 19.08
N ASN B 922 -14.34 68.81 20.05
CA ASN B 922 -14.54 68.04 21.29
C ASN B 922 -15.06 66.65 20.97
N GLN B 923 -16.15 66.58 20.19
CA GLN B 923 -16.70 65.27 19.84
C GLN B 923 -15.60 64.39 19.26
N PHE B 924 -14.86 64.90 18.28
CA PHE B 924 -13.81 64.08 17.68
C PHE B 924 -12.88 63.55 18.76
N ASN B 925 -12.36 64.44 19.60
CA ASN B 925 -11.48 63.99 20.67
C ASN B 925 -12.16 62.92 21.49
N SER B 926 -13.38 63.19 21.96
CA SER B 926 -14.10 62.17 22.73
C SER B 926 -14.12 60.85 21.99
N ALA B 927 -14.54 60.87 20.72
CA ALA B 927 -14.57 59.64 19.95
C ALA B 927 -13.22 58.95 20.00
N ILE B 928 -12.16 59.69 19.67
CA ILE B 928 -10.83 59.09 19.68
C ILE B 928 -10.57 58.47 21.04
N GLY B 929 -10.83 59.23 22.10
CA GLY B 929 -10.61 58.68 23.43
C GLY B 929 -11.31 57.36 23.61
N LYS B 930 -12.60 57.30 23.30
CA LYS B 930 -13.34 56.06 23.53
C LYS B 930 -12.67 54.91 22.80
N ILE B 931 -12.18 55.15 21.58
CA ILE B 931 -11.58 54.07 20.82
C ILE B 931 -10.46 53.43 21.62
N GLN B 932 -9.59 54.26 22.21
CA GLN B 932 -8.50 53.71 23.01
C GLN B 932 -9.05 52.77 24.06
N ASP B 933 -10.03 53.23 24.84
CA ASP B 933 -10.61 52.37 25.86
C ASP B 933 -11.21 51.12 25.22
N SER B 934 -11.94 51.30 24.12
CA SER B 934 -12.52 50.15 23.44
C SER B 934 -11.44 49.14 23.09
N LEU B 935 -10.26 49.62 22.70
CA LEU B 935 -9.16 48.70 22.43
C LEU B 935 -8.53 48.20 23.72
N SER B 936 -8.37 49.08 24.71
CA SER B 936 -7.65 48.69 25.93
C SER B 936 -8.40 47.63 26.71
N SER B 937 -9.73 47.77 26.82
CA SER B 937 -10.50 46.87 27.66
C SER B 937 -10.78 45.54 26.97
N THR B 938 -11.47 45.59 25.83
CA THR B 938 -11.90 44.39 25.12
C THR B 938 -10.95 44.09 23.97
N ALA B 939 -10.55 42.82 23.85
CA ALA B 939 -9.66 42.38 22.79
C ALA B 939 -10.38 41.55 21.73
N SER B 940 -11.68 41.30 21.89
CA SER B 940 -12.41 40.51 20.90
C SER B 940 -12.45 41.22 19.55
N ALA B 941 -12.38 42.55 19.55
CA ALA B 941 -12.49 43.29 18.29
C ALA B 941 -11.41 42.87 17.31
N LEU B 942 -10.20 42.60 17.81
CA LEU B 942 -9.09 42.19 16.97
C LEU B 942 -9.23 40.79 16.43
N GLY B 943 -10.37 40.11 16.63
CA GLY B 943 -10.46 38.71 16.24
C GLY B 943 -10.09 38.49 14.79
N LYS B 944 -10.64 39.32 13.90
CA LYS B 944 -10.36 39.21 12.47
C LYS B 944 -8.88 38.98 12.24
N LEU B 945 -8.04 39.71 12.97
CA LEU B 945 -6.60 39.47 12.89
C LEU B 945 -6.22 38.21 13.66
N GLN B 946 -6.51 38.20 14.97
CA GLN B 946 -6.09 37.07 15.80
C GLN B 946 -6.57 35.76 15.19
N ASP B 947 -7.85 35.69 14.85
CA ASP B 947 -8.40 34.52 14.18
C ASP B 947 -7.46 34.05 13.07
N VAL B 948 -7.20 34.93 12.10
CA VAL B 948 -6.30 34.58 11.00
C VAL B 948 -5.05 33.93 11.54
N VAL B 949 -4.36 34.61 12.46
CA VAL B 949 -3.11 34.10 12.98
C VAL B 949 -3.29 32.67 13.49
N ASN B 950 -4.31 32.48 14.33
CA ASN B 950 -4.55 31.15 14.89
C ASN B 950 -4.62 30.12 13.77
N GLN B 951 -5.43 30.40 12.74
CA GLN B 951 -5.58 29.44 11.66
C GLN B 951 -4.22 29.03 11.12
N ASN B 952 -3.38 30.02 10.79
CA ASN B 952 -2.04 29.71 10.33
C ASN B 952 -1.36 28.74 11.30
N ALA B 953 -1.20 29.17 12.54
CA ALA B 953 -0.58 28.30 13.54
C ALA B 953 -1.27 26.95 13.55
N GLN B 954 -2.60 26.95 13.58
CA GLN B 954 -3.33 25.71 13.64
C GLN B 954 -2.85 24.77 12.54
N ALA B 955 -2.86 25.26 11.30
CA ALA B 955 -2.43 24.43 10.19
C ALA B 955 -1.06 23.83 10.47
N LEU B 956 -0.10 24.68 10.83
CA LEU B 956 1.24 24.18 11.09
C LEU B 956 1.21 23.07 12.13
N ASN B 957 0.51 23.31 13.24
CA ASN B 957 0.43 22.28 14.27
C ASN B 957 -0.04 20.97 13.64
N THR B 958 -1.17 21.02 12.94
CA THR B 958 -1.67 19.82 12.28
C THR B 958 -0.57 19.21 11.42
N LEU B 959 0.02 20.02 10.54
CA LEU B 959 1.09 19.53 9.69
C LEU B 959 2.16 18.84 10.54
N VAL B 960 2.62 19.53 11.58
CA VAL B 960 3.69 18.94 12.40
C VAL B 960 3.20 17.66 13.05
N LYS B 961 1.95 17.64 13.52
CA LYS B 961 1.45 16.42 14.14
C LYS B 961 1.35 15.28 13.15
N GLN B 962 1.20 15.60 11.86
CA GLN B 962 1.17 14.54 10.85
C GLN B 962 2.50 13.83 10.74
N LEU B 963 3.57 14.37 11.32
CA LEU B 963 4.83 13.65 11.37
C LEU B 963 4.76 12.44 12.29
N SER B 964 3.80 12.40 13.20
CA SER B 964 3.72 11.35 14.19
C SER B 964 2.66 10.30 13.88
N SER B 965 2.20 10.23 12.64
CA SER B 965 1.16 9.28 12.23
C SER B 965 1.80 8.13 11.46
N ASN B 966 1.29 6.92 11.71
CA ASN B 966 1.88 5.73 11.11
C ASN B 966 1.53 5.61 9.63
N PHE B 967 0.30 5.97 9.26
CA PHE B 967 -0.19 5.78 7.90
C PHE B 967 -0.08 4.32 7.48
N GLY B 968 -0.16 3.40 8.43
CA GLY B 968 -0.03 1.99 8.17
C GLY B 968 1.38 1.44 8.35
N ALA B 969 2.38 2.31 8.44
CA ALA B 969 3.75 1.85 8.66
C ALA B 969 3.92 1.32 10.08
N ILE B 970 4.98 0.54 10.27
CA ILE B 970 5.25 -0.04 11.59
C ILE B 970 5.50 1.07 12.60
N SER B 971 6.19 2.13 12.19
CA SER B 971 6.51 3.24 13.07
C SER B 971 6.41 4.54 12.28
N SER B 972 6.24 5.63 13.01
CA SER B 972 6.07 6.95 12.42
C SER B 972 7.40 7.70 12.28
N VAL B 973 8.51 7.07 12.59
CA VAL B 973 9.84 7.68 12.51
C VAL B 973 10.68 6.88 11.53
N LEU B 974 11.27 7.57 10.55
CA LEU B 974 12.07 6.88 9.55
C LEU B 974 13.30 6.23 10.15
N ASN B 975 13.91 6.88 11.14
CA ASN B 975 15.17 6.39 11.68
C ASN B 975 14.99 4.99 12.28
N ASP B 976 13.89 4.76 12.99
CA ASP B 976 13.67 3.45 13.59
C ASP B 976 13.57 2.37 12.51
N ILE B 977 12.79 2.65 11.45
CA ILE B 977 12.63 1.68 10.38
C ILE B 977 13.97 1.39 9.72
N LEU B 978 14.74 2.44 9.44
CA LEU B 978 16.03 2.25 8.79
C LEU B 978 16.97 1.43 9.66
N SER B 979 17.00 1.72 10.96
CA SER B 979 17.89 1.01 11.86
C SER B 979 17.46 -0.43 12.09
N ARG B 980 16.17 -0.73 11.98
CA ARG B 980 15.66 -2.06 12.27
C ARG B 980 15.52 -2.93 11.02
N LEU B 981 14.83 -2.42 10.00
CA LEU B 981 14.53 -3.21 8.80
C LEU B 981 15.56 -2.97 7.71
N ASP B 982 15.87 -4.02 6.96
CA ASP B 982 16.74 -3.90 5.81
C ASP B 982 16.02 -3.16 4.68
N PRO B 983 16.76 -2.63 3.73
CA PRO B 983 16.12 -1.82 2.66
C PRO B 983 15.02 -2.59 1.95
N PRO B 984 15.24 -3.87 1.62
CA PRO B 984 14.17 -4.61 0.93
C PRO B 984 12.87 -4.64 1.71
N GLU B 985 12.95 -4.74 3.03
CA GLU B 985 11.76 -4.72 3.89
C GLU B 985 11.37 -3.30 4.28
N ALA B 986 12.35 -2.44 4.53
CA ALA B 986 12.07 -1.10 5.01
C ALA B 986 11.38 -0.25 3.94
N GLU B 987 11.67 -0.50 2.68
CA GLU B 987 11.21 0.39 1.61
C GLU B 987 9.69 0.46 1.53
N VAL B 988 8.99 -0.64 1.82
CA VAL B 988 7.53 -0.60 1.73
C VAL B 988 6.96 0.33 2.79
N GLN B 989 7.44 0.20 4.03
CA GLN B 989 6.96 1.08 5.09
C GLN B 989 7.35 2.52 4.81
N ILE B 990 8.55 2.74 4.27
CA ILE B 990 8.98 4.10 3.95
C ILE B 990 8.10 4.68 2.85
N ASP B 991 7.68 3.85 1.88
CA ASP B 991 6.76 4.32 0.85
C ASP B 991 5.41 4.70 1.45
N ARG B 992 4.91 3.89 2.39
CA ARG B 992 3.67 4.25 3.05
C ARG B 992 3.78 5.58 3.77
N LEU B 993 4.87 5.76 4.54
CA LEU B 993 5.05 7.01 5.26
C LEU B 993 5.21 8.18 4.31
N ILE B 994 5.94 7.99 3.20
CA ILE B 994 6.14 9.06 2.25
C ILE B 994 4.82 9.46 1.61
N THR B 995 3.99 8.47 1.24
CA THR B 995 2.68 8.78 0.68
C THR B 995 1.85 9.57 1.68
N GLY B 996 1.82 9.12 2.94
CA GLY B 996 1.03 9.82 3.93
C GLY B 996 1.48 11.24 4.16
N ARG B 997 2.80 11.42 4.32
CA ARG B 997 3.33 12.75 4.60
C ARG B 997 3.19 13.67 3.39
N LEU B 998 3.36 13.14 2.19
CA LEU B 998 3.16 13.95 0.98
C LEU B 998 1.71 14.37 0.85
N GLN B 999 0.77 13.47 1.13
CA GLN B 999 -0.64 13.85 1.08
C GLN B 999 -0.95 14.90 2.14
N SER B 1000 -0.35 14.77 3.33
CA SER B 1000 -0.54 15.79 4.36
C SER B 1000 0.00 17.13 3.91
N LEU B 1001 1.19 17.13 3.30
CA LEU B 1001 1.77 18.37 2.82
C LEU B 1001 0.91 18.99 1.73
N GLN B 1002 0.35 18.17 0.83
CA GLN B 1002 -0.52 18.70 -0.21
C GLN B 1002 -1.78 19.28 0.40
N THR B 1003 -2.35 18.63 1.40
CA THR B 1003 -3.53 19.19 2.06
C THR B 1003 -3.20 20.54 2.69
N TYR B 1004 -2.07 20.62 3.39
CA TYR B 1004 -1.68 21.87 4.01
C TYR B 1004 -1.48 22.96 2.97
N VAL B 1005 -0.80 22.63 1.87
CA VAL B 1005 -0.49 23.64 0.86
C VAL B 1005 -1.77 24.09 0.16
N THR B 1006 -2.70 23.17 -0.11
CA THR B 1006 -3.93 23.56 -0.77
C THR B 1006 -4.77 24.46 0.12
N GLN B 1007 -4.90 24.11 1.40
CA GLN B 1007 -5.64 24.97 2.31
C GLN B 1007 -4.94 26.31 2.47
N GLN B 1008 -3.61 26.32 2.44
CA GLN B 1008 -2.88 27.58 2.50
C GLN B 1008 -3.13 28.42 1.26
N LEU B 1009 -3.22 27.79 0.09
CA LEU B 1009 -3.52 28.54 -1.12
C LEU B 1009 -4.91 29.16 -1.05
N ILE B 1010 -5.89 28.40 -0.55
CA ILE B 1010 -7.24 28.95 -0.42
C ILE B 1010 -7.25 30.09 0.59
N ARG B 1011 -6.60 29.92 1.73
CA ARG B 1011 -6.55 30.99 2.72
C ARG B 1011 -5.77 32.19 2.22
N ALA B 1012 -4.76 31.96 1.37
CA ALA B 1012 -4.02 33.07 0.79
C ALA B 1012 -4.88 33.83 -0.20
N ALA B 1013 -5.73 33.13 -0.96
CA ALA B 1013 -6.68 33.83 -1.81
C ALA B 1013 -7.65 34.67 -0.97
N GLU B 1014 -8.11 34.11 0.15
CA GLU B 1014 -8.98 34.87 1.05
C GLU B 1014 -8.28 36.12 1.56
N ILE B 1015 -7.02 35.96 2.01
CA ILE B 1015 -6.27 37.09 2.53
C ILE B 1015 -5.97 38.09 1.43
N ARG B 1016 -5.81 37.64 0.19
CA ARG B 1016 -5.58 38.59 -0.90
C ARG B 1016 -6.84 39.37 -1.22
N ALA B 1017 -8.01 38.72 -1.12
CA ALA B 1017 -9.25 39.46 -1.25
C ALA B 1017 -9.36 40.51 -0.15
N SER B 1018 -9.04 40.13 1.09
CA SER B 1018 -9.07 41.09 2.19
C SER B 1018 -8.06 42.22 1.97
N ALA B 1019 -6.89 41.89 1.44
CA ALA B 1019 -5.86 42.90 1.23
C ALA B 1019 -6.22 43.84 0.10
N ASN B 1020 -6.89 43.33 -0.94
CA ASN B 1020 -7.39 44.21 -1.99
C ASN B 1020 -8.48 45.12 -1.46
N LEU B 1021 -9.34 44.60 -0.57
CA LEU B 1021 -10.32 45.48 0.07
C LEU B 1021 -9.64 46.55 0.91
N ALA B 1022 -8.58 46.17 1.64
CA ALA B 1022 -7.86 47.13 2.46
C ALA B 1022 -7.17 48.19 1.60
N ALA B 1023 -6.60 47.77 0.46
CA ALA B 1023 -6.01 48.74 -0.46
C ALA B 1023 -7.06 49.68 -1.01
N THR B 1024 -8.24 49.16 -1.34
CA THR B 1024 -9.32 50.00 -1.82
C THR B 1024 -9.73 51.02 -0.77
N LYS B 1025 -9.85 50.58 0.49
CA LYS B 1025 -10.21 51.51 1.56
C LYS B 1025 -9.13 52.55 1.79
N MET B 1026 -7.86 52.14 1.74
CA MET B 1026 -6.77 53.08 1.91
C MET B 1026 -6.78 54.12 0.79
N SER B 1027 -7.07 53.69 -0.43
CA SER B 1027 -7.08 54.61 -1.56
C SER B 1027 -8.30 55.51 -1.55
N GLU B 1028 -9.43 55.03 -1.05
CA GLU B 1028 -10.70 55.75 -1.14
C GLU B 1028 -11.17 56.32 0.18
N CYS B 1029 -11.11 55.55 1.27
CA CYS B 1029 -11.50 56.09 2.56
C CYS B 1029 -10.46 57.05 3.11
N VAL B 1030 -9.18 56.70 2.98
CA VAL B 1030 -8.10 57.50 3.56
C VAL B 1030 -7.66 58.57 2.58
N LEU B 1031 -7.16 58.15 1.41
CA LEU B 1031 -6.65 59.10 0.43
C LEU B 1031 -7.72 59.99 -0.16
N GLY B 1032 -9.00 59.69 0.07
CA GLY B 1032 -10.07 60.53 -0.42
C GLY B 1032 -11.28 60.38 0.48
N GLN B 1033 -12.35 61.07 0.13
CA GLN B 1033 -13.62 60.96 0.84
C GLN B 1033 -14.55 60.11 0.00
N SER B 1034 -15.07 59.04 0.59
CA SER B 1034 -15.83 58.05 -0.15
C SER B 1034 -17.31 58.37 -0.10
N LYS B 1035 -17.95 58.39 -1.26
CA LYS B 1035 -19.39 58.53 -1.35
C LYS B 1035 -20.11 57.19 -1.31
N ARG B 1036 -19.37 56.08 -1.41
CA ARG B 1036 -19.98 54.78 -1.26
C ARG B 1036 -20.56 54.63 0.14
N VAL B 1037 -21.70 53.97 0.24
CA VAL B 1037 -22.44 53.88 1.49
C VAL B 1037 -21.92 52.68 2.28
N ASP B 1038 -21.69 52.89 3.57
CA ASP B 1038 -21.22 51.87 4.50
C ASP B 1038 -19.89 51.25 4.09
N PHE B 1039 -19.22 51.80 3.08
CA PHE B 1039 -17.90 51.30 2.72
C PHE B 1039 -16.86 51.76 3.73
N CYS B 1040 -16.96 53.00 4.20
CA CYS B 1040 -16.05 53.58 5.17
C CYS B 1040 -16.78 53.84 6.49
N GLY B 1041 -17.57 52.88 6.93
CA GLY B 1041 -18.24 52.97 8.21
C GLY B 1041 -19.66 53.50 8.09
N LYS B 1042 -20.48 53.14 9.07
CA LYS B 1042 -21.86 53.61 9.10
C LYS B 1042 -21.90 55.12 9.31
N GLY B 1043 -22.78 55.77 8.57
CA GLY B 1043 -22.87 57.22 8.56
C GLY B 1043 -22.21 57.80 7.33
N TYR B 1044 -22.29 59.13 7.25
CA TYR B 1044 -21.69 59.84 6.13
C TYR B 1044 -20.20 60.01 6.40
N HIS B 1045 -19.38 59.49 5.50
CA HIS B 1045 -17.95 59.46 5.72
C HIS B 1045 -17.37 60.88 5.72
N LEU B 1046 -16.59 61.21 6.74
CA LEU B 1046 -15.80 62.43 6.75
C LEU B 1046 -14.35 62.14 6.38
N MET B 1047 -13.69 61.25 7.11
CA MET B 1047 -12.30 60.92 6.82
C MET B 1047 -11.96 59.59 7.47
N SER B 1048 -10.71 59.17 7.32
CA SER B 1048 -10.26 57.93 7.91
C SER B 1048 -8.77 58.04 8.20
N PHE B 1049 -8.31 57.23 9.14
CA PHE B 1049 -6.91 57.22 9.54
C PHE B 1049 -6.43 55.77 9.65
N PRO B 1050 -5.32 55.42 9.02
CA PRO B 1050 -4.81 54.05 9.15
C PRO B 1050 -3.95 53.86 10.39
N GLN B 1051 -3.94 52.63 10.88
CA GLN B 1051 -3.11 52.24 12.02
C GLN B 1051 -2.70 50.80 11.80
N SER B 1052 -1.40 50.55 11.64
CA SER B 1052 -0.95 49.20 11.39
C SER B 1052 -1.16 48.33 12.62
N ALA B 1053 -1.62 47.11 12.40
CA ALA B 1053 -1.75 46.09 13.42
C ALA B 1053 -1.07 44.84 12.90
N PRO B 1054 -0.67 43.93 13.79
CA PRO B 1054 0.09 42.75 13.33
C PRO B 1054 -0.61 42.02 12.20
N HIS B 1055 0.00 42.04 11.02
CA HIS B 1055 -0.53 41.35 9.85
C HIS B 1055 -1.88 41.90 9.42
N GLY B 1056 -2.05 43.21 9.51
CA GLY B 1056 -3.30 43.82 9.10
C GLY B 1056 -3.28 45.31 9.35
N VAL B 1057 -4.41 45.94 9.03
CA VAL B 1057 -4.56 47.39 9.16
C VAL B 1057 -5.86 47.67 9.91
N VAL B 1058 -5.91 48.85 10.52
CA VAL B 1058 -7.07 49.30 11.27
C VAL B 1058 -7.42 50.70 10.80
N PHE B 1059 -8.59 50.85 10.20
CA PHE B 1059 -9.05 52.16 9.73
C PHE B 1059 -9.97 52.74 10.80
N LEU B 1060 -9.57 53.90 11.33
CA LEU B 1060 -10.44 54.69 12.19
C LEU B 1060 -11.25 55.58 11.25
N HIS B 1061 -12.54 55.25 11.10
CA HIS B 1061 -13.43 55.95 10.19
C HIS B 1061 -14.17 57.04 10.97
N VAL B 1062 -13.83 58.29 10.69
CA VAL B 1062 -14.55 59.42 11.24
C VAL B 1062 -15.72 59.72 10.30
N THR B 1063 -16.94 59.56 10.82
CA THR B 1063 -18.16 59.70 10.03
C THR B 1063 -19.12 60.63 10.73
N TYR B 1064 -19.98 61.25 9.94
CA TYR B 1064 -20.94 62.24 10.41
C TYR B 1064 -22.31 61.58 10.51
N VAL B 1065 -22.81 61.42 11.73
CA VAL B 1065 -24.07 60.72 11.98
C VAL B 1065 -25.08 61.74 12.48
N PRO B 1066 -26.18 61.98 11.77
CA PRO B 1066 -27.20 62.90 12.30
C PRO B 1066 -27.75 62.38 13.63
N ALA B 1067 -28.08 63.31 14.52
CA ALA B 1067 -28.33 62.97 15.91
C ALA B 1067 -29.77 63.20 16.34
N GLN B 1068 -30.31 64.41 16.19
CA GLN B 1068 -31.60 64.78 16.76
C GLN B 1068 -32.51 65.28 15.65
N GLU B 1069 -33.68 64.67 15.53
CA GLU B 1069 -34.58 64.88 14.41
C GLU B 1069 -35.81 65.65 14.86
N LYS B 1070 -36.34 66.48 13.95
CA LYS B 1070 -37.56 67.22 14.18
C LYS B 1070 -38.51 67.02 13.01
N ASN B 1071 -39.78 66.82 13.33
CA ASN B 1071 -40.82 66.75 12.31
C ASN B 1071 -41.06 68.12 11.69
N PHE B 1072 -41.48 68.10 10.42
CA PHE B 1072 -41.90 69.32 9.74
C PHE B 1072 -42.90 68.95 8.65
N THR B 1073 -43.70 69.92 8.25
CA THR B 1073 -44.57 69.78 7.10
C THR B 1073 -43.80 70.21 5.86
N THR B 1074 -43.72 69.32 4.88
CA THR B 1074 -42.91 69.55 3.70
C THR B 1074 -43.78 69.65 2.46
N ALA B 1075 -43.39 70.53 1.54
CA ALA B 1075 -44.10 70.72 0.29
C ALA B 1075 -43.11 70.56 -0.86
N PRO B 1076 -43.45 69.76 -1.88
CA PRO B 1076 -42.49 69.58 -2.99
C PRO B 1076 -42.15 70.88 -3.70
N ALA B 1077 -43.08 71.81 -3.79
CA ALA B 1077 -42.83 73.08 -4.46
C ALA B 1077 -43.62 74.17 -3.73
N ILE B 1078 -43.62 75.37 -4.29
CA ILE B 1078 -44.34 76.49 -3.70
C ILE B 1078 -44.78 77.42 -4.83
N CYS B 1079 -45.98 77.97 -4.70
CA CYS B 1079 -46.55 78.88 -5.68
C CYS B 1079 -46.53 80.30 -5.13
N HIS B 1080 -45.97 81.23 -5.91
CA HIS B 1080 -45.93 82.64 -5.53
C HIS B 1080 -46.82 83.49 -6.41
N ASP B 1081 -46.65 83.41 -7.73
CA ASP B 1081 -47.47 84.15 -8.69
C ASP B 1081 -48.01 83.21 -9.74
N GLY B 1082 -48.43 82.02 -9.32
CA GLY B 1082 -48.89 80.99 -10.22
C GLY B 1082 -47.78 80.13 -10.81
N LYS B 1083 -46.52 80.45 -10.52
CA LYS B 1083 -45.38 79.67 -10.98
C LYS B 1083 -44.83 78.88 -9.82
N ALA B 1084 -44.66 77.57 -10.01
CA ALA B 1084 -44.11 76.74 -8.95
C ALA B 1084 -42.66 77.10 -8.70
N HIS B 1085 -42.21 76.91 -7.47
CA HIS B 1085 -40.82 77.13 -7.08
C HIS B 1085 -40.29 75.88 -6.39
N PHE B 1086 -39.15 75.39 -6.85
CA PHE B 1086 -38.51 74.23 -6.25
C PHE B 1086 -37.17 74.64 -5.65
N PRO B 1087 -36.71 73.95 -4.61
CA PRO B 1087 -35.48 74.39 -3.95
C PRO B 1087 -34.26 74.05 -4.78
N ARG B 1088 -33.38 75.03 -4.98
CA ARG B 1088 -32.17 74.78 -5.75
C ARG B 1088 -31.33 73.68 -5.11
N GLU B 1089 -31.04 73.82 -3.81
CA GLU B 1089 -30.30 72.81 -3.06
C GLU B 1089 -30.83 72.84 -1.63
N GLY B 1090 -31.79 71.97 -1.35
CA GLY B 1090 -32.44 71.97 -0.06
C GLY B 1090 -33.85 71.42 -0.18
N VAL B 1091 -34.64 71.68 0.85
CA VAL B 1091 -35.99 71.15 0.95
C VAL B 1091 -36.84 72.15 1.71
N PHE B 1092 -38.12 72.23 1.31
CA PHE B 1092 -39.05 73.12 2.00
C PHE B 1092 -39.61 72.43 3.24
N VAL B 1093 -39.52 73.10 4.37
CA VAL B 1093 -40.07 72.62 5.62
C VAL B 1093 -40.90 73.74 6.24
N SER B 1094 -41.73 73.38 7.19
CA SER B 1094 -42.61 74.33 7.86
C SER B 1094 -42.68 73.99 9.34
N ASN B 1095 -42.38 74.97 10.18
CA ASN B 1095 -42.52 74.80 11.62
C ASN B 1095 -43.96 74.95 12.08
N GLY B 1096 -44.92 74.95 11.16
CA GLY B 1096 -46.32 75.01 11.51
C GLY B 1096 -47.05 76.14 10.82
N THR B 1097 -46.41 77.30 10.70
CA THR B 1097 -47.06 78.48 10.14
C THR B 1097 -46.24 79.09 9.02
N HIS B 1098 -44.92 78.99 9.10
CA HIS B 1098 -44.02 79.59 8.14
C HIS B 1098 -43.28 78.51 7.36
N TRP B 1099 -42.79 78.90 6.19
CA TRP B 1099 -42.07 78.00 5.29
C TRP B 1099 -40.63 78.46 5.16
N PHE B 1100 -39.70 77.54 5.40
CA PHE B 1100 -38.28 77.78 5.20
C PHE B 1100 -37.73 76.75 4.23
N VAL B 1101 -36.57 77.06 3.66
CA VAL B 1101 -35.86 76.15 2.77
C VAL B 1101 -34.54 75.83 3.45
N THR B 1102 -34.36 74.57 3.84
CA THR B 1102 -33.21 74.16 4.63
C THR B 1102 -32.47 73.03 3.95
N GLN B 1103 -31.18 72.91 4.23
CA GLN B 1103 -30.41 71.80 3.71
C GLN B 1103 -30.91 70.49 4.30
N ARG B 1104 -30.73 69.40 3.56
CA ARG B 1104 -31.42 68.16 3.88
C ARG B 1104 -30.82 67.45 5.08
N ASN B 1105 -29.50 67.54 5.27
CA ASN B 1105 -28.80 66.76 6.29
C ASN B 1105 -28.61 67.53 7.59
N PHE B 1106 -29.16 68.74 7.70
CA PHE B 1106 -28.99 69.51 8.92
C PHE B 1106 -29.99 70.66 8.96
N TYR B 1107 -30.78 70.75 10.02
CA TYR B 1107 -31.84 71.74 10.09
C TYR B 1107 -31.24 73.13 10.25
N GLU B 1108 -31.34 73.95 9.20
CA GLU B 1108 -30.89 75.34 9.25
C GLU B 1108 -31.84 76.17 8.40
N PRO B 1109 -33.00 76.54 8.94
CA PRO B 1109 -34.01 77.19 8.12
C PRO B 1109 -33.53 78.53 7.58
N GLN B 1110 -34.02 78.87 6.39
CA GLN B 1110 -33.70 80.14 5.76
C GLN B 1110 -34.92 80.63 5.00
N ILE B 1111 -35.10 81.96 4.99
CA ILE B 1111 -36.24 82.54 4.29
C ILE B 1111 -36.16 82.19 2.82
N ILE B 1112 -37.31 81.86 2.24
CA ILE B 1112 -37.37 81.48 0.83
C ILE B 1112 -37.29 82.74 -0.01
N THR B 1113 -36.25 82.87 -0.82
CA THR B 1113 -36.07 83.96 -1.75
C THR B 1113 -35.98 83.41 -3.16
N THR B 1114 -35.88 84.30 -4.14
CA THR B 1114 -35.71 83.87 -5.52
C THR B 1114 -34.38 83.15 -5.72
N ASP B 1115 -33.41 83.39 -4.84
CA ASP B 1115 -32.13 82.71 -4.97
C ASP B 1115 -32.22 81.25 -4.54
N ASN B 1116 -32.94 80.99 -3.44
CA ASN B 1116 -33.02 79.62 -2.94
C ASN B 1116 -33.78 78.72 -3.89
N THR B 1117 -34.76 79.25 -4.61
CA THR B 1117 -35.67 78.45 -5.41
C THR B 1117 -35.61 78.85 -6.87
N PHE B 1118 -35.89 77.89 -7.74
CA PHE B 1118 -36.00 78.12 -9.18
C PHE B 1118 -37.39 77.71 -9.65
N VAL B 1119 -37.90 78.42 -10.63
CA VAL B 1119 -39.27 78.22 -11.10
C VAL B 1119 -39.28 77.25 -12.26
N SER B 1120 -40.41 76.58 -12.45
CA SER B 1120 -40.60 75.71 -13.61
C SER B 1120 -42.09 75.55 -13.85
N GLY B 1121 -42.60 76.17 -14.90
CA GLY B 1121 -43.99 76.00 -15.28
C GLY B 1121 -44.95 76.64 -14.29
N ASN B 1122 -46.22 76.31 -14.47
CA ASN B 1122 -47.28 76.82 -13.63
C ASN B 1122 -47.50 75.87 -12.45
N CYS B 1123 -48.57 76.09 -11.69
CA CYS B 1123 -48.84 75.32 -10.48
C CYS B 1123 -50.02 74.36 -10.63
N ASP B 1124 -50.32 73.94 -11.85
CA ASP B 1124 -51.42 73.01 -12.10
C ASP B 1124 -50.94 71.58 -12.33
N VAL B 1125 -49.67 71.29 -12.06
CA VAL B 1125 -49.07 69.99 -12.36
C VAL B 1125 -48.56 69.31 -11.10
N VAL B 1126 -47.86 70.05 -10.24
CA VAL B 1126 -47.25 69.45 -9.06
C VAL B 1126 -48.33 68.94 -8.12
N ILE B 1127 -48.03 67.83 -7.44
CA ILE B 1127 -48.94 67.22 -6.48
C ILE B 1127 -48.41 67.53 -5.08
N GLY B 1128 -49.23 68.16 -4.26
CA GLY B 1128 -48.81 68.57 -2.93
C GLY B 1128 -48.25 69.97 -2.86
N ILE B 1129 -48.32 70.74 -3.93
CA ILE B 1129 -47.80 72.10 -3.91
C ILE B 1129 -48.59 72.95 -2.92
N VAL B 1130 -47.94 73.95 -2.35
CA VAL B 1130 -48.55 74.80 -1.33
C VAL B 1130 -48.34 76.25 -1.72
N ASN B 1131 -49.23 77.11 -1.22
CA ASN B 1131 -49.14 78.54 -1.43
C ASN B 1131 -48.23 79.16 -0.37
N ASN B 1132 -47.39 80.10 -0.80
CA ASN B 1132 -46.51 80.79 0.13
C ASN B 1132 -45.83 81.93 -0.60
N THR B 1133 -45.45 82.96 0.15
CA THR B 1133 -44.73 84.09 -0.43
C THR B 1133 -43.26 83.72 -0.58
N VAL B 1134 -42.70 84.02 -1.75
CA VAL B 1134 -41.29 83.82 -2.04
C VAL B 1134 -40.64 85.19 -2.10
N TYR B 1135 -39.74 85.45 -1.15
CA TYR B 1135 -39.15 86.77 -1.02
C TYR B 1135 -38.33 87.12 -2.26
N ASP B 1136 -38.23 88.41 -2.54
CA ASP B 1136 -37.44 88.92 -3.65
C ASP B 1136 -36.53 90.03 -3.14
N PRO B 1137 -35.21 89.80 -3.05
CA PRO B 1137 -34.34 90.86 -2.50
C PRO B 1137 -34.37 92.15 -3.28
N LEU B 1138 -34.59 92.07 -4.61
CA LEU B 1138 -34.48 93.27 -5.44
C LEU B 1138 -35.60 94.26 -5.17
N GLN B 1139 -36.76 93.78 -4.72
CA GLN B 1139 -37.90 94.69 -4.52
C GLN B 1139 -37.62 95.75 -3.48
N PRO B 1140 -37.21 95.42 -2.24
CA PRO B 1140 -36.89 96.49 -1.28
C PRO B 1140 -35.77 97.40 -1.74
N GLU B 1141 -34.77 96.84 -2.43
CA GLU B 1141 -33.67 97.67 -2.91
C GLU B 1141 -34.17 98.70 -3.91
N LEU B 1142 -35.04 98.29 -4.83
CA LEU B 1142 -35.62 99.25 -5.77
C LEU B 1142 -36.57 100.22 -5.07
N ASP B 1143 -37.19 99.79 -3.97
CA ASP B 1143 -38.08 100.68 -3.24
C ASP B 1143 -37.33 101.89 -2.71
N SER B 1144 -36.14 101.68 -2.17
CA SER B 1144 -35.33 102.77 -1.64
C SER B 1144 -34.30 103.23 -2.67
N SER C 13 53.61 -11.03 -29.65
CA SER C 13 54.98 -10.96 -30.13
C SER C 13 55.96 -11.09 -28.96
N GLN C 14 57.24 -10.82 -29.25
CA GLN C 14 58.29 -10.89 -28.23
C GLN C 14 58.61 -9.48 -27.74
N CYS C 15 58.60 -9.31 -26.42
CA CYS C 15 58.85 -8.00 -25.84
C CYS C 15 60.29 -7.57 -26.09
N VAL C 16 60.47 -6.26 -26.25
CA VAL C 16 61.79 -5.66 -26.40
C VAL C 16 62.18 -5.07 -25.05
N ASN C 17 63.35 -5.46 -24.54
CA ASN C 17 63.79 -5.07 -23.22
C ASN C 17 64.70 -3.86 -23.30
N PHE C 18 64.45 -2.88 -22.43
CA PHE C 18 65.27 -1.68 -22.32
C PHE C 18 65.95 -1.68 -20.97
N THR C 19 67.28 -1.59 -20.97
CA THR C 19 68.02 -1.63 -19.72
C THR C 19 67.68 -0.45 -18.82
N THR C 20 67.56 0.75 -19.41
CA THR C 20 67.27 1.97 -18.68
C THR C 20 65.82 2.36 -18.92
N ARG C 21 65.07 2.56 -17.84
CA ARG C 21 63.68 2.97 -17.89
C ARG C 21 63.50 4.22 -17.04
N THR C 22 62.71 5.16 -17.56
CA THR C 22 62.47 6.42 -16.86
C THR C 22 61.12 6.96 -17.27
N GLN C 23 60.59 7.87 -16.45
CA GLN C 23 59.32 8.52 -16.72
C GLN C 23 59.39 9.97 -16.27
N LEU C 24 58.90 10.87 -17.12
CA LEU C 24 58.99 12.29 -16.82
C LEU C 24 58.04 12.65 -15.68
N PRO C 25 58.36 13.68 -14.90
CA PRO C 25 57.48 14.06 -13.80
C PRO C 25 56.13 14.52 -14.32
N PRO C 26 55.06 14.29 -13.56
CA PRO C 26 53.75 14.78 -13.97
C PRO C 26 53.64 16.29 -13.88
N ALA C 27 52.70 16.84 -14.64
CA ALA C 27 52.40 18.26 -14.60
C ALA C 27 50.90 18.44 -14.39
N TYR C 28 50.51 19.64 -13.93
CA TYR C 28 49.11 19.93 -13.61
C TYR C 28 48.65 21.17 -14.36
N THR C 29 47.39 21.16 -14.78
CA THR C 29 46.78 22.30 -15.47
C THR C 29 45.30 22.33 -15.11
N ASN C 30 44.57 23.28 -15.70
CA ASN C 30 43.15 23.46 -15.45
C ASN C 30 42.34 22.96 -16.64
N SER C 31 41.27 22.22 -16.34
CA SER C 31 40.40 21.68 -17.39
C SER C 31 39.56 22.75 -18.07
N PHE C 32 39.45 23.94 -17.49
CA PHE C 32 38.62 25.00 -18.04
C PHE C 32 37.17 24.54 -18.18
N THR C 33 36.68 24.40 -19.41
CA THR C 33 35.28 24.07 -19.64
C THR C 33 35.14 23.02 -20.74
N ARG C 34 36.00 22.00 -20.72
CA ARG C 34 35.95 20.93 -21.69
C ARG C 34 35.42 19.66 -21.03
N GLY C 35 35.40 18.57 -21.79
CA GLY C 35 34.92 17.30 -21.29
C GLY C 35 33.42 17.09 -21.40
N VAL C 36 32.71 17.98 -22.08
CA VAL C 36 31.27 17.84 -22.26
C VAL C 36 31.01 16.94 -23.47
N TYR C 37 30.11 15.98 -23.30
CA TYR C 37 29.76 15.06 -24.36
C TYR C 37 28.28 14.73 -24.28
N TYR C 38 27.74 14.23 -25.38
CA TYR C 38 26.32 13.92 -25.44
C TYR C 38 26.03 12.71 -24.55
N PRO C 39 25.18 12.83 -23.53
CA PRO C 39 24.96 11.67 -22.65
C PRO C 39 24.29 10.52 -23.34
N ASP C 40 23.30 10.78 -24.20
CA ASP C 40 22.60 9.73 -24.92
C ASP C 40 22.54 10.04 -26.40
N LYS C 41 21.78 9.26 -27.16
CA LYS C 41 21.64 9.44 -28.61
C LYS C 41 20.29 10.03 -28.98
N VAL C 42 19.69 10.80 -28.08
CA VAL C 42 18.39 11.42 -28.33
C VAL C 42 18.61 12.83 -28.86
N PHE C 43 18.09 13.10 -30.05
CA PHE C 43 18.21 14.41 -30.64
C PHE C 43 17.37 15.43 -29.87
N ARG C 44 17.80 16.68 -29.93
CA ARG C 44 17.08 17.78 -29.29
C ARG C 44 17.41 19.05 -30.05
N SER C 45 16.63 20.10 -29.81
CA SER C 45 16.82 21.36 -30.52
C SER C 45 16.38 22.53 -29.64
N SER C 46 17.19 23.59 -29.63
CA SER C 46 16.87 24.84 -28.96
C SER C 46 16.22 24.60 -27.61
N VAL C 47 16.89 23.80 -26.79
CA VAL C 47 16.34 23.39 -25.49
C VAL C 47 17.49 23.28 -24.49
N LEU C 48 17.19 23.66 -23.25
CA LEU C 48 18.11 23.50 -22.14
C LEU C 48 17.68 22.28 -21.33
N HIS C 49 18.53 21.25 -21.32
CA HIS C 49 18.20 19.98 -20.72
C HIS C 49 19.18 19.64 -19.61
N SER C 50 18.66 19.18 -18.47
CA SER C 50 19.48 18.80 -17.34
C SER C 50 19.69 17.29 -17.34
N THR C 51 20.94 16.88 -17.18
CA THR C 51 21.29 15.47 -17.20
C THR C 51 22.29 15.18 -16.08
N GLN C 52 22.04 14.12 -15.32
CA GLN C 52 22.92 13.70 -14.24
C GLN C 52 23.65 12.44 -14.68
N ASP C 53 24.96 12.55 -14.89
CA ASP C 53 25.77 11.42 -15.32
C ASP C 53 27.23 11.72 -14.99
N LEU C 54 28.13 10.85 -15.43
CA LEU C 54 29.55 11.04 -15.21
C LEU C 54 30.07 12.05 -16.24
N PHE C 55 30.50 13.21 -15.75
CA PHE C 55 31.02 14.28 -16.59
C PHE C 55 32.32 14.81 -15.99
N LEU C 56 33.04 15.58 -16.79
CA LEU C 56 34.28 16.21 -16.33
C LEU C 56 33.92 17.55 -15.69
N PRO C 57 33.99 17.69 -14.38
CA PRO C 57 33.67 18.98 -13.76
C PRO C 57 34.56 20.07 -14.33
N PHE C 58 33.96 21.21 -14.61
CA PHE C 58 34.71 22.31 -15.21
C PHE C 58 35.75 22.85 -14.24
N PHE C 59 36.89 23.26 -14.78
CA PHE C 59 37.97 23.84 -14.00
C PHE C 59 38.54 22.84 -12.99
N SER C 60 38.56 21.57 -13.36
CA SER C 60 39.15 20.53 -12.53
C SER C 60 40.64 20.42 -12.81
N ASN C 61 41.36 19.89 -11.82
CA ASN C 61 42.79 19.65 -12.00
C ASN C 61 42.99 18.56 -13.04
N VAL C 62 43.89 18.81 -13.99
CA VAL C 62 44.17 17.89 -15.09
C VAL C 62 45.63 17.50 -15.00
N THR C 63 45.91 16.20 -14.96
CA THR C 63 47.27 15.69 -14.85
C THR C 63 47.75 15.34 -16.25
N TRP C 64 48.82 15.99 -16.69
CA TRP C 64 49.27 15.86 -18.06
C TRP C 64 50.78 15.62 -18.11
N PHE C 65 51.20 14.97 -19.19
CA PHE C 65 52.59 14.59 -19.40
C PHE C 65 52.91 14.73 -20.89
N HIS C 66 54.15 14.38 -21.24
CA HIS C 66 54.63 14.42 -22.60
C HIS C 66 55.01 13.01 -23.05
N ALA C 67 54.82 12.73 -24.34
CA ALA C 67 55.12 11.43 -24.91
C ALA C 67 56.27 11.60 -25.90
N ILE C 68 57.43 11.03 -25.58
CA ILE C 68 58.60 11.12 -26.44
C ILE C 68 58.53 10.02 -27.48
N HIS C 69 58.55 10.40 -28.75
CA HIS C 69 58.47 9.46 -29.86
C HIS C 69 59.79 9.28 -30.59
N VAL C 70 60.86 9.89 -30.11
CA VAL C 70 62.17 9.81 -30.75
C VAL C 70 63.24 9.85 -29.68
N SER C 71 64.32 9.11 -29.90
CA SER C 71 65.45 9.04 -28.98
C SER C 71 66.67 9.65 -29.65
N GLY C 72 67.31 10.59 -28.97
CA GLY C 72 68.49 11.25 -29.49
C GLY C 72 69.15 12.18 -28.49
N GLY C 75 71.32 8.97 -26.00
CA GLY C 75 70.03 8.70 -26.62
C GLY C 75 69.60 7.26 -26.48
N THR C 76 70.03 6.60 -25.40
CA THR C 76 69.72 5.21 -25.13
C THR C 76 68.85 5.07 -23.88
N LYS C 77 67.98 6.03 -23.64
CA LYS C 77 67.09 6.04 -22.48
C LYS C 77 65.66 5.81 -22.94
N ARG C 78 64.99 4.82 -22.35
CA ARG C 78 63.62 4.49 -22.67
C ARG C 78 62.69 5.21 -21.71
N PHE C 79 61.97 6.21 -22.21
CA PHE C 79 61.01 6.95 -21.41
C PHE C 79 59.66 6.25 -21.52
N ALA C 80 59.32 5.47 -20.52
CA ALA C 80 58.11 4.65 -20.52
C ALA C 80 56.95 5.42 -19.90
N ASN C 81 55.78 5.30 -20.52
CA ASN C 81 54.60 5.96 -20.00
C ASN C 81 54.17 5.31 -18.68
N PRO C 82 53.49 6.05 -17.82
CA PRO C 82 53.06 5.50 -16.53
C PRO C 82 51.68 4.85 -16.61
N VAL C 83 51.44 3.95 -15.65
CA VAL C 83 50.14 3.31 -15.51
C VAL C 83 49.27 4.19 -14.62
N LEU C 84 48.15 4.66 -15.17
CA LEU C 84 47.28 5.58 -14.48
C LEU C 84 45.97 4.90 -14.07
N PRO C 85 45.42 5.24 -12.90
CA PRO C 85 44.13 4.66 -12.52
C PRO C 85 43.02 5.09 -13.46
N PHE C 86 41.95 4.30 -13.47
CA PHE C 86 40.80 4.56 -14.34
C PHE C 86 39.62 5.18 -13.60
N ASN C 87 39.40 4.80 -12.35
CA ASN C 87 38.29 5.31 -11.53
C ASN C 87 37.00 5.00 -12.28
N ASP C 88 36.08 5.96 -12.42
CA ASP C 88 34.80 5.73 -13.09
C ASP C 88 34.81 6.12 -14.56
N GLY C 89 35.96 6.53 -15.08
CA GLY C 89 36.07 6.99 -16.45
C GLY C 89 37.15 8.04 -16.55
N VAL C 90 37.69 8.20 -17.75
CA VAL C 90 38.84 9.07 -17.98
C VAL C 90 38.59 9.92 -19.22
N TYR C 91 38.89 11.20 -19.11
CA TYR C 91 38.91 12.13 -20.24
C TYR C 91 40.37 12.33 -20.64
N PHE C 92 40.73 11.82 -21.82
CA PHE C 92 42.11 11.83 -22.30
C PHE C 92 42.18 12.72 -23.53
N ALA C 93 43.06 13.73 -23.48
CA ALA C 93 43.27 14.61 -24.61
C ALA C 93 44.71 14.46 -25.09
N SER C 94 44.91 14.57 -26.40
CA SER C 94 46.23 14.50 -27.00
C SER C 94 46.41 15.68 -27.94
N THR C 95 47.46 16.47 -27.71
CA THR C 95 47.85 17.57 -28.58
C THR C 95 49.13 17.17 -29.31
N GLU C 96 49.05 17.07 -30.63
CA GLU C 96 50.20 16.58 -31.39
C GLU C 96 50.10 17.04 -32.82
N LYS C 97 51.23 16.95 -33.54
CA LYS C 97 51.25 17.23 -34.97
C LYS C 97 50.96 15.95 -35.76
N SER C 98 51.77 14.92 -35.56
CA SER C 98 51.52 13.60 -36.12
C SER C 98 50.88 12.71 -35.05
N ASN C 99 50.24 11.64 -35.51
CA ASN C 99 49.50 10.75 -34.62
C ASN C 99 50.50 9.92 -33.80
N ILE C 100 50.98 10.53 -32.72
CA ILE C 100 51.92 9.85 -31.84
C ILE C 100 51.19 8.87 -30.93
N ILE C 101 50.15 9.33 -30.24
CA ILE C 101 49.37 8.46 -29.39
C ILE C 101 48.50 7.57 -30.26
N ARG C 102 48.62 6.25 -30.07
CA ARG C 102 47.95 5.29 -30.92
C ARG C 102 46.92 4.42 -30.20
N GLY C 103 47.02 4.25 -28.89
CA GLY C 103 46.09 3.36 -28.22
C GLY C 103 46.33 3.35 -26.73
N TRP C 104 45.58 2.48 -26.06
CA TRP C 104 45.59 2.38 -24.62
C TRP C 104 45.36 0.92 -24.21
N ILE C 105 45.69 0.63 -22.96
CA ILE C 105 45.45 -0.66 -22.35
C ILE C 105 44.70 -0.45 -21.05
N PHE C 106 43.67 -1.25 -20.81
CA PHE C 106 42.81 -1.10 -19.65
C PHE C 106 42.69 -2.41 -18.91
N GLY C 107 42.54 -2.31 -17.59
CA GLY C 107 42.40 -3.48 -16.76
C GLY C 107 42.68 -3.14 -15.31
N THR C 108 42.79 -4.20 -14.50
CA THR C 108 43.10 -4.07 -13.09
C THR C 108 44.51 -4.57 -12.76
N THR C 109 44.82 -5.81 -13.14
CA THR C 109 46.17 -6.34 -12.95
C THR C 109 47.05 -6.17 -14.17
N LEU C 110 46.47 -5.97 -15.35
CA LEU C 110 47.24 -5.78 -16.57
C LEU C 110 48.19 -6.96 -16.82
N ASP C 111 47.70 -8.17 -16.56
CA ASP C 111 48.47 -9.38 -16.75
C ASP C 111 47.54 -10.48 -17.24
N SER C 112 48.08 -11.69 -17.39
CA SER C 112 47.29 -12.82 -17.85
C SER C 112 46.32 -13.33 -16.78
N LYS C 113 46.49 -12.92 -15.53
CA LYS C 113 45.60 -13.40 -14.47
C LYS C 113 44.17 -12.95 -14.71
N THR C 114 43.96 -11.71 -15.14
CA THR C 114 42.64 -11.15 -15.34
C THR C 114 42.50 -10.64 -16.76
N GLN C 115 41.26 -10.60 -17.23
CA GLN C 115 40.99 -10.10 -18.57
C GLN C 115 41.40 -8.64 -18.69
N SER C 116 42.05 -8.31 -19.81
CA SER C 116 42.53 -6.96 -20.06
C SER C 116 42.15 -6.53 -21.47
N LEU C 117 41.81 -5.26 -21.62
CA LEU C 117 41.42 -4.68 -22.89
C LEU C 117 42.58 -3.91 -23.50
N LEU C 118 42.67 -3.95 -24.83
CA LEU C 118 43.69 -3.23 -25.56
C LEU C 118 43.06 -2.61 -26.79
N ILE C 119 43.16 -1.28 -26.89
CA ILE C 119 42.69 -0.53 -28.05
C ILE C 119 43.89 0.07 -28.74
N VAL C 120 43.92 -0.03 -30.07
CA VAL C 120 45.02 0.54 -30.85
C VAL C 120 44.49 0.97 -32.21
N ASN C 121 45.14 1.96 -32.79
CA ASN C 121 44.83 2.44 -34.14
C ASN C 121 46.14 2.44 -34.91
N ASN C 122 46.48 1.29 -35.50
CA ASN C 122 47.72 1.15 -36.24
C ASN C 122 47.56 1.79 -37.62
N ALA C 123 48.62 1.70 -38.43
CA ALA C 123 48.59 2.28 -39.76
C ALA C 123 47.49 1.65 -40.62
N THR C 124 47.13 0.40 -40.35
CA THR C 124 46.12 -0.28 -41.16
C THR C 124 44.70 0.06 -40.69
N ASN C 125 44.38 -0.26 -39.45
CA ASN C 125 43.01 -0.10 -38.95
C ASN C 125 43.04 -0.03 -37.43
N VAL C 126 41.85 0.02 -36.84
CA VAL C 126 41.68 0.06 -35.39
C VAL C 126 41.40 -1.34 -34.90
N VAL C 127 42.21 -1.82 -33.95
CA VAL C 127 42.08 -3.14 -33.38
C VAL C 127 41.75 -3.00 -31.90
N ILE C 128 40.67 -3.64 -31.46
CA ILE C 128 40.25 -3.62 -30.08
C ILE C 128 40.06 -5.07 -29.64
N LYS C 129 40.88 -5.50 -28.67
CA LYS C 129 40.90 -6.90 -28.26
C LYS C 129 40.86 -6.98 -26.74
N VAL C 130 39.95 -7.79 -26.21
CA VAL C 130 39.86 -8.09 -24.80
C VAL C 130 40.32 -9.53 -24.63
N CYS C 131 41.46 -9.71 -23.98
CA CYS C 131 42.08 -11.02 -23.81
C CYS C 131 42.89 -11.00 -22.52
N GLU C 132 43.33 -12.18 -22.10
CA GLU C 132 44.23 -12.30 -20.94
C GLU C 132 45.65 -11.97 -21.38
N PHE C 133 45.82 -10.72 -21.81
CA PHE C 133 47.11 -10.28 -22.32
C PHE C 133 48.17 -10.30 -21.23
N GLN C 134 49.41 -10.50 -21.66
CA GLN C 134 50.59 -10.36 -20.80
C GLN C 134 51.37 -9.17 -21.36
N PHE C 135 51.00 -7.97 -20.92
CA PHE C 135 51.59 -6.76 -21.47
C PHE C 135 53.09 -6.70 -21.21
N CYS C 136 53.83 -6.17 -22.17
CA CYS C 136 55.27 -5.99 -22.01
C CYS C 136 55.55 -4.89 -21.01
N ASN C 137 56.76 -4.93 -20.45
CA ASN C 137 57.18 -3.89 -19.51
C ASN C 137 57.18 -2.52 -20.18
N ASP C 138 57.68 -2.45 -21.41
CA ASP C 138 57.74 -1.21 -22.17
C ASP C 138 57.13 -1.47 -23.56
N PRO C 139 55.81 -1.43 -23.66
CA PRO C 139 55.18 -1.63 -24.98
C PRO C 139 55.76 -0.69 -26.02
N PHE C 140 56.10 -1.24 -27.18
CA PHE C 140 56.85 -0.52 -28.19
C PHE C 140 56.14 -0.59 -29.53
N LEU C 141 55.97 0.57 -30.15
CA LEU C 141 55.48 0.67 -31.53
C LEU C 141 56.50 1.47 -32.32
N GLY C 142 57.14 0.82 -33.30
CA GLY C 142 58.25 1.41 -34.02
C GLY C 142 58.04 1.49 -35.51
N VAL C 143 58.29 2.67 -36.08
CA VAL C 143 58.17 2.90 -37.51
C VAL C 143 59.52 3.39 -38.03
N TYR C 144 59.78 3.12 -39.30
CA TYR C 144 61.01 3.53 -39.95
C TYR C 144 60.68 4.26 -41.24
N TYR C 145 61.53 5.21 -41.61
CA TYR C 145 61.32 6.00 -42.80
C TYR C 145 61.84 5.24 -44.02
N HIS C 146 60.96 5.00 -44.98
CA HIS C 146 61.33 4.31 -46.23
C HIS C 146 61.84 5.37 -47.20
N LYS C 147 63.17 5.50 -47.30
CA LYS C 147 63.75 6.54 -48.13
C LYS C 147 63.37 6.36 -49.59
N ASN C 148 63.38 5.10 -50.08
CA ASN C 148 63.01 4.85 -51.46
C ASN C 148 61.56 5.26 -51.71
N ASN C 149 60.66 4.92 -50.79
CA ASN C 149 59.25 5.28 -50.91
C ASN C 149 58.93 6.64 -50.31
N LYS C 150 59.88 7.27 -49.62
CA LYS C 150 59.67 8.58 -49.02
C LYS C 150 58.43 8.60 -48.13
N SER C 151 58.25 7.53 -47.35
CA SER C 151 57.10 7.41 -46.47
C SER C 151 57.46 6.51 -45.30
N TRP C 152 57.04 6.90 -44.10
CA TRP C 152 57.23 6.06 -42.92
C TRP C 152 56.33 4.84 -43.00
N MET C 153 56.83 3.71 -42.49
CA MET C 153 56.09 2.47 -42.48
C MET C 153 56.34 1.76 -41.16
N GLU C 154 55.27 1.43 -40.44
CA GLU C 154 55.40 0.75 -39.17
C GLU C 154 55.96 -0.65 -39.38
N SER C 155 56.94 -1.03 -38.54
CA SER C 155 57.57 -2.32 -38.67
C SER C 155 57.86 -3.01 -37.34
N GLU C 156 57.48 -2.42 -36.20
CA GLU C 156 57.71 -3.03 -34.90
C GLU C 156 56.46 -2.86 -34.04
N PHE C 157 55.98 -3.97 -33.47
CA PHE C 157 54.84 -3.95 -32.57
C PHE C 157 55.09 -5.00 -31.50
N ARG C 158 55.54 -4.56 -30.32
CA ARG C 158 55.87 -5.45 -29.21
C ARG C 158 55.16 -4.89 -27.97
N VAL C 159 53.91 -5.28 -27.77
CA VAL C 159 53.07 -4.76 -26.70
C VAL C 159 52.82 -5.83 -25.64
N TYR C 160 52.38 -7.01 -26.05
CA TYR C 160 52.05 -8.10 -25.13
C TYR C 160 52.87 -9.33 -25.50
N SER C 161 53.41 -9.99 -24.48
CA SER C 161 54.16 -11.23 -24.72
C SER C 161 53.24 -12.37 -25.10
N SER C 162 52.02 -12.40 -24.56
CA SER C 162 51.08 -13.48 -24.85
C SER C 162 49.67 -12.94 -24.75
N ALA C 163 48.74 -13.66 -25.39
CA ALA C 163 47.32 -13.31 -25.35
C ALA C 163 46.54 -14.63 -25.43
N ASN C 164 45.88 -14.99 -24.33
CA ASN C 164 45.19 -16.27 -24.24
C ASN C 164 43.76 -16.04 -23.79
N ASN C 165 42.87 -16.93 -24.22
CA ASN C 165 41.46 -16.91 -23.86
C ASN C 165 40.85 -15.54 -24.16
N CYS C 166 40.96 -15.14 -25.42
CA CYS C 166 40.41 -13.86 -25.84
C CYS C 166 38.90 -13.84 -25.64
N THR C 167 38.40 -12.73 -25.09
CA THR C 167 36.97 -12.56 -24.88
C THR C 167 36.31 -11.62 -25.88
N PHE C 168 37.07 -10.77 -26.55
CA PHE C 168 36.49 -9.89 -27.55
C PHE C 168 37.53 -9.51 -28.58
N GLU C 169 37.09 -9.33 -29.82
CA GLU C 169 37.96 -8.88 -30.90
C GLU C 169 37.14 -8.10 -31.92
N TYR C 170 37.63 -6.93 -32.31
CA TYR C 170 36.98 -6.12 -33.32
C TYR C 170 38.02 -5.31 -34.06
N VAL C 171 38.05 -5.43 -35.39
CA VAL C 171 38.99 -4.73 -36.24
C VAL C 171 38.21 -3.84 -37.20
N SER C 172 38.53 -2.56 -37.22
CA SER C 172 37.88 -1.64 -38.13
C SER C 172 38.43 -1.83 -39.55
N GLN C 173 37.79 -1.17 -40.51
CA GLN C 173 38.17 -1.33 -41.90
C GLN C 173 39.58 -0.76 -42.13
N PRO C 174 40.36 -1.37 -43.03
CA PRO C 174 41.70 -0.85 -43.30
C PRO C 174 41.66 0.58 -43.83
N PHE C 175 42.65 1.36 -43.40
CA PHE C 175 42.84 2.72 -43.90
C PHE C 175 44.32 3.06 -43.80
N LEU C 176 44.70 4.22 -44.33
CA LEU C 176 46.08 4.68 -44.31
C LEU C 176 46.17 5.92 -43.44
N MET C 177 47.00 5.85 -42.40
CA MET C 177 47.23 6.98 -41.50
C MET C 177 48.44 7.77 -41.96
N ASP C 178 48.32 9.10 -41.93
CA ASP C 178 49.40 9.97 -42.36
C ASP C 178 50.52 9.95 -41.32
N LEU C 179 51.69 9.49 -41.73
CA LEU C 179 52.84 9.42 -40.84
C LEU C 179 53.83 10.53 -41.16
N PHE C 186 50.06 24.73 -36.40
CA PHE C 186 48.87 23.93 -36.69
C PHE C 186 49.00 22.54 -36.05
N LYS C 187 48.43 22.40 -34.86
CA LYS C 187 48.41 21.12 -34.15
C LYS C 187 47.00 20.54 -34.18
N ASN C 188 46.90 19.28 -33.78
CA ASN C 188 45.64 18.56 -33.70
C ASN C 188 45.38 18.20 -32.25
N LEU C 189 44.16 18.47 -31.79
CA LEU C 189 43.68 18.08 -30.47
C LEU C 189 42.66 16.96 -30.64
N ARG C 190 42.98 15.79 -30.13
CA ARG C 190 42.08 14.64 -30.15
C ARG C 190 41.65 14.36 -28.72
N GLU C 191 40.37 14.57 -28.44
CA GLU C 191 39.80 14.34 -27.12
C GLU C 191 38.99 13.05 -27.14
N PHE C 192 39.09 12.28 -26.07
CA PHE C 192 38.38 11.04 -25.93
C PHE C 192 37.85 10.91 -24.51
N VAL C 193 36.70 10.27 -24.38
CA VAL C 193 36.10 9.99 -23.08
C VAL C 193 35.83 8.50 -23.02
N PHE C 194 36.38 7.84 -22.00
CA PHE C 194 36.22 6.41 -21.80
C PHE C 194 35.43 6.21 -20.52
N LYS C 195 34.30 5.52 -20.61
CA LYS C 195 33.41 5.32 -19.47
C LYS C 195 32.99 3.85 -19.41
N ASN C 196 33.32 3.18 -18.31
CA ASN C 196 32.97 1.78 -18.11
C ASN C 196 31.78 1.73 -17.14
N ILE C 197 30.59 1.50 -17.68
CA ILE C 197 29.37 1.45 -16.88
C ILE C 197 28.52 0.28 -17.34
N ASP C 198 28.04 -0.52 -16.39
CA ASP C 198 27.14 -1.64 -16.67
C ASP C 198 27.77 -2.61 -17.66
N GLY C 199 29.06 -2.87 -17.51
CA GLY C 199 29.76 -3.76 -18.41
C GLY C 199 29.94 -3.23 -19.81
N TYR C 200 29.59 -1.96 -20.04
CA TYR C 200 29.74 -1.33 -21.34
C TYR C 200 30.88 -0.32 -21.28
N PHE C 201 31.86 -0.49 -22.16
CA PHE C 201 32.95 0.46 -22.32
C PHE C 201 32.54 1.40 -23.46
N LYS C 202 32.16 2.61 -23.10
CA LYS C 202 31.73 3.62 -24.06
C LYS C 202 32.90 4.55 -24.36
N ILE C 203 33.16 4.76 -25.64
CA ILE C 203 34.21 5.65 -26.12
C ILE C 203 33.54 6.76 -26.92
N TYR C 204 33.76 7.99 -26.49
CA TYR C 204 33.31 9.18 -27.20
C TYR C 204 34.55 9.92 -27.70
N SER C 205 34.47 10.51 -28.89
CA SER C 205 35.64 11.07 -29.52
C SER C 205 35.33 12.43 -30.13
N LYS C 206 36.37 13.25 -30.23
CA LYS C 206 36.29 14.53 -30.93
C LYS C 206 37.68 14.89 -31.43
N HIS C 207 37.72 15.51 -32.61
CA HIS C 207 38.98 15.88 -33.26
C HIS C 207 38.86 17.33 -33.73
N THR C 208 39.84 18.15 -33.37
CA THR C 208 39.81 19.56 -33.72
C THR C 208 41.20 20.03 -34.13
N PRO C 209 41.28 21.05 -35.01
CA PRO C 209 42.56 21.72 -35.25
C PRO C 209 42.79 22.85 -34.26
N ILE C 210 43.87 22.75 -33.47
CA ILE C 210 44.18 23.74 -32.44
C ILE C 210 45.51 24.38 -32.80
N ASN C 211 45.55 25.71 -32.75
CA ASN C 211 46.75 26.48 -33.07
C ASN C 211 47.63 26.75 -31.86
N LEU C 212 47.18 26.41 -30.66
CA LEU C 212 47.99 26.62 -29.46
C LEU C 212 49.22 25.73 -29.51
N VAL C 213 50.29 26.19 -28.86
CA VAL C 213 51.57 25.50 -28.91
C VAL C 213 51.74 24.61 -27.68
N ARG C 214 51.26 25.07 -26.54
CA ARG C 214 51.42 24.32 -25.29
C ARG C 214 50.24 24.60 -24.38
N GLY C 215 49.93 23.62 -23.55
CA GLY C 215 48.82 23.76 -22.60
C GLY C 215 47.50 23.27 -23.17
N LEU C 216 46.63 22.84 -22.27
CA LEU C 216 45.31 22.37 -22.68
C LEU C 216 44.48 23.56 -23.15
N PRO C 217 43.98 23.57 -24.38
CA PRO C 217 43.29 24.76 -24.88
C PRO C 217 42.01 25.05 -24.11
N GLN C 218 41.68 26.32 -24.02
CA GLN C 218 40.47 26.78 -23.34
C GLN C 218 39.38 27.02 -24.39
N GLY C 219 38.30 26.27 -24.28
CA GLY C 219 37.21 26.38 -25.24
C GLY C 219 36.17 25.32 -24.96
N PHE C 220 35.15 25.30 -25.82
CA PHE C 220 34.04 24.38 -25.67
C PHE C 220 33.85 23.60 -26.96
N SER C 221 33.65 22.28 -26.83
CA SER C 221 33.35 21.43 -27.97
C SER C 221 32.79 20.12 -27.45
N ALA C 222 31.59 19.77 -27.88
CA ALA C 222 30.96 18.54 -27.44
C ALA C 222 31.63 17.34 -28.12
N LEU C 223 31.70 16.22 -27.39
CA LEU C 223 32.32 15.01 -27.89
C LEU C 223 31.23 14.05 -28.35
N GLU C 224 31.23 13.71 -29.63
CA GLU C 224 30.26 12.77 -30.16
C GLU C 224 30.62 11.34 -29.74
N PRO C 225 29.63 10.48 -29.49
CA PRO C 225 29.94 9.08 -29.19
C PRO C 225 30.65 8.43 -30.35
N LEU C 226 31.60 7.54 -30.03
CA LEU C 226 32.34 6.79 -31.04
C LEU C 226 31.87 5.35 -31.13
N VAL C 227 31.86 4.63 -30.01
CA VAL C 227 31.43 3.23 -30.04
C VAL C 227 31.26 2.73 -28.61
N ASP C 228 30.31 1.82 -28.42
CA ASP C 228 30.11 1.14 -27.15
C ASP C 228 30.43 -0.34 -27.32
N LEU C 229 31.21 -0.88 -26.40
CA LEU C 229 31.64 -2.27 -26.45
C LEU C 229 31.16 -3.00 -25.19
N PRO C 230 30.34 -4.06 -25.31
CA PRO C 230 29.94 -4.81 -24.10
C PRO C 230 31.01 -5.78 -23.63
N ILE C 231 32.17 -5.25 -23.28
CA ILE C 231 33.27 -6.10 -22.84
C ILE C 231 32.94 -6.78 -21.52
N GLY C 232 32.28 -6.07 -20.62
CA GLY C 232 31.87 -6.65 -19.36
C GLY C 232 33.01 -7.10 -18.48
N ILE C 233 34.04 -6.25 -18.33
CA ILE C 233 35.19 -6.55 -17.49
C ILE C 233 35.35 -5.43 -16.47
N ASN C 234 36.28 -5.64 -15.54
CA ASN C 234 36.60 -4.66 -14.50
C ASN C 234 37.86 -3.92 -14.89
N ILE C 235 37.81 -2.59 -14.81
CA ILE C 235 38.92 -1.72 -15.18
C ILE C 235 39.19 -0.77 -14.03
N THR C 236 40.45 -0.68 -13.62
CA THR C 236 40.88 0.27 -12.60
C THR C 236 42.13 1.03 -12.96
N ARG C 237 42.94 0.56 -13.92
CA ARG C 237 44.14 1.26 -14.36
C ARG C 237 44.23 1.20 -15.87
N PHE C 238 44.94 2.17 -16.44
CA PHE C 238 45.19 2.18 -17.88
C PHE C 238 46.51 2.89 -18.16
N GLN C 239 47.08 2.59 -19.32
CA GLN C 239 48.33 3.20 -19.74
C GLN C 239 48.23 3.59 -21.20
N THR C 240 48.96 4.64 -21.56
CA THR C 240 48.94 5.17 -22.92
C THR C 240 49.98 4.47 -23.79
N LEU C 241 49.71 4.43 -25.09
CA LEU C 241 50.59 3.81 -26.07
C LEU C 241 50.99 4.85 -27.10
N HIS C 242 52.29 4.98 -27.33
CA HIS C 242 52.84 5.97 -28.25
C HIS C 242 53.60 5.26 -29.35
N ILE C 243 53.93 6.02 -30.41
CA ILE C 243 54.67 5.52 -31.55
C ILE C 243 56.12 5.94 -31.42
N SER C 244 57.04 5.08 -31.86
CA SER C 244 58.46 5.35 -31.83
C SER C 244 58.98 5.50 -33.25
N TYR C 245 59.68 6.60 -33.51
CA TYR C 245 60.25 6.89 -34.83
C TYR C 245 61.70 6.43 -34.82
N LEU C 246 61.97 5.29 -35.45
CA LEU C 246 63.34 4.81 -35.59
C LEU C 246 64.09 5.65 -36.60
N THR C 247 65.26 6.14 -36.20
CA THR C 247 66.07 6.98 -37.06
C THR C 247 67.51 6.49 -37.08
N PRO C 248 68.23 6.71 -38.19
CA PRO C 248 69.63 6.25 -38.23
C PRO C 248 70.50 6.91 -37.18
N GLY C 249 70.23 8.18 -36.86
CA GLY C 249 71.01 8.89 -35.87
C GLY C 249 72.35 9.35 -36.42
N ALA C 257 62.17 16.95 -31.38
CA ALA C 257 62.06 17.71 -30.14
C ALA C 257 60.61 18.06 -29.84
N GLY C 258 59.82 18.24 -30.89
CA GLY C 258 58.41 18.58 -30.74
C GLY C 258 57.58 17.39 -30.33
N ALA C 259 57.87 16.83 -29.16
CA ALA C 259 57.13 15.67 -28.67
C ALA C 259 55.68 16.04 -28.37
N ALA C 260 54.78 15.11 -28.67
CA ALA C 260 53.37 15.31 -28.40
C ALA C 260 53.11 15.37 -26.90
N ALA C 261 52.02 16.02 -26.52
CA ALA C 261 51.62 16.12 -25.12
C ALA C 261 50.25 15.50 -24.95
N TYR C 262 49.94 15.04 -23.75
CA TYR C 262 48.61 14.54 -23.46
C TYR C 262 48.22 14.86 -22.03
N TYR C 263 46.91 14.97 -21.82
CA TYR C 263 46.31 15.35 -20.56
C TYR C 263 45.26 14.33 -20.16
N VAL C 264 45.08 14.14 -18.87
CA VAL C 264 44.12 13.17 -18.34
C VAL C 264 43.37 13.80 -17.19
N GLY C 265 42.05 13.62 -17.20
CA GLY C 265 41.21 14.00 -16.08
C GLY C 265 40.25 12.88 -15.74
N TYR C 266 39.73 12.95 -14.51
CA TYR C 266 38.81 11.93 -14.01
C TYR C 266 37.40 12.51 -13.92
N LEU C 267 36.45 11.80 -14.52
CA LEU C 267 35.07 12.22 -14.48
C LEU C 267 34.46 11.93 -13.12
N GLN C 268 33.36 12.61 -12.83
CA GLN C 268 32.66 12.49 -11.56
C GLN C 268 31.17 12.52 -11.82
N PRO C 269 30.36 11.95 -10.91
CA PRO C 269 28.89 12.08 -11.04
C PRO C 269 28.43 13.51 -10.82
N ARG C 270 27.92 14.14 -11.88
CA ARG C 270 27.57 15.55 -11.84
C ARG C 270 26.29 15.77 -12.63
N THR C 271 25.64 16.89 -12.35
CA THR C 271 24.48 17.35 -13.09
C THR C 271 24.88 18.51 -13.99
N PHE C 272 24.52 18.43 -15.26
CA PHE C 272 24.90 19.41 -16.26
C PHE C 272 23.66 19.92 -16.98
N LEU C 273 23.64 21.22 -17.26
CA LEU C 273 22.60 21.84 -18.08
C LEU C 273 23.19 22.10 -19.45
N LEU C 274 22.76 21.32 -20.44
CA LEU C 274 23.27 21.40 -21.79
C LEU C 274 22.29 22.16 -22.67
N LYS C 275 22.83 23.01 -23.55
CA LYS C 275 22.02 23.89 -24.39
C LYS C 275 22.11 23.40 -25.83
N TYR C 276 21.10 22.66 -26.29
CA TYR C 276 21.03 22.22 -27.66
C TYR C 276 20.50 23.35 -28.53
N ASN C 277 21.23 23.70 -29.58
CA ASN C 277 20.86 24.78 -30.48
C ASN C 277 19.91 24.24 -31.55
N GLU C 278 19.66 25.06 -32.58
CA GLU C 278 18.68 24.69 -33.60
C GLU C 278 19.10 23.39 -34.28
N ASN C 279 20.36 23.28 -34.67
CA ASN C 279 20.86 22.06 -35.32
C ASN C 279 21.00 20.90 -34.35
N GLY C 280 20.83 21.12 -33.06
CA GLY C 280 20.99 20.08 -32.07
C GLY C 280 22.38 19.95 -31.51
N THR C 281 23.36 20.65 -32.08
CA THR C 281 24.71 20.62 -31.52
C THR C 281 24.72 21.34 -30.18
N ILE C 282 25.34 20.72 -29.18
CA ILE C 282 25.40 21.32 -27.86
C ILE C 282 26.30 22.55 -27.95
N THR C 283 25.69 23.74 -27.90
CA THR C 283 26.46 24.97 -28.00
C THR C 283 27.19 25.29 -26.71
N ASP C 284 26.60 24.97 -25.55
CA ASP C 284 27.22 25.29 -24.29
C ASP C 284 26.68 24.35 -23.22
N ALA C 285 27.39 24.32 -22.09
CA ALA C 285 26.98 23.54 -20.94
C ALA C 285 27.30 24.30 -19.67
N VAL C 286 26.52 24.04 -18.62
CA VAL C 286 26.69 24.65 -17.32
C VAL C 286 26.79 23.54 -16.27
N ASP C 287 27.84 23.59 -15.46
CA ASP C 287 28.04 22.61 -14.40
C ASP C 287 27.36 23.13 -13.14
N CYS C 288 26.28 22.46 -12.74
CA CYS C 288 25.45 22.97 -11.66
C CYS C 288 26.23 23.12 -10.36
N ALA C 289 27.00 22.09 -9.99
CA ALA C 289 27.70 22.08 -8.72
C ALA C 289 29.04 22.79 -8.76
N LEU C 290 29.31 23.60 -9.79
CA LEU C 290 30.58 24.32 -9.87
C LEU C 290 30.61 25.49 -8.89
N ASP C 291 29.53 26.25 -8.80
CA ASP C 291 29.49 27.46 -8.01
C ASP C 291 28.03 27.86 -7.82
N PRO C 292 27.73 28.74 -6.86
CA PRO C 292 26.33 29.11 -6.62
C PRO C 292 25.65 29.68 -7.85
N LEU C 293 26.36 30.45 -8.68
CA LEU C 293 25.75 31.00 -9.87
C LEU C 293 25.27 29.89 -10.81
N SER C 294 26.10 28.86 -11.00
CA SER C 294 25.67 27.74 -11.83
C SER C 294 24.53 26.97 -11.20
N GLU C 295 24.49 26.90 -9.86
CA GLU C 295 23.36 26.26 -9.21
C GLU C 295 22.08 27.03 -9.49
N THR C 296 22.13 28.36 -9.46
CA THR C 296 20.97 29.16 -9.85
C THR C 296 20.59 28.88 -11.29
N LYS C 297 21.58 28.87 -12.19
CA LYS C 297 21.29 28.65 -13.60
C LYS C 297 20.58 27.32 -13.82
N CYS C 298 21.02 26.28 -13.13
CA CYS C 298 20.36 24.98 -13.25
C CYS C 298 18.99 24.99 -12.59
N THR C 299 18.83 25.78 -11.52
CA THR C 299 17.52 25.87 -10.87
C THR C 299 16.46 26.42 -11.82
N LEU C 300 16.81 27.45 -12.59
CA LEU C 300 15.89 28.08 -13.51
C LEU C 300 15.90 27.46 -14.90
N LYS C 301 16.78 26.50 -15.15
CA LYS C 301 16.92 25.91 -16.48
C LYS C 301 17.09 26.97 -17.56
N SER C 302 18.09 27.83 -17.39
CA SER C 302 18.36 28.88 -18.36
C SER C 302 19.78 29.40 -18.26
N PHE C 303 20.29 29.90 -19.37
CA PHE C 303 21.64 30.44 -19.41
C PHE C 303 21.64 31.89 -18.98
N THR C 304 20.53 32.57 -19.24
CA THR C 304 20.38 33.97 -18.89
C THR C 304 19.52 34.10 -17.64
N VAL C 305 20.03 34.84 -16.66
CA VAL C 305 19.33 35.05 -15.39
C VAL C 305 19.10 36.54 -15.23
N GLU C 306 17.84 36.92 -15.02
CA GLU C 306 17.47 38.31 -14.84
C GLU C 306 17.75 38.76 -13.40
N LYS C 307 17.68 40.06 -13.18
CA LYS C 307 17.88 40.59 -11.83
C LYS C 307 16.82 40.04 -10.88
N GLY C 308 17.24 39.70 -9.68
CA GLY C 308 16.33 39.21 -8.67
C GLY C 308 17.05 38.26 -7.73
N ILE C 309 16.27 37.70 -6.80
CA ILE C 309 16.76 36.73 -5.83
C ILE C 309 16.03 35.42 -6.08
N TYR C 310 16.80 34.35 -6.29
CA TYR C 310 16.27 33.05 -6.65
C TYR C 310 16.65 32.05 -5.57
N GLN C 311 15.65 31.39 -5.00
CA GLN C 311 15.89 30.32 -4.03
C GLN C 311 16.51 29.16 -4.78
N THR C 312 17.83 29.00 -4.65
CA THR C 312 18.54 27.97 -5.41
C THR C 312 18.52 26.63 -4.68
N SER C 313 19.04 26.59 -3.46
CA SER C 313 19.30 25.32 -2.79
C SER C 313 18.83 25.41 -1.34
N ASN C 314 19.18 24.39 -0.57
CA ASN C 314 18.95 24.38 0.86
C ASN C 314 20.26 24.01 1.55
N PHE C 315 20.70 24.86 2.47
CA PHE C 315 21.91 24.63 3.24
C PHE C 315 21.54 23.89 4.52
N ARG C 316 22.18 22.75 4.73
CA ARG C 316 21.97 21.91 5.91
C ARG C 316 23.31 21.54 6.55
N VAL C 317 23.32 21.48 7.88
CA VAL C 317 24.54 21.13 8.61
C VAL C 317 24.51 19.70 9.14
N GLN C 318 25.47 18.90 8.73
CA GLN C 318 25.56 17.51 9.16
C GLN C 318 26.27 17.42 10.51
N PRO C 319 26.10 16.28 11.20
CA PRO C 319 26.74 16.07 12.51
C PRO C 319 28.22 15.80 12.37
N THR C 320 29.02 16.44 13.22
CA THR C 320 30.46 16.25 13.18
C THR C 320 30.86 14.92 13.80
N GLU C 321 30.18 14.50 14.87
CA GLU C 321 30.55 13.29 15.58
C GLU C 321 29.32 12.76 16.30
N SER C 322 29.49 11.59 16.93
CA SER C 322 28.42 10.93 17.66
C SER C 322 28.72 10.97 19.16
N ILE C 323 27.69 11.24 19.96
CA ILE C 323 27.79 11.28 21.40
C ILE C 323 26.86 10.23 21.98
N VAL C 324 27.40 9.39 22.86
CA VAL C 324 26.64 8.33 23.51
C VAL C 324 26.87 8.46 25.01
N ARG C 325 25.78 8.61 25.77
CA ARG C 325 25.84 8.71 27.22
C ARG C 325 24.78 7.85 27.84
N PHE C 326 25.16 7.08 28.86
CA PHE C 326 24.27 6.21 29.60
C PHE C 326 24.55 6.36 31.09
N PRO C 327 23.60 6.01 31.94
CA PRO C 327 23.90 5.95 33.38
C PRO C 327 25.03 4.98 33.66
N ASN C 328 26.16 5.47 34.03
CA ASN C 328 27.36 4.67 34.20
C ASN C 328 27.44 3.43 35.11
N ILE C 329 26.59 3.32 36.13
CA ILE C 329 26.64 2.14 36.99
C ILE C 329 25.27 1.61 37.35
N THR C 330 25.03 0.35 36.99
CA THR C 330 23.76 -0.29 37.31
C THR C 330 23.99 -1.07 38.59
N ASN C 331 25.05 -1.87 38.57
CA ASN C 331 25.46 -2.69 39.70
C ASN C 331 26.86 -3.19 39.46
N LEU C 332 27.22 -4.31 40.09
CA LEU C 332 28.54 -4.89 39.92
C LEU C 332 28.53 -6.36 40.30
N CYS C 333 28.37 -7.21 39.29
CA CYS C 333 28.33 -8.65 39.47
C CYS C 333 29.49 -9.19 40.33
N PRO C 334 29.19 -10.06 41.30
CA PRO C 334 30.26 -10.59 42.18
C PRO C 334 30.99 -11.79 41.59
N PHE C 335 31.77 -11.54 40.54
CA PHE C 335 32.61 -12.59 39.97
C PHE C 335 33.83 -12.88 40.84
N GLY C 336 34.35 -11.89 41.56
CA GLY C 336 35.51 -12.12 42.40
C GLY C 336 35.24 -13.12 43.50
N GLU C 337 34.02 -13.13 44.03
CA GLU C 337 33.68 -14.09 45.08
C GLU C 337 33.86 -15.53 44.60
N VAL C 338 33.77 -15.78 43.30
CA VAL C 338 33.94 -17.12 42.76
C VAL C 338 35.40 -17.40 42.43
N PHE C 339 36.03 -16.52 41.64
CA PHE C 339 37.40 -16.76 41.22
C PHE C 339 38.37 -16.64 42.39
N ASN C 340 38.23 -15.60 43.21
CA ASN C 340 39.16 -15.33 44.30
C ASN C 340 38.79 -16.05 45.60
N ALA C 341 37.86 -17.01 45.54
CA ALA C 341 37.54 -17.79 46.73
C ALA C 341 38.78 -18.54 47.21
N THR C 342 39.05 -18.44 48.50
CA THR C 342 40.24 -19.07 49.05
C THR C 342 40.19 -20.59 48.95
N ARG C 343 38.99 -21.17 49.00
CA ARG C 343 38.80 -22.61 48.94
C ARG C 343 37.74 -22.94 47.90
N PHE C 344 38.02 -23.95 47.09
CA PHE C 344 37.12 -24.42 46.05
C PHE C 344 36.47 -25.75 46.46
N ALA C 345 35.33 -26.04 45.85
CA ALA C 345 34.59 -27.25 46.14
C ALA C 345 35.07 -28.39 45.25
N SER C 346 34.79 -29.61 45.71
CA SER C 346 35.15 -30.80 44.94
C SER C 346 34.35 -30.85 43.64
N VAL C 347 34.93 -31.50 42.64
CA VAL C 347 34.28 -31.57 41.33
C VAL C 347 32.92 -32.27 41.44
N TYR C 348 32.85 -33.33 42.25
CA TYR C 348 31.57 -34.01 42.44
C TYR C 348 30.58 -33.12 43.17
N ALA C 349 31.08 -32.18 43.98
CA ALA C 349 30.22 -31.23 44.68
C ALA C 349 30.51 -29.82 44.18
N TRP C 350 30.67 -29.67 42.86
CA TRP C 350 31.00 -28.40 42.28
C TRP C 350 30.02 -27.32 42.73
N ASN C 351 30.57 -26.18 43.18
CA ASN C 351 29.73 -25.09 43.64
C ASN C 351 29.14 -24.34 42.45
N ARG C 352 27.95 -23.78 42.64
CA ARG C 352 27.31 -22.95 41.63
C ARG C 352 26.85 -21.65 42.28
N LYS C 353 27.10 -20.54 41.60
CA LYS C 353 26.62 -19.22 42.02
C LYS C 353 25.75 -18.64 40.92
N ARG C 354 24.56 -18.19 41.29
CA ARG C 354 23.64 -17.55 40.36
C ARG C 354 23.83 -16.04 40.42
N ILE C 355 24.11 -15.43 39.27
CA ILE C 355 24.35 -14.00 39.16
C ILE C 355 23.21 -13.40 38.34
N SER C 356 22.56 -12.40 38.90
CA SER C 356 21.46 -11.73 38.22
C SER C 356 21.33 -10.32 38.78
N ASN C 357 20.78 -9.42 37.96
CA ASN C 357 20.52 -8.03 38.35
C ASN C 357 21.82 -7.32 38.75
N CYS C 358 22.74 -7.28 37.78
CA CYS C 358 24.03 -6.65 37.99
C CYS C 358 24.69 -6.44 36.64
N VAL C 359 25.71 -5.57 36.63
CA VAL C 359 26.49 -5.28 35.43
C VAL C 359 27.74 -6.14 35.48
N ALA C 360 27.92 -7.00 34.48
CA ALA C 360 29.02 -7.95 34.44
C ALA C 360 30.17 -7.36 33.64
N ASP C 361 31.26 -7.04 34.32
CA ASP C 361 32.45 -6.45 33.70
C ASP C 361 33.40 -7.58 33.33
N TYR C 362 33.27 -8.07 32.09
CA TYR C 362 34.07 -9.19 31.63
C TYR C 362 35.50 -8.77 31.28
N SER C 363 35.69 -7.54 30.82
CA SER C 363 37.03 -7.10 30.41
C SER C 363 38.01 -7.17 31.57
N VAL C 364 37.64 -6.56 32.71
CA VAL C 364 38.51 -6.63 33.89
C VAL C 364 38.60 -8.06 34.39
N LEU C 365 37.52 -8.83 34.28
CA LEU C 365 37.51 -10.19 34.77
C LEU C 365 38.55 -11.05 34.04
N TYR C 366 38.67 -10.88 32.72
CA TYR C 366 39.54 -11.72 31.92
C TYR C 366 40.99 -11.26 31.90
N ASN C 367 41.29 -10.08 32.46
CA ASN C 367 42.65 -9.57 32.52
C ASN C 367 43.17 -9.48 33.95
N SER C 368 42.51 -10.16 34.89
CA SER C 368 42.90 -10.11 36.29
C SER C 368 44.06 -11.07 36.57
N ALA C 369 43.83 -12.36 36.34
CA ALA C 369 44.83 -13.39 36.62
C ALA C 369 45.32 -14.04 35.33
N SER C 370 46.33 -14.89 35.48
CA SER C 370 46.88 -15.66 34.36
C SER C 370 46.17 -17.00 34.31
N PHE C 371 45.46 -17.25 33.22
CA PHE C 371 44.66 -18.46 33.06
C PHE C 371 45.37 -19.42 32.11
N SER C 372 45.57 -20.66 32.58
CA SER C 372 46.21 -21.67 31.75
C SER C 372 45.26 -22.27 30.73
N THR C 373 43.96 -22.02 30.85
CA THR C 373 42.99 -22.50 29.87
C THR C 373 41.84 -21.51 29.83
N PHE C 374 41.44 -21.11 28.62
CA PHE C 374 40.36 -20.13 28.44
C PHE C 374 39.72 -20.44 27.10
N LYS C 375 38.59 -21.14 27.12
CA LYS C 375 37.90 -21.55 25.90
C LYS C 375 36.42 -21.24 26.00
N CYS C 376 35.90 -20.53 25.01
CA CYS C 376 34.49 -20.15 24.95
C CYS C 376 33.83 -20.83 23.76
N TYR C 377 32.55 -21.16 23.94
CA TYR C 377 31.77 -21.85 22.92
C TYR C 377 30.43 -21.15 22.77
N GLY C 378 30.06 -20.85 21.53
CA GLY C 378 28.81 -20.17 21.25
C GLY C 378 28.82 -18.69 21.53
N VAL C 379 29.96 -18.12 21.94
CA VAL C 379 30.05 -16.70 22.24
C VAL C 379 31.52 -16.34 22.37
N SER C 380 31.88 -15.15 21.91
CA SER C 380 33.26 -14.71 22.02
C SER C 380 33.48 -13.98 23.34
N PRO C 381 34.69 -14.05 23.92
CA PRO C 381 34.91 -13.35 25.20
C PRO C 381 34.68 -11.85 25.11
N THR C 382 35.02 -11.22 23.98
CA THR C 382 34.93 -9.77 23.86
C THR C 382 33.51 -9.28 23.57
N LYS C 383 32.62 -10.15 23.10
CA LYS C 383 31.25 -9.75 22.78
C LYS C 383 30.34 -9.76 24.00
N LEU C 384 30.77 -10.36 25.12
CA LEU C 384 29.91 -10.45 26.29
C LEU C 384 29.56 -9.08 26.83
N ASN C 385 30.45 -8.10 26.69
CA ASN C 385 30.15 -6.75 27.14
C ASN C 385 28.96 -6.15 26.41
N ASP C 386 28.61 -6.68 25.24
CA ASP C 386 27.49 -6.17 24.46
C ASP C 386 26.22 -6.98 24.65
N LEU C 387 26.29 -8.13 25.32
CA LEU C 387 25.16 -9.04 25.43
C LEU C 387 24.50 -8.92 26.80
N CYS C 388 23.19 -9.11 26.82
CA CYS C 388 22.42 -9.20 28.05
C CYS C 388 21.83 -10.60 28.15
N PHE C 389 21.69 -11.08 29.39
CA PHE C 389 21.18 -12.43 29.65
C PHE C 389 20.24 -12.40 30.84
N THR C 390 19.30 -13.36 30.86
CA THR C 390 18.38 -13.47 31.98
C THR C 390 19.14 -13.76 33.27
N ASN C 391 20.09 -14.69 33.22
CA ASN C 391 20.87 -15.07 34.39
C ASN C 391 22.24 -15.55 33.95
N VAL C 392 23.16 -15.63 34.91
CA VAL C 392 24.48 -16.21 34.68
C VAL C 392 24.74 -17.22 35.78
N TYR C 393 25.44 -18.29 35.44
CA TYR C 393 25.83 -19.32 36.38
C TYR C 393 27.35 -19.47 36.39
N ALA C 394 27.94 -19.37 37.57
CA ALA C 394 29.38 -19.56 37.75
C ALA C 394 29.57 -20.86 38.51
N ASP C 395 30.05 -21.89 37.83
CA ASP C 395 30.30 -23.18 38.43
C ASP C 395 31.80 -23.32 38.70
N SER C 396 32.14 -23.50 39.97
CA SER C 396 33.54 -23.54 40.40
C SER C 396 33.85 -24.88 41.02
N PHE C 397 35.02 -25.41 40.70
CA PHE C 397 35.47 -26.67 41.28
C PHE C 397 36.97 -26.82 41.02
N VAL C 398 37.51 -27.96 41.42
CA VAL C 398 38.92 -28.29 41.26
C VAL C 398 39.02 -29.70 40.70
N ILE C 399 39.93 -29.89 39.73
CA ILE C 399 40.13 -31.18 39.08
C ILE C 399 41.63 -31.38 38.85
N ARG C 400 41.96 -32.51 38.23
CA ARG C 400 43.32 -32.74 37.77
C ARG C 400 43.60 -31.93 36.50
N GLY C 401 44.88 -31.68 36.24
CA GLY C 401 45.26 -31.01 35.01
C GLY C 401 44.85 -31.80 33.78
N ASP C 402 45.18 -33.10 33.76
CA ASP C 402 44.83 -33.94 32.64
C ASP C 402 43.32 -34.08 32.46
N GLU C 403 42.53 -33.80 33.49
CA GLU C 403 41.08 -33.82 33.40
C GLU C 403 40.50 -32.50 32.90
N VAL C 404 41.32 -31.45 32.79
CA VAL C 404 40.81 -30.17 32.32
C VAL C 404 40.23 -30.30 30.93
N ARG C 405 40.80 -31.17 30.10
CA ARG C 405 40.28 -31.38 28.76
C ARG C 405 38.85 -31.91 28.76
N GLN C 406 38.45 -32.61 29.83
CA GLN C 406 37.10 -33.16 29.89
C GLN C 406 36.02 -32.10 30.09
N ILE C 407 36.42 -30.87 30.46
CA ILE C 407 35.46 -29.79 30.66
C ILE C 407 35.25 -29.06 29.34
N ALA C 408 34.35 -29.57 28.51
CA ALA C 408 34.05 -28.97 27.22
C ALA C 408 32.88 -29.70 26.60
N PRO C 409 32.19 -29.11 25.63
CA PRO C 409 31.06 -29.79 25.00
C PRO C 409 31.47 -31.09 24.33
N GLY C 410 30.60 -32.09 24.41
CA GLY C 410 30.85 -33.34 23.73
C GLY C 410 31.98 -34.16 24.29
N GLN C 411 32.36 -33.93 25.54
CA GLN C 411 33.46 -34.64 26.18
C GLN C 411 32.93 -35.79 27.03
N THR C 412 33.76 -36.81 27.20
CA THR C 412 33.42 -37.98 27.99
C THR C 412 34.60 -38.35 28.88
N GLY C 413 34.30 -39.04 29.97
CA GLY C 413 35.31 -39.41 30.94
C GLY C 413 34.74 -39.44 32.35
N ASN C 414 35.58 -39.74 33.33
CA ASN C 414 35.09 -39.82 34.70
C ASN C 414 34.53 -38.47 35.17
N ILE C 415 35.26 -37.38 34.94
CA ILE C 415 34.78 -36.07 35.34
C ILE C 415 33.55 -35.68 34.53
N ALA C 416 33.60 -35.88 33.21
CA ALA C 416 32.47 -35.51 32.36
C ALA C 416 31.23 -36.34 32.66
N ASP C 417 31.42 -37.64 32.94
CA ASP C 417 30.27 -38.54 33.05
C ASP C 417 29.68 -38.57 34.45
N TYR C 418 30.52 -38.51 35.49
CA TYR C 418 30.07 -38.78 36.85
C TYR C 418 30.22 -37.61 37.80
N ASN C 419 30.92 -36.54 37.41
CA ASN C 419 31.15 -35.42 38.32
C ASN C 419 30.51 -34.14 37.81
N TYR C 420 30.81 -33.76 36.57
CA TYR C 420 30.33 -32.50 36.01
C TYR C 420 30.22 -32.65 34.50
N LYS C 421 29.02 -32.44 33.97
CA LYS C 421 28.74 -32.65 32.55
C LYS C 421 28.25 -31.35 31.93
N LEU C 422 28.77 -31.04 30.75
CA LEU C 422 28.33 -29.89 29.98
C LEU C 422 27.50 -30.31 28.78
N PRO C 423 26.51 -29.53 28.37
CA PRO C 423 25.72 -29.90 27.19
C PRO C 423 26.53 -29.74 25.91
N ASP C 424 26.13 -30.52 24.90
CA ASP C 424 26.82 -30.45 23.60
C ASP C 424 26.66 -29.06 22.98
N ASP C 425 25.55 -28.38 23.26
CA ASP C 425 25.30 -27.04 22.74
C ASP C 425 25.57 -25.97 23.81
N PHE C 426 26.56 -26.21 24.66
CA PHE C 426 26.88 -25.27 25.73
C PHE C 426 27.25 -23.92 25.15
N THR C 427 26.66 -22.87 25.72
CA THR C 427 26.94 -21.49 25.32
C THR C 427 27.54 -20.78 26.53
N GLY C 428 28.86 -20.65 26.54
CA GLY C 428 29.55 -20.03 27.65
C GLY C 428 31.03 -20.32 27.58
N CYS C 429 31.72 -19.98 28.67
CA CYS C 429 33.17 -20.04 28.72
C CYS C 429 33.64 -20.95 29.83
N VAL C 430 34.83 -21.53 29.64
CA VAL C 430 35.50 -22.34 30.64
C VAL C 430 36.88 -21.75 30.86
N ILE C 431 37.22 -21.48 32.11
CA ILE C 431 38.52 -20.95 32.49
C ILE C 431 39.12 -21.88 33.54
N ALA C 432 40.39 -22.21 33.39
CA ALA C 432 41.07 -23.09 34.33
C ALA C 432 42.49 -22.58 34.57
N TRP C 433 42.92 -22.67 35.82
CA TRP C 433 44.26 -22.24 36.18
C TRP C 433 44.82 -23.16 37.25
N ASN C 434 46.13 -23.42 37.16
CA ASN C 434 46.79 -24.27 38.12
C ASN C 434 46.68 -23.69 39.52
N SER C 435 46.34 -24.54 40.49
CA SER C 435 46.22 -24.14 41.89
C SER C 435 47.15 -24.98 42.76
N ASN C 436 48.32 -25.33 42.24
CA ASN C 436 49.26 -26.15 43.00
C ASN C 436 49.70 -25.44 44.27
N ASN C 437 50.00 -24.15 44.17
CA ASN C 437 50.40 -23.38 45.35
C ASN C 437 49.26 -23.18 46.33
N LEU C 438 48.02 -23.48 45.94
CA LEU C 438 46.85 -23.29 46.79
C LEU C 438 46.21 -24.58 47.25
N ASP C 439 46.08 -25.57 46.36
CA ASP C 439 45.36 -26.80 46.66
C ASP C 439 46.28 -28.00 46.85
N SER C 440 47.55 -27.78 47.14
CA SER C 440 48.52 -28.85 47.35
C SER C 440 49.16 -28.71 48.72
N LYS C 441 49.39 -29.85 49.37
CA LYS C 441 50.03 -29.91 50.68
C LYS C 441 51.24 -30.82 50.62
N VAL C 442 52.17 -30.61 51.55
CA VAL C 442 53.38 -31.42 51.59
C VAL C 442 53.01 -32.89 51.82
N GLY C 443 52.11 -33.14 52.77
CA GLY C 443 51.63 -34.48 53.04
C GLY C 443 50.51 -34.95 52.13
N GLY C 444 50.07 -34.11 51.20
CA GLY C 444 48.99 -34.48 50.30
C GLY C 444 47.67 -33.88 50.72
N ASN C 445 46.99 -33.20 49.79
CA ASN C 445 45.70 -32.58 50.04
C ASN C 445 44.61 -33.53 49.54
N TYR C 446 44.00 -34.27 50.47
CA TYR C 446 42.98 -35.25 50.16
C TYR C 446 41.58 -34.69 50.31
N ASN C 447 41.44 -33.40 50.62
CA ASN C 447 40.10 -32.82 50.79
C ASN C 447 39.31 -32.85 49.49
N TYR C 448 39.96 -32.62 48.35
CA TYR C 448 39.28 -32.64 47.07
C TYR C 448 39.03 -34.08 46.64
N LEU C 449 37.78 -34.37 46.28
CA LEU C 449 37.34 -35.70 45.91
C LEU C 449 36.63 -35.66 44.56
N TYR C 450 36.48 -36.83 43.95
CA TYR C 450 35.78 -36.96 42.70
C TYR C 450 35.04 -38.29 42.66
N ARG C 451 33.91 -38.31 41.96
CA ARG C 451 33.12 -39.53 41.85
C ARG C 451 33.78 -40.49 40.87
N LEU C 452 33.96 -41.73 41.28
CA LEU C 452 34.62 -42.75 40.47
C LEU C 452 33.64 -43.76 39.90
N PHE C 453 32.69 -44.24 40.70
CA PHE C 453 31.72 -45.24 40.26
C PHE C 453 30.33 -44.63 40.21
N ARG C 454 29.60 -44.93 39.13
CA ARG C 454 28.23 -44.47 38.99
C ARG C 454 27.54 -45.33 37.92
N LYS C 455 26.28 -45.66 38.18
CA LYS C 455 25.55 -46.53 37.26
C LYS C 455 25.34 -45.88 35.89
N SER C 456 25.04 -44.58 35.87
CA SER C 456 24.75 -43.88 34.63
C SER C 456 25.45 -42.52 34.65
N ASN C 457 25.66 -41.97 33.46
CA ASN C 457 26.34 -40.70 33.32
C ASN C 457 25.43 -39.55 33.77
N LEU C 458 26.06 -38.46 34.19
CA LEU C 458 25.31 -37.29 34.63
C LEU C 458 24.73 -36.53 33.45
N LYS C 459 23.55 -35.95 33.68
CA LYS C 459 22.98 -35.01 32.73
C LYS C 459 23.69 -33.66 32.86
N PRO C 460 23.59 -32.82 31.83
CA PRO C 460 24.31 -31.53 31.88
C PRO C 460 23.91 -30.72 33.11
N PHE C 461 24.92 -30.12 33.74
CA PHE C 461 24.74 -29.27 34.92
C PHE C 461 24.06 -30.01 36.07
N GLU C 462 24.26 -31.33 36.15
CA GLU C 462 23.71 -32.12 37.24
C GLU C 462 24.78 -32.35 38.30
N ARG C 463 24.41 -32.18 39.57
CA ARG C 463 25.30 -32.37 40.69
C ARG C 463 24.86 -33.58 41.49
N ASP C 464 25.79 -34.51 41.72
CA ASP C 464 25.52 -35.73 42.49
C ASP C 464 26.46 -35.74 43.69
N ILE C 465 25.89 -35.72 44.89
CA ILE C 465 26.65 -35.72 46.13
C ILE C 465 26.41 -37.01 46.92
N SER C 466 25.85 -38.03 46.28
CA SER C 466 25.56 -39.27 46.98
C SER C 466 26.84 -39.99 47.36
N THR C 467 26.88 -40.51 48.58
CA THR C 467 28.00 -41.31 49.07
C THR C 467 27.60 -42.76 49.30
N GLU C 468 26.50 -43.20 48.70
CA GLU C 468 26.05 -44.57 48.87
C GLU C 468 27.07 -45.55 48.32
N ILE C 469 27.22 -46.69 49.00
CA ILE C 469 28.14 -47.71 48.53
C ILE C 469 27.69 -48.21 47.16
N TYR C 470 28.62 -48.22 46.22
CA TYR C 470 28.31 -48.61 44.85
C TYR C 470 28.28 -50.13 44.75
N GLN C 471 27.18 -50.67 44.20
CA GLN C 471 27.00 -52.11 44.05
C GLN C 471 27.56 -52.53 42.70
N ALA C 472 28.74 -53.15 42.73
CA ALA C 472 29.39 -53.63 41.53
C ALA C 472 29.07 -55.09 41.21
N GLY C 473 28.27 -55.76 42.05
CA GLY C 473 27.93 -57.15 41.83
C GLY C 473 26.46 -57.42 42.02
N SER C 474 26.08 -58.70 42.00
CA SER C 474 24.68 -59.07 42.15
C SER C 474 24.22 -58.91 43.59
N THR C 475 25.05 -59.26 44.56
CA THR C 475 24.65 -59.20 45.95
C THR C 475 24.50 -57.75 46.40
N PRO C 476 23.49 -57.43 47.22
CA PRO C 476 23.38 -56.07 47.74
C PRO C 476 24.49 -55.75 48.72
N CYS C 477 24.83 -54.46 48.81
CA CYS C 477 25.87 -54.01 49.72
C CYS C 477 25.34 -53.63 51.09
N ASN C 478 24.14 -53.07 51.15
CA ASN C 478 23.51 -52.66 52.41
C ASN C 478 24.40 -51.70 53.19
N GLY C 479 25.05 -50.79 52.47
CA GLY C 479 25.87 -49.79 53.11
C GLY C 479 27.17 -50.30 53.70
N VAL C 480 27.62 -51.48 53.27
CA VAL C 480 28.87 -52.07 53.76
C VAL C 480 29.80 -52.17 52.56
N LYS C 481 30.96 -51.51 52.64
CA LYS C 481 31.92 -51.55 51.54
C LYS C 481 32.84 -52.75 51.69
N GLY C 482 33.01 -53.48 50.58
CA GLY C 482 33.83 -54.67 50.56
C GLY C 482 34.08 -55.12 49.15
N PHE C 483 34.03 -56.44 48.90
CA PHE C 483 34.17 -56.94 47.54
C PHE C 483 32.92 -56.60 46.74
N ASN C 484 33.13 -56.03 45.55
CA ASN C 484 32.04 -55.58 44.69
C ASN C 484 31.17 -54.52 45.37
N CYS C 485 31.70 -53.86 46.39
CA CYS C 485 31.00 -52.79 47.11
C CYS C 485 32.02 -51.72 47.43
N TYR C 486 32.05 -50.67 46.61
CA TYR C 486 33.09 -49.66 46.65
C TYR C 486 32.52 -48.30 47.03
N PHE C 487 33.29 -47.53 47.79
CA PHE C 487 32.90 -46.17 48.09
C PHE C 487 32.94 -45.33 46.82
N PRO C 488 31.88 -44.58 46.49
CA PRO C 488 31.81 -43.96 45.16
C PRO C 488 32.82 -42.86 44.92
N LEU C 489 33.45 -42.31 45.96
CA LEU C 489 34.34 -41.17 45.83
C LEU C 489 35.80 -41.59 46.01
N GLN C 490 36.68 -40.89 45.30
CA GLN C 490 38.12 -41.09 45.40
C GLN C 490 38.81 -39.75 45.59
N SER C 491 39.87 -39.75 46.38
CA SER C 491 40.60 -38.54 46.73
C SER C 491 41.75 -38.30 45.77
N TYR C 492 42.03 -37.02 45.52
CA TYR C 492 43.13 -36.62 44.66
C TYR C 492 44.48 -36.67 45.37
N GLY C 493 44.53 -36.18 46.61
CA GLY C 493 45.77 -36.15 47.35
C GLY C 493 46.85 -35.34 46.65
N PHE C 494 46.56 -34.06 46.37
CA PHE C 494 47.48 -33.22 45.62
C PHE C 494 48.73 -32.93 46.45
N GLN C 495 49.89 -33.00 45.80
CA GLN C 495 51.15 -32.61 46.40
C GLN C 495 51.86 -31.61 45.50
N PRO C 496 52.67 -30.69 46.06
CA PRO C 496 53.31 -29.67 45.23
C PRO C 496 54.32 -30.20 44.22
N THR C 497 54.84 -31.42 44.42
CA THR C 497 55.89 -31.97 43.57
C THR C 497 55.34 -32.88 42.48
N TYR C 498 54.03 -33.00 42.35
CA TYR C 498 53.46 -33.80 41.28
C TYR C 498 53.67 -33.13 39.92
N GLY C 499 53.50 -33.92 38.86
CA GLY C 499 53.52 -33.37 37.53
C GLY C 499 52.29 -32.54 37.24
N VAL C 500 52.41 -31.68 36.22
CA VAL C 500 51.33 -30.74 35.92
C VAL C 500 50.03 -31.48 35.66
N GLY C 501 50.10 -32.69 35.09
CA GLY C 501 48.91 -33.48 34.88
C GLY C 501 48.23 -33.90 36.17
N TYR C 502 49.00 -34.15 37.22
CA TYR C 502 48.45 -34.56 38.52
C TYR C 502 48.31 -33.38 39.48
N GLN C 503 48.67 -32.16 39.06
CA GLN C 503 48.54 -31.02 39.95
C GLN C 503 47.10 -30.51 39.95
N PRO C 504 46.66 -29.86 41.02
CA PRO C 504 45.30 -29.35 41.06
C PRO C 504 45.10 -28.19 40.11
N TYR C 505 43.90 -28.10 39.54
CA TYR C 505 43.52 -27.00 38.67
C TYR C 505 42.14 -26.52 39.06
N ARG C 506 42.02 -25.23 39.35
CA ARG C 506 40.75 -24.60 39.66
C ARG C 506 40.06 -24.20 38.36
N VAL C 507 38.81 -24.61 38.21
CA VAL C 507 38.03 -24.41 37.00
C VAL C 507 36.77 -23.65 37.34
N VAL C 508 36.51 -22.59 36.57
CA VAL C 508 35.29 -21.79 36.66
C VAL C 508 34.63 -21.82 35.28
N VAL C 509 33.37 -22.23 35.25
CA VAL C 509 32.58 -22.31 34.01
C VAL C 509 31.47 -21.27 34.11
N LEU C 510 31.46 -20.35 33.16
CA LEU C 510 30.43 -19.30 33.08
C LEU C 510 29.41 -19.72 32.02
N SER C 511 28.17 -19.93 32.45
CA SER C 511 27.06 -20.24 31.57
C SER C 511 26.08 -19.08 31.57
N PHE C 512 25.45 -18.85 30.43
CA PHE C 512 24.56 -17.70 30.23
C PHE C 512 23.16 -18.21 29.94
N GLU C 513 22.26 -18.06 30.93
CA GLU C 513 20.87 -18.48 30.79
C GLU C 513 20.09 -17.35 30.16
N LEU C 514 19.62 -17.56 28.92
CA LEU C 514 18.87 -16.58 28.16
C LEU C 514 17.46 -17.12 27.94
N LEU C 515 16.51 -16.62 28.71
CA LEU C 515 15.12 -17.05 28.65
C LEU C 515 14.26 -15.95 28.03
N HIS C 516 12.98 -16.27 27.86
CA HIS C 516 11.99 -15.30 27.38
C HIS C 516 11.46 -14.47 28.55
N ALA C 517 12.40 -13.84 29.25
CA ALA C 517 12.11 -12.99 30.40
C ALA C 517 13.03 -11.78 30.33
N PRO C 518 12.64 -10.67 30.97
CA PRO C 518 13.49 -9.48 30.92
C PRO C 518 14.89 -9.78 31.43
N ALA C 519 15.90 -9.29 30.71
CA ALA C 519 17.28 -9.54 31.07
C ALA C 519 17.64 -8.78 32.33
N THR C 520 18.48 -9.40 33.17
CA THR C 520 18.93 -8.79 34.41
C THR C 520 20.43 -8.53 34.46
N VAL C 521 21.21 -9.11 33.54
CA VAL C 521 22.64 -8.95 33.50
C VAL C 521 23.03 -8.40 32.14
N CYS C 522 23.85 -7.36 32.13
CA CYS C 522 24.35 -6.75 30.89
C CYS C 522 25.80 -6.33 31.04
N GLY C 523 26.33 -5.66 30.02
CA GLY C 523 27.70 -5.19 30.04
C GLY C 523 27.78 -3.69 30.17
N PRO C 524 28.96 -3.18 30.56
CA PRO C 524 29.17 -1.74 30.73
C PRO C 524 29.05 -0.98 29.41
N LYS C 525 28.02 -0.15 29.29
CA LYS C 525 27.82 0.64 28.08
C LYS C 525 28.99 1.61 27.86
N LYS C 526 29.34 1.83 26.61
CA LYS C 526 30.45 2.73 26.27
C LYS C 526 29.99 4.17 26.14
N SER C 527 30.01 4.89 27.26
CA SER C 527 29.59 6.28 27.30
C SER C 527 30.78 7.18 26.95
N THR C 528 30.60 8.02 25.94
CA THR C 528 31.67 8.92 25.49
C THR C 528 31.54 10.28 26.18
N ASN C 529 32.45 11.18 25.84
CA ASN C 529 32.45 12.51 26.43
C ASN C 529 31.28 13.32 25.88
N LEU C 530 30.92 14.36 26.63
CA LEU C 530 29.84 15.26 26.25
C LEU C 530 30.39 16.41 25.42
N VAL C 531 29.66 16.77 24.37
CA VAL C 531 30.05 17.85 23.46
C VAL C 531 28.89 18.84 23.37
N LYS C 532 29.19 20.12 23.56
CA LYS C 532 28.18 21.16 23.56
C LYS C 532 28.47 22.18 22.46
N ASN C 533 27.41 22.88 22.04
CA ASN C 533 27.51 23.94 21.05
C ASN C 533 28.13 23.44 19.75
N LYS C 534 27.74 22.23 19.33
CA LYS C 534 28.19 21.69 18.07
C LYS C 534 27.21 20.62 17.61
N CYS C 535 26.89 20.64 16.32
CA CYS C 535 25.92 19.68 15.77
C CYS C 535 26.47 18.28 15.90
N VAL C 536 25.88 17.47 16.78
CA VAL C 536 26.34 16.12 17.05
C VAL C 536 25.16 15.16 16.98
N ASN C 537 25.47 13.90 16.69
CA ASN C 537 24.48 12.83 16.68
C ASN C 537 24.50 12.18 18.06
N PHE C 538 23.52 12.53 18.89
CA PHE C 538 23.52 12.14 20.29
C PHE C 538 22.59 10.95 20.54
N ASN C 539 22.86 10.25 21.63
CA ASN C 539 22.04 9.11 22.05
C ASN C 539 22.11 9.06 23.57
N PHE C 540 21.03 9.50 24.22
CA PHE C 540 20.97 9.54 25.68
C PHE C 540 20.02 8.45 26.15
N ASN C 541 20.58 7.43 26.81
CA ASN C 541 19.78 6.36 27.40
C ASN C 541 18.87 5.71 26.35
N GLY C 542 19.41 5.50 25.16
CA GLY C 542 18.67 4.88 24.08
C GLY C 542 17.84 5.83 23.26
N LEU C 543 17.64 7.06 23.72
CA LEU C 543 16.93 8.09 22.96
C LEU C 543 17.91 8.71 21.97
N THR C 544 17.74 8.39 20.69
CA THR C 544 18.62 8.88 19.65
C THR C 544 18.11 10.19 19.08
N GLY C 545 19.04 10.96 18.50
CA GLY C 545 18.66 12.20 17.85
C GLY C 545 19.89 12.89 17.31
N THR C 546 19.66 14.01 16.63
CA THR C 546 20.73 14.83 16.09
C THR C 546 20.44 16.28 16.43
N GLY C 547 21.45 16.99 16.93
CA GLY C 547 21.26 18.37 17.29
C GLY C 547 22.44 18.92 18.05
N VAL C 548 22.26 20.15 18.53
CA VAL C 548 23.26 20.87 19.30
C VAL C 548 22.81 20.90 20.75
N LEU C 549 23.71 20.49 21.65
CA LEU C 549 23.43 20.46 23.08
C LEU C 549 23.99 21.73 23.71
N THR C 550 23.15 22.43 24.47
CA THR C 550 23.55 23.65 25.13
C THR C 550 23.15 23.62 26.60
N GLU C 551 23.93 24.29 27.44
CA GLU C 551 23.58 24.38 28.85
C GLU C 551 22.23 25.09 29.00
N SER C 552 21.36 24.53 29.83
CA SER C 552 19.98 24.98 29.94
C SER C 552 19.69 25.48 31.35
N ASN C 553 18.71 26.38 31.44
CA ASN C 553 18.23 26.90 32.71
C ASN C 553 16.91 26.28 33.14
N LYS C 554 16.40 25.30 32.39
CA LYS C 554 15.14 24.66 32.75
C LYS C 554 15.28 23.94 34.08
N LYS C 555 14.22 23.99 34.88
CA LYS C 555 14.21 23.40 36.22
C LYS C 555 13.52 22.05 36.15
N PHE C 556 14.24 21.05 35.63
CA PHE C 556 13.73 19.70 35.60
C PHE C 556 13.49 19.20 37.02
N LEU C 557 12.41 18.42 37.18
CA LEU C 557 12.19 17.75 38.44
C LEU C 557 13.13 16.56 38.57
N PRO C 558 13.37 16.10 39.81
CA PRO C 558 14.39 15.05 39.99
C PRO C 558 14.16 13.81 39.15
N PHE C 559 12.90 13.41 38.97
CA PHE C 559 12.60 12.17 38.26
C PHE C 559 12.40 12.35 36.77
N GLN C 560 12.21 13.58 36.28
CA GLN C 560 11.96 13.82 34.88
C GLN C 560 13.27 13.82 34.11
N GLN C 561 13.28 13.16 32.96
CA GLN C 561 14.48 13.00 32.14
C GLN C 561 14.47 13.89 30.92
N PHE C 562 13.45 13.78 30.07
CA PHE C 562 13.38 14.54 28.82
C PHE C 562 12.46 15.73 28.97
N GLY C 563 12.60 16.67 28.04
CA GLY C 563 11.70 17.80 27.96
C GLY C 563 11.06 17.91 26.59
N ARG C 564 9.75 17.69 26.51
CA ARG C 564 9.04 17.74 25.25
C ARG C 564 8.26 19.04 25.15
N ASP C 565 7.65 19.26 23.99
CA ASP C 565 6.92 20.50 23.70
C ASP C 565 5.67 20.13 22.91
N ILE C 566 4.97 21.14 22.39
CA ILE C 566 3.78 20.89 21.59
C ILE C 566 4.12 20.01 20.40
N ALA C 567 5.33 20.16 19.85
CA ALA C 567 5.78 19.31 18.76
C ALA C 567 5.97 17.86 19.20
N ASP C 568 5.96 17.58 20.51
CA ASP C 568 6.21 16.24 21.02
C ASP C 568 7.59 15.73 20.60
N THR C 569 8.54 16.65 20.47
CA THR C 569 9.92 16.34 20.16
C THR C 569 10.80 16.71 21.35
N THR C 570 11.82 15.90 21.60
CA THR C 570 12.66 16.09 22.78
C THR C 570 13.36 17.43 22.68
N ASP C 571 12.92 18.40 23.49
CA ASP C 571 13.56 19.71 23.51
C ASP C 571 14.76 19.72 24.45
N ALA C 572 14.67 19.03 25.58
CA ALA C 572 15.74 18.98 26.56
C ALA C 572 15.91 17.57 27.07
N VAL C 573 17.10 17.28 27.59
CA VAL C 573 17.41 15.99 28.18
C VAL C 573 18.19 16.20 29.47
N ARG C 574 18.25 15.14 30.28
CA ARG C 574 19.08 15.11 31.47
C ARG C 574 20.23 14.16 31.20
N ASP C 575 21.45 14.66 31.31
CA ASP C 575 22.62 13.83 31.08
C ASP C 575 22.65 12.72 32.12
N PRO C 576 22.56 11.44 31.73
CA PRO C 576 22.40 10.39 32.75
C PRO C 576 23.53 10.31 33.74
N GLN C 577 24.77 10.59 33.34
CA GLN C 577 25.89 10.48 34.27
C GLN C 577 25.96 11.70 35.19
N THR C 578 26.18 12.88 34.61
CA THR C 578 26.14 14.13 35.37
C THR C 578 24.73 14.68 35.30
N LEU C 579 24.10 14.82 36.46
CA LEU C 579 22.69 15.20 36.49
C LEU C 579 22.54 16.68 36.14
N GLU C 580 22.64 17.00 34.85
CA GLU C 580 22.48 18.35 34.34
C GLU C 580 21.51 18.33 33.17
N ILE C 581 20.90 19.48 32.91
CA ILE C 581 19.88 19.61 31.88
C ILE C 581 20.50 20.27 30.66
N LEU C 582 20.32 19.66 29.49
CA LEU C 582 20.85 20.16 28.23
C LEU C 582 19.71 20.40 27.26
N ASP C 583 19.66 21.60 26.70
CA ASP C 583 18.72 21.92 25.64
C ASP C 583 19.23 21.36 24.32
N ILE C 584 18.32 20.76 23.56
CA ILE C 584 18.61 20.18 22.26
C ILE C 584 18.01 21.09 21.20
N THR C 585 18.85 21.59 20.30
CA THR C 585 18.40 22.43 19.20
C THR C 585 18.65 21.71 17.89
N PRO C 586 17.68 21.65 16.97
CA PRO C 586 17.93 20.98 15.69
C PRO C 586 19.10 21.63 14.97
N CYS C 587 19.94 20.79 14.36
CA CYS C 587 21.08 21.31 13.64
C CYS C 587 20.60 22.30 12.55
N SER C 588 21.10 23.53 12.62
CA SER C 588 20.72 24.63 11.71
C SER C 588 20.66 24.34 10.20
N PHE C 589 19.74 25.03 9.52
CA PHE C 589 19.50 24.91 8.08
C PHE C 589 18.60 26.00 7.57
N GLY C 590 18.60 26.19 6.26
CA GLY C 590 17.73 27.20 5.67
C GLY C 590 17.95 27.32 4.18
N GLY C 591 17.04 28.04 3.55
CA GLY C 591 17.16 28.24 2.11
C GLY C 591 18.44 28.97 1.75
N VAL C 592 18.90 28.72 0.52
CA VAL C 592 20.09 29.35 -0.03
C VAL C 592 19.66 30.03 -1.32
N SER C 593 19.56 31.36 -1.28
CA SER C 593 19.15 32.16 -2.41
C SER C 593 20.36 32.90 -2.96
N VAL C 594 20.23 33.39 -4.19
CA VAL C 594 21.30 34.07 -4.89
C VAL C 594 20.79 35.42 -5.37
N ILE C 595 21.29 36.49 -4.75
CA ILE C 595 21.02 37.85 -5.22
C ILE C 595 21.95 38.10 -6.40
N THR C 596 21.38 38.24 -7.59
CA THR C 596 22.16 38.39 -8.80
C THR C 596 21.60 39.54 -9.63
N PRO C 597 22.43 40.51 -10.03
CA PRO C 597 22.03 41.39 -11.13
C PRO C 597 22.01 40.59 -12.43
N GLY C 598 21.21 41.07 -13.38
CA GLY C 598 21.02 40.34 -14.61
C GLY C 598 22.32 39.85 -15.23
N THR C 599 22.38 38.58 -15.60
CA THR C 599 23.61 38.04 -16.20
C THR C 599 24.03 38.87 -17.39
N ASN C 600 23.07 39.44 -18.12
CA ASN C 600 23.40 40.39 -19.18
C ASN C 600 24.22 41.56 -18.64
N THR C 601 24.05 41.90 -17.37
CA THR C 601 24.79 42.99 -16.75
C THR C 601 26.10 42.52 -16.14
N SER C 602 26.06 41.51 -15.27
CA SER C 602 27.26 41.00 -14.64
C SER C 602 27.00 39.59 -14.14
N ASN C 603 28.09 38.85 -13.95
CA ASN C 603 28.03 37.50 -13.40
C ASN C 603 28.37 37.45 -11.92
N GLN C 604 28.60 38.60 -11.29
CA GLN C 604 28.89 38.64 -9.87
C GLN C 604 27.59 38.50 -9.08
N VAL C 605 27.60 37.61 -8.09
CA VAL C 605 26.40 37.31 -7.32
C VAL C 605 26.75 37.31 -5.83
N ALA C 606 25.72 37.47 -5.01
CA ALA C 606 25.82 37.31 -3.57
C ALA C 606 24.91 36.16 -3.16
N VAL C 607 25.26 35.51 -2.05
CA VAL C 607 24.52 34.34 -1.59
C VAL C 607 23.92 34.66 -0.24
N LEU C 608 22.61 34.51 -0.12
CA LEU C 608 21.88 34.72 1.12
C LEU C 608 21.50 33.36 1.68
N TYR C 609 22.10 32.98 2.81
CA TYR C 609 21.67 31.82 3.57
C TYR C 609 20.61 32.29 4.54
N GLN C 610 19.34 32.04 4.22
CA GLN C 610 18.25 32.59 4.99
C GLN C 610 18.12 31.86 6.33
N GLY C 611 18.01 32.63 7.41
CA GLY C 611 17.75 32.07 8.71
C GLY C 611 18.88 31.27 9.32
N VAL C 612 20.13 31.51 8.90
CA VAL C 612 21.29 30.85 9.46
C VAL C 612 22.23 31.91 9.99
N ASN C 613 22.74 31.70 11.20
CA ASN C 613 23.74 32.59 11.75
C ASN C 613 25.02 32.51 10.93
N CYS C 614 25.81 33.58 10.98
CA CYS C 614 27.06 33.60 10.23
C CYS C 614 28.16 32.88 11.01
N THR C 615 27.87 31.67 11.46
CA THR C 615 28.86 30.85 12.16
C THR C 615 28.87 29.43 11.60
N GLU C 616 27.72 28.99 11.08
CA GLU C 616 27.61 27.66 10.49
C GLU C 616 27.87 27.66 9.00
N VAL C 617 28.10 28.81 8.39
CA VAL C 617 28.41 28.90 6.97
C VAL C 617 29.91 28.66 6.79
N PRO C 618 30.33 27.67 6.00
CA PRO C 618 31.77 27.44 5.82
C PRO C 618 32.51 28.64 5.28
N VAL C 619 31.84 29.50 4.51
CA VAL C 619 32.45 30.69 3.91
C VAL C 619 33.83 30.38 3.35
N SER C 637 34.09 36.96 0.86
CA SER C 637 34.87 37.67 1.86
C SER C 637 33.95 38.45 2.80
N ASN C 638 33.22 39.40 2.26
CA ASN C 638 32.31 40.20 3.05
C ASN C 638 31.20 39.32 3.62
N VAL C 639 30.80 39.61 4.85
CA VAL C 639 29.75 38.87 5.55
C VAL C 639 28.85 39.86 6.27
N PHE C 640 27.53 39.64 6.18
CA PHE C 640 26.54 40.48 6.82
C PHE C 640 25.56 39.57 7.54
N GLN C 641 25.34 39.83 8.83
CA GLN C 641 24.39 39.03 9.61
C GLN C 641 23.06 39.78 9.66
N THR C 642 22.35 39.76 8.54
CA THR C 642 21.07 40.43 8.48
C THR C 642 20.02 39.59 9.18
N ARG C 643 18.92 40.24 9.58
CA ARG C 643 17.84 39.51 10.23
C ARG C 643 17.26 38.44 9.31
N ALA C 644 17.42 38.59 7.99
CA ALA C 644 16.94 37.57 7.07
C ALA C 644 17.89 36.40 6.95
N GLY C 645 19.14 36.56 7.35
CA GLY C 645 20.11 35.48 7.31
C GLY C 645 21.51 36.02 7.10
N CYS C 646 22.41 35.11 6.72
CA CYS C 646 23.79 35.47 6.48
C CYS C 646 23.99 35.77 5.00
N LEU C 647 24.38 37.00 4.68
CA LEU C 647 24.61 37.44 3.32
C LEU C 647 26.11 37.49 3.06
N ILE C 648 26.53 36.82 1.99
CA ILE C 648 27.94 36.69 1.63
C ILE C 648 28.13 37.23 0.22
N GLY C 649 29.21 37.97 0.02
CA GLY C 649 29.46 38.62 -1.25
C GLY C 649 28.79 39.96 -1.42
N ALA C 650 28.14 40.47 -0.39
CA ALA C 650 27.45 41.77 -0.44
C ALA C 650 28.18 42.75 0.47
N GLU C 651 28.39 43.97 -0.04
CA GLU C 651 29.10 45.00 0.70
C GLU C 651 28.09 45.88 1.42
N HIS C 652 28.05 45.79 2.75
CA HIS C 652 27.12 46.58 3.53
C HIS C 652 27.40 48.07 3.32
N VAL C 653 26.35 48.84 3.08
CA VAL C 653 26.45 50.27 2.83
C VAL C 653 25.52 51.00 3.78
N ASN C 654 26.04 52.06 4.41
CA ASN C 654 25.21 52.85 5.31
C ASN C 654 24.17 53.67 4.54
N ASN C 655 24.55 54.21 3.39
CA ASN C 655 23.61 54.98 2.58
C ASN C 655 22.43 54.10 2.17
N SER C 656 21.24 54.69 2.20
CA SER C 656 20.01 53.99 1.86
C SER C 656 19.48 54.50 0.54
N TYR C 657 19.13 53.57 -0.35
CA TYR C 657 18.57 53.88 -1.66
C TYR C 657 17.17 53.27 -1.75
N GLU C 658 16.58 53.36 -2.94
CA GLU C 658 15.33 52.65 -3.20
C GLU C 658 15.61 51.16 -3.36
N CYS C 659 14.69 50.34 -2.84
CA CYS C 659 14.86 48.90 -2.92
C CYS C 659 14.94 48.46 -4.38
N ASP C 660 15.94 47.64 -4.69
CA ASP C 660 16.14 47.12 -6.03
C ASP C 660 15.95 45.61 -6.10
N ILE C 661 16.67 44.85 -5.27
CA ILE C 661 16.48 43.42 -5.13
C ILE C 661 16.10 43.15 -3.68
N PRO C 662 14.81 42.96 -3.40
CA PRO C 662 14.39 42.83 -2.00
C PRO C 662 14.88 41.55 -1.34
N ILE C 663 15.84 41.69 -0.43
CA ILE C 663 16.31 40.54 0.34
C ILE C 663 15.30 40.20 1.44
N GLY C 664 15.05 41.14 2.34
CA GLY C 664 14.09 40.92 3.40
C GLY C 664 14.45 41.61 4.69
N ALA C 665 13.51 41.69 5.62
CA ALA C 665 13.74 42.33 6.91
C ALA C 665 14.21 43.77 6.74
N GLY C 666 13.75 44.44 5.68
CA GLY C 666 14.14 45.81 5.43
C GLY C 666 15.46 45.97 4.70
N ILE C 667 16.12 44.89 4.32
CA ILE C 667 17.39 44.94 3.62
C ILE C 667 17.15 44.63 2.15
N CYS C 668 17.68 45.47 1.27
CA CYS C 668 17.63 45.24 -0.17
C CYS C 668 19.04 45.38 -0.73
N ALA C 669 19.34 44.58 -1.74
CA ALA C 669 20.65 44.57 -2.37
C ALA C 669 20.55 45.06 -3.81
N SER C 670 21.60 45.73 -4.26
CA SER C 670 21.63 46.29 -5.60
C SER C 670 23.06 46.28 -6.13
N TYR C 671 23.18 46.24 -7.45
CA TYR C 671 24.48 46.25 -8.12
C TYR C 671 24.81 47.68 -8.51
N GLN C 672 25.84 48.25 -7.88
CA GLN C 672 26.18 49.64 -8.10
C GLN C 672 27.66 49.85 -7.79
N THR C 673 28.17 51.00 -8.24
CA THR C 673 29.55 51.38 -7.98
C THR C 673 29.84 51.46 -6.49
N SER C 686 34.59 48.08 -11.03
CA SER C 686 34.58 48.64 -9.68
C SER C 686 33.24 48.41 -9.00
N GLN C 687 32.21 48.17 -9.81
CA GLN C 687 30.87 47.95 -9.27
C GLN C 687 30.81 46.65 -8.47
N SER C 688 29.91 46.63 -7.49
CA SER C 688 29.73 45.46 -6.64
C SER C 688 28.30 45.44 -6.14
N ILE C 689 27.97 44.38 -5.40
CA ILE C 689 26.63 44.20 -4.84
C ILE C 689 26.63 44.76 -3.42
N ILE C 690 25.78 45.76 -3.18
CA ILE C 690 25.70 46.45 -1.90
C ILE C 690 24.35 46.15 -1.28
N ALA C 691 24.37 45.74 -0.01
CA ALA C 691 23.15 45.49 0.75
C ALA C 691 22.93 46.65 1.71
N TYR C 692 21.75 47.25 1.64
CA TYR C 692 21.45 48.46 2.39
C TYR C 692 20.03 48.39 2.92
N THR C 693 19.79 49.09 4.02
CA THR C 693 18.44 49.23 4.56
C THR C 693 17.67 50.19 3.65
N MET C 694 16.69 49.65 2.92
CA MET C 694 16.01 50.45 1.91
C MET C 694 15.33 51.65 2.54
N SER C 695 15.35 52.77 1.82
CA SER C 695 14.67 53.98 2.25
C SER C 695 13.29 54.05 1.61
N LEU C 696 12.30 54.39 2.42
CA LEU C 696 10.91 54.39 1.96
C LEU C 696 10.54 55.71 1.30
N GLY C 697 11.35 56.15 0.34
CA GLY C 697 11.14 57.43 -0.30
C GLY C 697 11.89 58.55 0.39
N VAL C 698 11.77 59.74 -0.19
CA VAL C 698 12.44 60.92 0.32
C VAL C 698 11.56 61.69 1.32
N GLU C 699 12.19 62.21 2.36
CA GLU C 699 11.48 62.97 3.39
C GLU C 699 10.93 64.28 2.80
N ASN C 700 9.64 64.53 3.03
CA ASN C 700 9.01 65.74 2.52
C ASN C 700 8.05 66.35 3.54
N SER C 701 8.53 67.33 4.29
CA SER C 701 7.72 68.01 5.29
C SER C 701 6.76 68.99 4.64
N VAL C 702 5.47 68.73 4.76
CA VAL C 702 4.48 69.61 4.15
C VAL C 702 4.49 70.95 4.87
N ALA C 703 4.54 72.04 4.10
CA ALA C 703 4.58 73.37 4.68
C ALA C 703 3.22 73.73 5.23
N TYR C 704 2.79 73.04 6.28
CA TYR C 704 1.45 73.18 6.82
C TYR C 704 1.39 74.30 7.85
N SER C 705 0.32 75.10 7.76
CA SER C 705 0.01 76.09 8.77
C SER C 705 -1.49 76.34 8.71
N ASN C 706 -2.01 76.98 9.75
CA ASN C 706 -3.45 77.16 9.85
C ASN C 706 -3.99 78.21 8.87
N ASN C 707 -3.13 78.92 8.15
CA ASN C 707 -3.60 79.92 7.20
C ASN C 707 -2.79 79.88 5.91
N SER C 708 -2.30 78.71 5.50
CA SER C 708 -1.53 78.56 4.28
C SER C 708 -2.14 77.46 3.43
N ILE C 709 -2.55 77.80 2.21
CA ILE C 709 -3.16 76.85 1.28
C ILE C 709 -2.37 76.89 -0.01
N ALA C 710 -2.03 75.72 -0.54
CA ALA C 710 -1.35 75.62 -1.83
C ALA C 710 -2.38 75.25 -2.89
N ILE C 711 -2.48 76.07 -3.93
CA ILE C 711 -3.40 75.79 -5.02
C ILE C 711 -2.60 75.55 -6.30
N PRO C 712 -2.91 74.53 -7.09
CA PRO C 712 -2.22 74.37 -8.37
C PRO C 712 -2.61 75.48 -9.35
N THR C 713 -1.64 75.88 -10.17
CA THR C 713 -1.86 76.88 -11.20
C THR C 713 -1.88 76.29 -12.59
N ASN C 714 -1.42 75.05 -12.75
CA ASN C 714 -1.33 74.40 -14.05
C ASN C 714 -1.79 72.96 -13.84
N PHE C 715 -1.57 72.11 -14.83
CA PHE C 715 -1.95 70.71 -14.72
C PHE C 715 -1.23 69.92 -15.81
N THR C 716 -1.46 68.61 -15.79
CA THR C 716 -0.98 67.74 -16.85
C THR C 716 -1.99 66.64 -17.04
N ILE C 717 -2.08 66.14 -18.27
CA ILE C 717 -3.01 65.07 -18.61
C ILE C 717 -2.21 63.80 -18.76
N SER C 718 -2.10 63.04 -17.66
CA SER C 718 -1.26 61.85 -17.64
C SER C 718 -2.06 60.64 -18.10
N VAL C 719 -1.53 59.94 -19.10
CA VAL C 719 -2.14 58.72 -19.61
C VAL C 719 -1.36 57.56 -19.01
N THR C 720 -1.85 57.03 -17.90
CA THR C 720 -1.26 55.84 -17.31
C THR C 720 -1.84 54.61 -17.99
N THR C 721 -1.29 53.45 -17.64
CA THR C 721 -1.76 52.19 -18.21
C THR C 721 -1.92 51.17 -17.09
N GLU C 722 -3.02 50.42 -17.14
CA GLU C 722 -3.27 49.33 -16.20
C GLU C 722 -3.61 48.08 -16.99
N ILE C 723 -2.85 47.01 -16.76
CA ILE C 723 -3.03 45.75 -17.47
C ILE C 723 -3.66 44.75 -16.52
N LEU C 724 -4.78 44.17 -16.94
CA LEU C 724 -5.54 43.24 -16.11
C LEU C 724 -5.72 41.92 -16.85
N PRO C 725 -5.27 40.79 -16.31
CA PRO C 725 -5.65 39.51 -16.88
C PRO C 725 -7.15 39.31 -16.78
N VAL C 726 -7.71 38.68 -17.81
CA VAL C 726 -9.15 38.47 -17.92
C VAL C 726 -9.49 37.00 -18.02
N SER C 727 -8.80 36.27 -18.89
CA SER C 727 -9.04 34.86 -19.10
C SER C 727 -7.72 34.12 -19.17
N MET C 728 -7.75 32.84 -18.83
CA MET C 728 -6.60 31.96 -18.93
C MET C 728 -6.83 30.94 -20.02
N THR C 729 -5.83 30.11 -20.27
CA THR C 729 -5.93 29.11 -21.31
C THR C 729 -6.99 28.08 -20.94
N LYS C 730 -7.88 27.80 -21.89
CA LYS C 730 -8.92 26.78 -21.71
C LYS C 730 -8.31 25.44 -22.08
N THR C 731 -8.00 24.62 -21.08
CA THR C 731 -7.41 23.31 -21.29
C THR C 731 -8.34 22.24 -20.75
N SER C 732 -8.58 21.23 -21.56
CA SER C 732 -9.30 20.03 -21.14
C SER C 732 -8.36 18.84 -21.17
N VAL C 733 -8.30 18.11 -20.06
CA VAL C 733 -7.39 16.97 -19.91
C VAL C 733 -8.24 15.72 -19.98
N ASP C 734 -7.97 14.88 -20.97
CA ASP C 734 -8.69 13.62 -21.12
C ASP C 734 -8.18 12.65 -20.06
N CYS C 735 -8.83 12.69 -18.89
CA CYS C 735 -8.33 11.94 -17.73
C CYS C 735 -8.08 10.48 -18.09
N THR C 736 -9.04 9.84 -18.75
CA THR C 736 -8.86 8.44 -19.12
C THR C 736 -7.61 8.26 -19.98
N MET C 737 -7.47 9.08 -21.02
CA MET C 737 -6.32 8.96 -21.90
C MET C 737 -5.02 9.31 -21.17
N TYR C 738 -5.05 10.38 -20.36
CA TYR C 738 -3.84 10.80 -19.68
C TYR C 738 -3.33 9.72 -18.74
N ILE C 739 -4.18 9.23 -17.85
CA ILE C 739 -3.74 8.28 -16.85
C ILE C 739 -3.44 6.93 -17.49
N CYS C 740 -4.26 6.52 -18.46
CA CYS C 740 -4.23 5.17 -19.02
C CYS C 740 -4.17 5.24 -20.54
N GLY C 741 -3.24 6.01 -21.07
CA GLY C 741 -3.16 6.21 -22.51
C GLY C 741 -3.08 4.92 -23.30
N ASP C 742 -4.15 4.62 -24.04
CA ASP C 742 -4.17 3.52 -24.99
C ASP C 742 -3.88 2.17 -24.32
N SER C 743 -4.44 1.94 -23.14
CA SER C 743 -4.29 0.66 -22.44
C SER C 743 -5.66 0.21 -21.94
N THR C 744 -6.06 -0.99 -22.35
CA THR C 744 -7.34 -1.52 -21.90
C THR C 744 -7.28 -1.94 -20.43
N GLU C 745 -6.21 -2.65 -20.05
CA GLU C 745 -6.08 -3.10 -18.67
C GLU C 745 -6.00 -1.92 -17.72
N CYS C 746 -5.25 -0.88 -18.09
CA CYS C 746 -5.15 0.30 -17.26
C CYS C 746 -6.51 0.97 -17.09
N SER C 747 -7.27 1.07 -18.18
CA SER C 747 -8.60 1.68 -18.07
C SER C 747 -9.52 0.85 -17.18
N ASN C 748 -9.45 -0.47 -17.31
CA ASN C 748 -10.28 -1.33 -16.46
C ASN C 748 -9.91 -1.14 -14.99
N LEU C 749 -8.61 -1.06 -14.70
CA LEU C 749 -8.19 -0.79 -13.32
C LEU C 749 -8.69 0.57 -12.85
N LEU C 750 -8.60 1.58 -13.72
CA LEU C 750 -9.05 2.92 -13.37
C LEU C 750 -10.55 2.94 -13.07
N LEU C 751 -11.31 2.07 -13.72
CA LEU C 751 -12.75 2.00 -13.44
C LEU C 751 -13.01 1.75 -11.96
N GLN C 752 -12.08 1.09 -11.27
CA GLN C 752 -12.27 0.80 -9.85
C GLN C 752 -12.30 2.07 -9.01
N TYR C 753 -11.68 3.14 -9.49
CA TYR C 753 -11.55 4.37 -8.72
C TYR C 753 -12.78 5.26 -8.79
N GLY C 754 -13.92 4.72 -9.21
CA GLY C 754 -15.16 5.45 -9.16
C GLY C 754 -15.36 6.41 -10.31
N SER C 755 -15.49 7.70 -10.01
CA SER C 755 -15.82 8.72 -10.99
C SER C 755 -14.87 9.89 -10.89
N PHE C 756 -13.59 9.62 -10.62
CA PHE C 756 -12.61 10.69 -10.53
C PHE C 756 -12.45 11.41 -11.86
N CYS C 757 -12.36 10.65 -12.95
CA CYS C 757 -12.15 11.27 -14.25
C CYS C 757 -13.33 12.18 -14.61
N THR C 758 -14.55 11.71 -14.38
CA THR C 758 -15.72 12.52 -14.75
C THR C 758 -15.74 13.82 -13.97
N GLN C 759 -15.44 13.78 -12.67
CA GLN C 759 -15.50 14.99 -11.88
C GLN C 759 -14.36 15.94 -12.23
N LEU C 760 -13.17 15.41 -12.52
CA LEU C 760 -12.08 16.28 -12.96
C LEU C 760 -12.41 16.95 -14.28
N ASN C 761 -12.98 16.20 -15.22
CA ASN C 761 -13.38 16.78 -16.49
C ASN C 761 -14.47 17.83 -16.28
N ARG C 762 -15.40 17.56 -15.37
CA ARG C 762 -16.43 18.55 -15.08
C ARG C 762 -15.83 19.83 -14.51
N ALA C 763 -14.84 19.69 -13.64
CA ALA C 763 -14.17 20.86 -13.08
C ALA C 763 -13.50 21.68 -14.17
N LEU C 764 -12.75 21.02 -15.05
CA LEU C 764 -12.06 21.75 -16.11
C LEU C 764 -13.05 22.35 -17.10
N THR C 765 -14.16 21.68 -17.36
CA THR C 765 -15.19 22.23 -18.22
C THR C 765 -15.79 23.49 -17.60
N GLY C 766 -16.04 23.46 -16.29
CA GLY C 766 -16.50 24.65 -15.61
C GLY C 766 -15.50 25.78 -15.71
N ILE C 767 -14.20 25.45 -15.59
CA ILE C 767 -13.16 26.47 -15.73
C ILE C 767 -13.23 27.09 -17.12
N ALA C 768 -13.36 26.27 -18.16
CA ALA C 768 -13.38 26.78 -19.53
C ALA C 768 -14.59 27.67 -19.78
N VAL C 769 -15.78 27.20 -19.37
CA VAL C 769 -16.97 28.03 -19.53
C VAL C 769 -16.81 29.32 -18.75
N GLU C 770 -16.15 29.26 -17.60
CA GLU C 770 -15.92 30.47 -16.82
C GLU C 770 -14.99 31.43 -17.55
N GLN C 771 -13.99 30.91 -18.26
CA GLN C 771 -13.13 31.79 -19.06
C GLN C 771 -13.94 32.50 -20.14
N ASP C 772 -14.80 31.75 -20.83
CA ASP C 772 -15.65 32.38 -21.83
C ASP C 772 -16.53 33.44 -21.19
N LYS C 773 -17.08 33.15 -20.01
CA LYS C 773 -17.91 34.12 -19.30
C LYS C 773 -17.11 35.35 -18.93
N ASN C 774 -15.86 35.17 -18.48
CA ASN C 774 -15.03 36.31 -18.10
C ASN C 774 -14.80 37.23 -19.28
N THR C 775 -14.43 36.65 -20.42
CA THR C 775 -14.20 37.48 -21.61
C THR C 775 -15.48 38.19 -22.01
N GLN C 776 -16.61 37.47 -22.01
CA GLN C 776 -17.88 38.08 -22.37
C GLN C 776 -18.21 39.25 -21.46
N GLU C 777 -18.08 39.05 -20.15
CA GLU C 777 -18.41 40.10 -19.20
C GLU C 777 -17.50 41.31 -19.39
N VAL C 778 -16.20 41.09 -19.57
CA VAL C 778 -15.27 42.20 -19.63
C VAL C 778 -15.49 43.03 -20.88
N PHE C 779 -15.69 42.38 -22.03
CA PHE C 779 -15.70 43.11 -23.30
C PHE C 779 -17.10 43.34 -23.85
N ALA C 780 -18.03 42.40 -23.69
CA ALA C 780 -19.36 42.58 -24.26
C ALA C 780 -20.22 43.45 -23.35
N GLN C 781 -19.74 44.65 -23.04
CA GLN C 781 -20.48 45.60 -22.23
C GLN C 781 -21.26 46.60 -23.07
N VAL C 782 -21.21 46.47 -24.40
CA VAL C 782 -21.85 47.40 -25.32
C VAL C 782 -22.83 46.61 -26.18
N LYS C 783 -24.10 47.03 -26.17
CA LYS C 783 -25.11 46.31 -26.93
C LYS C 783 -24.82 46.33 -28.43
N GLN C 784 -24.45 47.50 -28.96
CA GLN C 784 -24.19 47.68 -30.38
C GLN C 784 -22.70 47.80 -30.63
N ILE C 785 -22.35 47.79 -31.92
CA ILE C 785 -20.96 47.95 -32.34
C ILE C 785 -20.82 49.27 -33.06
N TYR C 786 -20.48 50.32 -32.33
CA TYR C 786 -20.28 51.62 -32.94
C TYR C 786 -18.99 51.64 -33.74
N LYS C 787 -18.97 52.48 -34.78
CA LYS C 787 -17.75 52.74 -35.54
C LYS C 787 -17.56 54.25 -35.65
N THR C 788 -16.35 54.71 -35.34
CA THR C 788 -16.08 56.13 -35.35
C THR C 788 -16.21 56.67 -36.78
N PRO C 789 -16.65 57.92 -36.94
CA PRO C 789 -16.82 58.47 -38.28
C PRO C 789 -15.49 58.71 -38.95
N PRO C 790 -15.46 58.80 -40.28
CA PRO C 790 -14.18 59.00 -40.97
C PRO C 790 -13.46 60.29 -40.59
N ILE C 791 -14.20 61.36 -40.30
CA ILE C 791 -13.61 62.65 -40.00
C ILE C 791 -13.16 62.65 -38.55
N LYS C 792 -11.84 62.73 -38.34
CA LYS C 792 -11.26 62.66 -36.99
C LYS C 792 -11.06 64.07 -36.43
N ASP C 793 -12.15 64.83 -36.38
CA ASP C 793 -12.12 66.18 -35.84
C ASP C 793 -12.57 66.19 -34.37
N PHE C 794 -11.77 65.52 -33.54
CA PHE C 794 -12.04 65.41 -32.12
C PHE C 794 -11.44 66.56 -31.31
N GLY C 795 -11.13 67.67 -31.95
CA GLY C 795 -10.64 68.83 -31.24
C GLY C 795 -9.23 68.69 -30.72
N GLY C 796 -8.28 68.47 -31.63
CA GLY C 796 -6.89 68.35 -31.28
C GLY C 796 -6.49 66.98 -30.77
N PHE C 797 -7.36 66.32 -30.01
CA PHE C 797 -7.06 64.99 -29.53
C PHE C 797 -6.87 64.04 -30.71
N ASN C 798 -5.84 63.21 -30.63
CA ASN C 798 -5.44 62.33 -31.73
C ASN C 798 -5.48 60.89 -31.23
N PHE C 799 -6.51 60.16 -31.64
CA PHE C 799 -6.69 58.76 -31.26
C PHE C 799 -6.24 57.79 -32.35
N SER C 800 -5.51 58.28 -33.36
CA SER C 800 -5.09 57.40 -34.44
C SER C 800 -4.27 56.23 -33.92
N GLN C 801 -3.61 56.39 -32.79
CA GLN C 801 -2.75 55.36 -32.23
C GLN C 801 -3.49 54.38 -31.34
N ILE C 802 -4.77 54.64 -31.03
CA ILE C 802 -5.59 53.67 -30.32
C ILE C 802 -6.80 53.21 -31.12
N LEU C 803 -7.27 53.99 -32.09
CA LEU C 803 -8.34 53.54 -32.96
C LEU C 803 -7.82 52.44 -33.88
N PRO C 804 -8.71 51.57 -34.36
CA PRO C 804 -8.25 50.44 -35.18
C PRO C 804 -7.60 50.90 -36.48
N ASP C 805 -6.67 50.09 -36.96
CA ASP C 805 -5.95 50.39 -38.19
C ASP C 805 -6.59 49.67 -39.36
N PRO C 806 -7.18 50.37 -40.32
CA PRO C 806 -7.76 49.67 -41.49
C PRO C 806 -6.74 48.83 -42.25
N SER C 807 -5.49 49.27 -42.31
CA SER C 807 -4.49 48.55 -43.08
C SER C 807 -4.30 47.13 -42.55
N LYS C 808 -4.24 46.98 -41.23
CA LYS C 808 -4.12 45.65 -40.64
C LYS C 808 -5.31 44.80 -41.04
N PRO C 809 -5.11 43.56 -41.51
CA PRO C 809 -6.28 42.72 -41.83
C PRO C 809 -7.22 42.55 -40.66
N SER C 810 -6.67 42.41 -39.45
CA SER C 810 -7.49 42.42 -38.25
C SER C 810 -7.76 43.86 -37.83
N LYS C 811 -9.01 44.12 -37.44
CA LYS C 811 -9.40 45.47 -37.05
C LYS C 811 -8.79 45.79 -35.69
N ARG C 812 -7.46 45.88 -35.65
CA ARG C 812 -6.71 46.02 -34.41
C ARG C 812 -5.83 47.26 -34.49
N SER C 813 -5.86 48.07 -33.44
CA SER C 813 -5.16 49.35 -33.44
C SER C 813 -3.65 49.13 -33.29
N PHE C 814 -2.91 50.24 -33.35
CA PHE C 814 -1.46 50.16 -33.27
C PHE C 814 -1.00 49.67 -31.90
N ILE C 815 -1.52 50.27 -30.83
CA ILE C 815 -1.11 49.86 -29.50
C ILE C 815 -1.50 48.41 -29.24
N GLU C 816 -2.67 47.99 -29.74
CA GLU C 816 -3.06 46.59 -29.61
C GLU C 816 -2.08 45.69 -30.34
N ASP C 817 -1.61 46.12 -31.52
CA ASP C 817 -0.60 45.34 -32.23
C ASP C 817 0.67 45.22 -31.42
N LEU C 818 1.12 46.32 -30.81
CA LEU C 818 2.29 46.26 -29.95
C LEU C 818 2.09 45.26 -28.82
N LEU C 819 0.94 45.34 -28.15
CA LEU C 819 0.69 44.47 -27.01
C LEU C 819 0.67 43.01 -27.43
N PHE C 820 0.07 42.71 -28.57
CA PHE C 820 0.04 41.33 -29.05
C PHE C 820 1.44 40.86 -29.44
N ASN C 821 2.25 41.74 -30.02
CA ASN C 821 3.61 41.37 -30.39
C ASN C 821 4.45 41.07 -29.15
N LYS C 822 4.29 41.87 -28.09
CA LYS C 822 5.13 41.72 -26.91
C LYS C 822 4.87 40.41 -26.19
N VAL C 823 3.63 40.21 -25.72
CA VAL C 823 3.30 39.00 -24.98
C VAL C 823 3.42 37.79 -25.89
N THR C 824 4.10 36.75 -25.42
CA THR C 824 4.32 35.55 -26.21
C THR C 824 3.40 34.43 -25.74
N PHE C 852 -1.42 16.37 -26.53
CA PHE C 852 -0.81 15.19 -27.10
C PHE C 852 -0.96 13.99 -26.17
N ASN C 853 -0.94 14.26 -24.86
CA ASN C 853 -1.11 13.24 -23.84
C ASN C 853 -2.49 13.36 -23.20
N GLY C 854 -3.50 13.67 -24.01
CA GLY C 854 -4.82 13.97 -23.50
C GLY C 854 -5.03 15.42 -23.12
N LEU C 855 -4.05 16.29 -23.35
CA LEU C 855 -4.14 17.71 -23.04
C LEU C 855 -4.55 18.45 -24.31
N THR C 856 -5.78 18.95 -24.34
CA THR C 856 -6.28 19.71 -25.48
C THR C 856 -6.52 21.14 -25.05
N VAL C 857 -6.21 22.08 -25.94
CA VAL C 857 -6.40 23.51 -25.69
C VAL C 857 -7.57 23.96 -26.53
N LEU C 858 -8.67 24.32 -25.87
CA LEU C 858 -9.87 24.74 -26.59
C LEU C 858 -9.73 26.20 -27.00
N PRO C 859 -10.09 26.57 -28.23
CA PRO C 859 -10.00 27.96 -28.63
C PRO C 859 -11.06 28.80 -27.92
N PRO C 860 -10.81 30.09 -27.71
CA PRO C 860 -11.80 30.92 -27.02
C PRO C 860 -13.03 31.14 -27.89
N LEU C 861 -14.14 31.42 -27.21
CA LEU C 861 -15.40 31.68 -27.91
C LEU C 861 -15.31 32.94 -28.76
N LEU C 862 -14.69 33.99 -28.22
CA LEU C 862 -14.49 35.24 -28.94
C LEU C 862 -13.07 35.26 -29.50
N THR C 863 -12.94 35.37 -30.82
CA THR C 863 -11.64 35.47 -31.44
C THR C 863 -11.02 36.84 -31.14
N ASP C 864 -9.70 36.90 -31.27
CA ASP C 864 -9.01 38.16 -31.06
C ASP C 864 -9.53 39.24 -32.00
N GLU C 865 -9.99 38.86 -33.19
CA GLU C 865 -10.63 39.82 -34.06
C GLU C 865 -11.92 40.35 -33.45
N MET C 866 -12.72 39.46 -32.84
CA MET C 866 -13.96 39.90 -32.21
C MET C 866 -13.68 40.75 -30.98
N ILE C 867 -12.65 40.40 -30.21
CA ILE C 867 -12.29 41.22 -29.06
C ILE C 867 -11.83 42.60 -29.50
N ALA C 868 -11.08 42.65 -30.60
CA ALA C 868 -10.67 43.94 -31.15
C ALA C 868 -11.89 44.73 -31.61
N GLN C 869 -12.86 44.07 -32.22
CA GLN C 869 -14.08 44.77 -32.61
C GLN C 869 -14.82 45.31 -31.40
N TYR C 870 -14.88 44.53 -30.32
CA TYR C 870 -15.54 44.99 -29.11
C TYR C 870 -14.85 46.22 -28.53
N THR C 871 -13.51 46.18 -28.45
CA THR C 871 -12.81 47.34 -27.91
C THR C 871 -12.91 48.54 -28.83
N SER C 872 -12.95 48.32 -30.14
CA SER C 872 -13.13 49.43 -31.07
C SER C 872 -14.51 50.04 -30.92
N ALA C 873 -15.53 49.21 -30.70
CA ALA C 873 -16.86 49.72 -30.44
C ALA C 873 -16.88 50.54 -29.16
N LEU C 874 -16.23 50.04 -28.11
CA LEU C 874 -16.16 50.78 -26.86
C LEU C 874 -15.48 52.13 -27.06
N LEU C 875 -14.37 52.14 -27.80
CA LEU C 875 -13.67 53.40 -28.03
C LEU C 875 -14.50 54.36 -28.86
N ALA C 876 -15.16 53.87 -29.92
CA ALA C 876 -15.97 54.75 -30.74
C ALA C 876 -17.12 55.33 -29.94
N GLY C 877 -17.79 54.51 -29.14
CA GLY C 877 -18.86 55.03 -28.30
C GLY C 877 -18.35 56.05 -27.29
N THR C 878 -17.23 55.76 -26.64
CA THR C 878 -16.67 56.69 -25.67
C THR C 878 -16.32 58.01 -26.32
N ILE C 879 -15.72 57.97 -27.50
CA ILE C 879 -15.26 59.19 -28.16
C ILE C 879 -16.44 60.02 -28.64
N THR C 880 -17.41 59.37 -29.29
CA THR C 880 -18.47 60.10 -29.97
C THR C 880 -19.67 60.40 -29.08
N SER C 881 -19.83 59.71 -27.94
CA SER C 881 -21.00 59.87 -27.10
C SER C 881 -20.69 60.04 -25.62
N GLY C 882 -19.49 59.70 -25.17
CA GLY C 882 -19.15 59.88 -23.76
C GLY C 882 -19.60 58.69 -22.95
N TRP C 883 -20.26 58.96 -21.83
CA TRP C 883 -20.80 57.90 -20.98
C TRP C 883 -22.27 57.61 -21.28
N THR C 884 -22.89 58.37 -22.18
CA THR C 884 -24.30 58.15 -22.46
C THR C 884 -24.53 56.77 -23.07
N PHE C 885 -23.63 56.31 -23.93
CA PHE C 885 -23.79 55.00 -24.54
C PHE C 885 -23.75 53.89 -23.50
N GLY C 886 -23.22 54.16 -22.31
CA GLY C 886 -23.24 53.16 -21.26
C GLY C 886 -24.58 53.05 -20.56
N ALA C 887 -25.38 54.11 -20.59
CA ALA C 887 -26.70 54.06 -19.97
C ALA C 887 -27.74 53.47 -20.91
N GLY C 888 -27.99 54.14 -22.02
CA GLY C 888 -28.98 53.67 -22.99
C GLY C 888 -28.52 53.84 -24.42
N ALA C 889 -29.35 54.47 -25.24
CA ALA C 889 -28.98 54.74 -26.61
C ALA C 889 -27.85 55.77 -26.65
N ALA C 890 -26.82 55.47 -27.45
CA ALA C 890 -25.66 56.35 -27.51
C ALA C 890 -26.04 57.70 -28.08
N LEU C 891 -25.81 58.75 -27.29
CA LEU C 891 -26.11 60.11 -27.69
C LEU C 891 -24.81 60.79 -28.10
N GLN C 892 -24.76 61.31 -29.33
CA GLN C 892 -23.55 61.93 -29.79
C GLN C 892 -23.32 63.25 -29.07
N ILE C 893 -22.06 63.68 -29.05
CA ILE C 893 -21.69 64.97 -28.46
C ILE C 893 -20.25 65.27 -28.86
N PRO C 894 -19.92 66.52 -29.21
CA PRO C 894 -18.53 66.81 -29.60
C PRO C 894 -17.57 66.45 -28.49
N PHE C 895 -16.39 65.95 -28.87
CA PHE C 895 -15.44 65.49 -27.87
C PHE C 895 -15.01 66.64 -26.96
N ALA C 896 -14.95 67.86 -27.48
CA ALA C 896 -14.58 69.00 -26.64
C ALA C 896 -15.59 69.18 -25.51
N MET C 897 -16.88 69.11 -25.83
CA MET C 897 -17.90 69.24 -24.79
C MET C 897 -17.87 68.05 -23.84
N GLN C 898 -17.53 66.87 -24.33
CA GLN C 898 -17.38 65.71 -23.45
C GLN C 898 -16.27 65.95 -22.43
N MET C 899 -15.12 66.44 -22.90
CA MET C 899 -14.03 66.71 -21.96
C MET C 899 -14.38 67.86 -21.03
N ALA C 900 -15.17 68.83 -21.50
CA ALA C 900 -15.66 69.86 -20.60
C ALA C 900 -16.50 69.25 -19.49
N TYR C 901 -17.38 68.32 -19.83
CA TYR C 901 -18.19 67.66 -18.81
C TYR C 901 -17.33 66.88 -17.84
N ARG C 902 -16.29 66.20 -18.35
CA ARG C 902 -15.43 65.43 -17.48
C ARG C 902 -14.63 66.33 -16.54
N PHE C 903 -14.17 67.47 -17.03
CA PHE C 903 -13.54 68.46 -16.15
C PHE C 903 -14.50 68.94 -15.09
N ASN C 904 -15.75 69.24 -15.48
CA ASN C 904 -16.76 69.54 -14.47
C ASN C 904 -16.87 68.41 -13.46
N GLY C 905 -16.74 67.17 -13.93
CA GLY C 905 -16.89 66.03 -13.04
C GLY C 905 -15.79 65.96 -12.00
N ILE C 906 -14.55 66.23 -12.39
CA ILE C 906 -13.45 66.17 -11.43
C ILE C 906 -13.37 67.40 -10.54
N GLY C 907 -14.27 68.36 -10.72
CA GLY C 907 -14.30 69.54 -9.89
C GLY C 907 -13.63 70.77 -10.48
N VAL C 908 -13.09 70.67 -11.69
CA VAL C 908 -12.46 71.79 -12.37
C VAL C 908 -13.48 72.42 -13.30
N THR C 909 -13.67 73.73 -13.19
CA THR C 909 -14.62 74.43 -14.04
C THR C 909 -14.38 74.07 -15.50
N GLN C 910 -15.45 74.13 -16.30
CA GLN C 910 -15.36 73.65 -17.67
C GLN C 910 -14.59 74.60 -18.56
N ASN C 911 -14.69 75.90 -18.32
CA ASN C 911 -13.96 76.85 -19.17
C ASN C 911 -12.47 76.57 -19.15
N VAL C 912 -11.94 76.10 -18.03
CA VAL C 912 -10.52 75.74 -17.96
C VAL C 912 -10.14 74.84 -19.12
N LEU C 913 -11.02 73.90 -19.48
CA LEU C 913 -10.75 73.06 -20.63
C LEU C 913 -10.68 73.88 -21.90
N TYR C 914 -11.73 74.65 -22.20
CA TYR C 914 -11.78 75.34 -23.47
C TYR C 914 -10.60 76.30 -23.61
N GLU C 915 -10.38 77.14 -22.61
CA GLU C 915 -9.28 78.10 -22.68
C GLU C 915 -7.92 77.42 -22.77
N ASN C 916 -7.84 76.14 -22.41
CA ASN C 916 -6.60 75.38 -22.49
C ASN C 916 -6.71 74.23 -23.48
N GLN C 917 -7.81 74.19 -24.24
CA GLN C 917 -8.08 73.03 -25.08
C GLN C 917 -6.86 72.64 -25.90
N LYS C 918 -6.35 73.56 -26.72
CA LYS C 918 -5.19 73.23 -27.54
C LYS C 918 -4.07 72.66 -26.68
N LEU C 919 -3.69 73.36 -25.62
CA LEU C 919 -2.64 72.84 -24.75
C LEU C 919 -2.97 71.42 -24.31
N ILE C 920 -4.17 71.22 -23.77
CA ILE C 920 -4.54 69.89 -23.30
C ILE C 920 -4.37 68.89 -24.43
N ALA C 921 -4.87 69.23 -25.62
CA ALA C 921 -4.76 68.30 -26.73
C ALA C 921 -3.30 67.87 -26.91
N ASN C 922 -2.39 68.84 -27.00
CA ASN C 922 -0.99 68.49 -27.16
C ASN C 922 -0.56 67.53 -26.06
N GLN C 923 -0.80 67.90 -24.80
CA GLN C 923 -0.42 67.01 -23.71
C GLN C 923 -0.97 65.62 -23.95
N PHE C 924 -2.28 65.51 -24.25
CA PHE C 924 -2.85 64.20 -24.47
C PHE C 924 -2.06 63.46 -25.52
N ASN C 925 -1.85 64.07 -26.69
CA ASN C 925 -1.08 63.41 -27.73
C ASN C 925 0.27 62.98 -27.19
N SER C 926 0.99 63.90 -26.56
CA SER C 926 2.29 63.54 -26.00
C SER C 926 2.16 62.31 -25.12
N ALA C 927 1.21 62.34 -24.17
CA ALA C 927 1.04 61.19 -23.30
C ALA C 927 0.85 59.93 -24.12
N ILE C 928 -0.09 59.96 -25.07
CA ILE C 928 -0.32 58.77 -25.90
C ILE C 928 0.98 58.34 -26.54
N GLY C 929 1.70 59.29 -27.14
CA GLY C 929 2.96 58.93 -27.76
C GLY C 929 3.87 58.18 -26.80
N LYS C 930 4.08 58.73 -25.61
CA LYS C 930 5.00 58.11 -24.67
C LYS C 930 4.57 56.67 -24.40
N ILE C 931 3.26 56.44 -24.27
CA ILE C 931 2.80 55.09 -23.97
C ILE C 931 3.33 54.11 -25.00
N GLN C 932 3.21 54.46 -26.28
CA GLN C 932 3.71 53.57 -27.32
C GLN C 932 5.17 53.22 -27.06
N ASP C 933 6.01 54.24 -26.84
CA ASP C 933 7.41 53.97 -26.55
C ASP C 933 7.54 53.11 -25.31
N SER C 934 6.80 53.47 -24.25
CA SER C 934 6.85 52.67 -23.03
C SER C 934 6.55 51.21 -23.32
N LEU C 935 5.61 50.95 -24.24
CA LEU C 935 5.34 49.58 -24.63
C LEU C 935 6.41 49.04 -25.56
N SER C 936 6.86 49.86 -26.51
CA SER C 936 7.80 49.37 -27.53
C SER C 936 9.13 48.98 -26.92
N SER C 937 9.65 49.78 -25.99
CA SER C 937 10.98 49.54 -25.45
C SER C 937 10.98 48.45 -24.39
N THR C 938 10.23 48.65 -23.31
CA THR C 938 10.24 47.76 -22.16
C THR C 938 9.02 46.83 -22.23
N ALA C 939 9.25 45.53 -22.02
CA ALA C 939 8.20 44.54 -22.02
C ALA C 939 7.84 44.03 -20.63
N SER C 940 8.55 44.50 -19.58
CA SER C 940 8.24 44.05 -18.24
C SER C 940 6.84 44.46 -17.80
N ALA C 941 6.32 45.55 -18.36
CA ALA C 941 5.01 46.03 -17.94
C ALA C 941 3.93 44.97 -18.15
N LEU C 942 4.04 44.20 -19.22
CA LEU C 942 3.07 43.16 -19.54
C LEU C 942 3.20 41.95 -18.64
N GLY C 943 4.02 41.99 -17.58
CA GLY C 943 4.25 40.79 -16.80
C GLY C 943 2.95 40.19 -16.27
N LYS C 944 2.07 41.02 -15.73
CA LYS C 944 0.79 40.56 -15.21
C LYS C 944 0.15 39.57 -16.18
N LEU C 945 0.20 39.88 -17.46
CA LEU C 945 -0.28 38.94 -18.47
C LEU C 945 0.71 37.81 -18.67
N GLN C 946 1.94 38.14 -19.08
CA GLN C 946 2.93 37.11 -19.38
C GLN C 946 3.07 36.14 -18.21
N ASP C 947 3.25 36.69 -17.01
CA ASP C 947 3.31 35.87 -15.81
C ASP C 947 2.21 34.82 -15.82
N VAL C 948 0.95 35.27 -15.88
CA VAL C 948 -0.18 34.34 -15.91
C VAL C 948 0.09 33.24 -16.92
N VAL C 949 0.38 33.62 -18.17
CA VAL C 949 0.57 32.63 -19.21
C VAL C 949 1.60 31.61 -18.77
N ASN C 950 2.76 32.08 -18.33
CA ASN C 950 3.81 31.17 -17.90
C ASN C 950 3.27 30.16 -16.91
N GLN C 951 2.58 30.64 -15.88
CA GLN C 951 2.06 29.74 -14.86
C GLN C 951 1.26 28.62 -15.52
N ASN C 952 0.32 28.97 -16.38
CA ASN C 952 -0.44 27.95 -17.10
C ASN C 952 0.52 26.95 -17.73
N ALA C 953 1.37 27.42 -18.64
CA ALA C 953 2.31 26.53 -19.28
C ALA C 953 3.08 25.74 -18.24
N GLN C 954 3.58 26.43 -17.21
CA GLN C 954 4.36 25.75 -16.19
C GLN C 954 3.60 24.54 -15.67
N ALA C 955 2.36 24.75 -15.25
CA ALA C 955 1.56 23.66 -14.72
C ALA C 955 1.54 22.50 -15.71
N LEU C 956 1.19 22.78 -16.96
CA LEU C 956 1.12 21.73 -17.96
C LEU C 956 2.44 20.97 -18.01
N ASN C 957 3.54 21.71 -18.10
CA ASN C 957 4.84 21.04 -18.14
C ASN C 957 4.97 20.07 -16.98
N THR C 958 4.74 20.57 -15.77
CA THR C 958 4.80 19.70 -14.60
C THR C 958 3.91 18.49 -14.81
N LEU C 959 2.65 18.74 -15.15
CA LEU C 959 1.72 17.64 -15.39
C LEU C 959 2.32 16.66 -16.38
N VAL C 960 2.80 17.16 -17.52
CA VAL C 960 3.34 16.26 -18.53
C VAL C 960 4.54 15.52 -17.98
N LYS C 961 5.41 16.21 -17.23
CA LYS C 961 6.57 15.54 -16.69
C LYS C 961 6.18 14.47 -15.68
N GLN C 962 5.02 14.60 -15.05
CA GLN C 962 4.56 13.58 -14.14
C GLN C 962 4.26 12.27 -14.85
N LEU C 963 4.17 12.28 -16.18
CA LEU C 963 4.03 11.04 -16.93
C LEU C 963 5.29 10.19 -16.86
N SER C 964 6.44 10.79 -16.54
CA SER C 964 7.72 10.10 -16.56
C SER C 964 8.21 9.71 -15.18
N SER C 965 7.34 9.68 -14.18
CA SER C 965 7.71 9.33 -12.82
C SER C 965 7.26 7.91 -12.50
N ASN C 966 8.11 7.19 -11.77
CA ASN C 966 7.82 5.78 -11.49
C ASN C 966 6.73 5.63 -10.44
N PHE C 967 6.72 6.50 -9.43
CA PHE C 967 5.80 6.37 -8.30
C PHE C 967 5.94 5.00 -7.62
N GLY C 968 7.13 4.42 -7.69
CA GLY C 968 7.38 3.12 -7.13
C GLY C 968 7.25 1.97 -8.11
N ALA C 969 6.65 2.21 -9.27
CA ALA C 969 6.52 1.16 -10.28
C ALA C 969 7.87 0.86 -10.91
N ILE C 970 7.95 -0.33 -11.54
CA ILE C 970 9.20 -0.73 -12.18
C ILE C 970 9.57 0.24 -13.30
N SER C 971 8.57 0.72 -14.04
CA SER C 971 8.80 1.64 -15.14
C SER C 971 7.67 2.67 -15.17
N SER C 972 7.95 3.80 -15.79
CA SER C 972 7.00 4.90 -15.88
C SER C 972 6.13 4.84 -17.13
N VAL C 973 6.24 3.78 -17.93
CA VAL C 973 5.47 3.63 -19.16
C VAL C 973 4.63 2.36 -19.04
N LEU C 974 3.33 2.48 -19.27
CA LEU C 974 2.44 1.33 -19.14
C LEU C 974 2.75 0.26 -20.17
N ASN C 975 3.15 0.66 -21.38
CA ASN C 975 3.36 -0.32 -22.45
C ASN C 975 4.45 -1.32 -22.07
N ASP C 976 5.55 -0.84 -21.47
CA ASP C 976 6.62 -1.74 -21.10
C ASP C 976 6.13 -2.76 -20.07
N ILE C 977 5.39 -2.31 -19.06
CA ILE C 977 4.91 -3.22 -18.03
C ILE C 977 3.97 -4.25 -18.65
N LEU C 978 3.06 -3.79 -19.51
CA LEU C 978 2.11 -4.72 -20.13
C LEU C 978 2.84 -5.75 -20.99
N SER C 979 3.83 -5.31 -21.76
CA SER C 979 4.55 -6.22 -22.64
C SER C 979 5.45 -7.18 -21.87
N ARG C 980 5.92 -6.80 -20.68
CA ARG C 980 6.85 -7.62 -19.92
C ARG C 980 6.16 -8.48 -18.87
N LEU C 981 5.33 -7.87 -18.02
CA LEU C 981 4.72 -8.57 -16.90
C LEU C 981 3.32 -9.07 -17.27
N ASP C 982 2.97 -10.23 -16.74
CA ASP C 982 1.62 -10.76 -16.90
C ASP C 982 0.64 -9.95 -16.06
N PRO C 983 -0.65 -10.03 -16.38
CA PRO C 983 -1.63 -9.20 -15.66
C PRO C 983 -1.57 -9.40 -14.15
N PRO C 984 -1.44 -10.64 -13.68
CA PRO C 984 -1.37 -10.83 -12.22
C PRO C 984 -0.24 -10.07 -11.58
N GLU C 985 0.91 -9.99 -12.25
CA GLU C 985 2.05 -9.23 -11.75
C GLU C 985 1.99 -7.77 -12.15
N ALA C 986 1.54 -7.50 -13.38
CA ALA C 986 1.55 -6.14 -13.90
C ALA C 986 0.57 -5.25 -13.16
N GLU C 987 -0.54 -5.81 -12.67
CA GLU C 987 -1.62 -4.99 -12.13
C GLU C 987 -1.18 -4.17 -10.93
N VAL C 988 -0.27 -4.70 -10.10
CA VAL C 988 0.16 -3.95 -8.92
C VAL C 988 0.93 -2.69 -9.35
N GLN C 989 1.86 -2.85 -10.28
CA GLN C 989 2.61 -1.69 -10.76
C GLN C 989 1.69 -0.72 -11.48
N ILE C 990 0.72 -1.23 -12.23
CA ILE C 990 -0.22 -0.35 -12.92
C ILE C 990 -1.05 0.41 -11.91
N ASP C 991 -1.43 -0.23 -10.79
CA ASP C 991 -2.17 0.47 -9.75
C ASP C 991 -1.32 1.56 -9.13
N ARG C 992 -0.03 1.29 -8.89
CA ARG C 992 0.85 2.33 -8.36
C ARG C 992 0.93 3.52 -9.32
N LEU C 993 1.13 3.24 -10.61
CA LEU C 993 1.21 4.32 -11.59
C LEU C 993 -0.10 5.08 -11.68
N ILE C 994 -1.23 4.37 -11.64
CA ILE C 994 -2.53 5.02 -11.73
C ILE C 994 -2.75 5.93 -10.53
N THR C 995 -2.41 5.45 -9.33
CA THR C 995 -2.53 6.29 -8.15
C THR C 995 -1.67 7.54 -8.29
N GLY C 996 -0.42 7.38 -8.70
CA GLY C 996 0.45 8.53 -8.83
C GLY C 996 -0.05 9.54 -9.85
N ARG C 997 -0.46 9.05 -11.03
CA ARG C 997 -0.89 9.95 -12.08
C ARG C 997 -2.22 10.61 -11.72
N LEU C 998 -3.12 9.88 -11.06
CA LEU C 998 -4.38 10.47 -10.63
C LEU C 998 -4.14 11.55 -9.58
N GLN C 999 -3.22 11.31 -8.64
CA GLN C 999 -2.91 12.34 -7.66
C GLN C 999 -2.29 13.55 -8.33
N SER C 1000 -1.43 13.33 -9.33
CA SER C 1000 -0.86 14.46 -10.07
C SER C 1000 -1.94 15.24 -10.79
N LEU C 1001 -2.88 14.54 -11.43
CA LEU C 1001 -3.98 15.22 -12.11
C LEU C 1001 -4.83 16.01 -11.13
N GLN C 1002 -5.09 15.45 -9.96
CA GLN C 1002 -5.87 16.16 -8.95
C GLN C 1002 -5.14 17.40 -8.48
N THR C 1003 -3.82 17.31 -8.27
CA THR C 1003 -3.05 18.48 -7.88
C THR C 1003 -3.14 19.55 -8.96
N TYR C 1004 -2.96 19.15 -10.22
CA TYR C 1004 -3.04 20.12 -11.31
C TYR C 1004 -4.42 20.77 -11.37
N VAL C 1005 -5.47 19.97 -11.24
CA VAL C 1005 -6.82 20.51 -11.36
C VAL C 1005 -7.14 21.42 -10.19
N THR C 1006 -6.70 21.08 -8.98
CA THR C 1006 -6.96 21.93 -7.83
C THR C 1006 -6.24 23.26 -7.95
N GLN C 1007 -4.97 23.23 -8.34
CA GLN C 1007 -4.25 24.49 -8.53
C GLN C 1007 -4.86 25.29 -9.67
N GLN C 1008 -5.36 24.62 -10.71
CA GLN C 1008 -6.05 25.32 -11.79
C GLN C 1008 -7.34 25.96 -11.31
N LEU C 1009 -8.06 25.29 -10.42
CA LEU C 1009 -9.28 25.88 -9.86
C LEU C 1009 -8.95 27.12 -9.05
N ILE C 1010 -7.89 27.06 -8.24
CA ILE C 1010 -7.51 28.23 -7.45
C ILE C 1010 -7.07 29.37 -8.36
N ARG C 1011 -6.26 29.06 -9.38
CA ARG C 1011 -5.83 30.10 -10.30
C ARG C 1011 -6.99 30.64 -11.12
N ALA C 1012 -7.99 29.81 -11.41
CA ALA C 1012 -9.16 30.27 -12.13
C ALA C 1012 -9.99 31.20 -11.26
N ALA C 1013 -10.08 30.91 -9.96
CA ALA C 1013 -10.73 31.85 -9.05
C ALA C 1013 -9.99 33.18 -9.02
N GLU C 1014 -8.65 33.13 -8.99
CA GLU C 1014 -7.86 34.36 -9.04
C GLU C 1014 -8.13 35.14 -10.33
N ILE C 1015 -8.14 34.44 -11.46
CA ILE C 1015 -8.39 35.09 -12.73
C ILE C 1015 -9.81 35.61 -12.81
N ARG C 1016 -10.76 34.96 -12.16
CA ARG C 1016 -12.13 35.47 -12.15
C ARG C 1016 -12.24 36.72 -11.30
N ALA C 1017 -11.50 36.77 -10.20
CA ALA C 1017 -11.44 38.02 -9.44
C ALA C 1017 -10.86 39.14 -10.29
N SER C 1018 -9.78 38.84 -11.01
CA SER C 1018 -9.18 39.86 -11.88
C SER C 1018 -10.15 40.26 -12.99
N ALA C 1019 -10.89 39.30 -13.53
CA ALA C 1019 -11.82 39.59 -14.62
C ALA C 1019 -13.01 40.40 -14.13
N ASN C 1020 -13.47 40.14 -12.91
CA ASN C 1020 -14.52 40.97 -12.32
C ASN C 1020 -14.02 42.39 -12.08
N LEU C 1021 -12.77 42.52 -11.66
CA LEU C 1021 -12.19 43.86 -11.52
C LEU C 1021 -12.12 44.56 -12.88
N ALA C 1022 -11.73 43.81 -13.92
CA ALA C 1022 -11.65 44.40 -15.25
C ALA C 1022 -13.02 44.80 -15.76
N ALA C 1023 -14.04 43.98 -15.51
CA ALA C 1023 -15.40 44.34 -15.88
C ALA C 1023 -15.86 45.59 -15.14
N THR C 1024 -15.52 45.69 -13.85
CA THR C 1024 -15.87 46.88 -13.09
C THR C 1024 -15.20 48.12 -13.67
N LYS C 1025 -13.92 48.01 -14.03
CA LYS C 1025 -13.23 49.15 -14.61
C LYS C 1025 -13.81 49.52 -15.97
N MET C 1026 -14.13 48.51 -16.79
CA MET C 1026 -14.74 48.78 -18.09
C MET C 1026 -16.08 49.48 -17.92
N SER C 1027 -16.86 49.07 -16.93
CA SER C 1027 -18.16 49.68 -16.71
C SER C 1027 -18.07 51.08 -16.11
N GLU C 1028 -17.05 51.33 -15.29
CA GLU C 1028 -16.95 52.56 -14.51
C GLU C 1028 -15.86 53.49 -15.01
N CYS C 1029 -14.66 52.98 -15.29
CA CYS C 1029 -13.62 53.85 -15.83
C CYS C 1029 -13.88 54.21 -17.29
N VAL C 1030 -14.32 53.25 -18.10
CA VAL C 1030 -14.49 53.46 -19.53
C VAL C 1030 -15.89 53.99 -19.80
N LEU C 1031 -16.92 53.20 -19.45
CA LEU C 1031 -18.30 53.58 -19.74
C LEU C 1031 -18.75 54.79 -18.93
N GLY C 1032 -18.00 55.22 -17.93
CA GLY C 1032 -18.34 56.39 -17.17
C GLY C 1032 -17.08 57.03 -16.61
N GLN C 1033 -17.27 58.10 -15.85
CA GLN C 1033 -16.17 58.77 -15.17
C GLN C 1033 -16.24 58.39 -13.70
N SER C 1034 -15.15 57.85 -13.18
CA SER C 1034 -15.15 57.27 -11.85
C SER C 1034 -14.69 58.31 -10.83
N LYS C 1035 -15.47 58.46 -9.76
CA LYS C 1035 -15.09 59.29 -8.64
C LYS C 1035 -14.30 58.52 -7.59
N ARG C 1036 -14.23 57.19 -7.71
CA ARG C 1036 -13.38 56.42 -6.80
C ARG C 1036 -11.93 56.82 -6.99
N VAL C 1037 -11.20 56.86 -5.89
CA VAL C 1037 -9.83 57.36 -5.89
C VAL C 1037 -8.89 56.21 -6.22
N ASP C 1038 -7.95 56.47 -7.13
CA ASP C 1038 -6.92 55.51 -7.56
C ASP C 1038 -7.52 54.25 -8.17
N PHE C 1039 -8.83 54.21 -8.40
CA PHE C 1039 -9.42 53.07 -9.08
C PHE C 1039 -9.10 53.08 -10.57
N CYS C 1040 -9.12 54.26 -11.18
CA CYS C 1040 -8.82 54.45 -12.59
C CYS C 1040 -7.54 55.25 -12.77
N GLY C 1041 -6.52 54.90 -12.00
CA GLY C 1041 -5.22 55.53 -12.14
C GLY C 1041 -5.01 56.68 -11.17
N LYS C 1042 -3.75 56.95 -10.86
CA LYS C 1042 -3.41 58.05 -9.97
C LYS C 1042 -3.78 59.37 -10.61
N GLY C 1043 -4.35 60.26 -9.81
CA GLY C 1043 -4.87 61.53 -10.28
C GLY C 1043 -6.37 61.49 -10.43
N TYR C 1044 -6.92 62.65 -10.81
CA TYR C 1044 -8.35 62.76 -11.01
C TYR C 1044 -8.71 62.19 -12.38
N HIS C 1045 -9.58 61.19 -12.38
CA HIS C 1045 -9.88 60.48 -13.60
C HIS C 1045 -10.63 61.38 -14.58
N LEU C 1046 -10.16 61.43 -15.83
CA LEU C 1046 -10.88 62.06 -16.91
C LEU C 1046 -11.61 61.02 -17.76
N MET C 1047 -10.88 60.05 -18.30
CA MET C 1047 -11.50 59.02 -19.13
C MET C 1047 -10.56 57.82 -19.21
N SER C 1048 -10.98 56.82 -19.96
CA SER C 1048 -10.17 55.61 -20.13
C SER C 1048 -10.49 55.00 -21.48
N PHE C 1049 -9.54 54.23 -22.00
CA PHE C 1049 -9.69 53.58 -23.28
C PHE C 1049 -9.23 52.13 -23.17
N PRO C 1050 -10.03 51.17 -23.60
CA PRO C 1050 -9.58 49.77 -23.54
C PRO C 1050 -8.77 49.37 -24.76
N GLN C 1051 -7.88 48.40 -24.54
CA GLN C 1051 -7.06 47.83 -25.60
C GLN C 1051 -6.84 46.37 -25.28
N SER C 1052 -7.36 45.48 -26.12
CA SER C 1052 -7.23 44.06 -25.85
C SER C 1052 -5.77 43.63 -25.95
N ALA C 1053 -5.33 42.79 -25.01
CA ALA C 1053 -4.04 42.16 -25.03
C ALA C 1053 -4.25 40.67 -24.85
N PRO C 1054 -3.29 39.84 -25.24
CA PRO C 1054 -3.51 38.39 -25.17
C PRO C 1054 -3.96 37.94 -23.79
N HIS C 1055 -5.20 37.46 -23.69
CA HIS C 1055 -5.75 36.95 -22.44
C HIS C 1055 -5.83 38.04 -21.38
N GLY C 1056 -6.20 39.26 -21.79
CA GLY C 1056 -6.34 40.33 -20.84
C GLY C 1056 -6.69 41.63 -21.54
N VAL C 1057 -6.80 42.69 -20.74
CA VAL C 1057 -7.17 44.00 -21.23
C VAL C 1057 -6.18 45.02 -20.68
N VAL C 1058 -6.07 46.15 -21.38
CA VAL C 1058 -5.19 47.24 -21.01
C VAL C 1058 -6.00 48.53 -21.05
N PHE C 1059 -6.16 49.15 -19.89
CA PHE C 1059 -6.87 50.41 -19.79
C PHE C 1059 -5.85 51.55 -19.82
N LEU C 1060 -5.97 52.41 -20.82
CA LEU C 1060 -5.23 53.66 -20.86
C LEU C 1060 -6.07 54.67 -20.09
N HIS C 1061 -5.63 55.01 -18.89
CA HIS C 1061 -6.35 55.92 -18.02
C HIS C 1061 -5.83 57.33 -18.23
N VAL C 1062 -6.65 58.19 -18.82
CA VAL C 1062 -6.35 59.60 -18.96
C VAL C 1062 -6.85 60.30 -17.70
N THR C 1063 -5.92 60.86 -16.93
CA THR C 1063 -6.22 61.47 -15.64
C THR C 1063 -5.62 62.87 -15.59
N TYR C 1064 -6.23 63.71 -14.75
CA TYR C 1064 -5.85 65.10 -14.61
C TYR C 1064 -5.03 65.25 -13.32
N VAL C 1065 -3.75 65.56 -13.47
CA VAL C 1065 -2.83 65.65 -12.34
C VAL C 1065 -2.43 67.11 -12.18
N PRO C 1066 -2.73 67.76 -11.06
CA PRO C 1066 -2.25 69.13 -10.86
C PRO C 1066 -0.73 69.19 -10.89
N ALA C 1067 -0.20 70.29 -11.43
CA ALA C 1067 1.21 70.36 -11.78
C ALA C 1067 2.00 71.35 -10.94
N GLN C 1068 1.60 72.62 -10.91
CA GLN C 1068 2.41 73.67 -10.31
C GLN C 1068 1.60 74.39 -9.24
N GLU C 1069 2.15 74.45 -8.03
CA GLU C 1069 1.42 74.90 -6.86
C GLU C 1069 1.96 76.25 -6.41
N LYS C 1070 1.06 77.07 -5.86
CA LYS C 1070 1.41 78.36 -5.29
C LYS C 1070 0.81 78.49 -3.90
N ASN C 1071 1.62 79.01 -2.98
CA ASN C 1071 1.15 79.32 -1.63
C ASN C 1071 0.18 80.49 -1.67
N PHE C 1072 -0.74 80.50 -0.70
CA PHE C 1072 -1.64 81.63 -0.50
C PHE C 1072 -2.08 81.64 0.96
N THR C 1073 -2.49 82.81 1.42
CA THR C 1073 -3.12 82.95 2.72
C THR C 1073 -4.62 82.73 2.56
N THR C 1074 -5.16 81.78 3.30
CA THR C 1074 -6.54 81.38 3.16
C THR C 1074 -7.33 81.69 4.43
N ALA C 1075 -8.58 82.09 4.24
CA ALA C 1075 -9.48 82.42 5.33
C ALA C 1075 -10.75 81.60 5.19
N PRO C 1076 -11.21 80.92 6.24
CA PRO C 1076 -12.43 80.12 6.11
C PRO C 1076 -13.64 80.93 5.69
N ALA C 1077 -13.75 82.17 6.13
CA ALA C 1077 -14.87 83.01 5.77
C ALA C 1077 -14.38 84.45 5.63
N ILE C 1078 -15.30 85.38 5.45
CA ILE C 1078 -14.98 86.79 5.29
C ILE C 1078 -16.13 87.61 5.86
N CYS C 1079 -15.79 88.71 6.52
CA CYS C 1079 -16.78 89.62 7.10
C CYS C 1079 -16.85 90.90 6.27
N HIS C 1080 -18.06 91.27 5.87
CA HIS C 1080 -18.28 92.50 5.12
C HIS C 1080 -19.04 93.54 5.92
N ASP C 1081 -20.20 93.18 6.47
CA ASP C 1081 -21.01 94.06 7.30
C ASP C 1081 -21.36 93.37 8.61
N GLY C 1082 -20.40 92.65 9.18
CA GLY C 1082 -20.63 91.87 10.36
C GLY C 1082 -21.20 90.49 10.11
N LYS C 1083 -21.52 90.16 8.86
CA LYS C 1083 -22.03 88.84 8.49
C LYS C 1083 -20.93 88.07 7.78
N ALA C 1084 -20.67 86.85 8.24
CA ALA C 1084 -19.64 86.04 7.60
C ALA C 1084 -20.09 85.65 6.20
N HIS C 1085 -19.12 85.45 5.31
CA HIS C 1085 -19.36 85.00 3.96
C HIS C 1085 -18.49 83.79 3.67
N PHE C 1086 -19.09 82.72 3.19
CA PHE C 1086 -18.38 81.50 2.83
C PHE C 1086 -18.50 81.27 1.34
N PRO C 1087 -17.51 80.62 0.72
CA PRO C 1087 -17.54 80.46 -0.74
C PRO C 1087 -18.56 79.42 -1.16
N ARG C 1088 -19.41 79.78 -2.12
CA ARG C 1088 -20.40 78.83 -2.61
C ARG C 1088 -19.74 77.57 -3.16
N GLU C 1089 -18.78 77.75 -4.08
CA GLU C 1089 -18.03 76.64 -4.64
C GLU C 1089 -16.63 77.18 -4.94
N GLY C 1090 -15.72 76.97 -3.99
CA GLY C 1090 -14.38 77.49 -4.11
C GLY C 1090 -13.78 77.72 -2.74
N VAL C 1091 -12.71 78.51 -2.73
CA VAL C 1091 -11.95 78.77 -1.52
C VAL C 1091 -11.38 80.17 -1.60
N PHE C 1092 -11.29 80.83 -0.44
CA PHE C 1092 -10.70 82.16 -0.37
C PHE C 1092 -9.19 82.06 -0.28
N VAL C 1093 -8.51 82.76 -1.17
CA VAL C 1093 -7.05 82.84 -1.16
C VAL C 1093 -6.65 84.30 -1.24
N SER C 1094 -5.39 84.57 -0.92
CA SER C 1094 -4.88 85.92 -0.92
C SER C 1094 -3.46 85.92 -1.46
N ASN C 1095 -3.21 86.73 -2.48
CA ASN C 1095 -1.87 86.89 -3.00
C ASN C 1095 -1.01 87.82 -2.17
N GLY C 1096 -1.46 88.15 -0.96
CA GLY C 1096 -0.69 88.98 -0.06
C GLY C 1096 -1.44 90.19 0.44
N THR C 1097 -2.21 90.83 -0.46
CA THR C 1097 -2.90 92.06 -0.10
C THR C 1097 -4.38 91.99 -0.44
N HIS C 1098 -4.74 91.24 -1.48
CA HIS C 1098 -6.11 91.14 -1.93
C HIS C 1098 -6.63 89.73 -1.72
N TRP C 1099 -7.95 89.61 -1.69
CA TRP C 1099 -8.64 88.35 -1.46
C TRP C 1099 -9.45 87.98 -2.70
N PHE C 1100 -9.21 86.78 -3.21
CA PHE C 1100 -9.98 86.22 -4.31
C PHE C 1100 -10.62 84.93 -3.88
N VAL C 1101 -11.64 84.50 -4.63
CA VAL C 1101 -12.31 83.23 -4.40
C VAL C 1101 -12.09 82.39 -5.65
N THR C 1102 -11.33 81.30 -5.51
CA THR C 1102 -10.91 80.50 -6.65
C THR C 1102 -11.34 79.05 -6.46
N GLN C 1103 -11.51 78.34 -7.57
CA GLN C 1103 -11.82 76.93 -7.50
C GLN C 1103 -10.63 76.17 -6.90
N ARG C 1104 -10.93 75.04 -6.27
CA ARG C 1104 -9.95 74.39 -5.41
C ARG C 1104 -8.86 73.67 -6.20
N ASN C 1105 -9.20 73.10 -7.37
CA ASN C 1105 -8.29 72.27 -8.12
C ASN C 1105 -7.53 73.02 -9.20
N PHE C 1106 -7.69 74.33 -9.28
CA PHE C 1106 -7.00 75.11 -10.31
C PHE C 1106 -7.04 76.58 -9.96
N TYR C 1107 -5.88 77.23 -9.91
CA TYR C 1107 -5.82 78.63 -9.49
C TYR C 1107 -6.42 79.52 -10.57
N GLU C 1108 -7.58 80.11 -10.28
CA GLU C 1108 -8.22 81.06 -11.18
C GLU C 1108 -8.93 82.10 -10.34
N PRO C 1109 -8.19 83.09 -9.83
CA PRO C 1109 -8.78 84.03 -8.88
C PRO C 1109 -9.91 84.84 -9.50
N GLN C 1110 -10.88 85.18 -8.66
CA GLN C 1110 -12.02 86.00 -9.07
C GLN C 1110 -12.41 86.90 -7.92
N ILE C 1111 -12.85 88.12 -8.29
CA ILE C 1111 -13.27 89.08 -7.27
C ILE C 1111 -14.43 88.51 -6.48
N ILE C 1112 -14.40 88.70 -5.17
CA ILE C 1112 -15.44 88.20 -4.29
C ILE C 1112 -16.66 89.10 -4.41
N THR C 1113 -17.76 88.53 -4.89
CA THR C 1113 -19.04 89.22 -4.98
C THR C 1113 -20.08 88.48 -4.14
N THR C 1114 -21.27 89.04 -4.08
CA THR C 1114 -22.36 88.36 -3.38
C THR C 1114 -22.73 87.05 -4.05
N ASP C 1115 -22.42 86.89 -5.34
CA ASP C 1115 -22.73 85.65 -6.02
C ASP C 1115 -21.78 84.53 -5.60
N ASN C 1116 -20.49 84.84 -5.48
CA ASN C 1116 -19.51 83.81 -5.14
C ASN C 1116 -19.71 83.28 -3.73
N THR C 1117 -20.19 84.11 -2.82
CA THR C 1117 -20.25 83.77 -1.40
C THR C 1117 -21.68 83.85 -0.89
N PHE C 1118 -21.95 83.04 0.13
CA PHE C 1118 -23.24 83.06 0.82
C PHE C 1118 -22.99 83.33 2.30
N VAL C 1119 -23.92 84.04 2.92
CA VAL C 1119 -23.76 84.49 4.30
C VAL C 1119 -24.38 83.48 5.24
N SER C 1120 -23.89 83.47 6.49
CA SER C 1120 -24.49 82.65 7.52
C SER C 1120 -24.11 83.22 8.88
N GLY C 1121 -25.06 83.84 9.56
CA GLY C 1121 -24.82 84.34 10.89
C GLY C 1121 -23.88 85.52 10.92
N ASN C 1122 -23.45 85.87 12.13
CA ASN C 1122 -22.55 86.98 12.36
C ASN C 1122 -21.11 86.46 12.31
N CYS C 1123 -20.16 87.31 12.70
CA CYS C 1123 -18.74 87.01 12.60
C CYS C 1123 -18.08 86.76 13.96
N ASP C 1124 -18.86 86.36 14.96
CA ASP C 1124 -18.34 86.09 16.30
C ASP C 1124 -18.17 84.60 16.57
N VAL C 1125 -18.29 83.75 15.55
CA VAL C 1125 -18.27 82.30 15.72
C VAL C 1125 -17.12 81.67 14.95
N VAL C 1126 -16.91 82.07 13.70
CA VAL C 1126 -15.89 81.46 12.87
C VAL C 1126 -14.51 81.72 13.45
N ILE C 1127 -13.62 80.73 13.31
CA ILE C 1127 -12.25 80.83 13.77
C ILE C 1127 -11.35 81.04 12.57
N GLY C 1128 -10.59 82.13 12.56
CA GLY C 1128 -9.76 82.47 11.43
C GLY C 1128 -10.41 83.38 10.42
N ILE C 1129 -11.60 83.91 10.72
CA ILE C 1129 -12.28 84.79 9.78
C ILE C 1129 -11.47 86.07 9.60
N VAL C 1130 -11.58 86.68 8.42
CA VAL C 1130 -10.82 87.87 8.08
C VAL C 1130 -11.76 88.94 7.56
N ASN C 1131 -11.34 90.19 7.69
CA ASN C 1131 -12.09 91.33 7.17
C ASN C 1131 -11.74 91.56 5.70
N ASN C 1132 -12.75 91.86 4.90
CA ASN C 1132 -12.54 92.13 3.49
C ASN C 1132 -13.83 92.64 2.90
N THR C 1133 -13.71 93.44 1.84
CA THR C 1133 -14.88 93.93 1.12
C THR C 1133 -15.40 92.85 0.19
N VAL C 1134 -16.71 92.64 0.20
CA VAL C 1134 -17.38 91.70 -0.67
C VAL C 1134 -18.18 92.53 -1.68
N TYR C 1135 -17.78 92.44 -2.95
CA TYR C 1135 -18.38 93.28 -3.98
C TYR C 1135 -19.85 92.96 -4.14
N ASP C 1136 -20.61 93.97 -4.58
CA ASP C 1136 -22.04 93.81 -4.84
C ASP C 1136 -22.34 94.36 -6.23
N PRO C 1137 -22.64 93.53 -7.23
CA PRO C 1137 -22.87 94.06 -8.58
C PRO C 1137 -24.03 95.04 -8.65
N LEU C 1138 -25.05 94.88 -7.81
CA LEU C 1138 -26.25 95.70 -7.94
C LEU C 1138 -25.99 97.15 -7.56
N GLN C 1139 -25.02 97.41 -6.70
CA GLN C 1139 -24.79 98.78 -6.24
C GLN C 1139 -24.39 99.71 -7.38
N PRO C 1140 -23.36 99.42 -8.17
CA PRO C 1140 -23.04 100.32 -9.30
C PRO C 1140 -24.17 100.45 -10.30
N GLU C 1141 -24.91 99.36 -10.55
CA GLU C 1141 -26.02 99.42 -11.48
C GLU C 1141 -27.09 100.39 -10.99
N LEU C 1142 -27.41 100.33 -9.69
CA LEU C 1142 -28.37 101.29 -9.14
C LEU C 1142 -27.80 102.70 -9.11
N ASP C 1143 -26.48 102.83 -8.98
CA ASP C 1143 -25.87 104.16 -8.99
C ASP C 1143 -26.14 104.89 -10.30
N SER C 1144 -26.01 104.19 -11.42
CA SER C 1144 -26.26 104.78 -12.73
C SER C 1144 -27.67 104.49 -13.20
N GLU D 1 47.61 -66.43 -14.28
CA GLU D 1 46.46 -66.27 -15.15
C GLU D 1 45.31 -65.59 -14.42
N VAL D 2 44.36 -65.05 -15.19
CA VAL D 2 43.12 -64.55 -14.60
C VAL D 2 42.34 -65.72 -14.01
N GLN D 3 41.67 -65.47 -12.88
CA GLN D 3 41.00 -66.55 -12.18
C GLN D 3 39.93 -65.99 -11.26
N LEU D 4 38.77 -66.65 -11.26
CA LEU D 4 37.67 -66.35 -10.36
C LEU D 4 37.14 -67.64 -9.77
N LEU D 5 36.86 -67.64 -8.47
CA LEU D 5 36.43 -68.86 -7.77
C LEU D 5 35.29 -68.50 -6.82
N GLU D 6 34.12 -69.11 -7.05
CA GLU D 6 32.94 -68.85 -6.24
C GLU D 6 32.86 -69.82 -5.07
N THR D 7 32.44 -69.33 -3.91
CA THR D 7 32.25 -70.14 -2.73
C THR D 7 30.96 -69.74 -2.03
N GLY D 8 30.49 -70.62 -1.15
CA GLY D 8 29.31 -70.38 -0.36
C GLY D 8 28.05 -71.11 -0.78
N GLY D 9 28.16 -72.16 -1.59
CA GLY D 9 26.98 -72.86 -2.07
C GLY D 9 26.49 -73.93 -1.10
N GLY D 10 25.30 -74.42 -1.38
CA GLY D 10 24.69 -75.45 -0.56
C GLY D 10 23.18 -75.43 -0.70
N LEU D 11 22.54 -76.25 0.13
CA LEU D 11 21.09 -76.33 0.18
C LEU D 11 20.58 -75.48 1.34
N VAL D 12 19.47 -74.79 1.11
CA VAL D 12 18.90 -73.90 2.12
C VAL D 12 17.39 -73.82 1.86
N GLN D 13 16.63 -73.73 2.95
CA GLN D 13 15.18 -73.84 2.85
C GLN D 13 14.58 -72.55 2.30
N PRO D 14 13.40 -72.64 1.67
CA PRO D 14 12.74 -71.44 1.14
C PRO D 14 12.43 -70.44 2.24
N GLY D 15 12.96 -69.22 2.08
CA GLY D 15 12.82 -68.17 3.05
C GLY D 15 14.09 -67.84 3.80
N ARG D 16 15.03 -68.78 3.86
CA ARG D 16 16.29 -68.56 4.55
C ARG D 16 17.24 -67.76 3.68
N SER D 17 18.47 -67.57 4.18
CA SER D 17 19.46 -66.73 3.53
C SER D 17 20.70 -67.55 3.19
N LEU D 18 21.54 -66.96 2.34
CA LEU D 18 22.79 -67.57 1.91
C LEU D 18 23.64 -66.50 1.25
N ARG D 19 24.94 -66.51 1.56
CA ARG D 19 25.87 -65.51 1.04
C ARG D 19 26.92 -66.19 0.17
N LEU D 20 27.13 -65.65 -1.02
CA LEU D 20 28.12 -66.16 -1.96
C LEU D 20 29.32 -65.23 -2.02
N SER D 21 30.50 -65.81 -2.24
CA SER D 21 31.74 -65.06 -2.36
C SER D 21 32.43 -65.43 -3.66
N CYS D 22 33.20 -64.49 -4.20
CA CYS D 22 33.97 -64.73 -5.42
C CYS D 22 35.37 -64.15 -5.23
N ALA D 23 36.36 -65.03 -5.15
CA ALA D 23 37.75 -64.61 -4.99
C ALA D 23 38.38 -64.38 -6.36
N ALA D 24 39.04 -63.25 -6.52
CA ALA D 24 39.62 -62.84 -7.79
C ALA D 24 41.14 -62.76 -7.69
N SER D 25 41.80 -63.02 -8.82
CA SER D 25 43.25 -62.97 -8.91
C SER D 25 43.65 -62.94 -10.37
N GLY D 26 44.88 -62.49 -10.61
CA GLY D 26 45.44 -62.47 -11.95
C GLY D 26 45.13 -61.23 -12.77
N PHE D 27 44.34 -60.30 -12.24
CA PHE D 27 43.99 -59.08 -12.96
C PHE D 27 43.67 -58.00 -11.95
N PRO D 28 43.71 -56.72 -12.34
CA PRO D 28 43.42 -55.65 -11.38
C PRO D 28 41.95 -55.58 -10.99
N PHE D 29 41.59 -56.28 -9.91
CA PHE D 29 40.23 -56.25 -9.40
C PHE D 29 39.80 -54.85 -8.97
N ASP D 30 40.76 -53.96 -8.74
CA ASP D 30 40.44 -52.61 -8.25
C ASP D 30 39.61 -51.81 -9.25
N ASP D 31 39.77 -52.09 -10.55
CA ASP D 31 39.23 -51.22 -11.59
C ASP D 31 38.05 -51.81 -12.35
N TYR D 32 37.89 -53.12 -12.36
CA TYR D 32 36.89 -53.77 -13.18
C TYR D 32 35.56 -53.94 -12.44
N ALA D 33 34.47 -53.87 -13.20
CA ALA D 33 33.15 -54.20 -12.69
C ALA D 33 32.92 -55.69 -12.85
N ILE D 34 32.29 -56.29 -11.84
CA ILE D 34 32.03 -57.73 -11.84
C ILE D 34 30.53 -57.95 -11.75
N HIS D 35 30.11 -59.14 -12.18
CA HIS D 35 28.69 -59.46 -12.31
C HIS D 35 28.43 -60.88 -11.82
N TRP D 36 27.18 -61.14 -11.46
CA TRP D 36 26.71 -62.48 -11.14
C TRP D 36 25.73 -62.94 -12.21
N VAL D 37 25.92 -64.17 -12.68
CA VAL D 37 25.02 -64.80 -13.64
C VAL D 37 24.75 -66.23 -13.16
N ARG D 38 23.48 -66.61 -13.16
CA ARG D 38 23.10 -67.95 -12.69
C ARG D 38 22.59 -68.78 -13.86
N LEU D 39 22.66 -70.10 -13.67
CA LEU D 39 22.20 -71.08 -14.66
C LEU D 39 21.21 -72.01 -13.95
N ALA D 40 19.92 -71.81 -14.22
CA ALA D 40 18.92 -72.65 -13.60
C ALA D 40 18.83 -74.00 -14.31
N PRO D 41 18.64 -75.10 -13.59
CA PRO D 41 18.53 -76.42 -14.22
C PRO D 41 17.36 -76.47 -15.19
N GLY D 42 17.65 -76.83 -16.44
CA GLY D 42 16.66 -76.86 -17.49
C GLY D 42 16.50 -75.55 -18.23
N LYS D 43 16.79 -74.43 -17.60
CA LYS D 43 16.76 -73.13 -18.23
C LYS D 43 18.17 -72.74 -18.69
N GLY D 44 18.34 -71.49 -19.10
CA GLY D 44 19.61 -70.98 -19.55
C GLY D 44 20.23 -70.01 -18.57
N LEU D 45 21.22 -69.27 -19.07
CA LEU D 45 21.85 -68.23 -18.26
C LEU D 45 20.85 -67.14 -17.91
N GLU D 46 21.07 -66.52 -16.75
CA GLU D 46 20.23 -65.38 -16.33
C GLU D 46 21.08 -64.45 -15.50
N TRP D 47 21.18 -63.19 -15.95
CA TRP D 47 21.97 -62.21 -15.22
C TRP D 47 21.33 -61.90 -13.87
N VAL D 48 22.17 -61.82 -12.83
CA VAL D 48 21.68 -61.63 -11.48
C VAL D 48 21.91 -60.18 -11.03
N SER D 49 23.16 -59.76 -10.96
CA SER D 49 23.49 -58.45 -10.44
C SER D 49 24.81 -57.97 -11.02
N SER D 50 25.09 -56.69 -10.80
CA SER D 50 26.32 -56.05 -11.28
C SER D 50 26.72 -54.96 -10.29
N ILE D 51 28.02 -54.71 -10.22
CA ILE D 51 28.56 -53.68 -9.33
C ILE D 51 29.83 -53.10 -9.95
N SER D 52 29.94 -51.77 -9.94
CA SER D 52 31.08 -51.11 -10.56
C SER D 52 32.30 -51.23 -9.64
N TRP D 53 33.41 -50.64 -10.10
CA TRP D 53 34.68 -50.80 -9.39
C TRP D 53 34.63 -50.17 -8.00
N ASP D 54 33.93 -49.04 -7.86
CA ASP D 54 33.85 -48.34 -6.59
C ASP D 54 32.46 -48.47 -5.95
N SER D 55 31.66 -49.43 -6.41
CA SER D 55 30.28 -49.65 -5.95
C SER D 55 29.37 -48.47 -6.25
N GLY D 56 29.79 -47.53 -7.10
CA GLY D 56 28.96 -46.39 -7.44
C GLY D 56 27.80 -46.73 -8.35
N SER D 57 27.87 -47.86 -9.06
CA SER D 57 26.80 -48.30 -9.95
C SER D 57 26.46 -49.74 -9.59
N ILE D 58 25.18 -49.98 -9.26
CA ILE D 58 24.72 -51.29 -8.83
C ILE D 58 23.38 -51.57 -9.50
N GLY D 59 23.23 -52.77 -10.03
CA GLY D 59 22.00 -53.16 -10.70
C GLY D 59 21.60 -54.57 -10.34
N TYR D 60 20.29 -54.82 -10.34
CA TYR D 60 19.73 -56.12 -10.05
C TYR D 60 18.69 -56.48 -11.09
N ALA D 61 18.52 -57.79 -11.31
CA ALA D 61 17.40 -58.26 -12.10
C ALA D 61 16.10 -58.09 -11.33
N ASP D 62 15.00 -57.93 -12.06
CA ASP D 62 13.71 -57.71 -11.42
C ASP D 62 13.30 -58.89 -10.55
N SER D 63 13.77 -60.09 -10.85
CA SER D 63 13.43 -61.26 -10.07
C SER D 63 14.14 -61.32 -8.73
N VAL D 64 15.19 -60.52 -8.53
CA VAL D 64 15.96 -60.54 -7.29
C VAL D 64 16.11 -59.13 -6.75
N LYS D 65 15.48 -58.15 -7.40
CA LYS D 65 15.53 -56.78 -6.91
C LYS D 65 14.87 -56.69 -5.55
N GLY D 66 15.55 -56.04 -4.60
CA GLY D 66 15.04 -55.94 -3.25
C GLY D 66 15.15 -57.26 -2.50
N ARG D 67 15.79 -58.24 -3.13
CA ARG D 67 16.00 -59.55 -2.55
C ARG D 67 17.48 -59.86 -2.35
N PHE D 68 18.31 -59.65 -3.36
CA PHE D 68 19.74 -59.87 -3.25
C PHE D 68 20.44 -58.54 -2.95
N THR D 69 21.65 -58.64 -2.39
CA THR D 69 22.47 -57.48 -2.09
C THR D 69 23.89 -57.77 -2.52
N ILE D 70 24.35 -57.07 -3.56
CA ILE D 70 25.70 -57.25 -4.09
C ILE D 70 26.63 -56.25 -3.40
N SER D 71 27.88 -56.65 -3.22
CA SER D 71 28.89 -55.80 -2.60
C SER D 71 30.26 -56.37 -2.95
N ARG D 72 31.30 -55.63 -2.57
CA ARG D 72 32.65 -56.04 -2.90
C ARG D 72 33.62 -55.45 -1.88
N ASP D 73 34.80 -56.06 -1.79
CA ASP D 73 35.89 -55.61 -0.94
C ASP D 73 37.15 -55.62 -1.80
N ASN D 74 37.50 -54.45 -2.36
CA ASN D 74 38.62 -54.38 -3.30
C ASN D 74 39.94 -54.75 -2.63
N ALA D 75 40.06 -54.54 -1.31
CA ALA D 75 41.30 -54.90 -0.63
C ALA D 75 41.48 -56.41 -0.59
N LYS D 76 40.38 -57.15 -0.40
CA LYS D 76 40.43 -58.61 -0.39
C LYS D 76 40.22 -59.21 -1.77
N ASN D 77 40.02 -58.38 -2.80
CA ASN D 77 39.76 -58.83 -4.17
C ASN D 77 38.61 -59.84 -4.19
N SER D 78 37.53 -59.49 -3.50
CA SER D 78 36.41 -60.41 -3.31
C SER D 78 35.09 -59.72 -3.63
N LEU D 79 34.21 -60.47 -4.29
CA LEU D 79 32.85 -60.04 -4.61
C LEU D 79 31.87 -60.87 -3.80
N TYR D 80 30.78 -60.25 -3.36
CA TYR D 80 29.81 -60.92 -2.52
C TYR D 80 28.40 -60.75 -3.08
N LEU D 81 27.53 -61.70 -2.72
CA LEU D 81 26.12 -61.66 -3.09
C LEU D 81 25.32 -62.22 -1.93
N GLN D 82 24.65 -61.35 -1.19
CA GLN D 82 23.83 -61.77 -0.05
C GLN D 82 22.42 -62.09 -0.54
N MET D 83 22.06 -63.37 -0.51
CA MET D 83 20.76 -63.84 -0.97
C MET D 83 19.89 -64.14 0.23
N ASN D 84 18.85 -63.32 0.44
CA ASN D 84 17.88 -63.54 1.50
C ASN D 84 16.52 -63.88 0.89
N SER D 85 15.70 -64.56 1.68
CA SER D 85 14.34 -64.95 1.27
C SER D 85 14.37 -65.72 -0.05
N LEU D 86 15.09 -66.83 -0.05
CA LEU D 86 15.29 -67.62 -1.25
C LEU D 86 14.05 -68.42 -1.60
N ARG D 87 13.82 -68.58 -2.90
CA ARG D 87 12.68 -69.29 -3.44
C ARG D 87 13.15 -70.49 -4.25
N ALA D 88 12.23 -71.40 -4.52
CA ALA D 88 12.56 -72.61 -5.27
C ALA D 88 13.16 -72.26 -6.63
N GLU D 89 12.64 -71.21 -7.28
CA GLU D 89 13.18 -70.79 -8.57
C GLU D 89 14.54 -70.13 -8.48
N ASP D 90 15.07 -69.92 -7.27
CA ASP D 90 16.43 -69.44 -7.11
C ASP D 90 17.46 -70.55 -7.19
N THR D 91 17.03 -71.81 -7.21
CA THR D 91 17.92 -72.94 -7.40
C THR D 91 18.61 -72.83 -8.76
N ALA D 92 19.92 -72.62 -8.76
CA ALA D 92 20.66 -72.42 -10.01
C ALA D 92 22.14 -72.56 -9.71
N LEU D 93 22.95 -72.46 -10.77
CA LEU D 93 24.40 -72.47 -10.67
C LEU D 93 24.88 -71.03 -10.89
N TYR D 94 25.41 -70.44 -9.82
CA TYR D 94 25.76 -69.02 -9.84
C TYR D 94 27.20 -68.83 -10.28
N TYR D 95 27.39 -68.00 -11.31
CA TYR D 95 28.70 -67.74 -11.90
C TYR D 95 29.19 -66.35 -11.53
N CYS D 96 30.50 -66.24 -11.32
CA CYS D 96 31.18 -64.96 -11.16
C CYS D 96 31.91 -64.66 -12.48
N ALA D 97 31.59 -63.52 -13.07
CA ALA D 97 32.12 -63.19 -14.40
C ALA D 97 32.56 -61.74 -14.45
N LYS D 98 33.74 -61.51 -15.02
CA LYS D 98 34.26 -60.17 -15.24
C LYS D 98 34.09 -59.77 -16.69
N GLY D 99 34.07 -58.46 -16.93
CA GLY D 99 33.92 -57.95 -18.27
C GLY D 99 35.24 -57.81 -19.01
N ALA D 100 35.14 -57.63 -20.32
CA ALA D 100 36.34 -57.44 -21.14
C ALA D 100 37.04 -56.14 -20.80
N PHE D 101 36.28 -55.11 -20.44
CA PHE D 101 36.84 -53.82 -20.05
C PHE D 101 36.24 -53.37 -18.73
N PRO D 102 36.97 -52.56 -17.96
CA PRO D 102 36.59 -52.30 -16.56
C PRO D 102 35.28 -51.54 -16.38
N GLY D 103 34.62 -51.09 -17.44
CA GLY D 103 33.39 -50.35 -17.27
C GLY D 103 32.25 -51.21 -16.79
N TYR D 104 31.25 -50.54 -16.20
CA TYR D 104 30.06 -51.19 -15.67
C TYR D 104 29.33 -51.96 -16.76
N SER D 105 28.80 -51.25 -17.75
CA SER D 105 28.10 -51.87 -18.87
C SER D 105 29.04 -52.43 -19.93
N SER D 106 30.36 -52.32 -19.75
CA SER D 106 31.29 -52.80 -20.75
C SER D 106 31.23 -54.31 -20.91
N GLY D 107 30.86 -55.03 -19.85
CA GLY D 107 30.66 -56.47 -19.98
C GLY D 107 29.50 -56.79 -20.91
N TRP D 108 28.54 -55.88 -21.03
CA TRP D 108 27.50 -56.03 -22.03
C TRP D 108 27.95 -55.51 -23.39
N TYR D 109 28.85 -54.51 -23.39
CA TYR D 109 29.35 -53.95 -24.64
C TYR D 109 30.23 -54.95 -25.38
N TYR D 110 31.22 -55.53 -24.69
CA TYR D 110 32.22 -56.37 -25.33
C TYR D 110 32.20 -57.81 -24.84
N GLY D 111 31.23 -58.19 -24.01
CA GLY D 111 31.10 -59.56 -23.56
C GLY D 111 31.80 -59.80 -22.23
N LEU D 112 31.49 -60.95 -21.65
CA LEU D 112 32.08 -61.41 -20.39
C LEU D 112 33.09 -62.49 -20.73
N ASP D 113 34.38 -62.13 -20.66
CA ASP D 113 35.42 -63.01 -21.19
C ASP D 113 35.88 -64.06 -20.19
N VAL D 114 35.84 -63.75 -18.90
CA VAL D 114 36.33 -64.64 -17.85
C VAL D 114 35.17 -65.05 -16.96
N TRP D 115 35.03 -66.35 -16.74
CA TRP D 115 33.99 -66.91 -15.88
C TRP D 115 34.63 -67.83 -14.86
N GLY D 116 34.01 -67.90 -13.68
CA GLY D 116 34.41 -68.86 -12.68
C GLY D 116 33.77 -70.22 -12.90
N GLN D 117 34.12 -71.16 -12.03
CA GLN D 117 33.58 -72.51 -12.14
C GLN D 117 32.15 -72.61 -11.62
N GLY D 118 31.72 -71.68 -10.78
CA GLY D 118 30.35 -71.65 -10.30
C GLY D 118 30.17 -72.39 -8.98
N ALA D 119 29.14 -71.98 -8.24
CA ALA D 119 28.78 -72.58 -6.97
C ALA D 119 27.30 -72.92 -6.99
N THR D 120 26.98 -74.16 -6.65
CA THR D 120 25.61 -74.65 -6.71
C THR D 120 24.79 -74.17 -5.53
N VAL D 121 23.55 -73.77 -5.80
CA VAL D 121 22.62 -73.30 -4.79
C VAL D 121 21.29 -74.02 -4.99
N THR D 122 20.83 -74.73 -3.95
CA THR D 122 19.59 -75.48 -3.99
C THR D 122 18.63 -74.89 -2.96
N VAL D 123 17.40 -74.63 -3.38
CA VAL D 123 16.38 -74.05 -2.51
C VAL D 123 15.18 -74.98 -2.56
N SER D 124 15.11 -75.92 -1.62
CA SER D 124 14.01 -76.87 -1.54
C SER D 124 13.71 -77.18 -0.09
N SER D 125 12.46 -77.55 0.17
CA SER D 125 12.01 -77.96 1.49
C SER D 125 11.98 -79.48 1.64
N SER E 2 13.64 -58.99 -19.27
CA SER E 2 12.76 -59.39 -20.36
C SER E 2 13.08 -60.81 -20.82
N VAL E 3 12.64 -61.16 -22.03
CA VAL E 3 12.82 -62.50 -22.59
C VAL E 3 13.40 -62.36 -23.99
N VAL E 4 14.45 -63.13 -24.28
CA VAL E 4 15.05 -63.20 -25.61
C VAL E 4 14.81 -64.61 -26.13
N THR E 5 14.02 -64.71 -27.20
CA THR E 5 13.57 -66.00 -27.72
C THR E 5 14.70 -66.70 -28.46
N GLN E 6 14.88 -67.99 -28.17
CA GLN E 6 15.89 -68.81 -28.79
C GLN E 6 15.32 -70.22 -28.98
N PRO E 7 15.53 -70.84 -30.14
CA PRO E 7 15.05 -72.20 -30.35
C PRO E 7 15.75 -73.16 -29.40
N PRO E 8 15.03 -74.14 -28.84
CA PRO E 8 15.64 -74.99 -27.82
C PRO E 8 16.74 -75.88 -28.35
N SER E 9 16.67 -76.29 -29.62
CA SER E 9 17.64 -77.22 -30.18
C SER E 9 17.95 -76.86 -31.62
N ALA E 10 19.21 -77.09 -32.01
CA ALA E 10 19.66 -76.91 -33.38
C ALA E 10 20.46 -78.14 -33.78
N SER E 11 20.63 -78.31 -35.09
CA SER E 11 21.30 -79.51 -35.59
C SER E 11 21.96 -79.22 -36.93
N GLY E 12 23.04 -79.94 -37.20
CA GLY E 12 23.74 -79.84 -38.45
C GLY E 12 24.73 -80.97 -38.58
N SER E 13 24.95 -81.40 -39.81
CA SER E 13 25.86 -82.52 -40.05
C SER E 13 27.32 -82.05 -40.04
N LEU E 14 28.21 -83.02 -39.87
CA LEU E 14 29.65 -82.74 -39.83
C LEU E 14 30.09 -82.07 -41.13
N GLY E 15 30.65 -80.88 -41.02
CA GLY E 15 31.07 -80.11 -42.17
C GLY E 15 30.02 -79.18 -42.74
N GLN E 16 28.77 -79.28 -42.29
CA GLN E 16 27.70 -78.43 -42.78
C GLN E 16 27.64 -77.15 -41.94
N SER E 17 26.55 -76.40 -42.10
CA SER E 17 26.37 -75.15 -41.38
C SER E 17 25.03 -75.15 -40.65
N VAL E 18 24.98 -74.38 -39.56
CA VAL E 18 23.78 -74.22 -38.77
C VAL E 18 23.73 -72.79 -38.27
N THR E 19 22.57 -72.16 -38.37
CA THR E 19 22.35 -70.81 -37.86
C THR E 19 21.45 -70.88 -36.64
N ILE E 20 21.84 -70.18 -35.59
CA ILE E 20 21.10 -70.13 -34.34
C ILE E 20 20.57 -68.71 -34.17
N SER E 21 19.25 -68.57 -34.22
CA SER E 21 18.64 -67.24 -34.12
C SER E 21 18.49 -66.81 -32.66
N CYS E 22 18.36 -65.51 -32.48
CA CYS E 22 18.27 -64.89 -31.15
C CYS E 22 17.41 -63.66 -31.30
N THR E 23 16.15 -63.75 -30.88
CA THR E 23 15.14 -62.75 -31.15
C THR E 23 14.79 -61.98 -29.89
N GLY E 24 14.94 -60.66 -29.94
CA GLY E 24 14.57 -59.80 -28.84
C GLY E 24 13.56 -58.74 -29.25
N THR E 25 13.67 -57.55 -28.67
CA THR E 25 12.78 -56.44 -28.97
C THR E 25 13.59 -55.23 -29.41
N SER E 26 12.90 -54.09 -29.56
CA SER E 26 13.56 -52.86 -29.96
C SER E 26 14.35 -52.21 -28.82
N SER E 27 14.26 -52.76 -27.61
CA SER E 27 14.96 -52.21 -26.46
C SER E 27 16.19 -53.01 -26.08
N ASP E 28 16.50 -54.09 -26.79
CA ASP E 28 17.68 -54.89 -26.51
C ASP E 28 18.39 -55.29 -27.80
N VAL E 29 17.92 -56.36 -28.43
CA VAL E 29 18.58 -56.87 -29.63
C VAL E 29 18.46 -55.87 -30.78
N GLY E 30 17.27 -55.30 -30.98
CA GLY E 30 17.07 -54.35 -32.04
C GLY E 30 17.29 -52.89 -31.66
N GLY E 31 17.79 -52.63 -30.46
CA GLY E 31 18.00 -51.26 -30.03
C GLY E 31 19.46 -50.86 -29.95
N TYR E 32 20.35 -51.86 -29.93
CA TYR E 32 21.78 -51.62 -29.90
C TYR E 32 22.49 -52.65 -30.76
N ASN E 33 23.74 -52.34 -31.10
CA ASN E 33 24.63 -53.29 -31.77
C ASN E 33 25.56 -53.98 -30.78
N TYR E 34 25.04 -54.41 -29.64
CA TYR E 34 25.84 -55.03 -28.59
C TYR E 34 25.34 -56.43 -28.27
N VAL E 35 25.26 -57.30 -29.27
CA VAL E 35 24.83 -58.68 -29.09
C VAL E 35 26.07 -59.55 -28.93
N SER E 36 26.06 -60.41 -27.91
CA SER E 36 27.16 -61.33 -27.66
C SER E 36 26.67 -62.76 -27.80
N TRP E 37 27.61 -63.67 -28.05
CA TRP E 37 27.32 -65.10 -28.14
C TRP E 37 28.29 -65.85 -27.24
N TYR E 38 27.78 -66.88 -26.57
CA TYR E 38 28.57 -67.67 -25.65
C TYR E 38 28.40 -69.15 -25.94
N GLN E 39 29.49 -69.90 -25.80
CA GLN E 39 29.50 -71.34 -25.93
C GLN E 39 29.77 -71.95 -24.56
N GLN E 40 29.04 -73.02 -24.23
CA GLN E 40 29.21 -73.71 -22.96
C GLN E 40 29.21 -75.21 -23.21
N HIS E 41 30.38 -75.84 -23.03
CA HIS E 41 30.48 -77.28 -23.03
C HIS E 41 30.00 -77.82 -21.67
N PRO E 42 29.58 -79.07 -21.63
CA PRO E 42 29.03 -79.62 -20.37
C PRO E 42 30.06 -79.61 -19.25
N GLY E 43 29.64 -79.13 -18.08
CA GLY E 43 30.49 -79.11 -16.91
C GLY E 43 31.57 -78.06 -16.92
N LYS E 44 31.53 -77.10 -17.84
CA LYS E 44 32.55 -76.08 -17.95
C LYS E 44 31.90 -74.71 -18.09
N ALA E 45 32.67 -73.68 -17.72
CA ALA E 45 32.17 -72.31 -17.73
C ALA E 45 31.93 -71.84 -19.17
N PRO E 46 31.04 -70.87 -19.35
CA PRO E 46 30.81 -70.33 -20.71
C PRO E 46 32.05 -69.68 -21.28
N LYS E 47 32.07 -69.59 -22.61
CA LYS E 47 33.18 -69.01 -23.35
C LYS E 47 32.65 -67.99 -24.34
N LEU E 48 33.20 -66.77 -24.29
CA LEU E 48 32.75 -65.72 -25.18
C LEU E 48 33.19 -66.01 -26.62
N MET E 49 32.23 -66.10 -27.53
CA MET E 49 32.49 -66.39 -28.93
C MET E 49 32.31 -65.19 -29.84
N ILE E 50 31.31 -64.35 -29.58
CA ILE E 50 31.02 -63.17 -30.39
C ILE E 50 30.68 -62.02 -29.46
N PHE E 51 31.17 -60.83 -29.79
CA PHE E 51 30.74 -59.61 -29.13
C PHE E 51 30.50 -58.56 -30.20
N GLU E 52 29.67 -57.57 -29.85
CA GLU E 52 29.25 -56.52 -30.78
C GLU E 52 28.71 -57.12 -32.07
N VAL E 53 27.78 -58.06 -31.91
CA VAL E 53 27.02 -58.67 -33.01
C VAL E 53 27.87 -59.60 -33.87
N SER E 54 29.05 -59.13 -34.29
CA SER E 54 29.82 -59.89 -35.28
C SER E 54 31.32 -59.94 -35.03
N LYS E 55 31.81 -59.41 -33.91
CA LYS E 55 33.25 -59.40 -33.65
C LYS E 55 33.65 -60.66 -32.88
N ARG E 56 34.79 -61.24 -33.26
CA ARG E 56 35.30 -62.46 -32.65
C ARG E 56 36.49 -62.13 -31.76
N PRO E 57 36.52 -62.63 -30.53
CA PRO E 57 37.72 -62.49 -29.71
C PRO E 57 38.85 -63.35 -30.25
N SER E 58 40.04 -63.13 -29.69
CA SER E 58 41.18 -63.99 -30.01
C SER E 58 40.93 -65.40 -29.47
N GLY E 59 41.20 -66.40 -30.31
CA GLY E 59 40.99 -67.77 -29.92
C GLY E 59 39.72 -68.41 -30.46
N VAL E 60 38.88 -67.66 -31.15
CA VAL E 60 37.65 -68.17 -31.74
C VAL E 60 37.87 -68.38 -33.22
N PRO E 61 37.61 -69.57 -33.76
CA PRO E 61 37.87 -69.82 -35.18
C PRO E 61 36.95 -68.99 -36.08
N ASP E 62 37.37 -68.87 -37.34
CA ASP E 62 36.57 -68.15 -38.33
C ASP E 62 35.27 -68.85 -38.66
N ARG E 63 35.08 -70.09 -38.21
CA ARG E 63 33.86 -70.82 -38.51
C ARG E 63 32.64 -70.19 -37.85
N PHE E 64 32.83 -69.52 -36.73
CA PHE E 64 31.74 -68.83 -36.04
C PHE E 64 31.67 -67.39 -36.54
N SER E 65 30.47 -66.97 -36.95
CA SER E 65 30.26 -65.62 -37.44
C SER E 65 28.91 -65.11 -36.98
N GLY E 66 28.84 -63.80 -36.73
CA GLY E 66 27.66 -63.18 -36.18
C GLY E 66 27.03 -62.20 -37.15
N SER E 67 25.71 -62.01 -37.00
CA SER E 67 24.97 -61.06 -37.82
C SER E 67 23.70 -60.68 -37.06
N LYS E 68 23.10 -59.57 -37.46
CA LYS E 68 21.87 -59.09 -36.85
C LYS E 68 21.01 -58.44 -37.91
N SER E 69 19.69 -58.52 -37.71
CA SER E 69 18.73 -57.99 -38.67
C SER E 69 17.44 -57.69 -37.92
N GLY E 70 17.20 -56.42 -37.62
CA GLY E 70 16.03 -56.06 -36.84
C GLY E 70 16.20 -56.53 -35.41
N ASN E 71 15.17 -57.19 -34.88
CA ASN E 71 15.20 -57.72 -33.52
C ASN E 71 15.79 -59.12 -33.45
N THR E 72 16.42 -59.61 -34.52
CA THR E 72 16.89 -60.98 -34.60
C THR E 72 18.37 -61.01 -34.88
N ALA E 73 19.14 -61.56 -33.95
CA ALA E 73 20.57 -61.79 -34.14
C ALA E 73 20.81 -63.27 -34.40
N SER E 74 21.77 -63.56 -35.27
CA SER E 74 22.03 -64.93 -35.71
C SER E 74 23.50 -65.29 -35.54
N LEU E 75 23.74 -66.54 -35.16
CA LEU E 75 25.09 -67.10 -35.07
C LEU E 75 25.19 -68.25 -36.06
N THR E 76 26.07 -68.13 -37.04
CA THR E 76 26.27 -69.15 -38.06
C THR E 76 27.59 -69.87 -37.79
N VAL E 77 27.56 -71.19 -37.82
CA VAL E 77 28.75 -72.01 -37.60
C VAL E 77 28.94 -72.85 -38.86
N SER E 78 29.87 -72.46 -39.72
CA SER E 78 30.19 -73.19 -40.92
C SER E 78 31.23 -74.26 -40.63
N GLY E 79 31.31 -75.25 -41.54
CA GLY E 79 32.24 -76.35 -41.37
C GLY E 79 32.13 -77.01 -40.02
N LEU E 80 30.90 -77.37 -39.64
CA LEU E 80 30.62 -77.86 -38.29
C LEU E 80 31.54 -79.01 -37.91
N GLN E 81 31.98 -79.02 -36.66
CA GLN E 81 32.92 -80.01 -36.16
C GLN E 81 32.39 -80.63 -34.87
N ALA E 82 33.00 -81.74 -34.48
CA ALA E 82 32.55 -82.49 -33.31
C ALA E 82 32.61 -81.64 -32.04
N GLU E 83 33.67 -80.84 -31.90
CA GLU E 83 33.83 -80.02 -30.70
C GLU E 83 32.83 -78.87 -30.63
N ASP E 84 32.14 -78.57 -31.73
CA ASP E 84 31.14 -77.51 -31.74
C ASP E 84 29.85 -77.90 -31.04
N GLU E 85 29.62 -79.19 -30.81
CA GLU E 85 28.44 -79.63 -30.07
C GLU E 85 28.49 -79.10 -28.65
N ALA E 86 27.55 -78.20 -28.32
CA ALA E 86 27.50 -77.54 -27.03
C ALA E 86 26.21 -76.74 -26.90
N ASP E 87 26.10 -75.93 -25.83
CA ASP E 87 25.00 -75.01 -25.67
C ASP E 87 25.45 -73.61 -26.05
N TYR E 88 24.56 -72.83 -26.67
CA TYR E 88 24.87 -71.50 -27.15
C TYR E 88 23.82 -70.52 -26.67
N TYR E 89 24.27 -69.49 -25.95
CA TYR E 89 23.41 -68.43 -25.46
C TYR E 89 23.84 -67.11 -26.07
N CYS E 90 22.85 -66.28 -26.41
CA CYS E 90 23.10 -64.93 -26.87
C CYS E 90 22.87 -63.95 -25.72
N SER E 91 23.58 -62.83 -25.75
CA SER E 91 23.44 -61.78 -24.75
C SER E 91 23.23 -60.45 -25.46
N SER E 92 22.56 -59.52 -24.78
CA SER E 92 22.31 -58.22 -25.35
C SER E 92 22.21 -57.18 -24.25
N TYR E 93 22.66 -55.97 -24.57
CA TYR E 93 22.52 -54.83 -23.68
C TYR E 93 21.09 -54.32 -23.72
N ALA E 94 20.63 -53.78 -22.59
CA ALA E 94 19.24 -53.32 -22.49
C ALA E 94 19.08 -52.05 -21.68
N GLY E 95 20.15 -51.27 -21.49
CA GLY E 95 20.06 -50.04 -20.73
C GLY E 95 20.43 -50.23 -19.28
N ASN E 96 21.73 -50.15 -18.98
CA ASN E 96 22.31 -50.46 -17.67
C ASN E 96 21.97 -51.86 -17.18
N LYS E 97 21.43 -52.71 -18.06
CA LYS E 97 21.13 -54.08 -17.69
C LYS E 97 21.39 -54.97 -18.91
N GLY E 98 21.74 -56.21 -18.64
CA GLY E 98 21.92 -57.17 -19.71
C GLY E 98 20.85 -58.24 -19.68
N VAL E 99 20.71 -59.01 -20.75
CA VAL E 99 19.74 -60.08 -20.80
C VAL E 99 20.26 -61.17 -21.73
N PHE E 100 20.08 -62.42 -21.30
CA PHE E 100 20.52 -63.58 -22.08
C PHE E 100 19.34 -64.20 -22.82
N GLY E 101 19.67 -64.92 -23.88
CA GLY E 101 18.69 -65.73 -24.57
C GLY E 101 18.39 -67.00 -23.81
N GLY E 102 17.40 -67.75 -24.31
CA GLY E 102 17.03 -68.99 -23.65
C GLY E 102 18.07 -70.07 -23.77
N GLY E 103 18.79 -70.11 -24.88
CA GLY E 103 19.78 -71.13 -25.08
C GLY E 103 19.36 -72.13 -26.15
N THR E 104 20.35 -72.65 -26.86
CA THR E 104 20.12 -73.63 -27.92
C THR E 104 21.16 -74.72 -27.81
N LYS E 105 20.69 -75.97 -27.73
CA LYS E 105 21.58 -77.12 -27.78
C LYS E 105 21.91 -77.44 -29.22
N LEU E 106 23.20 -77.47 -29.55
CA LEU E 106 23.66 -77.75 -30.90
C LEU E 106 24.16 -79.18 -30.97
N THR E 107 23.49 -79.99 -31.80
CA THR E 107 23.90 -81.38 -32.03
C THR E 107 24.54 -81.48 -33.41
N VAL E 108 25.75 -82.03 -33.47
CA VAL E 108 26.43 -82.23 -34.74
C VAL E 108 26.12 -83.64 -35.20
N LEU E 109 25.28 -83.76 -36.23
CA LEU E 109 24.77 -85.04 -36.67
C LEU E 109 25.75 -85.72 -37.62
N GLU F 1 -6.25 -85.18 5.11
CA GLU F 1 -6.78 -84.42 6.23
C GLU F 1 -5.96 -83.16 6.48
N VAL F 2 -6.54 -82.20 7.20
CA VAL F 2 -5.79 -81.04 7.66
C VAL F 2 -4.73 -81.49 8.66
N GLN F 3 -3.57 -80.85 8.62
CA GLN F 3 -2.46 -81.30 9.44
C GLN F 3 -1.45 -80.18 9.63
N LEU F 4 -0.97 -80.02 10.86
CA LEU F 4 0.08 -79.09 11.22
C LEU F 4 1.10 -79.81 12.09
N LEU F 5 2.38 -79.57 11.82
CA LEU F 5 3.46 -80.27 12.54
C LEU F 5 4.56 -79.27 12.87
N GLU F 6 4.82 -79.08 14.17
CA GLU F 6 5.83 -78.14 14.62
C GLU F 6 7.18 -78.82 14.78
N THR F 7 8.24 -78.11 14.40
CA THR F 7 9.60 -78.61 14.54
C THR F 7 10.50 -77.50 15.07
N GLY F 8 11.66 -77.89 15.56
CA GLY F 8 12.66 -76.97 16.04
C GLY F 8 12.79 -76.83 17.55
N GLY F 9 12.28 -77.78 18.32
CA GLY F 9 12.34 -77.69 19.76
C GLY F 9 13.63 -78.21 20.35
N GLY F 10 13.82 -77.92 21.63
CA GLY F 10 15.02 -78.36 22.34
C GLY F 10 15.29 -77.47 23.53
N LEU F 11 16.44 -77.71 24.15
CA LEU F 11 16.91 -76.92 25.28
C LEU F 11 17.91 -75.88 24.79
N VAL F 12 17.81 -74.67 25.34
CA VAL F 12 18.68 -73.57 24.94
C VAL F 12 18.84 -72.64 26.14
N GLN F 13 20.04 -72.07 26.28
CA GLN F 13 20.36 -71.31 27.47
C GLN F 13 19.69 -69.94 27.46
N SER F 17 19.12 -68.11 21.14
CA SER F 17 18.04 -68.05 20.18
C SER F 17 17.59 -69.45 19.79
N LEU F 18 16.42 -69.51 19.15
CA LEU F 18 15.83 -70.76 18.68
C LEU F 18 14.72 -70.43 17.70
N ARG F 19 14.65 -71.17 16.60
CA ARG F 19 13.66 -70.94 15.56
C ARG F 19 12.75 -72.15 15.44
N LEU F 20 11.44 -71.90 15.43
CA LEU F 20 10.43 -72.93 15.30
C LEU F 20 9.81 -72.89 13.90
N SER F 21 9.44 -74.06 13.40
CA SER F 21 8.80 -74.18 12.10
C SER F 21 7.50 -74.95 12.25
N CYS F 22 6.55 -74.68 11.36
CA CYS F 22 5.26 -75.38 11.34
C CYS F 22 4.92 -75.72 9.90
N ALA F 23 4.94 -77.02 9.58
CA ALA F 23 4.61 -77.48 8.25
C ALA F 23 3.11 -77.72 8.15
N ALA F 24 2.50 -77.21 7.09
CA ALA F 24 1.06 -77.28 6.91
C ALA F 24 0.71 -78.10 5.68
N SER F 25 -0.45 -78.75 5.72
CA SER F 25 -0.93 -79.56 4.62
C SER F 25 -2.41 -79.84 4.83
N GLY F 26 -3.09 -80.22 3.75
CA GLY F 26 -4.49 -80.59 3.80
C GLY F 26 -5.47 -79.45 3.67
N PHE F 27 -5.01 -78.22 3.60
CA PHE F 27 -5.89 -77.06 3.48
C PHE F 27 -5.12 -75.95 2.78
N PRO F 28 -5.83 -74.96 2.21
CA PRO F 28 -5.13 -73.88 1.50
C PRO F 28 -4.39 -72.95 2.45
N PHE F 29 -3.11 -73.24 2.70
CA PHE F 29 -2.28 -72.39 3.54
C PHE F 29 -2.11 -70.99 2.95
N ASP F 30 -2.39 -70.81 1.65
CA ASP F 30 -2.18 -69.52 1.02
C ASP F 30 -3.09 -68.43 1.59
N ASP F 31 -4.27 -68.81 2.08
CA ASP F 31 -5.29 -67.84 2.41
C ASP F 31 -5.54 -67.67 3.90
N TYR F 32 -5.17 -68.63 4.74
CA TYR F 32 -5.50 -68.61 6.15
C TYR F 32 -4.41 -67.93 6.97
N ALA F 33 -4.83 -67.26 8.04
CA ALA F 33 -3.92 -66.73 9.04
C ALA F 33 -3.62 -67.81 10.07
N ILE F 34 -2.36 -67.89 10.50
CA ILE F 34 -1.93 -68.89 11.46
C ILE F 34 -1.38 -68.18 12.70
N HIS F 35 -1.37 -68.91 13.81
CA HIS F 35 -1.02 -68.35 15.10
C HIS F 35 -0.14 -69.31 15.87
N TRP F 36 0.60 -68.77 16.84
CA TRP F 36 1.37 -69.56 17.79
C TRP F 36 0.76 -69.42 19.18
N VAL F 37 0.58 -70.54 19.86
CA VAL F 37 0.09 -70.57 21.23
C VAL F 37 0.97 -71.54 22.02
N ARG F 38 1.42 -71.11 23.19
CA ARG F 38 2.28 -71.94 24.03
C ARG F 38 1.56 -72.37 25.29
N LEU F 39 2.05 -73.46 25.87
CA LEU F 39 1.50 -74.03 27.10
C LEU F 39 2.65 -74.17 28.09
N ALA F 40 2.71 -73.26 29.06
CA ALA F 40 3.77 -73.32 30.05
C ALA F 40 3.47 -74.39 31.09
N PRO F 41 4.48 -75.13 31.55
CA PRO F 41 4.25 -76.17 32.57
C PRO F 41 3.69 -75.57 33.85
N GLY F 42 2.54 -76.09 34.28
CA GLY F 42 1.84 -75.59 35.44
C GLY F 42 0.86 -74.47 35.15
N LYS F 43 1.09 -73.70 34.08
CA LYS F 43 0.18 -72.66 33.65
C LYS F 43 -0.72 -73.21 32.55
N GLY F 44 -1.47 -72.31 31.90
CA GLY F 44 -2.36 -72.67 30.83
C GLY F 44 -1.87 -72.21 29.47
N LEU F 45 -2.79 -72.20 28.51
CA LEU F 45 -2.47 -71.70 27.18
C LEU F 45 -2.14 -70.21 27.23
N GLU F 46 -1.28 -69.77 26.31
CA GLU F 46 -0.96 -68.36 26.19
C GLU F 46 -0.66 -68.06 24.73
N TRP F 47 -1.42 -67.13 24.15
CA TRP F 47 -1.20 -66.77 22.76
C TRP F 47 0.15 -66.08 22.59
N VAL F 48 0.87 -66.44 21.52
CA VAL F 48 2.21 -65.94 21.30
C VAL F 48 2.19 -64.88 20.19
N SER F 49 1.81 -65.28 18.98
CA SER F 49 1.88 -64.38 17.84
C SER F 49 0.86 -64.81 16.79
N SER F 50 0.66 -63.93 15.81
CA SER F 50 -0.28 -64.15 14.72
C SER F 50 0.25 -63.46 13.47
N ILE F 51 -0.10 -64.02 12.31
CA ILE F 51 0.32 -63.45 11.03
C ILE F 51 -0.75 -63.76 9.99
N SER F 52 -1.11 -62.76 9.19
CA SER F 52 -2.15 -62.93 8.20
C SER F 52 -1.61 -63.70 6.99
N TRP F 53 -2.48 -63.89 6.00
CA TRP F 53 -2.13 -64.72 4.85
C TRP F 53 -0.99 -64.13 4.04
N ASP F 54 -0.95 -62.80 3.92
CA ASP F 54 0.08 -62.11 3.14
C ASP F 54 1.08 -61.38 4.04
N SER F 55 1.12 -61.69 5.33
CA SER F 55 1.97 -61.05 6.32
C SER F 55 1.65 -59.57 6.50
N GLY F 56 0.51 -59.11 5.99
CA GLY F 56 0.13 -57.72 6.15
C GLY F 56 -0.31 -57.34 7.55
N SER F 57 -0.71 -58.33 8.36
CA SER F 57 -1.13 -58.11 9.73
C SER F 57 -0.35 -59.05 10.63
N ILE F 58 0.37 -58.48 11.60
CA ILE F 58 1.23 -59.25 12.51
C ILE F 58 1.03 -58.71 13.91
N GLY F 59 0.89 -59.62 14.86
CA GLY F 59 0.70 -59.24 16.26
C GLY F 59 1.50 -60.14 17.18
N TYR F 60 1.92 -59.56 18.31
CA TYR F 60 2.68 -60.28 19.32
C TYR F 60 2.08 -60.01 20.70
N ALA F 61 2.26 -60.97 21.60
CA ALA F 61 1.93 -60.73 22.99
C ALA F 61 2.97 -59.79 23.61
N ASP F 62 2.55 -59.06 24.64
CA ASP F 62 3.45 -58.09 25.26
C ASP F 62 4.66 -58.76 25.88
N SER F 63 4.54 -60.03 26.27
CA SER F 63 5.66 -60.73 26.87
C SER F 63 6.73 -61.14 25.87
N VAL F 64 6.43 -61.09 24.57
CA VAL F 64 7.38 -61.50 23.54
C VAL F 64 7.48 -60.43 22.46
N LYS F 65 6.80 -59.30 22.67
CA LYS F 65 6.90 -58.20 21.71
C LYS F 65 8.33 -57.67 21.67
N GLY F 66 8.84 -57.50 20.46
CA GLY F 66 10.21 -57.06 20.30
C GLY F 66 11.22 -58.14 20.64
N ARG F 67 10.71 -59.35 20.91
CA ARG F 67 11.53 -60.51 21.23
C ARG F 67 11.39 -61.61 20.20
N PHE F 68 10.16 -61.98 19.83
CA PHE F 68 9.93 -62.98 18.80
C PHE F 68 9.68 -62.32 17.46
N THR F 69 9.90 -63.07 16.38
CA THR F 69 9.67 -62.60 15.03
C THR F 69 8.95 -63.69 14.25
N ILE F 70 7.69 -63.44 13.92
CA ILE F 70 6.88 -64.41 13.18
C ILE F 70 7.00 -64.11 11.69
N SER F 71 6.93 -65.17 10.88
CA SER F 71 7.01 -65.05 9.43
C SER F 71 6.46 -66.32 8.82
N ARG F 72 6.34 -66.32 7.49
CA ARG F 72 5.77 -67.46 6.80
C ARG F 72 6.30 -67.50 5.37
N ASP F 73 6.23 -68.69 4.77
CA ASP F 73 6.60 -68.92 3.38
C ASP F 73 5.46 -69.70 2.74
N ASN F 74 4.55 -69.01 2.06
CA ASN F 74 3.36 -69.64 1.51
C ASN F 74 3.71 -70.69 0.45
N ALA F 75 4.86 -70.52 -0.23
CA ALA F 75 5.24 -71.51 -1.24
C ALA F 75 5.62 -72.83 -0.58
N LYS F 76 6.26 -72.78 0.57
CA LYS F 76 6.63 -73.98 1.32
C LYS F 76 5.56 -74.41 2.30
N ASN F 77 4.45 -73.67 2.40
CA ASN F 77 3.37 -73.96 3.33
C ASN F 77 3.91 -74.09 4.76
N SER F 78 4.76 -73.14 5.15
CA SER F 78 5.48 -73.21 6.40
C SER F 78 5.35 -71.91 7.17
N LEU F 79 5.17 -72.02 8.48
CA LEU F 79 5.14 -70.89 9.40
C LEU F 79 6.37 -70.95 10.30
N TYR F 80 6.91 -69.79 10.64
CA TYR F 80 8.14 -69.71 11.42
C TYR F 80 7.95 -68.78 12.61
N LEU F 81 8.76 -69.02 13.65
CA LEU F 81 8.79 -68.18 14.84
C LEU F 81 10.22 -68.11 15.32
N GLN F 82 10.88 -66.98 15.10
CA GLN F 82 12.27 -66.76 15.52
C GLN F 82 12.27 -66.23 16.95
N MET F 83 12.72 -67.06 17.89
CA MET F 83 12.77 -66.68 19.30
C MET F 83 14.21 -66.35 19.69
N ASN F 84 14.47 -65.09 19.96
CA ASN F 84 15.77 -64.63 20.43
C ASN F 84 15.66 -64.15 21.87
N SER F 85 16.79 -64.17 22.57
CA SER F 85 16.89 -63.71 23.96
C SER F 85 15.84 -64.41 24.84
N LEU F 86 15.94 -65.73 24.88
CA LEU F 86 14.95 -66.54 25.57
C LEU F 86 15.17 -66.48 27.08
N ARG F 87 14.07 -66.53 27.83
CA ARG F 87 14.06 -66.46 29.27
C ARG F 87 13.48 -67.75 29.84
N ALA F 88 13.72 -67.95 31.15
CA ALA F 88 13.22 -69.16 31.80
C ALA F 88 11.71 -69.30 31.67
N GLU F 89 10.99 -68.19 31.74
CA GLU F 89 9.53 -68.21 31.60
C GLU F 89 9.09 -68.48 30.16
N ASP F 90 10.01 -68.56 29.20
CA ASP F 90 9.67 -68.96 27.84
C ASP F 90 9.59 -70.47 27.68
N THR F 91 10.02 -71.23 28.69
CA THR F 91 9.87 -72.68 28.67
C THR F 91 8.40 -73.06 28.60
N ALA F 92 7.98 -73.65 27.48
CA ALA F 92 6.58 -73.99 27.28
C ALA F 92 6.47 -74.97 26.12
N LEU F 93 5.26 -75.40 25.85
CA LEU F 93 4.94 -76.26 24.70
C LEU F 93 4.26 -75.40 23.65
N TYR F 94 4.95 -75.16 22.53
CA TYR F 94 4.50 -74.23 21.51
C TYR F 94 3.63 -74.95 20.47
N TYR F 95 2.42 -74.44 20.27
CA TYR F 95 1.45 -75.03 19.36
C TYR F 95 1.31 -74.18 18.10
N CYS F 96 1.11 -74.85 16.97
CA CYS F 96 0.75 -74.21 15.72
C CYS F 96 -0.73 -74.44 15.48
N ALA F 97 -1.50 -73.37 15.33
CA ALA F 97 -2.95 -73.47 15.25
C ALA F 97 -3.48 -72.56 14.16
N LYS F 98 -4.40 -73.10 13.35
CA LYS F 98 -5.08 -72.32 12.31
C LYS F 98 -6.49 -71.98 12.76
N GLY F 99 -7.03 -70.91 12.17
CA GLY F 99 -8.37 -70.47 12.50
C GLY F 99 -9.44 -71.18 11.70
N ALA F 100 -10.68 -71.03 12.17
CA ALA F 100 -11.81 -71.62 11.45
C ALA F 100 -12.02 -70.97 10.09
N PHE F 101 -11.73 -69.67 9.99
CA PHE F 101 -11.86 -68.93 8.74
C PHE F 101 -10.57 -68.17 8.47
N PRO F 102 -10.26 -67.90 7.20
CA PRO F 102 -8.93 -67.40 6.84
C PRO F 102 -8.59 -66.01 7.35
N GLY F 103 -9.51 -65.31 8.01
CA GLY F 103 -9.22 -63.98 8.50
C GLY F 103 -8.23 -63.98 9.65
N TYR F 104 -7.59 -62.82 9.84
CA TYR F 104 -6.60 -62.63 10.90
C TYR F 104 -7.23 -62.87 12.27
N SER F 105 -8.19 -62.04 12.66
CA SER F 105 -8.87 -62.18 13.93
C SER F 105 -9.97 -63.23 13.91
N SER F 106 -10.18 -63.91 12.77
CA SER F 106 -11.25 -64.89 12.68
C SER F 106 -10.99 -66.09 13.59
N GLY F 107 -9.73 -66.39 13.87
CA GLY F 107 -9.43 -67.46 14.83
C GLY F 107 -9.90 -67.07 16.23
N TRP F 108 -9.98 -65.78 16.52
CA TRP F 108 -10.59 -65.34 17.76
C TRP F 108 -12.10 -65.24 17.64
N TYR F 109 -12.60 -64.97 16.42
CA TYR F 109 -14.04 -64.87 16.21
C TYR F 109 -14.71 -66.23 16.35
N TYR F 110 -14.20 -67.24 15.65
CA TYR F 110 -14.85 -68.54 15.57
C TYR F 110 -14.03 -69.66 16.16
N GLY F 111 -12.90 -69.36 16.81
CA GLY F 111 -12.09 -70.38 17.45
C GLY F 111 -10.99 -70.92 16.57
N LEU F 112 -10.08 -71.64 17.21
CA LEU F 112 -8.95 -72.30 16.53
C LEU F 112 -9.28 -73.79 16.46
N ASP F 113 -9.65 -74.25 15.26
CA ASP F 113 -10.21 -75.59 15.14
C ASP F 113 -9.14 -76.66 14.96
N VAL F 114 -8.00 -76.32 14.37
CA VAL F 114 -6.94 -77.28 14.08
C VAL F 114 -5.70 -76.89 14.85
N TRP F 115 -5.12 -77.85 15.58
CA TRP F 115 -3.90 -77.65 16.34
C TRP F 115 -2.89 -78.72 15.97
N GLY F 116 -1.61 -78.35 16.05
CA GLY F 116 -0.55 -79.31 15.88
C GLY F 116 -0.24 -80.05 17.17
N GLN F 117 0.71 -80.97 17.09
CA GLN F 117 1.10 -81.75 18.26
C GLN F 117 2.00 -80.98 19.21
N GLY F 118 2.66 -79.92 18.73
CA GLY F 118 3.47 -79.08 19.58
C GLY F 118 4.93 -79.50 19.63
N ALA F 119 5.79 -78.53 19.93
CA ALA F 119 7.22 -78.74 20.05
C ALA F 119 7.70 -78.14 21.36
N THR F 120 8.42 -78.95 22.15
CA THR F 120 8.85 -78.54 23.48
C THR F 120 10.05 -77.61 23.41
N VAL F 121 10.04 -76.58 24.25
CA VAL F 121 11.11 -75.59 24.33
C VAL F 121 11.47 -75.41 25.80
N THR F 122 12.73 -75.67 26.14
CA THR F 122 13.23 -75.54 27.50
C THR F 122 14.29 -74.47 27.55
N VAL F 123 14.17 -73.54 28.50
CA VAL F 123 15.11 -72.44 28.64
C VAL F 123 15.63 -72.48 30.08
N SER F 124 16.76 -73.16 30.28
CA SER F 124 17.37 -73.27 31.59
C SER F 124 18.88 -73.28 31.45
N SER F 125 19.56 -72.83 32.51
CA SER F 125 21.00 -72.84 32.58
C SER F 125 21.54 -74.04 33.35
N SER G 2 -3.51 -59.45 28.89
CA SER G 2 -4.19 -59.32 30.17
C SER G 2 -4.34 -60.67 30.86
N VAL G 3 -5.25 -60.76 31.82
CA VAL G 3 -5.48 -61.97 32.60
C VAL G 3 -6.97 -62.27 32.60
N VAL G 4 -7.33 -63.51 32.32
CA VAL G 4 -8.70 -63.99 32.39
C VAL G 4 -8.78 -65.01 33.52
N THR G 5 -9.53 -64.67 34.57
CA THR G 5 -9.56 -65.48 35.79
C THR G 5 -10.38 -66.75 35.57
N GLN G 6 -9.83 -67.88 36.01
CA GLN G 6 -10.47 -69.18 35.91
C GLN G 6 -10.14 -69.97 37.16
N PRO G 7 -11.13 -70.65 37.75
CA PRO G 7 -10.84 -71.49 38.93
C PRO G 7 -9.91 -72.63 38.55
N PRO G 8 -8.94 -72.97 39.42
CA PRO G 8 -7.95 -73.97 39.03
C PRO G 8 -8.52 -75.36 38.87
N SER G 9 -9.57 -75.71 39.60
CA SER G 9 -10.12 -77.06 39.57
C SER G 9 -11.64 -77.02 39.67
N ALA G 10 -12.28 -77.95 38.97
CA ALA G 10 -13.72 -78.14 39.04
C ALA G 10 -14.00 -79.63 39.23
N SER G 11 -15.22 -79.93 39.68
CA SER G 11 -15.56 -81.31 39.98
C SER G 11 -17.06 -81.52 39.82
N GLY G 12 -17.42 -82.76 39.48
CA GLY G 12 -18.81 -83.15 39.36
C GLY G 12 -18.90 -84.65 39.24
N SER G 13 -20.00 -85.19 39.75
CA SER G 13 -20.17 -86.64 39.75
C SER G 13 -20.69 -87.11 38.39
N LEU G 14 -20.54 -88.41 38.16
CA LEU G 14 -20.96 -89.02 36.90
C LEU G 14 -22.45 -88.81 36.70
N GLY G 15 -22.80 -88.17 35.58
CA GLY G 15 -24.18 -87.85 35.29
C GLY G 15 -24.66 -86.51 35.80
N GLN G 16 -23.87 -85.83 36.63
CA GLN G 16 -24.25 -84.54 37.18
C GLN G 16 -23.78 -83.44 36.24
N SER G 17 -23.81 -82.19 36.72
CA SER G 17 -23.42 -81.04 35.93
C SER G 17 -22.38 -80.22 36.68
N VAL G 18 -21.55 -79.52 35.91
CA VAL G 18 -20.52 -78.64 36.46
C VAL G 18 -20.40 -77.44 35.53
N THR G 19 -20.34 -76.24 36.13
CA THR G 19 -20.16 -75.00 35.39
C THR G 19 -18.76 -74.47 35.66
N ILE G 20 -18.06 -74.09 34.59
CA ILE G 20 -16.71 -73.55 34.68
C ILE G 20 -16.77 -72.09 34.27
N SER G 21 -16.49 -71.20 35.21
CA SER G 21 -16.57 -69.78 34.95
C SER G 21 -15.28 -69.27 34.29
N CYS G 22 -15.41 -68.12 33.63
CA CYS G 22 -14.31 -67.52 32.87
C CYS G 22 -14.53 -66.00 32.94
N THR G 23 -13.76 -65.34 33.79
CA THR G 23 -14.00 -63.93 34.13
C THR G 23 -12.93 -63.05 33.51
N GLY G 24 -13.35 -62.08 32.72
CA GLY G 24 -12.43 -61.11 32.14
C GLY G 24 -12.81 -59.69 32.49
N THR G 25 -12.61 -58.76 31.56
CA THR G 25 -12.92 -57.36 31.77
C THR G 25 -13.86 -56.87 30.66
N SER G 26 -14.10 -55.56 30.63
CA SER G 26 -14.96 -54.97 29.62
C SER G 26 -14.28 -54.85 28.26
N SER G 27 -12.99 -55.18 28.17
CA SER G 27 -12.25 -55.09 26.92
C SER G 27 -12.03 -56.45 26.27
N ASP G 28 -12.51 -57.54 26.87
CA ASP G 28 -12.37 -58.85 26.28
C ASP G 28 -13.65 -59.66 26.44
N VAL G 29 -13.84 -60.28 27.60
CA VAL G 29 -15.00 -61.14 27.81
C VAL G 29 -16.29 -60.32 27.80
N GLY G 30 -16.30 -59.17 28.47
CA GLY G 30 -17.47 -58.32 28.50
C GLY G 30 -17.55 -57.26 27.43
N GLY G 31 -16.63 -57.27 26.47
CA GLY G 31 -16.63 -56.28 25.41
C GLY G 31 -17.06 -56.82 24.06
N TYR G 32 -17.04 -58.14 23.90
CA TYR G 32 -17.45 -58.78 22.67
C TYR G 32 -18.19 -60.07 23.00
N ASN G 33 -18.91 -60.59 22.01
CA ASN G 33 -19.54 -61.91 22.08
C ASN G 33 -18.71 -62.96 21.38
N TYR G 34 -17.39 -62.94 21.59
CA TYR G 34 -16.49 -63.87 20.92
C TYR G 34 -15.69 -64.69 21.92
N VAL G 35 -16.39 -65.40 22.82
CA VAL G 35 -15.75 -66.26 23.81
C VAL G 35 -15.71 -67.68 23.27
N SER G 36 -14.55 -68.31 23.35
CA SER G 36 -14.38 -69.69 22.92
C SER G 36 -14.02 -70.57 24.11
N TRP G 37 -14.27 -71.86 23.96
CA TRP G 37 -13.93 -72.85 24.98
C TRP G 37 -13.17 -73.99 24.31
N TYR G 38 -12.14 -74.49 25.00
CA TYR G 38 -11.29 -75.55 24.47
C TYR G 38 -11.15 -76.65 25.50
N GLN G 39 -11.13 -77.89 25.01
CA GLN G 39 -10.89 -79.07 25.82
C GLN G 39 -9.53 -79.66 25.45
N GLN G 40 -8.76 -80.06 26.45
CA GLN G 40 -7.45 -80.67 26.22
C GLN G 40 -7.31 -81.90 27.10
N HIS G 41 -7.31 -83.07 26.49
CA HIS G 41 -6.95 -84.30 27.17
C HIS G 41 -5.44 -84.39 27.33
N PRO G 42 -4.96 -85.16 28.30
CA PRO G 42 -3.51 -85.22 28.55
C PRO G 42 -2.76 -85.76 27.34
N GLY G 43 -1.68 -85.07 26.98
CA GLY G 43 -0.82 -85.51 25.89
C GLY G 43 -1.39 -85.29 24.51
N LYS G 44 -2.48 -84.53 24.37
CA LYS G 44 -3.11 -84.31 23.09
C LYS G 44 -3.41 -82.83 22.90
N ALA G 45 -3.53 -82.43 21.64
CA ALA G 45 -3.76 -81.03 21.30
C ALA G 45 -5.15 -80.58 21.75
N PRO G 46 -5.32 -79.28 21.98
CA PRO G 46 -6.65 -78.77 22.37
C PRO G 46 -7.69 -78.99 21.29
N LYS G 47 -8.95 -79.01 21.72
CA LYS G 47 -10.09 -79.23 20.83
C LYS G 47 -11.11 -78.13 21.05
N LEU G 48 -11.52 -77.47 19.99
CA LEU G 48 -12.51 -76.40 20.08
C LEU G 48 -13.88 -76.97 20.43
N MET G 49 -14.43 -76.52 21.54
CA MET G 49 -15.73 -76.97 22.02
C MET G 49 -16.84 -75.93 21.86
N ILE G 50 -16.53 -74.66 22.08
CA ILE G 50 -17.51 -73.58 21.96
C ILE G 50 -16.84 -72.40 21.27
N PHE G 51 -17.59 -71.74 20.38
CA PHE G 51 -17.16 -70.48 19.81
C PHE G 51 -18.35 -69.52 19.83
N GLU G 52 -18.05 -68.23 19.80
CA GLU G 52 -19.07 -67.18 19.91
C GLU G 52 -19.97 -67.41 21.13
N VAL G 53 -19.34 -67.61 22.28
CA VAL G 53 -19.99 -67.71 23.57
C VAL G 53 -20.78 -69.00 23.73
N SER G 54 -21.62 -69.34 22.75
CA SER G 54 -22.55 -70.45 22.93
C SER G 54 -22.71 -71.35 21.71
N LYS G 55 -21.94 -71.16 20.65
CA LYS G 55 -22.09 -71.99 19.46
C LYS G 55 -21.16 -73.20 19.53
N ARG G 56 -21.68 -74.36 19.12
CA ARG G 56 -20.95 -75.62 19.14
C ARG G 56 -20.52 -76.01 17.74
N PRO G 57 -19.26 -76.36 17.53
CA PRO G 57 -18.87 -76.93 16.23
C PRO G 57 -19.46 -78.30 16.04
N SER G 58 -19.32 -78.81 14.81
CA SER G 58 -19.71 -80.18 14.52
C SER G 58 -18.78 -81.15 15.25
N GLY G 59 -19.38 -82.15 15.89
CA GLY G 59 -18.62 -83.13 16.64
C GLY G 59 -18.61 -82.92 18.14
N VAL G 60 -19.23 -81.85 18.63
CA VAL G 60 -19.30 -81.57 20.07
C VAL G 60 -20.69 -81.94 20.56
N PRO G 61 -20.82 -82.77 21.59
CA PRO G 61 -22.15 -83.19 22.04
C PRO G 61 -22.93 -82.03 22.64
N ASP G 62 -24.25 -82.23 22.72
CA ASP G 62 -25.13 -81.24 23.30
C ASP G 62 -24.91 -81.04 24.80
N ARG G 63 -24.12 -81.92 25.43
CA ARG G 63 -23.89 -81.81 26.87
C ARG G 63 -23.11 -80.55 27.22
N PHE G 64 -22.29 -80.06 26.29
CA PHE G 64 -21.53 -78.83 26.51
C PHE G 64 -22.33 -77.65 25.98
N SER G 65 -22.49 -76.63 26.82
CA SER G 65 -23.23 -75.45 26.44
C SER G 65 -22.56 -74.21 27.03
N GLY G 66 -22.64 -73.11 26.30
CA GLY G 66 -21.97 -71.88 26.66
C GLY G 66 -22.94 -70.77 26.98
N SER G 67 -22.49 -69.84 27.82
CA SER G 67 -23.29 -68.66 28.19
C SER G 67 -22.34 -67.58 28.67
N LYS G 68 -22.83 -66.34 28.69
CA LYS G 68 -22.04 -65.21 29.14
C LYS G 68 -22.96 -64.23 29.85
N SER G 69 -22.39 -63.52 30.82
CA SER G 69 -23.16 -62.56 31.62
C SER G 69 -22.18 -61.53 32.17
N GLY G 70 -22.16 -60.34 31.56
CA GLY G 70 -21.20 -59.33 31.98
C GLY G 70 -19.81 -59.74 31.57
N ASN G 71 -18.87 -59.65 32.51
CA ASN G 71 -17.48 -60.03 32.27
C ASN G 71 -17.22 -61.50 32.56
N THR G 72 -18.26 -62.31 32.71
CA THR G 72 -18.12 -63.70 33.13
C THR G 72 -18.78 -64.61 32.11
N ALA G 73 -17.98 -65.46 31.47
CA ALA G 73 -18.48 -66.50 30.57
C ALA G 73 -18.43 -67.85 31.27
N SER G 74 -19.43 -68.69 31.01
CA SER G 74 -19.56 -69.96 31.71
C SER G 74 -19.70 -71.10 30.72
N LEU G 75 -19.11 -72.25 31.06
CA LEU G 75 -19.25 -73.48 30.30
C LEU G 75 -19.90 -74.52 31.20
N THR G 76 -21.08 -74.98 30.83
CA THR G 76 -21.82 -75.98 31.59
C THR G 76 -21.75 -77.32 30.87
N VAL G 77 -21.44 -78.37 31.61
CA VAL G 77 -21.36 -79.73 31.05
C VAL G 77 -22.36 -80.58 31.83
N SER G 78 -23.51 -80.84 31.22
CA SER G 78 -24.53 -81.68 31.81
C SER G 78 -24.28 -83.15 31.47
N GLY G 79 -24.89 -84.03 32.27
CA GLY G 79 -24.71 -85.46 32.09
C GLY G 79 -23.25 -85.86 32.03
N LEU G 80 -22.48 -85.41 33.01
CA LEU G 80 -21.02 -85.58 33.01
C LEU G 80 -20.64 -87.03 32.77
N GLN G 81 -19.59 -87.24 31.98
CA GLN G 81 -19.13 -88.57 31.60
C GLN G 81 -17.63 -88.69 31.86
N ALA G 82 -17.15 -89.94 31.84
CA ALA G 82 -15.76 -90.21 32.15
C ALA G 82 -14.82 -89.50 31.20
N GLU G 83 -15.15 -89.47 29.91
CA GLU G 83 -14.30 -88.85 28.91
C GLU G 83 -14.26 -87.33 29.03
N ASP G 84 -15.17 -86.73 29.80
CA ASP G 84 -15.17 -85.29 30.00
C ASP G 84 -14.08 -84.81 30.94
N GLU G 85 -13.46 -85.72 31.71
CA GLU G 85 -12.35 -85.34 32.57
C GLU G 85 -11.17 -84.87 31.72
N ALA G 86 -10.85 -83.57 31.85
CA ALA G 86 -9.79 -82.95 31.05
C ALA G 86 -9.52 -81.54 31.56
N ASP G 87 -8.71 -80.78 30.83
CA ASP G 87 -8.50 -79.37 31.11
C ASP G 87 -9.33 -78.52 30.15
N TYR G 88 -9.85 -77.41 30.66
CA TYR G 88 -10.72 -76.54 29.89
C TYR G 88 -10.24 -75.11 29.98
N TYR G 89 -9.95 -74.50 28.83
CA TYR G 89 -9.52 -73.12 28.74
C TYR G 89 -10.55 -72.33 27.94
N CYS G 90 -10.81 -71.10 28.38
CA CYS G 90 -11.63 -70.17 27.63
C CYS G 90 -10.76 -69.19 26.88
N SER G 91 -11.26 -68.72 25.74
CA SER G 91 -10.56 -67.73 24.94
C SER G 91 -11.50 -66.56 24.64
N SER G 92 -10.92 -65.39 24.41
CA SER G 92 -11.71 -64.21 24.11
C SER G 92 -10.92 -63.26 23.22
N TYR G 93 -11.64 -62.57 22.35
CA TYR G 93 -11.06 -61.53 21.53
C TYR G 93 -10.84 -60.27 22.36
N ALA G 94 -9.80 -59.51 22.01
CA ALA G 94 -9.45 -58.33 22.79
C ALA G 94 -8.97 -57.16 21.93
N GLY G 95 -9.30 -57.15 20.64
CA GLY G 95 -8.87 -56.06 19.77
C GLY G 95 -7.57 -56.37 19.05
N ASN G 96 -7.67 -57.05 17.90
CA ASN G 96 -6.53 -57.57 17.15
C ASN G 96 -5.64 -58.48 17.98
N LYS G 97 -6.09 -58.90 19.16
CA LYS G 97 -5.32 -59.82 19.98
C LYS G 97 -6.29 -60.73 20.71
N GLY G 98 -5.83 -61.95 21.00
CA GLY G 98 -6.63 -62.87 21.78
C GLY G 98 -6.03 -63.10 23.15
N VAL G 99 -6.80 -63.69 24.05
CA VAL G 99 -6.31 -63.99 25.39
C VAL G 99 -7.03 -65.22 25.91
N PHE G 100 -6.28 -66.11 26.55
CA PHE G 100 -6.83 -67.33 27.11
C PHE G 100 -7.04 -67.18 28.62
N GLY G 101 -7.93 -68.01 29.14
CA GLY G 101 -8.10 -68.12 30.58
C GLY G 101 -6.98 -68.94 31.20
N GLY G 102 -6.99 -68.98 32.54
CA GLY G 102 -5.97 -69.73 33.24
C GLY G 102 -6.09 -71.22 33.07
N GLY G 103 -7.31 -71.73 32.95
CA GLY G 103 -7.51 -73.16 32.81
C GLY G 103 -8.13 -73.76 34.05
N THR G 104 -8.94 -74.80 33.83
CA THR G 104 -9.60 -75.50 34.92
C THR G 104 -9.51 -77.00 34.68
N LYS G 105 -9.00 -77.72 35.67
CA LYS G 105 -8.99 -79.17 35.62
C LYS G 105 -10.34 -79.69 36.07
N LEU G 106 -10.98 -80.49 35.23
CA LEU G 106 -12.29 -81.06 35.52
C LEU G 106 -12.14 -82.51 35.94
N THR G 107 -12.52 -82.82 37.17
CA THR G 107 -12.50 -84.18 37.69
C THR G 107 -13.92 -84.69 37.76
N VAL G 108 -14.17 -85.85 37.15
CA VAL G 108 -15.48 -86.49 37.20
C VAL G 108 -15.48 -87.47 38.37
N LEU G 109 -16.17 -87.11 39.44
CA LEU G 109 -16.11 -87.87 40.68
C LEU G 109 -17.08 -89.04 40.65
N GLU H 1 32.11 -67.44 41.05
CA GLU H 1 33.07 -66.52 40.45
C GLU H 1 32.51 -65.91 39.17
N VAL H 2 33.10 -64.79 38.73
CA VAL H 2 32.77 -64.24 37.42
C VAL H 2 33.24 -65.20 36.34
N GLN H 3 32.47 -65.29 35.27
CA GLN H 3 32.77 -66.29 34.24
C GLN H 3 32.10 -65.89 32.92
N LEU H 4 32.86 -66.03 31.83
CA LEU H 4 32.36 -65.82 30.47
C LEU H 4 32.82 -66.99 29.61
N LEU H 5 31.92 -67.50 28.77
CA LEU H 5 32.21 -68.65 27.93
C LEU H 5 31.68 -68.42 26.53
N GLU H 6 32.57 -68.42 25.55
CA GLU H 6 32.20 -68.18 24.15
C GLU H 6 31.89 -69.50 23.46
N THR H 7 30.87 -69.47 22.59
CA THR H 7 30.48 -70.63 21.80
C THR H 7 30.16 -70.19 20.39
N GLY H 8 30.15 -71.15 19.48
CA GLY H 8 29.79 -70.93 18.10
C GLY H 8 30.94 -70.91 17.10
N GLY H 9 32.11 -71.44 17.46
CA GLY H 9 33.24 -71.39 16.57
C GLY H 9 33.28 -72.55 15.58
N GLY H 10 34.16 -72.41 14.59
CA GLY H 10 34.31 -73.44 13.59
C GLY H 10 34.91 -72.85 12.32
N LEU H 11 34.95 -73.68 11.29
CA LEU H 11 35.43 -73.29 9.97
C LEU H 11 34.24 -72.96 9.08
N VAL H 12 34.39 -71.90 8.28
CA VAL H 12 33.32 -71.44 7.41
C VAL H 12 33.96 -70.75 6.21
N GLN H 13 33.34 -70.93 5.04
CA GLN H 13 33.95 -70.48 3.80
C GLN H 13 33.85 -68.96 3.65
N PRO H 14 34.76 -68.35 2.89
CA PRO H 14 34.70 -66.90 2.68
C PRO H 14 33.40 -66.48 2.02
N GLY H 15 32.67 -65.57 2.68
CA GLY H 15 31.39 -65.11 2.21
C GLY H 15 30.22 -65.63 3.02
N ARG H 16 30.39 -66.74 3.73
CA ARG H 16 29.33 -67.31 4.54
C ARG H 16 29.22 -66.56 5.86
N SER H 17 28.34 -67.05 6.73
CA SER H 17 28.03 -66.40 8.00
C SER H 17 28.34 -67.33 9.17
N LEU H 18 28.38 -66.74 10.36
CA LEU H 18 28.63 -67.46 11.60
C LEU H 18 28.25 -66.57 12.76
N ARG H 19 27.60 -67.15 13.77
CA ARG H 19 27.13 -66.42 14.93
C ARG H 19 27.83 -66.93 16.18
N LEU H 20 28.36 -66.00 16.97
CA LEU H 20 29.03 -66.32 18.22
C LEU H 20 28.15 -65.94 19.40
N SER H 21 28.26 -66.71 20.49
CA SER H 21 27.53 -66.45 21.70
C SER H 21 28.49 -66.40 22.87
N CYS H 22 28.12 -65.64 23.92
CA CYS H 22 28.92 -65.53 25.13
C CYS H 22 27.99 -65.61 26.32
N ALA H 23 28.10 -66.71 27.08
CA ALA H 23 27.28 -66.91 28.27
C ALA H 23 27.99 -66.29 29.47
N ALA H 24 27.25 -65.51 30.26
CA ALA H 24 27.80 -64.79 31.39
C ALA H 24 27.18 -65.29 32.68
N SER H 25 27.97 -65.20 33.77
CA SER H 25 27.52 -65.60 35.09
C SER H 25 28.48 -65.04 36.12
N GLY H 26 28.01 -64.98 37.36
CA GLY H 26 28.83 -64.53 38.47
C GLY H 26 28.85 -63.04 38.71
N PHE H 27 28.20 -62.25 37.86
CA PHE H 27 28.18 -60.80 38.01
C PHE H 27 26.90 -60.28 37.37
N PRO H 28 26.46 -59.06 37.73
CA PRO H 28 25.23 -58.52 37.14
C PRO H 28 25.38 -58.16 35.67
N PHE H 29 25.07 -59.10 34.79
CA PHE H 29 25.12 -58.85 33.35
C PHE H 29 24.14 -57.76 32.92
N ASP H 30 23.15 -57.45 33.76
CA ASP H 30 22.14 -56.46 33.39
C ASP H 30 22.72 -55.06 33.21
N ASP H 31 23.80 -54.75 33.92
CA ASP H 31 24.27 -53.37 34.00
C ASP H 31 25.58 -53.11 33.26
N TYR H 32 26.37 -54.13 32.98
CA TYR H 32 27.69 -53.95 32.40
C TYR H 32 27.65 -53.97 30.88
N ALA H 33 28.55 -53.20 30.27
CA ALA H 33 28.78 -53.26 28.84
C ALA H 33 29.82 -54.33 28.55
N ILE H 34 29.60 -55.09 27.48
CA ILE H 34 30.49 -56.18 27.09
C ILE H 34 31.04 -55.89 25.71
N HIS H 35 32.18 -56.52 25.40
CA HIS H 35 32.92 -56.24 24.18
C HIS H 35 33.43 -57.54 23.59
N TRP H 36 33.72 -57.50 22.29
CA TRP H 36 34.38 -58.59 21.58
C TRP H 36 35.78 -58.15 21.16
N VAL H 37 36.77 -59.01 21.42
CA VAL H 37 38.15 -58.78 21.00
C VAL H 37 38.67 -60.08 20.39
N ARG H 38 39.30 -59.97 19.23
CA ARG H 38 39.82 -61.13 18.54
C ARG H 38 41.34 -61.12 18.54
N LEU H 39 41.92 -62.31 18.38
CA LEU H 39 43.37 -62.50 18.32
C LEU H 39 43.69 -63.26 17.03
N ALA H 40 44.20 -62.54 16.04
CA ALA H 40 44.53 -63.17 14.78
C ALA H 40 45.87 -63.92 14.89
N PRO H 41 45.99 -65.09 14.27
CA PRO H 41 47.25 -65.85 14.34
C PRO H 41 48.39 -65.05 13.73
N GLY H 42 49.44 -64.86 14.53
CA GLY H 42 50.59 -64.07 14.14
C GLY H 42 50.48 -62.60 14.47
N LYS H 43 49.26 -62.08 14.56
CA LYS H 43 49.02 -60.70 14.95
C LYS H 43 48.69 -60.65 16.44
N GLY H 44 48.24 -59.49 16.92
CA GLY H 44 47.89 -59.30 18.30
C GLY H 44 46.39 -59.16 18.50
N LEU H 45 46.02 -58.64 19.68
CA LEU H 45 44.62 -58.39 19.97
C LEU H 45 44.06 -57.32 19.04
N GLU H 46 42.77 -57.41 18.75
CA GLU H 46 42.09 -56.39 17.96
C GLU H 46 40.65 -56.29 18.42
N TRP H 47 40.24 -55.09 18.85
CA TRP H 47 38.89 -54.89 19.31
C TRP H 47 37.91 -55.05 18.16
N VAL H 48 36.79 -55.73 18.42
CA VAL H 48 35.82 -56.03 17.38
C VAL H 48 34.59 -55.14 17.53
N SER H 49 33.90 -55.25 18.66
CA SER H 49 32.65 -54.52 18.85
C SER H 49 32.38 -54.31 20.33
N SER H 50 31.41 -53.46 20.60
CA SER H 50 31.01 -53.12 21.97
C SER H 50 29.52 -52.81 21.99
N ILE H 51 28.89 -53.08 23.13
CA ILE H 51 27.46 -52.83 23.30
C ILE H 51 27.19 -52.49 24.76
N SER H 52 26.40 -51.45 24.99
CA SER H 52 26.12 -51.02 26.35
C SER H 52 25.09 -51.95 27.00
N TRP H 53 24.73 -51.63 28.25
CA TRP H 53 23.87 -52.51 29.03
C TRP H 53 22.48 -52.61 28.41
N ASP H 54 21.97 -51.52 27.85
CA ASP H 54 20.64 -51.50 27.25
C ASP H 54 20.68 -51.44 25.73
N SER H 55 21.83 -51.74 25.13
CA SER H 55 22.06 -51.66 23.69
C SER H 55 21.92 -50.25 23.14
N GLY H 56 21.91 -49.24 24.00
CA GLY H 56 21.79 -47.86 23.54
C GLY H 56 23.06 -47.32 22.90
N SER H 57 24.21 -47.94 23.18
CA SER H 57 25.47 -47.55 22.60
C SER H 57 26.13 -48.77 21.98
N ILE H 58 26.44 -48.68 20.68
CA ILE H 58 27.00 -49.80 19.93
C ILE H 58 28.11 -49.27 19.03
N GLY H 59 29.24 -49.97 19.02
CA GLY H 59 30.36 -49.56 18.20
C GLY H 59 31.02 -50.75 17.54
N TYR H 60 31.59 -50.51 16.36
CA TYR H 60 32.28 -51.52 15.59
C TYR H 60 33.62 -50.99 15.11
N ALA H 61 34.57 -51.91 14.92
CA ALA H 61 35.81 -51.55 14.26
C ALA H 61 35.55 -51.32 12.78
N ASP H 62 36.39 -50.48 12.16
CA ASP H 62 36.19 -50.16 10.75
C ASP H 62 36.33 -51.39 9.85
N SER H 63 37.08 -52.40 10.30
CA SER H 63 37.26 -53.60 9.50
C SER H 63 36.04 -54.51 9.51
N VAL H 64 35.09 -54.29 10.42
CA VAL H 64 33.92 -55.14 10.53
C VAL H 64 32.66 -54.30 10.57
N LYS H 65 32.81 -52.98 10.41
CA LYS H 65 31.65 -52.10 10.38
C LYS H 65 30.78 -52.42 9.17
N GLY H 66 29.48 -52.56 9.42
CA GLY H 66 28.57 -52.93 8.35
C GLY H 66 28.70 -54.38 7.96
N ARG H 67 29.52 -55.12 8.70
CA ARG H 67 29.75 -56.54 8.49
C ARG H 67 29.28 -57.39 9.67
N PHE H 68 29.67 -57.03 10.90
CA PHE H 68 29.21 -57.74 12.08
C PHE H 68 28.02 -57.03 12.70
N THR H 69 27.26 -57.78 13.50
CA THR H 69 26.10 -57.24 14.20
C THR H 69 26.13 -57.75 15.63
N ILE H 70 26.36 -56.85 16.58
CA ILE H 70 26.43 -57.22 17.99
C ILE H 70 25.04 -57.03 18.60
N SER H 71 24.72 -57.87 19.58
CA SER H 71 23.45 -57.79 20.28
C SER H 71 23.57 -58.55 21.59
N ARG H 72 22.52 -58.48 22.41
CA ARG H 72 22.55 -59.11 23.71
C ARG H 72 21.13 -59.43 24.16
N ASP H 73 21.02 -60.37 25.08
CA ASP H 73 19.76 -60.75 25.71
C ASP H 73 20.01 -60.79 27.21
N ASN H 74 19.67 -59.70 27.90
CA ASN H 74 19.96 -59.59 29.33
C ASN H 74 19.23 -60.64 30.15
N ALA H 75 18.07 -61.11 29.67
CA ALA H 75 17.35 -62.15 30.41
C ALA H 75 18.11 -63.47 30.39
N LYS H 76 18.75 -63.79 29.26
CA LYS H 76 19.54 -65.00 29.14
C LYS H 76 20.99 -64.79 29.53
N ASN H 77 21.38 -63.57 29.91
CA ASN H 77 22.75 -63.23 30.26
C ASN H 77 23.71 -63.65 29.16
N SER H 78 23.35 -63.31 27.93
CA SER H 78 24.08 -63.78 26.75
C SER H 78 24.38 -62.62 25.81
N LEU H 79 25.59 -62.63 25.26
CA LEU H 79 26.03 -61.67 24.25
C LEU H 79 26.22 -62.40 22.92
N TYR H 80 25.90 -61.73 21.83
CA TYR H 80 25.95 -62.34 20.51
C TYR H 80 26.74 -61.47 19.55
N LEU H 81 27.29 -62.11 18.52
CA LEU H 81 28.01 -61.44 17.45
C LEU H 81 27.72 -62.16 16.15
N GLN H 82 26.88 -61.57 15.30
CA GLN H 82 26.52 -62.15 14.02
C GLN H 82 27.54 -61.71 12.97
N MET H 83 28.35 -62.66 12.50
CA MET H 83 29.39 -62.39 11.52
C MET H 83 28.93 -62.89 10.16
N ASN H 84 28.66 -61.98 9.25
CA ASN H 84 28.30 -62.31 7.87
C ASN H 84 29.40 -61.85 6.92
N SER H 85 29.45 -62.50 5.76
CA SER H 85 30.42 -62.17 4.71
C SER H 85 31.85 -62.21 5.26
N LEU H 86 32.24 -63.37 5.77
CA LEU H 86 33.52 -63.51 6.43
C LEU H 86 34.65 -63.60 5.41
N ARG H 87 35.80 -63.04 5.79
CA ARG H 87 36.98 -62.99 4.95
C ARG H 87 38.12 -63.77 5.62
N ALA H 88 39.15 -64.08 4.83
CA ALA H 88 40.28 -64.83 5.35
C ALA H 88 40.92 -64.13 6.54
N GLU H 89 41.00 -62.80 6.49
CA GLU H 89 41.57 -62.03 7.60
C GLU H 89 40.66 -61.99 8.83
N ASP H 90 39.46 -62.56 8.76
CA ASP H 90 38.62 -62.69 9.93
C ASP H 90 38.96 -63.91 10.77
N THR H 91 39.83 -64.80 10.25
CA THR H 91 40.31 -65.94 11.02
C THR H 91 41.07 -65.45 12.26
N ALA H 92 40.52 -65.72 13.44
CA ALA H 92 41.10 -65.23 14.68
C ALA H 92 40.48 -65.99 15.84
N LEU H 93 40.96 -65.68 17.05
CA LEU H 93 40.41 -66.22 18.29
C LEU H 93 39.60 -65.12 18.96
N TYR H 94 38.28 -65.29 19.00
CA TYR H 94 37.38 -64.24 19.46
C TYR H 94 37.13 -64.37 20.96
N TYR H 95 37.40 -63.28 21.68
CA TYR H 95 37.27 -63.23 23.14
C TYR H 95 36.04 -62.43 23.54
N CYS H 96 35.40 -62.87 24.62
CA CYS H 96 34.33 -62.13 25.28
C CYS H 96 34.91 -61.52 26.55
N ALA H 97 34.84 -60.20 26.67
CA ALA H 97 35.48 -59.50 27.77
C ALA H 97 34.56 -58.44 28.34
N LYS H 98 34.48 -58.38 29.67
CA LYS H 98 33.71 -57.35 30.36
C LYS H 98 34.65 -56.30 30.93
N GLY H 99 34.09 -55.11 31.15
CA GLY H 99 34.87 -54.01 31.69
C GLY H 99 34.92 -54.02 33.20
N ALA H 100 35.86 -53.22 33.75
CA ALA H 100 35.98 -53.10 35.19
C ALA H 100 34.75 -52.42 35.80
N PHE H 101 34.15 -51.49 35.07
CA PHE H 101 32.95 -50.79 35.51
C PHE H 101 31.88 -50.84 34.43
N PRO H 102 30.60 -50.78 34.80
CA PRO H 102 29.53 -51.07 33.85
C PRO H 102 29.38 -50.10 32.69
N GLY H 103 30.17 -49.02 32.64
CA GLY H 103 30.03 -48.07 31.56
C GLY H 103 30.52 -48.61 30.24
N TYR H 104 30.02 -47.99 29.16
CA TYR H 104 30.38 -48.37 27.79
C TYR H 104 31.88 -48.26 27.57
N SER H 105 32.41 -47.03 27.64
CA SER H 105 33.84 -46.79 27.47
C SER H 105 34.64 -47.08 28.73
N SER H 106 34.01 -47.51 29.81
CA SER H 106 34.73 -47.77 31.06
C SER H 106 35.72 -48.92 30.91
N GLY H 107 35.44 -49.86 30.02
CA GLY H 107 36.42 -50.92 29.76
C GLY H 107 37.69 -50.36 29.12
N TRP H 108 37.58 -49.23 28.43
CA TRP H 108 38.77 -48.55 27.96
C TRP H 108 39.35 -47.63 29.03
N TYR H 109 38.50 -47.13 29.93
CA TYR H 109 38.97 -46.26 31.00
C TYR H 109 39.80 -47.04 32.02
N TYR H 110 39.28 -48.16 32.51
CA TYR H 110 39.92 -48.89 33.60
C TYR H 110 40.35 -50.29 33.21
N GLY H 111 40.26 -50.65 31.93
CA GLY H 111 40.72 -51.94 31.47
C GLY H 111 39.62 -53.00 31.44
N LEU H 112 39.94 -54.11 30.79
CA LEU H 112 39.04 -55.26 30.69
C LEU H 112 39.57 -56.34 31.62
N ASP H 113 38.89 -56.51 32.76
CA ASP H 113 39.45 -57.33 33.83
C ASP H 113 39.12 -58.81 33.68
N VAL H 114 37.98 -59.14 33.06
CA VAL H 114 37.53 -60.52 32.92
C VAL H 114 37.47 -60.87 31.45
N TRP H 115 38.08 -62.00 31.08
CA TRP H 115 38.08 -62.50 29.72
C TRP H 115 37.61 -63.95 29.71
N GLY H 116 36.96 -64.33 28.62
CA GLY H 116 36.61 -65.72 28.40
C GLY H 116 37.75 -66.52 27.82
N GLN H 117 37.49 -67.81 27.62
CA GLN H 117 38.53 -68.68 27.05
C GLN H 117 38.65 -68.53 25.54
N GLY H 118 37.64 -68.00 24.88
CA GLY H 118 37.70 -67.73 23.45
C GLY H 118 37.18 -68.88 22.60
N ALA H 119 36.73 -68.54 21.40
CA ALA H 119 36.22 -69.49 20.44
C ALA H 119 36.91 -69.27 19.10
N THR H 120 37.44 -70.35 18.53
CA THR H 120 38.23 -70.26 17.31
C THR H 120 37.33 -70.13 16.09
N VAL H 121 37.72 -69.26 15.16
CA VAL H 121 36.99 -69.02 13.92
C VAL H 121 37.99 -69.07 12.77
N THR H 122 37.75 -69.98 11.82
CA THR H 122 38.61 -70.15 10.66
C THR H 122 37.82 -69.82 9.40
N VAL H 123 38.39 -68.99 8.54
CA VAL H 123 37.73 -68.58 7.30
C VAL H 123 38.70 -68.92 6.15
N SER H 124 38.53 -70.10 5.57
CA SER H 124 39.37 -70.53 4.47
C SER H 124 38.53 -71.36 3.50
N SER H 125 38.96 -71.36 2.24
CA SER H 125 38.33 -72.16 1.19
C SER H 125 39.08 -73.46 0.94
N SER I 2 42.90 -47.57 14.15
CA SER I 2 44.24 -47.10 13.84
C SER I 2 45.28 -48.16 14.19
N VAL I 3 46.54 -47.73 14.31
CA VAL I 3 47.65 -48.64 14.60
C VAL I 3 48.44 -48.08 15.77
N VAL I 4 48.77 -48.93 16.74
CA VAL I 4 49.61 -48.58 17.87
C VAL I 4 50.87 -49.40 17.76
N THR I 5 52.00 -48.73 17.53
CA THR I 5 53.26 -49.40 17.24
C THR I 5 53.85 -50.01 18.51
N GLN I 6 54.30 -51.27 18.39
CA GLN I 6 54.90 -52.00 19.49
C GLN I 6 56.02 -52.87 18.93
N PRO I 7 57.18 -52.91 19.59
CA PRO I 7 58.26 -53.77 19.12
C PRO I 7 57.84 -55.23 19.20
N PRO I 8 58.20 -56.04 18.20
CA PRO I 8 57.71 -57.43 18.18
C PRO I 8 58.27 -58.29 19.31
N SER I 9 59.48 -58.01 19.78
CA SER I 9 60.12 -58.84 20.79
C SER I 9 60.89 -57.99 21.77
N ALA I 10 60.90 -58.41 23.03
CA ALA I 10 61.70 -57.79 24.08
C ALA I 10 62.43 -58.89 24.84
N SER I 11 63.47 -58.48 25.58
CA SER I 11 64.29 -59.46 26.27
C SER I 11 64.92 -58.82 27.49
N GLY I 12 65.18 -59.66 28.50
CA GLY I 12 65.85 -59.23 29.71
C GLY I 12 66.25 -60.44 30.52
N SER I 13 67.36 -60.30 31.25
CA SER I 13 67.86 -61.42 32.02
C SER I 13 67.13 -61.53 33.36
N LEU I 14 67.24 -62.70 33.97
CA LEU I 14 66.58 -62.97 35.25
C LEU I 14 67.05 -61.97 36.30
N GLY I 15 66.11 -61.24 36.88
CA GLY I 15 66.41 -60.21 37.85
C GLY I 15 66.66 -58.84 37.28
N GLN I 16 66.79 -58.71 35.96
CA GLN I 16 67.03 -57.43 35.33
C GLN I 16 65.70 -56.74 35.03
N SER I 17 65.75 -55.69 34.21
CA SER I 17 64.56 -54.93 33.87
C SER I 17 64.45 -54.80 32.35
N VAL I 18 63.22 -54.65 31.88
CA VAL I 18 62.92 -54.49 30.47
C VAL I 18 61.74 -53.53 30.34
N THR I 19 61.85 -52.58 29.43
CA THR I 19 60.78 -51.62 29.15
C THR I 19 60.18 -51.94 27.79
N ILE I 20 58.86 -51.99 27.73
CA ILE I 20 58.13 -52.28 26.50
C ILE I 20 57.38 -51.01 26.11
N SER I 21 57.77 -50.42 24.98
CA SER I 21 57.15 -49.18 24.53
C SER I 21 55.86 -49.45 23.78
N CYS I 22 55.03 -48.42 23.71
CA CYS I 22 53.71 -48.49 23.09
C CYS I 22 53.41 -47.12 22.52
N THR I 23 53.55 -46.97 21.21
CA THR I 23 53.53 -45.67 20.55
C THR I 23 52.25 -45.51 19.75
N GLY I 24 51.50 -44.45 20.04
CA GLY I 24 50.30 -44.13 19.29
C GLY I 24 50.35 -42.74 18.69
N THR I 25 49.21 -42.06 18.66
CA THR I 25 49.11 -40.71 18.12
C THR I 25 48.50 -39.79 19.17
N SER I 26 48.20 -38.55 18.74
CA SER I 26 47.58 -37.57 19.64
C SER I 26 46.11 -37.85 19.87
N SER I 27 45.52 -38.82 19.19
CA SER I 27 44.11 -39.13 19.34
C SER I 27 43.86 -40.38 20.16
N ASP I 28 44.91 -41.04 20.65
CA ASP I 28 44.74 -42.22 21.48
C ASP I 28 45.72 -42.20 22.65
N VAL I 29 46.96 -42.62 22.41
CA VAL I 29 47.94 -42.72 23.50
C VAL I 29 48.29 -41.33 24.03
N GLY I 30 48.51 -40.37 23.12
CA GLY I 30 48.84 -39.02 23.54
C GLY I 30 47.67 -38.08 23.71
N GLY I 31 46.45 -38.57 23.62
CA GLY I 31 45.28 -37.74 23.76
C GLY I 31 44.52 -37.94 25.05
N TYR I 32 44.78 -39.05 25.72
CA TYR I 32 44.14 -39.35 26.99
C TYR I 32 45.14 -40.04 27.90
N ASN I 33 44.81 -40.07 29.20
CA ASN I 33 45.57 -40.84 30.19
C ASN I 33 44.89 -42.17 30.49
N TYR I 34 44.45 -42.88 29.46
CA TYR I 34 43.73 -44.13 29.62
C TYR I 34 44.44 -45.27 28.88
N VAL I 35 45.71 -45.49 29.18
CA VAL I 35 46.49 -46.56 28.58
C VAL I 35 46.46 -47.77 29.50
N SER I 36 46.17 -48.94 28.94
CA SER I 36 46.13 -50.18 29.69
C SER I 36 47.21 -51.13 29.18
N TRP I 37 47.59 -52.08 30.02
CA TRP I 37 48.55 -53.10 29.66
C TRP I 37 47.99 -54.47 30.03
N TYR I 38 48.22 -55.44 29.16
CA TYR I 38 47.69 -56.79 29.35
C TYR I 38 48.80 -57.82 29.18
N GLN I 39 48.76 -58.86 30.00
CA GLN I 39 49.67 -59.99 29.92
C GLN I 39 48.89 -61.21 29.46
N GLN I 40 49.48 -61.98 28.55
CA GLN I 40 48.85 -63.20 28.05
C GLN I 40 49.88 -64.32 28.01
N HIS I 41 49.72 -65.30 28.88
CA HIS I 41 50.49 -66.52 28.82
C HIS I 41 49.92 -67.43 27.72
N PRO I 42 50.73 -68.34 27.19
CA PRO I 42 50.26 -69.18 26.08
C PRO I 42 49.06 -70.04 26.48
N GLY I 43 48.05 -70.04 25.62
CA GLY I 43 46.87 -70.85 25.84
C GLY I 43 45.93 -70.36 26.91
N LYS I 44 46.11 -69.12 27.39
CA LYS I 44 45.27 -68.58 28.45
C LYS I 44 44.82 -67.17 28.08
N ALA I 45 43.71 -66.75 28.69
CA ALA I 45 43.13 -65.46 28.40
C ALA I 45 44.02 -64.33 28.90
N PRO I 46 43.91 -63.14 28.30
CA PRO I 46 44.71 -62.01 28.77
C PRO I 46 44.38 -61.62 30.20
N LYS I 47 45.33 -60.94 30.84
CA LYS I 47 45.20 -60.51 32.22
C LYS I 47 45.55 -59.03 32.32
N LEU I 48 44.64 -58.24 32.90
CA LEU I 48 44.87 -56.81 33.03
C LEU I 48 45.99 -56.55 34.05
N MET I 49 47.04 -55.87 33.60
CA MET I 49 48.19 -55.55 34.45
C MET I 49 48.26 -54.08 34.84
N ILE I 50 47.92 -53.18 33.92
CA ILE I 50 47.97 -51.74 34.16
C ILE I 50 46.72 -51.11 33.56
N PHE I 51 46.14 -50.15 34.26
CA PHE I 51 45.10 -49.30 33.71
C PHE I 51 45.39 -47.86 34.09
N GLU I 52 44.85 -46.93 33.31
CA GLU I 52 45.10 -45.51 33.48
C GLU I 52 46.60 -45.22 33.53
N VAL I 53 47.32 -45.74 32.54
CA VAL I 53 48.74 -45.48 32.31
C VAL I 53 49.63 -46.14 33.36
N SER I 54 49.30 -45.95 34.64
CA SER I 54 50.23 -46.39 35.69
C SER I 54 49.57 -47.04 36.90
N LYS I 55 48.26 -47.29 36.87
CA LYS I 55 47.58 -47.90 38.01
C LYS I 55 47.57 -49.41 37.89
N ARG I 56 47.82 -50.09 39.01
CA ARG I 56 47.86 -51.56 39.05
C ARG I 56 46.62 -52.10 39.72
N PRO I 57 45.95 -53.08 39.13
CA PRO I 57 44.85 -53.76 39.82
C PRO I 57 45.38 -54.59 40.98
N SER I 58 44.45 -55.07 41.79
CA SER I 58 44.79 -56.01 42.86
C SER I 58 45.25 -57.33 42.24
N GLY I 59 46.36 -57.86 42.76
CA GLY I 59 46.92 -59.10 42.26
C GLY I 59 48.09 -58.94 41.32
N VAL I 60 48.48 -57.72 40.98
CA VAL I 60 49.62 -57.45 40.11
C VAL I 60 50.79 -57.02 40.96
N PRO I 61 51.96 -57.65 40.85
CA PRO I 61 53.08 -57.29 41.71
C PRO I 61 53.61 -55.89 41.39
N ASP I 62 54.35 -55.35 42.36
CA ASP I 62 54.96 -54.03 42.18
C ASP I 62 56.03 -54.01 41.11
N ARG I 63 56.45 -55.17 40.61
CA ARG I 63 57.50 -55.22 39.60
C ARG I 63 57.04 -54.59 38.29
N PHE I 64 55.75 -54.63 38.01
CA PHE I 64 55.19 -54.01 36.81
C PHE I 64 54.79 -52.58 37.11
N SER I 65 55.26 -51.64 36.29
CA SER I 65 54.95 -50.23 36.48
C SER I 65 54.74 -49.57 35.13
N GLY I 66 53.85 -48.59 35.09
CA GLY I 66 53.47 -47.93 33.86
C GLY I 66 53.87 -46.47 33.85
N SER I 67 54.09 -45.94 32.65
CA SER I 67 54.41 -44.53 32.46
C SER I 67 54.04 -44.15 31.03
N LYS I 68 53.91 -42.84 30.80
CA LYS I 68 53.58 -42.32 29.49
C LYS I 68 54.31 -41.00 29.28
N SER I 69 54.64 -40.72 28.02
CA SER I 69 55.37 -39.51 27.67
C SER I 69 55.07 -39.17 26.21
N GLY I 70 54.20 -38.19 26.00
CA GLY I 70 53.79 -37.86 24.65
C GLY I 70 52.91 -38.96 24.09
N ASN I 71 53.22 -39.41 22.88
CA ASN I 71 52.49 -40.48 22.22
C ASN I 71 53.03 -41.86 22.55
N THR I 72 53.89 -41.97 23.55
CA THR I 72 54.58 -43.23 23.85
C THR I 72 54.32 -43.62 25.30
N ALA I 73 53.67 -44.77 25.49
CA ALA I 73 53.47 -45.35 26.81
C ALA I 73 54.43 -46.52 26.99
N SER I 74 54.93 -46.68 28.21
CA SER I 74 55.95 -47.68 28.50
C SER I 74 55.53 -48.56 29.66
N LEU I 75 55.87 -49.84 29.59
CA LEU I 75 55.68 -50.79 30.67
C LEU I 75 57.04 -51.33 31.08
N THR I 76 57.42 -51.07 32.33
CA THR I 76 58.71 -51.51 32.87
C THR I 76 58.47 -52.65 33.84
N VAL I 77 59.25 -53.72 33.70
CA VAL I 77 59.16 -54.90 34.55
C VAL I 77 60.53 -55.07 35.20
N SER I 78 60.63 -54.66 36.46
CA SER I 78 61.87 -54.81 37.22
C SER I 78 61.90 -56.18 37.90
N GLY I 79 63.11 -56.60 38.28
CA GLY I 79 63.30 -57.89 38.91
C GLY I 79 62.68 -59.02 38.12
N LEU I 80 63.00 -59.07 36.82
CA LEU I 80 62.35 -60.00 35.90
C LEU I 80 62.41 -61.43 36.42
N GLN I 81 61.31 -62.17 36.24
CA GLN I 81 61.19 -63.53 36.73
C GLN I 81 60.71 -64.45 35.61
N ALA I 82 60.86 -65.76 35.85
CA ALA I 82 60.54 -66.75 34.83
C ALA I 82 59.08 -66.66 34.39
N GLU I 83 58.16 -66.44 35.34
CA GLU I 83 56.75 -66.37 35.01
C GLU I 83 56.38 -65.11 34.23
N ASP I 84 57.27 -64.13 34.16
CA ASP I 84 57.00 -62.92 33.39
C ASP I 84 57.13 -63.13 31.89
N GLU I 85 57.74 -64.22 31.45
CA GLU I 85 57.82 -64.51 30.02
C GLU I 85 56.43 -64.75 29.46
N ALA I 86 55.98 -63.85 28.58
CA ALA I 86 54.64 -63.89 28.01
C ALA I 86 54.52 -62.85 26.90
N ASP I 87 53.30 -62.65 26.39
CA ASP I 87 53.02 -61.59 25.44
C ASP I 87 52.37 -60.42 26.17
N TYR I 88 52.70 -59.20 25.75
CA TYR I 88 52.21 -57.99 26.39
C TYR I 88 51.64 -57.05 25.34
N TYR I 89 50.37 -56.70 25.50
CA TYR I 89 49.67 -55.76 24.63
C TYR I 89 49.27 -54.53 25.43
N CYS I 90 49.39 -53.36 24.81
CA CYS I 90 48.88 -52.13 25.37
C CYS I 90 47.54 -51.77 24.73
N SER I 91 46.70 -51.09 25.51
CA SER I 91 45.41 -50.64 25.03
C SER I 91 45.27 -49.14 25.30
N SER I 92 44.45 -48.48 24.50
CA SER I 92 44.23 -47.05 24.67
C SER I 92 42.84 -46.68 24.19
N TYR I 93 42.25 -45.69 24.86
CA TYR I 93 40.98 -45.13 24.45
C TYR I 93 41.19 -44.20 23.26
N ALA I 94 40.17 -44.11 22.39
CA ALA I 94 40.32 -43.32 21.17
C ALA I 94 39.03 -42.60 20.79
N GLY I 95 38.11 -42.41 21.73
CA GLY I 95 36.86 -41.72 21.42
C GLY I 95 35.74 -42.67 21.07
N ASN I 96 35.05 -43.17 22.09
CA ASN I 96 34.04 -44.23 21.96
C ASN I 96 34.56 -45.49 21.29
N LYS I 97 35.87 -45.60 21.13
CA LYS I 97 36.48 -46.80 20.55
C LYS I 97 37.80 -47.05 21.24
N GLY I 98 38.19 -48.31 21.31
CA GLY I 98 39.48 -48.67 21.85
C GLY I 98 40.41 -49.20 20.78
N VAL I 99 41.70 -49.29 21.08
CA VAL I 99 42.67 -49.81 20.11
C VAL I 99 43.80 -50.46 20.89
N PHE I 100 44.24 -51.62 20.42
CA PHE I 100 45.34 -52.35 21.04
C PHE I 100 46.64 -52.12 20.27
N GLY I 101 47.74 -52.34 20.98
CA GLY I 101 49.05 -52.36 20.34
C GLY I 101 49.28 -53.66 19.60
N GLY I 102 50.40 -53.70 18.88
CA GLY I 102 50.73 -54.89 18.11
C GLY I 102 51.08 -56.08 18.97
N GLY I 103 51.71 -55.84 20.11
CA GLY I 103 52.11 -56.92 20.99
C GLY I 103 53.61 -57.10 21.00
N THR I 104 54.12 -57.54 22.15
CA THR I 104 55.55 -57.77 22.32
C THR I 104 55.75 -59.07 23.07
N LYS I 105 56.54 -59.98 22.49
CA LYS I 105 56.93 -61.19 23.18
C LYS I 105 58.10 -60.90 24.10
N LEU I 106 57.94 -61.22 25.38
CA LEU I 106 58.96 -60.98 26.38
C LEU I 106 59.66 -62.29 26.70
N THR I 107 60.96 -62.36 26.42
CA THR I 107 61.78 -63.52 26.74
C THR I 107 62.68 -63.17 27.92
N VAL I 108 62.63 -64.00 28.96
CA VAL I 108 63.48 -63.82 30.13
C VAL I 108 64.74 -64.66 29.92
N LEU I 109 65.86 -63.99 29.64
CA LEU I 109 67.08 -64.67 29.25
C LEU I 109 67.86 -65.13 30.47
#